data_7Q1Y
#
_entry.id   7Q1Y
#
_cell.length_a   320.150
_cell.length_b   320.150
_cell.length_c   321.940
_cell.angle_alpha   90.000
_cell.angle_beta   90.000
_cell.angle_gamma   120.000
#
_symmetry.space_group_name_H-M   'H 3 2'
#
loop_
_entity.id
_entity.type
_entity.pdbx_description
1 polymer 'Alpha-2-macroglobulin-like protein 1'
2 branched beta-D-mannopyranose-(1-4)-2-acetamido-2-deoxy-beta-D-glucopyranose-(1-4)-2-acetamido-2-deoxy-beta-D-glucopyranose
3 branched 2-acetamido-2-deoxy-beta-D-glucopyranose-(1-4)-2-acetamido-2-deoxy-beta-D-glucopyranose
4 non-polymer 2-acetamido-2-deoxy-beta-D-glucopyranose
#
_entity_poly.entity_id   1
_entity_poly.type   'polypeptide(L)'
_entity_poly.pdbx_seq_one_letter_code
;ELPNYLVTLPARLNFPSVQKVCLDLSPGYSDVKFTVTLETKDKTQKLLEYSGLKKRHLHCISFLVPPPAGGTEEVATIRV
SGVGNNISFEEKKKVLIQRQGNGTFVQTDKPLYTPGQQVYFRIVTMDSNFVPVNDKYSMVELQDPNSNRIAQWLEVVPEQ
GIVDLSFQLAPEAMLGTYTVAVAEGKTFGTFSVEEYVLPKFKVEVVEPKELSTVQESFLVKICCRYTYGKPMLGAVQVSV
CQKANTYWYREVEREQLPDKCRNLSGQTDKTGCFSAPVDMATFDLIGYAYSHQINIVATVVEEGTGVEANATQNIYISPQ
MGSMTFEDTSNFYHPNFPFSGKIRVRGHDDSFLKNHLVFLVIYGTNGTFNQTLVTDNNGLAPFTLETSGWNGTDVSLEGK
FQMEDLVYNPEQVPRYYQNAYLHLRPFYSTTRSFLGIHRLNGPLKCGQPQEVLVDYYIDPADASPDQEISFSYYLIGKGS
LVMEGQKHLNSKKKGLKASFSLSLTFTSRLAPDPSLVIYAIFPSGGVVADKIQFSVEMCFDNQVSLGFSPSQQLPGAEVE
LQLQAAPGSLCALRAVDESVLLLRPDRELSNRSVYGMFPFWYGHYPYQVAEYDQCPVSGPWDFPQPLIDPMPQGHSSQRS
IIWRPSFSEGTDLFSFFRDVGLKILSNAKIKKPVDCSHRSPEYSTAMGAGGGHPEAFESSTPLHQAEDSQVRQYFPETWL
WDLFPIGNSGKEAVHVTVPDAITEWKAMSFCTSQSRGFGLSPTVGLTAFKPFFVDLTLPYSVVRGESFRLTATIFNYLKD
CIRVQTDLAKSHEYQLESWADSQTSSCLCADDAKTHHWNITAVKLGHINFTISTKILDSNEPCGGQKGFVPQKGRSDTLI
KPVLVKPEGVLVEKTHSSLLCPKGKVASESVSLELPVDIVPDSTKAYVTVLGDIMGTALQNLDGLVQMPSGCGEQNMVLF
APIIYVLQYLEKAGLLTEEIRSRAVGFLEIGYQKELMYKHSNGSYSAFGERDGNGNTWLTAFVTKCFGQAQKFIFIDPKN
IQDALKWMAGNQLPSGCYANVGNLLHTAMKGGVDDEVSLTAYVTAALLEMGKDVDDPMVSQGLRCLKNSATSTTNLYTQA
LLAYIFSLAGEMDIRNILLKQLDQQAIISGESIYWSQKPTPSSNASPWSEPAAVDVELTAYALLAQLTKPSLTQKEIAKA
TSIVAWLAKQHNAYGGFSSTQDTVVALQALAKYATTAYMPSEEINLVVKSTENFQRTFNIQSVNRLVFQQDTLPNVPGMY
TLEASGQGCVYVQTVLRYNILPPTNMKTFSLSVEIGKARCEQPTSPRSLTLTIHTSYVGSRSSSNMAIVEVKMLSGFSPM
EGTNQLLLQQPLVKKVEFGTDTLNIYLDELIKNTQTYTFTISQSVLVTNLKPATIKVYDYYLPDEQATIQYSDPCE
;
_entity_poly.pdbx_strand_id   A,B
#
loop_
_chem_comp.id
_chem_comp.type
_chem_comp.name
_chem_comp.formula
BMA D-saccharide, beta linking beta-D-mannopyranose 'C6 H12 O6'
NAG D-saccharide, beta linking 2-acetamido-2-deoxy-beta-D-glucopyranose 'C8 H15 N O6'
#
# COMPACT_ATOMS: atom_id res chain seq x y z
N LEU A 2 -3.11 36.29 24.23
CA LEU A 2 -2.39 36.36 22.95
C LEU A 2 -2.47 35.03 22.21
N PRO A 3 -2.57 35.08 20.89
CA PRO A 3 -2.55 33.84 20.10
C PRO A 3 -1.14 33.24 20.06
N ASN A 4 -1.09 31.91 19.99
CA ASN A 4 0.14 31.14 20.05
C ASN A 4 0.47 30.51 18.70
N TYR A 5 1.72 30.05 18.60
CA TYR A 5 2.20 29.32 17.43
C TYR A 5 3.17 28.24 17.91
N LEU A 6 3.35 27.21 17.08
CA LEU A 6 4.24 26.11 17.42
C LEU A 6 4.82 25.52 16.14
N VAL A 7 6.13 25.66 15.97
CA VAL A 7 6.87 25.17 14.82
C VAL A 7 7.70 23.98 15.28
N THR A 8 7.61 22.87 14.54
CA THR A 8 8.37 21.67 14.85
C THR A 8 8.95 21.06 13.59
N LEU A 9 10.15 20.49 13.74
CA LEU A 9 10.83 19.75 12.68
C LEU A 9 11.90 18.88 13.35
N PRO A 10 12.34 17.80 12.70
CA PRO A 10 13.38 16.95 13.31
C PRO A 10 14.71 17.66 13.48
N ALA A 11 15.41 17.31 14.55
CA ALA A 11 16.71 17.91 14.82
C ALA A 11 17.80 17.32 13.95
N ARG A 12 17.67 16.05 13.57
CA ARG A 12 18.63 15.38 12.68
C ARG A 12 17.95 15.14 11.33
N LEU A 13 18.39 15.85 10.30
CA LEU A 13 17.83 15.73 8.96
C LEU A 13 18.78 14.90 8.12
N ASN A 14 18.24 13.96 7.35
CA ASN A 14 19.05 13.07 6.53
C ASN A 14 18.96 13.50 5.07
N PHE A 15 20.11 13.54 4.37
CA PHE A 15 20.14 14.06 3.01
C PHE A 15 19.37 13.20 1.99
N PRO A 16 19.46 11.85 2.00
CA PRO A 16 18.53 11.10 1.14
C PRO A 16 17.07 11.15 1.57
N SER A 17 16.77 11.34 2.86
CA SER A 17 15.41 11.30 3.39
C SER A 17 14.66 12.61 3.14
N VAL A 18 13.33 12.50 3.18
CA VAL A 18 12.43 13.64 3.08
C VAL A 18 11.81 13.87 4.46
N GLN A 19 11.90 15.09 4.97
CA GLN A 19 11.39 15.41 6.30
C GLN A 19 10.25 16.42 6.25
N LYS A 20 9.54 16.53 7.37
CA LYS A 20 8.37 17.38 7.50
C LYS A 20 8.63 18.47 8.53
N VAL A 21 8.07 19.67 8.29
CA VAL A 21 8.05 20.77 9.27
C VAL A 21 6.60 21.20 9.48
N CYS A 22 6.15 21.23 10.74
CA CYS A 22 4.76 21.50 11.07
C CYS A 22 4.58 22.86 11.72
N LEU A 23 3.37 23.41 11.59
CA LEU A 23 3.01 24.68 12.22
C LEU A 23 1.64 24.54 12.87
N ASP A 24 1.57 24.79 14.19
CA ASP A 24 0.34 24.69 14.96
C ASP A 24 -0.06 26.10 15.44
N LEU A 25 -1.09 26.67 14.82
CA LEU A 25 -1.50 28.06 15.06
C LEU A 25 -2.73 28.09 15.94
N SER A 26 -2.63 28.79 17.07
CA SER A 26 -3.81 29.16 17.86
C SER A 26 -4.59 30.25 17.13
N PRO A 27 -5.89 30.37 17.37
CA PRO A 27 -6.69 31.35 16.59
C PRO A 27 -6.31 32.78 16.89
N GLY A 28 -6.34 33.61 15.84
CA GLY A 28 -6.07 35.02 16.01
C GLY A 28 -4.92 35.54 15.18
N TYR A 29 -4.79 35.06 13.96
CA TYR A 29 -3.72 35.49 13.09
C TYR A 29 -4.21 35.82 11.70
N SER A 30 -5.36 36.49 11.60
CA SER A 30 -5.86 36.83 10.28
C SER A 30 -5.03 37.93 9.60
N ASP A 31 -4.22 38.66 10.35
CA ASP A 31 -3.38 39.73 9.82
C ASP A 31 -1.88 39.44 9.89
N VAL A 32 -1.48 38.30 10.44
CA VAL A 32 -0.07 37.98 10.66
C VAL A 32 0.33 36.84 9.73
N LYS A 33 1.39 37.05 8.96
CA LYS A 33 1.89 36.11 7.96
C LYS A 33 3.19 35.49 8.42
N PHE A 34 3.28 34.15 8.38
CA PHE A 34 4.46 33.42 8.82
C PHE A 34 5.27 32.93 7.63
N THR A 35 6.59 32.84 7.83
CA THR A 35 7.48 32.27 6.82
C THR A 35 8.60 31.53 7.57
N VAL A 36 8.63 30.21 7.45
CA VAL A 36 9.67 29.40 8.08
C VAL A 36 10.73 29.10 7.05
N THR A 37 11.95 29.59 7.27
CA THR A 37 13.03 29.43 6.32
C THR A 37 14.09 28.51 6.90
N LEU A 38 14.80 27.83 6.01
CA LEU A 38 15.95 27.02 6.38
C LEU A 38 17.20 27.71 5.83
N GLU A 39 18.07 28.17 6.74
CA GLU A 39 19.22 29.00 6.39
C GLU A 39 20.48 28.16 6.54
N THR A 40 21.08 27.83 5.42
CA THR A 40 22.30 27.04 5.36
C THR A 40 23.47 27.93 4.91
N LYS A 41 24.57 27.29 4.52
CA LYS A 41 25.73 28.04 4.01
C LYS A 41 25.55 28.47 2.56
N ASP A 42 24.89 27.65 1.74
CA ASP A 42 24.82 27.89 0.31
C ASP A 42 23.58 28.70 -0.08
N LYS A 43 22.44 28.39 0.54
CA LYS A 43 21.15 28.97 0.18
C LYS A 43 20.31 29.16 1.44
N THR A 44 19.24 29.94 1.31
CA THR A 44 18.19 30.04 2.32
C THR A 44 16.93 29.48 1.70
N GLN A 45 16.46 28.34 2.20
CA GLN A 45 15.36 27.62 1.60
C GLN A 45 14.08 27.97 2.37
N LYS A 46 13.19 28.67 1.70
CA LYS A 46 11.89 29.01 2.28
C LYS A 46 11.06 27.74 2.32
N LEU A 47 10.95 27.16 3.51
CA LEU A 47 10.20 25.92 3.70
C LEU A 47 8.71 26.21 3.70
N LEU A 48 8.16 26.59 4.86
CA LEU A 48 6.73 26.78 5.04
C LEU A 48 6.39 28.26 5.03
N GLU A 49 5.31 28.60 4.34
CA GLU A 49 4.82 29.97 4.22
C GLU A 49 3.31 29.91 4.35
N TYR A 50 2.79 30.37 5.49
CA TYR A 50 1.39 30.11 5.83
C TYR A 50 0.87 31.20 6.77
N SER A 51 -0.22 31.86 6.39
CA SER A 51 -0.90 32.84 7.23
C SER A 51 -1.93 32.15 8.13
N GLY A 52 -2.24 32.80 9.25
CA GLY A 52 -3.19 32.26 10.18
C GLY A 52 -4.64 32.35 9.73
N LEU A 53 -5.50 31.63 10.44
CA LEU A 53 -6.95 31.60 10.21
C LEU A 53 -7.69 32.10 11.44
N LYS A 54 -9.03 32.04 11.37
CA LYS A 54 -9.88 32.39 12.48
C LYS A 54 -10.08 31.24 13.48
N LYS A 55 -9.71 30.01 13.12
CA LYS A 55 -9.74 28.87 14.03
C LYS A 55 -8.33 28.32 14.20
N ARG A 56 -8.23 27.31 15.06
CA ARG A 56 -6.95 26.61 15.28
C ARG A 56 -6.73 25.59 14.16
N HIS A 57 -5.69 25.79 13.36
CA HIS A 57 -5.43 24.91 12.24
C HIS A 57 -3.95 24.59 12.18
N LEU A 58 -3.62 23.29 12.29
CA LEU A 58 -2.26 22.79 12.19
C LEU A 58 -1.96 22.42 10.74
N HIS A 59 -0.99 23.10 10.12
CA HIS A 59 -0.65 22.87 8.71
C HIS A 59 0.82 22.47 8.58
N CYS A 60 1.07 21.20 8.29
CA CYS A 60 2.41 20.65 8.06
C CYS A 60 2.70 20.60 6.56
N ILE A 61 3.98 20.74 6.22
CA ILE A 61 4.45 20.51 4.85
C ILE A 61 5.61 19.52 4.88
N SER A 62 5.88 18.91 3.72
CA SER A 62 7.04 18.07 3.56
C SER A 62 7.99 18.74 2.57
N PHE A 63 9.27 18.39 2.67
CA PHE A 63 10.29 19.02 1.82
C PHE A 63 11.47 18.07 1.68
N LEU A 64 12.23 18.25 0.61
CA LEU A 64 13.46 17.49 0.40
C LEU A 64 14.61 18.15 1.15
N VAL A 65 15.40 17.35 1.86
CA VAL A 65 16.49 17.90 2.66
C VAL A 65 17.61 18.36 1.74
N PRO A 66 18.13 19.57 1.90
CA PRO A 66 19.21 20.06 1.05
C PRO A 66 20.52 19.39 1.41
N PRO A 67 21.50 19.39 0.50
CA PRO A 67 22.77 18.71 0.77
C PRO A 67 23.59 19.44 1.83
N PRO A 68 24.15 18.71 2.80
CA PRO A 68 25.04 19.36 3.77
C PRO A 68 26.36 19.78 3.12
N ALA A 69 26.82 20.99 3.48
CA ALA A 69 27.93 21.60 2.76
C ALA A 69 29.25 20.89 2.99
N GLY A 70 29.45 20.33 4.19
CA GLY A 70 30.68 19.65 4.55
C GLY A 70 30.85 18.26 3.98
N GLY A 71 30.01 17.86 3.02
CA GLY A 71 30.05 16.52 2.44
C GLY A 71 29.42 15.43 3.28
N THR A 72 29.74 15.43 4.59
CA THR A 72 29.20 14.47 5.53
C THR A 72 28.08 15.06 6.37
N GLU A 73 28.33 16.20 7.02
CA GLU A 73 27.32 16.84 7.83
C GLU A 73 27.53 18.34 7.81
N GLU A 74 26.49 19.05 8.24
CA GLU A 74 26.52 20.50 8.31
C GLU A 74 25.43 20.96 9.28
N VAL A 75 25.76 21.93 10.12
CA VAL A 75 24.78 22.57 11.00
C VAL A 75 24.17 23.73 10.24
N ALA A 76 22.84 23.75 10.16
CA ALA A 76 22.09 24.81 9.51
C ALA A 76 21.23 25.53 10.54
N THR A 77 20.50 26.56 10.08
CA THR A 77 19.69 27.38 10.97
C THR A 77 18.25 27.38 10.46
N ILE A 78 17.31 27.00 11.33
CA ILE A 78 15.89 27.13 11.07
C ILE A 78 15.43 28.46 11.61
N ARG A 79 14.82 29.28 10.76
CA ARG A 79 14.39 30.61 11.12
C ARG A 79 12.89 30.74 10.91
N VAL A 80 12.19 31.19 11.94
CA VAL A 80 10.75 31.40 11.88
C VAL A 80 10.48 32.87 12.11
N SER A 81 9.87 33.53 11.13
CA SER A 81 9.54 34.94 11.24
C SER A 81 8.07 35.14 10.93
N GLY A 82 7.43 36.00 11.71
CA GLY A 82 6.03 36.31 11.50
C GLY A 82 5.79 37.81 11.41
N VAL A 83 5.42 38.29 10.23
CA VAL A 83 5.28 39.71 9.95
C VAL A 83 3.79 40.03 9.78
N GLY A 84 3.32 41.04 10.51
CA GLY A 84 1.95 41.50 10.39
C GLY A 84 1.86 42.99 10.16
N ASN A 85 0.72 43.59 10.50
CA ASN A 85 0.59 45.03 10.43
C ASN A 85 1.49 45.70 11.46
N ASN A 86 1.24 45.43 12.75
CA ASN A 86 1.99 46.03 13.84
C ASN A 86 2.80 45.01 14.62
N ILE A 87 2.97 43.80 14.10
CA ILE A 87 3.67 42.73 14.79
C ILE A 87 4.86 42.32 13.92
N SER A 88 6.04 42.23 14.53
CA SER A 88 7.25 41.80 13.82
C SER A 88 8.18 41.13 14.82
N PHE A 89 8.43 39.83 14.63
CA PHE A 89 9.26 39.05 15.53
C PHE A 89 10.02 38.01 14.72
N GLU A 90 11.13 37.52 15.27
CA GLU A 90 12.00 36.56 14.61
C GLU A 90 12.60 35.62 15.64
N GLU A 91 12.85 34.37 15.22
CA GLU A 91 13.44 33.37 16.10
C GLU A 91 14.25 32.38 15.26
N LYS A 92 15.33 31.86 15.85
CA LYS A 92 16.22 30.94 15.17
C LYS A 92 16.52 29.72 16.05
N LYS A 93 16.81 28.59 15.38
CA LYS A 93 17.27 27.35 15.99
C LYS A 93 18.32 26.73 15.10
N LYS A 94 19.14 25.86 15.68
CA LYS A 94 20.15 25.15 14.92
C LYS A 94 19.74 23.69 14.76
N VAL A 95 19.93 23.15 13.53
CA VAL A 95 19.60 21.77 13.21
C VAL A 95 20.82 21.13 12.54
N LEU A 96 20.81 19.80 12.49
CA LEU A 96 21.92 19.01 11.97
C LEU A 96 21.47 18.24 10.74
N ILE A 97 21.95 18.66 9.58
CA ILE A 97 21.80 17.88 8.36
C ILE A 97 22.98 16.93 8.27
N GLN A 98 22.71 15.65 8.00
CA GLN A 98 23.72 14.62 8.08
C GLN A 98 23.44 13.57 7.00
N ARG A 99 24.50 13.08 6.36
CA ARG A 99 24.34 12.06 5.34
C ARG A 99 23.92 10.74 5.98
N GLN A 100 23.00 10.03 5.30
CA GLN A 100 22.57 8.72 5.75
C GLN A 100 23.68 7.70 5.69
N GLY A 101 23.73 6.82 6.68
CA GLY A 101 24.58 5.64 6.59
C GLY A 101 23.93 4.56 5.74
N ASN A 102 24.73 3.94 4.88
CA ASN A 102 24.33 2.73 4.17
C ASN A 102 24.85 1.51 4.93
N GLY A 103 23.96 0.56 5.20
CA GLY A 103 24.34 -0.64 5.90
C GLY A 103 24.42 -1.86 5.00
N THR A 104 25.61 -2.43 4.91
CA THR A 104 25.91 -3.52 4.00
C THR A 104 26.07 -4.78 4.82
N PHE A 105 25.47 -5.88 4.38
CA PHE A 105 25.68 -7.13 5.07
C PHE A 105 26.28 -8.15 4.12
N VAL A 106 26.91 -9.18 4.70
CA VAL A 106 27.52 -10.27 3.96
C VAL A 106 27.07 -11.58 4.60
N GLN A 107 26.34 -12.40 3.83
CA GLN A 107 25.80 -13.66 4.31
C GLN A 107 26.49 -14.80 3.57
N THR A 108 27.13 -15.69 4.33
CA THR A 108 27.75 -16.93 3.85
C THR A 108 26.80 -18.10 4.08
N ASP A 109 26.94 -19.16 3.29
CA ASP A 109 25.93 -20.22 3.36
C ASP A 109 26.02 -21.01 4.66
N LYS A 110 27.22 -21.24 5.17
CA LYS A 110 27.46 -21.70 6.53
C LYS A 110 28.48 -20.77 7.17
N PRO A 111 28.68 -20.88 8.47
CA PRO A 111 29.82 -20.19 9.06
C PRO A 111 30.96 -21.12 9.47
N LEU A 112 30.91 -22.38 9.06
CA LEU A 112 32.11 -23.20 9.16
C LEU A 112 32.14 -24.18 8.01
N TYR A 113 33.32 -24.35 7.40
CA TYR A 113 33.54 -25.22 6.23
C TYR A 113 34.73 -26.14 6.45
N THR A 114 34.66 -27.32 5.85
CA THR A 114 35.88 -28.10 5.67
C THR A 114 36.59 -27.62 4.42
N PRO A 115 37.89 -27.88 4.29
CA PRO A 115 38.55 -27.63 3.02
C PRO A 115 37.96 -28.48 1.91
N GLY A 116 37.96 -27.94 0.71
CA GLY A 116 37.40 -28.61 -0.42
C GLY A 116 35.92 -28.43 -0.59
N GLN A 117 35.26 -27.69 0.29
CA GLN A 117 33.87 -27.36 0.08
C GLN A 117 33.78 -26.03 -0.64
N GLN A 118 32.70 -25.87 -1.42
CA GLN A 118 32.48 -24.65 -2.19
C GLN A 118 31.73 -23.64 -1.32
N VAL A 119 32.35 -22.49 -1.08
CA VAL A 119 31.79 -21.43 -0.23
C VAL A 119 30.97 -20.49 -1.10
N TYR A 120 29.69 -20.35 -0.78
CA TYR A 120 28.77 -19.43 -1.44
C TYR A 120 28.44 -18.29 -0.48
N PHE A 121 28.39 -17.07 -1.00
CA PHE A 121 28.11 -15.92 -0.14
C PHE A 121 27.39 -14.85 -0.96
N ARG A 122 26.76 -13.89 -0.25
CA ARG A 122 25.99 -12.83 -0.89
C ARG A 122 26.24 -11.49 -0.23
N ILE A 123 26.13 -10.43 -1.03
CA ILE A 123 26.39 -9.06 -0.58
C ILE A 123 25.31 -8.12 -1.13
N VAL A 124 24.56 -7.48 -0.22
CA VAL A 124 23.54 -6.47 -0.53
C VAL A 124 23.75 -5.24 0.36
N THR A 125 23.76 -4.06 -0.25
CA THR A 125 23.83 -2.79 0.45
C THR A 125 22.44 -2.16 0.47
N MET A 126 22.04 -1.63 1.63
CA MET A 126 20.78 -0.91 1.76
C MET A 126 20.97 0.36 2.59
N ASP A 127 20.02 1.29 2.47
CA ASP A 127 19.95 2.49 3.31
C ASP A 127 18.99 2.26 4.49
N SER A 128 18.82 3.29 5.33
CA SER A 128 17.98 3.20 6.54
C SER A 128 16.50 3.11 6.21
N ASN A 129 16.12 3.37 4.96
CA ASN A 129 14.79 3.11 4.47
C ASN A 129 14.62 1.68 4.00
N PHE A 130 15.59 0.81 4.28
CA PHE A 130 15.57 -0.61 3.91
C PHE A 130 15.34 -0.81 2.41
N VAL A 131 15.95 0.05 1.61
CA VAL A 131 15.88 -0.02 0.15
C VAL A 131 17.20 -0.57 -0.38
N PRO A 132 17.18 -1.58 -1.26
CA PRO A 132 18.45 -2.11 -1.78
C PRO A 132 19.14 -1.17 -2.76
N VAL A 133 20.47 -1.07 -2.59
CA VAL A 133 21.32 -0.19 -3.42
C VAL A 133 21.89 -1.00 -4.57
N ASN A 134 21.68 -0.48 -5.79
CA ASN A 134 22.05 -1.14 -7.04
C ASN A 134 23.30 -0.55 -7.68
N ASP A 135 24.06 0.23 -6.94
CA ASP A 135 25.31 0.79 -7.44
C ASP A 135 26.39 -0.28 -7.53
N LYS A 136 27.31 -0.09 -8.47
CA LYS A 136 28.42 -1.03 -8.63
C LYS A 136 29.41 -0.88 -7.47
N TYR A 137 30.06 -2.00 -7.12
CA TYR A 137 31.10 -2.01 -6.09
C TYR A 137 32.47 -1.98 -6.77
N SER A 138 33.39 -1.21 -6.19
CA SER A 138 34.72 -1.07 -6.79
C SER A 138 35.51 -2.37 -6.72
N MET A 139 35.47 -3.05 -5.58
CA MET A 139 36.31 -4.23 -5.40
C MET A 139 35.71 -5.16 -4.35
N VAL A 140 35.48 -6.41 -4.74
CA VAL A 140 35.21 -7.50 -3.81
C VAL A 140 36.40 -8.45 -3.85
N GLU A 141 37.07 -8.63 -2.71
CA GLU A 141 38.23 -9.50 -2.59
C GLU A 141 38.03 -10.44 -1.39
N LEU A 142 38.72 -11.58 -1.43
CA LEU A 142 38.65 -12.59 -0.37
C LEU A 142 40.03 -12.80 0.22
N GLN A 143 40.13 -12.87 1.55
CA GLN A 143 41.41 -13.00 2.22
C GLN A 143 41.50 -14.31 2.99
N ASP A 144 42.68 -14.95 2.97
CA ASP A 144 42.92 -16.20 3.66
C ASP A 144 43.51 -15.91 5.05
N PRO A 145 43.66 -16.94 5.92
CA PRO A 145 44.24 -16.70 7.25
C PRO A 145 45.59 -16.00 7.30
N ASN A 146 46.43 -16.16 6.28
CA ASN A 146 47.67 -15.39 6.21
C ASN A 146 47.44 -13.99 5.63
N SER A 147 46.19 -13.60 5.41
CA SER A 147 45.75 -12.31 4.85
C SER A 147 46.25 -12.10 3.42
N ASN A 148 46.66 -13.16 2.75
CA ASN A 148 46.97 -13.09 1.32
C ASN A 148 45.66 -12.97 0.55
N ARG A 149 45.61 -12.04 -0.41
CA ARG A 149 44.44 -11.86 -1.25
C ARG A 149 44.37 -13.00 -2.26
N ILE A 150 43.37 -13.87 -2.13
CA ILE A 150 43.34 -15.09 -2.90
C ILE A 150 42.27 -15.11 -3.98
N ALA A 151 41.49 -14.05 -4.14
CA ALA A 151 40.54 -13.91 -5.23
C ALA A 151 39.96 -12.50 -5.21
N GLN A 152 39.70 -11.95 -6.41
CA GLN A 152 38.99 -10.68 -6.47
C GLN A 152 38.12 -10.60 -7.72
N TRP A 153 36.95 -9.99 -7.54
CA TRP A 153 36.00 -9.66 -8.60
C TRP A 153 35.87 -8.15 -8.63
N LEU A 154 36.19 -7.53 -9.76
CA LEU A 154 36.17 -6.08 -9.88
C LEU A 154 34.95 -5.62 -10.67
N GLU A 155 34.37 -4.49 -10.24
CA GLU A 155 33.21 -3.85 -10.87
C GLU A 155 32.02 -4.82 -10.97
N VAL A 156 31.63 -5.31 -9.81
CA VAL A 156 30.49 -6.21 -9.73
C VAL A 156 29.21 -5.39 -9.77
N VAL A 157 28.30 -5.78 -10.65
CA VAL A 157 27.01 -5.13 -10.77
C VAL A 157 25.98 -6.06 -10.14
N PRO A 158 25.19 -5.59 -9.18
CA PRO A 158 24.19 -6.47 -8.54
C PRO A 158 23.03 -6.73 -9.46
N GLU A 159 22.26 -7.76 -9.11
CA GLU A 159 20.96 -8.01 -9.74
C GLU A 159 19.91 -7.68 -8.69
N GLN A 160 19.25 -6.56 -8.88
CA GLN A 160 18.26 -6.01 -7.95
C GLN A 160 18.85 -5.83 -6.55
N GLY A 161 20.12 -5.41 -6.49
CA GLY A 161 20.79 -5.16 -5.24
C GLY A 161 21.57 -6.32 -4.69
N ILE A 162 21.38 -7.52 -5.23
CA ILE A 162 21.99 -8.72 -4.70
C ILE A 162 23.20 -9.08 -5.55
N VAL A 163 24.32 -9.34 -4.88
CA VAL A 163 25.52 -9.93 -5.49
C VAL A 163 25.57 -11.38 -5.06
N ASP A 164 25.67 -12.30 -6.02
CA ASP A 164 25.83 -13.71 -5.74
C ASP A 164 27.21 -14.13 -6.23
N LEU A 165 28.02 -14.68 -5.31
CA LEU A 165 29.37 -15.09 -5.64
C LEU A 165 29.66 -16.46 -5.06
N SER A 166 30.72 -17.07 -5.55
CA SER A 166 31.12 -18.41 -5.13
C SER A 166 32.63 -18.51 -5.22
N PHE A 167 33.19 -19.42 -4.43
CA PHE A 167 34.61 -19.68 -4.47
C PHE A 167 34.85 -21.13 -4.11
N GLN A 168 35.75 -21.77 -4.83
CA GLN A 168 36.09 -23.17 -4.61
C GLN A 168 37.29 -23.26 -3.69
N LEU A 169 37.13 -23.85 -2.51
CA LEU A 169 38.25 -24.01 -1.60
C LEU A 169 39.20 -25.08 -2.12
N ALA A 170 40.49 -24.95 -1.76
CA ALA A 170 41.43 -26.00 -2.13
C ALA A 170 41.28 -27.18 -1.19
N PRO A 171 41.42 -28.41 -1.68
CA PRO A 171 41.16 -29.59 -0.85
C PRO A 171 42.12 -29.78 0.33
N GLU A 172 43.09 -28.89 0.53
CA GLU A 172 43.83 -28.89 1.78
C GLU A 172 44.01 -27.48 2.30
N ALA A 173 43.14 -26.55 1.91
CA ALA A 173 43.39 -25.11 1.97
C ALA A 173 43.66 -24.63 3.40
N MET A 174 44.18 -23.41 3.47
CA MET A 174 44.81 -22.89 4.67
C MET A 174 43.82 -22.77 5.82
N LEU A 175 44.16 -23.37 6.96
CA LEU A 175 43.23 -23.50 8.07
C LEU A 175 43.17 -22.19 8.87
N GLY A 176 41.95 -21.82 9.30
CA GLY A 176 41.77 -20.61 10.09
C GLY A 176 40.58 -19.74 9.74
N THR A 177 40.72 -18.42 9.89
CA THR A 177 39.64 -17.46 9.66
C THR A 177 39.90 -16.66 8.40
N TYR A 178 38.93 -16.67 7.49
CA TYR A 178 39.02 -15.94 6.23
C TYR A 178 38.26 -14.62 6.35
N THR A 179 38.46 -13.72 5.39
CA THR A 179 37.84 -12.39 5.42
C THR A 179 37.37 -11.99 4.02
N VAL A 180 36.09 -11.58 3.92
CA VAL A 180 35.47 -11.11 2.67
C VAL A 180 35.37 -9.58 2.72
N ALA A 181 36.12 -8.90 1.86
CA ALA A 181 36.14 -7.44 1.85
C ALA A 181 35.32 -6.90 0.69
N VAL A 182 34.58 -5.82 0.95
CA VAL A 182 33.86 -5.07 -0.06
C VAL A 182 34.33 -3.61 0.02
N ALA A 183 34.43 -2.96 -1.15
CA ALA A 183 34.55 -1.50 -1.23
C ALA A 183 35.76 -0.98 -0.47
N GLU A 184 36.93 -1.55 -0.77
CA GLU A 184 38.23 -1.19 -0.16
C GLU A 184 38.22 -1.41 1.36
N GLY A 185 37.87 -2.62 1.79
CA GLY A 185 38.01 -3.04 3.17
C GLY A 185 37.09 -2.36 4.18
N LYS A 186 36.17 -1.51 3.73
CA LYS A 186 35.36 -0.73 4.64
C LYS A 186 34.23 -1.53 5.27
N THR A 187 33.75 -2.57 4.58
CA THR A 187 32.70 -3.40 5.12
C THR A 187 33.12 -4.84 4.92
N PHE A 188 33.01 -5.68 5.94
CA PHE A 188 33.56 -7.01 5.80
C PHE A 188 32.85 -8.03 6.68
N GLY A 189 33.10 -9.30 6.37
CA GLY A 189 32.64 -10.41 7.19
C GLY A 189 33.66 -11.52 7.19
N THR A 190 33.55 -12.41 8.19
CA THR A 190 34.54 -13.46 8.44
C THR A 190 33.88 -14.84 8.40
N PHE A 191 34.66 -15.86 8.04
CA PHE A 191 34.21 -17.25 8.18
C PHE A 191 35.41 -18.17 8.37
N SER A 192 35.11 -19.36 8.92
CA SER A 192 36.12 -20.27 9.44
C SER A 192 36.23 -21.54 8.59
N VAL A 193 37.42 -22.12 8.58
CA VAL A 193 37.72 -23.38 7.89
C VAL A 193 38.61 -24.22 8.79
N GLU A 194 38.11 -25.39 9.21
CA GLU A 194 38.90 -26.40 9.93
C GLU A 194 38.45 -27.77 9.42
N GLU A 195 39.15 -28.82 9.86
CA GLU A 195 38.76 -30.18 9.53
C GLU A 195 37.85 -30.72 10.63
N TYR A 196 36.81 -31.44 10.25
CA TYR A 196 35.86 -31.88 11.26
C TYR A 196 35.17 -33.17 10.81
N VAL A 197 33.98 -33.39 11.41
CA VAL A 197 32.94 -34.41 11.20
C VAL A 197 33.39 -35.71 11.87
N LEU A 198 34.53 -35.64 12.56
CA LEU A 198 35.19 -36.82 13.13
C LEU A 198 34.38 -37.68 14.11
N PRO A 199 33.68 -37.16 15.14
CA PRO A 199 33.18 -38.06 16.21
C PRO A 199 32.14 -39.06 15.73
N LYS A 200 32.31 -40.31 16.20
CA LYS A 200 31.34 -41.38 15.93
C LYS A 200 30.12 -41.27 16.83
N PHE A 201 30.31 -40.80 18.06
CA PHE A 201 29.21 -40.51 18.96
C PHE A 201 29.53 -39.27 19.77
N LYS A 202 28.48 -38.70 20.38
CA LYS A 202 28.57 -37.47 21.15
C LYS A 202 28.15 -37.74 22.58
N VAL A 203 28.95 -37.24 23.52
CA VAL A 203 28.62 -37.28 24.95
C VAL A 203 27.91 -35.96 25.28
N GLU A 204 26.66 -36.05 25.71
CA GLU A 204 25.83 -34.86 25.92
C GLU A 204 25.46 -34.77 27.38
N VAL A 205 25.59 -33.58 27.95
CA VAL A 205 25.18 -33.30 29.31
C VAL A 205 23.83 -32.59 29.21
N VAL A 206 22.75 -33.34 29.37
CA VAL A 206 21.41 -32.80 29.12
C VAL A 206 20.94 -31.91 30.26
N GLU A 207 20.92 -32.45 31.49
CA GLU A 207 20.46 -31.73 32.69
C GLU A 207 21.29 -30.54 33.16
N PRO A 208 22.68 -30.52 33.03
CA PRO A 208 23.42 -29.33 33.46
C PRO A 208 22.96 -28.01 32.85
N LYS A 209 22.61 -27.08 33.73
CA LYS A 209 22.14 -25.75 33.40
C LYS A 209 22.61 -24.86 34.54
N GLU A 210 22.48 -23.54 34.37
CA GLU A 210 22.97 -22.61 35.37
C GLU A 210 22.28 -22.83 36.72
N LEU A 211 23.08 -23.04 37.75
CA LEU A 211 22.60 -23.49 39.05
C LEU A 211 22.47 -22.31 40.00
N SER A 212 21.93 -22.59 41.18
CA SER A 212 21.79 -21.59 42.23
C SER A 212 22.24 -22.22 43.53
N THR A 213 22.73 -21.39 44.44
CA THR A 213 23.24 -21.90 45.71
C THR A 213 22.14 -22.46 46.62
N VAL A 214 20.86 -22.22 46.32
CA VAL A 214 19.76 -22.72 47.14
C VAL A 214 19.49 -24.21 46.98
N GLN A 215 20.05 -24.84 45.95
CA GLN A 215 19.84 -26.26 45.72
C GLN A 215 20.72 -27.10 46.64
N GLU A 216 20.12 -28.15 47.21
CA GLU A 216 20.89 -29.06 48.07
C GLU A 216 21.71 -30.04 47.23
N SER A 217 21.13 -30.53 46.14
CA SER A 217 21.81 -31.42 45.23
C SER A 217 21.23 -31.21 43.83
N PHE A 218 22.04 -31.50 42.83
CA PHE A 218 21.60 -31.41 41.44
C PHE A 218 21.95 -32.69 40.72
N LEU A 219 21.09 -33.06 39.77
CA LEU A 219 21.21 -34.31 39.03
C LEU A 219 22.02 -34.06 37.76
N VAL A 220 23.22 -34.62 37.71
CA VAL A 220 24.01 -34.61 36.49
C VAL A 220 23.47 -35.69 35.57
N LYS A 221 23.06 -35.31 34.37
CA LYS A 221 22.57 -36.27 33.38
C LYS A 221 23.52 -36.25 32.20
N ILE A 222 24.13 -37.38 31.92
CA ILE A 222 25.10 -37.53 30.85
C ILE A 222 24.56 -38.60 29.91
N CYS A 223 24.12 -38.20 28.74
CA CYS A 223 23.54 -39.11 27.75
C CYS A 223 24.51 -39.31 26.60
N CYS A 224 24.72 -40.57 26.22
CA CYS A 224 25.63 -40.94 25.16
C CYS A 224 24.85 -41.57 24.03
N ARG A 225 24.84 -40.90 22.88
CA ARG A 225 24.14 -41.39 21.70
C ARG A 225 25.05 -41.21 20.49
N TYR A 226 24.87 -42.07 19.49
CA TYR A 226 25.66 -42.00 18.27
C TYR A 226 25.29 -40.78 17.43
N THR A 227 26.10 -40.53 16.39
CA THR A 227 25.87 -39.38 15.54
C THR A 227 24.63 -39.51 14.68
N TYR A 228 24.19 -40.74 14.42
CA TYR A 228 22.89 -40.92 13.79
C TYR A 228 21.75 -41.02 14.79
N GLY A 229 22.04 -41.04 16.09
CA GLY A 229 21.03 -40.89 17.11
C GLY A 229 20.76 -42.11 17.98
N LYS A 230 21.35 -43.28 17.67
CA LYS A 230 21.06 -44.44 18.50
C LYS A 230 21.90 -44.44 19.77
N PRO A 231 21.35 -44.89 20.90
CA PRO A 231 22.13 -44.95 22.13
C PRO A 231 23.26 -45.96 22.05
N MET A 232 24.19 -45.81 22.99
CA MET A 232 25.42 -46.58 22.99
C MET A 232 25.71 -47.07 24.40
N LEU A 233 25.99 -48.36 24.53
CA LEU A 233 26.29 -48.95 25.82
C LEU A 233 27.76 -48.80 26.13
N GLY A 234 28.08 -48.46 27.38
CA GLY A 234 29.45 -48.31 27.81
C GLY A 234 29.53 -47.78 29.21
N ALA A 235 30.75 -47.81 29.76
CA ALA A 235 31.01 -47.36 31.12
C ALA A 235 31.32 -45.86 31.17
N VAL A 236 30.76 -45.18 32.16
CA VAL A 236 30.86 -43.73 32.30
C VAL A 236 31.63 -43.41 33.57
N GLN A 237 32.53 -42.44 33.48
CA GLN A 237 33.22 -41.90 34.63
C GLN A 237 33.04 -40.38 34.63
N VAL A 238 32.71 -39.82 35.80
CA VAL A 238 32.40 -38.40 35.93
C VAL A 238 33.40 -37.78 36.89
N SER A 239 33.82 -36.55 36.60
CA SER A 239 34.67 -35.76 37.50
C SER A 239 33.98 -34.41 37.71
N VAL A 240 33.31 -34.25 38.84
CA VAL A 240 32.56 -33.04 39.18
C VAL A 240 33.36 -32.30 40.24
N CYS A 241 34.18 -31.34 39.80
CA CYS A 241 35.12 -30.66 40.68
C CYS A 241 34.78 -29.18 40.80
N GLN A 242 35.34 -28.55 41.84
CA GLN A 242 35.35 -27.11 41.97
C GLN A 242 36.78 -26.68 42.24
N LYS A 243 37.38 -25.94 41.29
CA LYS A 243 38.77 -25.52 41.40
C LYS A 243 38.91 -24.31 42.29
N ALA A 244 40.10 -24.17 42.90
CA ALA A 244 40.38 -23.01 43.74
C ALA A 244 40.54 -21.75 42.89
N ASN A 245 39.91 -20.67 43.35
CA ASN A 245 39.98 -19.39 42.65
C ASN A 245 41.39 -18.83 42.70
N THR A 246 41.97 -18.55 41.54
CA THR A 246 43.30 -17.97 41.49
C THR A 246 43.27 -16.55 42.02
N TYR A 247 44.19 -16.23 42.92
CA TYR A 247 44.22 -14.94 43.57
C TYR A 247 45.52 -14.23 43.21
N TRP A 248 45.41 -12.91 42.97
CA TRP A 248 46.53 -12.13 42.45
C TRP A 248 47.62 -11.95 43.51
N TYR A 249 47.26 -11.92 44.78
CA TYR A 249 48.23 -11.69 45.83
C TYR A 249 49.13 -12.90 46.03
N ARG A 250 50.38 -12.63 46.36
CA ARG A 250 51.39 -13.67 46.57
C ARG A 250 51.99 -13.47 47.95
N GLU A 251 52.03 -14.55 48.73
CA GLU A 251 52.50 -14.57 50.11
C GLU A 251 53.30 -15.84 50.30
N VAL A 252 54.39 -15.75 51.08
CA VAL A 252 55.35 -16.84 51.16
C VAL A 252 54.71 -18.04 51.84
N GLU A 253 55.04 -19.24 51.36
CA GLU A 253 54.57 -20.52 51.92
C GLU A 253 53.04 -20.62 51.89
N ARG A 254 52.43 -20.14 50.79
CA ARG A 254 51.01 -20.27 50.52
C ARG A 254 50.81 -21.06 49.25
N GLU A 255 49.92 -22.06 49.31
CA GLU A 255 49.61 -22.90 48.16
C GLU A 255 48.15 -22.77 47.78
N GLN A 256 47.85 -23.02 46.50
CA GLN A 256 46.48 -23.02 46.02
C GLN A 256 45.69 -24.19 46.60
N LEU A 257 44.46 -23.92 47.02
CA LEU A 257 43.65 -24.93 47.70
C LEU A 257 43.30 -26.09 46.76
N PRO A 258 43.18 -27.31 47.29
CA PRO A 258 42.87 -28.46 46.43
C PRO A 258 41.45 -28.38 45.88
N ASP A 259 41.30 -28.88 44.64
CA ASP A 259 40.03 -28.84 43.94
C ASP A 259 39.01 -29.76 44.63
N LYS A 260 37.98 -29.15 45.22
CA LYS A 260 36.87 -29.91 45.80
C LYS A 260 36.12 -30.65 44.72
N CYS A 261 36.26 -31.98 44.70
CA CYS A 261 35.72 -32.82 43.65
C CYS A 261 34.67 -33.77 44.22
N ARG A 262 33.86 -34.31 43.32
CA ARG A 262 33.01 -35.47 43.62
C ARG A 262 33.01 -36.35 42.38
N ASN A 263 33.77 -37.44 42.44
CA ASN A 263 33.89 -38.36 41.31
C ASN A 263 32.75 -39.35 41.32
N LEU A 264 32.14 -39.59 40.16
CA LEU A 264 31.08 -40.57 39.99
C LEU A 264 31.43 -41.51 38.83
N SER A 265 30.97 -42.75 38.93
CA SER A 265 31.16 -43.72 37.86
C SER A 265 29.92 -44.60 37.77
N GLY A 266 29.68 -45.12 36.58
CA GLY A 266 28.53 -45.96 36.37
C GLY A 266 28.40 -46.36 34.91
N GLN A 267 27.22 -46.88 34.57
CA GLN A 267 26.92 -47.36 33.23
C GLN A 267 25.65 -46.69 32.72
N THR A 268 25.56 -46.58 31.40
CA THR A 268 24.36 -46.05 30.76
C THR A 268 23.26 -47.10 30.72
N ASP A 269 22.02 -46.64 30.76
CA ASP A 269 20.88 -47.51 30.57
C ASP A 269 20.63 -47.69 29.07
N LYS A 270 19.48 -48.25 28.70
CA LYS A 270 19.19 -48.49 27.30
C LYS A 270 18.76 -47.24 26.56
N THR A 271 18.57 -46.12 27.26
CA THR A 271 18.46 -44.83 26.61
C THR A 271 19.81 -44.19 26.38
N GLY A 272 20.87 -44.78 26.93
CA GLY A 272 22.21 -44.26 26.77
C GLY A 272 22.58 -43.17 27.75
N CYS A 273 21.95 -43.15 28.93
CA CYS A 273 22.12 -42.07 29.90
C CYS A 273 22.51 -42.61 31.26
N PHE A 274 23.44 -41.92 31.92
CA PHE A 274 23.80 -42.17 33.31
C PHE A 274 23.43 -40.95 34.13
N SER A 275 22.84 -41.18 35.30
CA SER A 275 22.34 -40.10 36.13
C SER A 275 22.57 -40.40 37.61
N ALA A 276 23.06 -39.41 38.36
CA ALA A 276 23.33 -39.54 39.79
C ALA A 276 23.30 -38.16 40.42
N PRO A 277 22.71 -37.98 41.59
CA PRO A 277 22.69 -36.66 42.22
C PRO A 277 24.01 -36.34 42.89
N VAL A 278 24.36 -35.04 42.86
CA VAL A 278 25.59 -34.53 43.44
C VAL A 278 25.20 -33.50 44.49
N ASP A 279 25.51 -33.78 45.76
CA ASP A 279 25.14 -32.90 46.86
C ASP A 279 26.04 -31.66 46.91
N MET A 280 25.43 -30.51 47.17
CA MET A 280 26.15 -29.24 47.17
C MET A 280 26.95 -29.01 48.44
N ALA A 281 26.89 -29.93 49.40
CA ALA A 281 27.70 -29.79 50.60
C ALA A 281 29.18 -30.10 50.36
N THR A 282 29.50 -30.80 49.27
CA THR A 282 30.91 -31.11 48.95
C THR A 282 31.66 -29.84 48.57
N PHE A 283 31.01 -28.94 47.82
CA PHE A 283 31.64 -27.73 47.32
C PHE A 283 31.36 -26.56 48.25
N ASP A 284 32.35 -25.67 48.34
CA ASP A 284 32.24 -24.41 49.10
C ASP A 284 31.40 -23.45 48.27
N LEU A 285 30.11 -23.38 48.56
CA LEU A 285 29.13 -22.60 47.81
C LEU A 285 29.16 -21.10 48.14
N ILE A 286 30.17 -20.62 48.88
CA ILE A 286 30.02 -19.36 49.60
C ILE A 286 31.36 -18.63 49.73
N GLY A 287 32.45 -19.39 49.80
CA GLY A 287 33.75 -18.79 50.04
C GLY A 287 34.39 -18.18 48.80
N TYR A 288 35.14 -17.09 49.03
CA TYR A 288 35.96 -16.49 47.98
C TYR A 288 37.13 -17.38 47.58
N ALA A 289 37.55 -18.29 48.46
CA ALA A 289 38.70 -19.14 48.19
C ALA A 289 38.45 -20.19 47.11
N TYR A 290 37.20 -20.37 46.67
CA TYR A 290 36.87 -21.28 45.58
C TYR A 290 36.07 -20.55 44.52
N SER A 291 36.23 -20.99 43.28
CA SER A 291 35.57 -20.36 42.14
C SER A 291 34.08 -20.71 42.11
N HIS A 292 33.29 -19.84 41.48
CA HIS A 292 31.84 -19.94 41.42
C HIS A 292 31.33 -20.78 40.25
N GLN A 293 32.18 -21.67 39.69
CA GLN A 293 31.79 -22.54 38.60
C GLN A 293 32.07 -23.99 38.96
N ILE A 294 31.17 -24.88 38.55
CA ILE A 294 31.34 -26.32 38.72
C ILE A 294 31.72 -26.89 37.35
N ASN A 295 32.85 -27.59 37.30
CA ASN A 295 33.36 -28.17 36.06
C ASN A 295 33.10 -29.68 36.08
N ILE A 296 32.39 -30.17 35.06
CA ILE A 296 32.01 -31.57 34.97
C ILE A 296 32.73 -32.20 33.79
N VAL A 297 33.57 -33.20 34.07
CA VAL A 297 34.29 -33.96 33.05
C VAL A 297 33.65 -35.34 32.99
N ALA A 298 33.21 -35.74 31.80
CA ALA A 298 32.55 -37.02 31.60
C ALA A 298 33.28 -37.79 30.51
N THR A 299 33.84 -38.94 30.86
CA THR A 299 34.59 -39.80 29.94
C THR A 299 33.89 -41.16 29.86
N VAL A 300 33.59 -41.60 28.64
CA VAL A 300 32.81 -42.81 28.41
C VAL A 300 33.56 -43.74 27.47
N VAL A 301 33.83 -44.96 27.93
CA VAL A 301 34.47 -46.02 27.13
C VAL A 301 33.38 -46.98 26.65
N GLU A 302 33.38 -47.29 25.36
CA GLU A 302 32.32 -48.12 24.80
C GLU A 302 32.45 -49.57 25.25
N GLU A 303 31.31 -50.16 25.61
CA GLU A 303 31.23 -51.56 26.01
C GLU A 303 31.56 -52.47 24.83
N GLY A 304 32.74 -53.09 24.88
CA GLY A 304 33.11 -54.02 23.83
C GLY A 304 34.29 -53.58 23.00
N THR A 305 34.20 -52.39 22.40
CA THR A 305 35.23 -51.91 21.48
C THR A 305 36.32 -51.12 22.19
N GLY A 306 35.99 -50.48 23.31
CA GLY A 306 36.97 -49.69 24.02
C GLY A 306 37.14 -48.27 23.51
N VAL A 307 36.26 -47.80 22.62
CA VAL A 307 36.37 -46.45 22.08
C VAL A 307 35.94 -45.44 23.13
N GLU A 308 36.82 -44.48 23.40
CA GLU A 308 36.66 -43.53 24.50
C GLU A 308 36.38 -42.14 23.96
N ALA A 309 35.49 -41.40 24.64
CA ALA A 309 35.17 -40.03 24.29
C ALA A 309 34.82 -39.23 25.54
N ASN A 310 35.17 -37.93 25.51
CA ASN A 310 35.02 -37.06 26.67
C ASN A 310 34.02 -35.94 26.40
N ALA A 311 33.58 -35.29 27.48
CA ALA A 311 32.77 -34.10 27.38
C ALA A 311 33.01 -33.22 28.60
N THR A 312 33.05 -31.91 28.37
CA THR A 312 33.30 -30.93 29.42
C THR A 312 32.21 -29.85 29.35
N GLN A 313 31.51 -29.64 30.46
CA GLN A 313 30.51 -28.58 30.58
C GLN A 313 30.79 -27.82 31.86
N ASN A 314 31.00 -26.52 31.75
CA ASN A 314 31.19 -25.67 32.91
C ASN A 314 29.86 -25.04 33.30
N ILE A 315 29.59 -25.03 34.61
CA ILE A 315 28.32 -24.58 35.15
C ILE A 315 28.59 -23.43 36.10
N TYR A 316 28.24 -22.22 35.68
CA TYR A 316 28.32 -21.08 36.58
C TYR A 316 27.19 -21.15 37.59
N ILE A 317 27.47 -20.73 38.81
CA ILE A 317 26.49 -20.72 39.89
C ILE A 317 26.14 -19.27 40.19
N SER A 318 24.84 -18.98 40.23
CA SER A 318 24.37 -17.63 40.43
C SER A 318 23.32 -17.62 41.54
N PRO A 319 23.42 -16.70 42.50
CA PRO A 319 22.44 -16.67 43.60
C PRO A 319 21.12 -16.02 43.26
N GLN A 320 21.00 -15.32 42.12
CA GLN A 320 19.80 -14.54 41.83
C GLN A 320 18.58 -15.45 41.63
N MET A 321 17.49 -15.10 42.31
CA MET A 321 16.28 -15.91 42.33
C MET A 321 15.09 -15.28 41.62
N GLY A 322 15.19 -14.04 41.16
CA GLY A 322 14.06 -13.40 40.52
C GLY A 322 14.37 -11.97 40.14
N SER A 323 13.56 -11.45 39.22
CA SER A 323 13.71 -10.09 38.71
C SER A 323 12.35 -9.42 38.68
N MET A 324 12.39 -8.08 38.58
CA MET A 324 11.17 -7.30 38.49
C MET A 324 11.46 -6.02 37.72
N THR A 325 10.55 -5.66 36.82
CA THR A 325 10.72 -4.49 35.97
C THR A 325 9.43 -3.69 35.92
N PHE A 326 9.57 -2.40 35.63
CA PHE A 326 8.44 -1.52 35.37
C PHE A 326 8.24 -1.43 33.86
N GLU A 327 7.09 -1.91 33.40
CA GLU A 327 6.67 -1.79 32.02
C GLU A 327 5.41 -0.93 31.94
N ASP A 328 5.20 -0.35 30.76
CA ASP A 328 4.07 0.54 30.46
C ASP A 328 4.01 1.71 31.45
N THR A 329 5.18 2.32 31.70
CA THR A 329 5.29 3.46 32.58
C THR A 329 6.24 4.49 31.97
N SER A 330 6.05 5.75 32.37
CA SER A 330 6.91 6.86 32.00
C SER A 330 7.75 7.30 33.20
N ASN A 331 8.57 8.33 32.99
CA ASN A 331 9.33 8.94 34.07
C ASN A 331 8.71 10.25 34.54
N PHE A 332 7.39 10.44 34.35
CA PHE A 332 6.71 11.64 34.79
C PHE A 332 5.26 11.33 35.16
N TYR A 333 4.61 12.28 35.84
CA TYR A 333 3.20 12.09 36.21
C TYR A 333 2.47 13.43 36.18
N HIS A 334 1.15 13.34 36.12
CA HIS A 334 0.29 14.51 36.22
C HIS A 334 -0.31 14.57 37.62
N PRO A 335 -0.17 15.67 38.37
CA PRO A 335 -0.84 15.74 39.68
C PRO A 335 -2.35 15.84 39.56
N ASN A 336 -3.04 15.31 40.58
CA ASN A 336 -4.50 15.28 40.80
C ASN A 336 -5.24 14.28 39.91
N PHE A 337 -4.53 13.43 39.18
CA PHE A 337 -5.17 12.52 38.23
C PHE A 337 -4.48 11.16 38.29
N PRO A 338 -5.21 10.07 38.07
CA PRO A 338 -4.67 8.73 38.37
C PRO A 338 -3.53 8.33 37.43
N PHE A 339 -2.43 7.86 38.03
CA PHE A 339 -1.25 7.37 37.31
C PHE A 339 -1.26 5.85 37.34
N SER A 340 -1.39 5.23 36.17
CA SER A 340 -1.49 3.78 36.04
C SER A 340 -0.18 3.20 35.51
N GLY A 341 0.00 1.91 35.75
CA GLY A 341 1.18 1.21 35.27
C GLY A 341 1.04 -0.28 35.45
N LYS A 342 2.13 -0.99 35.18
CA LYS A 342 2.18 -2.43 35.36
C LYS A 342 3.52 -2.83 35.96
N ILE A 343 3.54 -4.01 36.57
CA ILE A 343 4.73 -4.56 37.19
C ILE A 343 4.92 -5.98 36.67
N ARG A 344 6.01 -6.21 35.96
CA ARG A 344 6.30 -7.54 35.43
C ARG A 344 7.26 -8.25 36.38
N VAL A 345 6.90 -9.48 36.75
CA VAL A 345 7.59 -10.24 37.78
C VAL A 345 8.07 -11.54 37.16
N ARG A 346 9.37 -11.84 37.32
CA ARG A 346 9.96 -13.06 36.80
C ARG A 346 10.73 -13.77 37.91
N GLY A 347 10.90 -15.08 37.75
CA GLY A 347 11.72 -15.88 38.62
C GLY A 347 13.18 -15.89 38.19
N HIS A 348 13.92 -16.90 38.64
CA HIS A 348 15.32 -17.02 38.28
C HIS A 348 15.50 -17.55 36.86
N ASP A 349 14.50 -18.22 36.31
CA ASP A 349 14.52 -18.71 34.95
C ASP A 349 13.67 -17.87 34.00
N ASP A 350 13.30 -16.65 34.42
CA ASP A 350 12.55 -15.65 33.63
C ASP A 350 11.16 -16.11 33.22
N SER A 351 10.58 -17.07 33.92
CA SER A 351 9.19 -17.45 33.70
C SER A 351 8.27 -16.40 34.30
N PHE A 352 7.15 -16.14 33.64
CA PHE A 352 6.18 -15.15 34.12
C PHE A 352 5.46 -15.73 35.34
N LEU A 353 5.81 -15.21 36.52
CA LEU A 353 5.28 -15.73 37.78
C LEU A 353 3.82 -15.31 37.93
N LYS A 354 2.91 -16.28 37.83
CA LYS A 354 1.48 -16.01 37.86
C LYS A 354 0.96 -16.02 39.30
N ASN A 355 0.03 -15.09 39.58
CA ASN A 355 -0.65 -14.95 40.88
C ASN A 355 0.34 -14.79 42.04
N HIS A 356 1.45 -14.12 41.78
CA HIS A 356 2.48 -13.93 42.79
C HIS A 356 2.23 -12.63 43.54
N LEU A 357 2.25 -12.71 44.87
CA LEU A 357 2.05 -11.52 45.70
C LEU A 357 3.31 -10.69 45.67
N VAL A 358 3.19 -9.46 45.17
CA VAL A 358 4.31 -8.53 45.11
C VAL A 358 3.88 -7.24 45.77
N PHE A 359 4.86 -6.48 46.28
CA PHE A 359 4.61 -5.32 47.11
C PHE A 359 5.13 -4.08 46.40
N LEU A 360 4.24 -3.13 46.14
CA LEU A 360 4.58 -1.85 45.55
C LEU A 360 4.69 -0.82 46.67
N VAL A 361 5.90 -0.31 46.89
CA VAL A 361 6.20 0.63 47.97
C VAL A 361 6.30 2.04 47.38
N ILE A 362 5.64 3.01 48.03
CA ILE A 362 5.56 4.40 47.57
C ILE A 362 6.31 5.28 48.55
N TYR A 363 7.40 5.90 48.08
CA TYR A 363 8.21 6.83 48.86
C TYR A 363 7.83 8.27 48.50
N GLY A 364 7.47 9.06 49.50
CA GLY A 364 7.06 10.43 49.21
C GLY A 364 7.34 11.42 50.32
N THR A 365 6.86 12.65 50.11
CA THR A 365 6.98 13.69 51.13
C THR A 365 5.86 13.60 52.17
N ASN A 366 4.69 13.08 51.79
CA ASN A 366 3.56 12.91 52.70
C ASN A 366 3.53 11.54 53.39
N GLY A 367 4.57 10.73 53.24
CA GLY A 367 4.71 9.49 53.97
C GLY A 367 4.93 8.30 53.05
N THR A 368 5.25 7.17 53.70
CA THR A 368 5.48 5.90 53.01
C THR A 368 4.18 5.09 53.01
N PHE A 369 3.69 4.75 51.82
CA PHE A 369 2.43 4.04 51.67
C PHE A 369 2.65 2.71 50.94
N ASN A 370 1.84 1.71 51.28
CA ASN A 370 2.05 0.33 50.83
C ASN A 370 0.83 -0.21 50.10
N GLN A 371 1.06 -0.85 48.94
CA GLN A 371 0.03 -1.56 48.20
C GLN A 371 0.50 -2.97 47.89
N THR A 372 -0.41 -3.94 48.01
CA THR A 372 -0.13 -5.33 47.66
C THR A 372 -0.76 -5.65 46.31
N LEU A 373 0.03 -6.25 45.41
CA LEU A 373 -0.44 -6.54 44.07
C LEU A 373 -0.30 -8.02 43.76
N VAL A 374 -1.15 -8.50 42.83
CA VAL A 374 -1.16 -9.88 42.36
C VAL A 374 -0.95 -9.87 40.86
N THR A 375 -0.11 -10.78 40.36
CA THR A 375 0.21 -10.87 38.95
C THR A 375 -0.81 -11.75 38.22
N ASP A 376 -0.82 -11.65 36.89
CA ASP A 376 -1.75 -12.41 36.06
C ASP A 376 -1.02 -13.55 35.36
N ASN A 377 -1.61 -14.09 34.28
CA ASN A 377 -1.01 -15.21 33.57
C ASN A 377 0.17 -14.80 32.71
N ASN A 378 0.31 -13.52 32.39
CA ASN A 378 1.46 -12.99 31.67
C ASN A 378 2.52 -12.42 32.61
N GLY A 379 2.40 -12.67 33.91
CA GLY A 379 3.36 -12.15 34.86
C GLY A 379 3.31 -10.66 35.07
N LEU A 380 2.15 -10.04 34.83
CA LEU A 380 1.98 -8.60 34.90
C LEU A 380 1.11 -8.24 36.10
N ALA A 381 1.56 -7.29 36.92
CA ALA A 381 0.80 -6.83 38.06
C ALA A 381 0.39 -5.37 37.86
N PRO A 382 -0.84 -5.10 37.46
CA PRO A 382 -1.26 -3.71 37.24
C PRO A 382 -1.60 -3.00 38.53
N PHE A 383 -1.37 -1.68 38.53
CA PHE A 383 -1.64 -0.82 39.66
C PHE A 383 -2.18 0.52 39.16
N THR A 384 -2.75 1.29 40.08
CA THR A 384 -3.21 2.65 39.79
C THR A 384 -3.14 3.45 41.08
N LEU A 385 -2.48 4.61 41.04
CA LEU A 385 -2.26 5.45 42.21
C LEU A 385 -2.95 6.79 42.03
N GLU A 386 -3.69 7.21 43.05
CA GLU A 386 -4.34 8.52 43.06
C GLU A 386 -3.33 9.59 43.45
N THR A 387 -2.99 10.46 42.50
CA THR A 387 -1.99 11.49 42.69
C THR A 387 -2.55 12.76 43.33
N SER A 388 -3.79 12.72 43.82
CA SER A 388 -4.39 13.91 44.42
C SER A 388 -3.80 14.19 45.80
N GLY A 389 -3.34 13.16 46.51
CA GLY A 389 -2.78 13.34 47.83
C GLY A 389 -1.28 13.57 47.87
N TRP A 390 -0.66 13.81 46.71
CA TRP A 390 0.79 13.92 46.62
C TRP A 390 1.32 15.35 46.69
N ASN A 391 0.44 16.36 46.59
CA ASN A 391 0.78 17.78 46.68
C ASN A 391 1.82 18.21 45.63
N GLY A 392 1.85 17.51 44.50
CA GLY A 392 2.71 17.86 43.38
C GLY A 392 4.21 17.73 43.63
N THR A 393 4.63 16.72 44.38
CA THR A 393 6.03 16.53 44.71
C THR A 393 6.58 15.27 44.03
N ASP A 394 7.91 15.14 44.07
CA ASP A 394 8.58 13.97 43.51
C ASP A 394 8.28 12.73 44.35
N VAL A 395 8.00 11.62 43.67
CA VAL A 395 7.69 10.35 44.30
C VAL A 395 8.58 9.27 43.68
N SER A 396 9.25 8.48 44.51
CA SER A 396 10.12 7.40 44.07
C SER A 396 9.42 6.06 44.29
N LEU A 397 9.25 5.29 43.22
CA LEU A 397 8.55 4.01 43.26
C LEU A 397 9.52 2.85 43.34
N GLU A 398 9.18 1.85 44.14
CA GLU A 398 9.94 0.60 44.22
C GLU A 398 9.00 -0.58 44.35
N GLY A 399 9.18 -1.58 43.50
CA GLY A 399 8.45 -2.83 43.60
C GLY A 399 9.34 -3.90 44.24
N LYS A 400 8.80 -4.54 45.27
CA LYS A 400 9.56 -5.51 46.06
C LYS A 400 8.88 -6.86 46.04
N PHE A 401 9.69 -7.92 45.99
CA PHE A 401 9.17 -9.28 46.17
C PHE A 401 8.67 -9.47 47.60
N GLN A 402 9.46 -9.05 48.58
CA GLN A 402 9.13 -9.17 49.99
C GLN A 402 9.46 -7.87 50.72
N MET A 403 8.71 -7.60 51.79
CA MET A 403 8.83 -6.32 52.49
C MET A 403 10.06 -6.27 53.39
N GLU A 404 10.21 -7.23 54.30
CA GLU A 404 11.35 -7.22 55.21
C GLU A 404 12.61 -7.63 54.48
N ASP A 405 13.73 -6.98 54.82
CA ASP A 405 15.01 -7.27 54.19
C ASP A 405 15.56 -8.62 54.65
N LEU A 406 16.27 -9.28 53.73
CA LEU A 406 16.82 -10.60 53.99
C LEU A 406 18.01 -10.54 54.95
N VAL A 407 18.05 -11.48 55.88
CA VAL A 407 19.12 -11.59 56.87
C VAL A 407 20.05 -12.71 56.43
N TYR A 408 21.32 -12.39 56.16
CA TYR A 408 22.28 -13.37 55.66
C TYR A 408 23.60 -13.20 56.39
N ASN A 409 24.34 -14.29 56.52
CA ASN A 409 25.68 -14.24 57.08
C ASN A 409 26.58 -13.45 56.13
N PRO A 410 27.31 -12.44 56.62
CA PRO A 410 28.01 -11.50 55.71
C PRO A 410 29.13 -12.13 54.90
N GLU A 411 29.73 -13.21 55.39
CA GLU A 411 30.73 -13.96 54.64
C GLU A 411 30.12 -14.83 53.54
N GLN A 412 28.82 -15.15 53.64
CA GLN A 412 28.13 -15.98 52.67
C GLN A 412 27.70 -15.19 51.43
N VAL A 413 27.67 -15.89 50.29
CA VAL A 413 27.23 -15.31 49.02
C VAL A 413 25.72 -15.10 49.09
N PRO A 414 25.24 -13.86 48.95
CA PRO A 414 23.82 -13.59 49.18
C PRO A 414 22.95 -13.78 47.95
N ARG A 415 21.82 -14.47 48.14
CA ARG A 415 20.76 -14.51 47.14
C ARG A 415 19.90 -13.26 47.26
N TYR A 416 19.70 -12.58 46.15
CA TYR A 416 19.05 -11.28 46.16
C TYR A 416 17.89 -11.28 45.18
N TYR A 417 16.97 -10.34 45.39
CA TYR A 417 15.84 -10.13 44.50
C TYR A 417 16.01 -8.79 43.80
N GLN A 418 16.02 -8.81 42.47
CA GLN A 418 16.26 -7.62 41.66
C GLN A 418 14.99 -6.78 41.62
N ASN A 419 14.94 -5.74 42.46
CA ASN A 419 13.80 -4.85 42.55
C ASN A 419 13.77 -3.88 41.37
N ALA A 420 12.58 -3.35 41.10
CA ALA A 420 12.38 -2.33 40.08
C ALA A 420 12.21 -0.97 40.75
N TYR A 421 12.87 0.05 40.20
CA TYR A 421 12.84 1.39 40.73
C TYR A 421 12.35 2.36 39.66
N LEU A 422 11.70 3.44 40.09
CA LEU A 422 11.21 4.44 39.16
C LEU A 422 11.15 5.80 39.85
N HIS A 423 11.78 6.80 39.24
CA HIS A 423 11.77 8.17 39.74
C HIS A 423 10.84 9.01 38.87
N LEU A 424 9.82 9.61 39.49
CA LEU A 424 8.79 10.38 38.79
C LEU A 424 8.96 11.87 39.09
N ARG A 425 9.10 12.69 38.02
CA ARG A 425 9.07 14.14 38.12
C ARG A 425 7.73 14.66 37.66
N PRO A 426 7.07 15.54 38.39
CA PRO A 426 5.75 16.02 37.97
C PRO A 426 5.86 16.91 36.73
N PHE A 427 4.94 16.69 35.80
CA PHE A 427 4.85 17.57 34.64
C PHE A 427 4.37 18.94 35.08
N TYR A 428 5.14 19.98 34.78
CA TYR A 428 4.74 21.33 35.14
C TYR A 428 3.65 21.83 34.20
N SER A 429 2.46 22.05 34.74
CA SER A 429 1.33 22.54 33.98
C SER A 429 0.79 23.80 34.64
N THR A 430 0.58 24.84 33.83
CA THR A 430 -0.10 26.04 34.30
C THR A 430 -1.61 25.92 34.20
N THR A 431 -2.10 24.75 33.77
CA THR A 431 -3.52 24.46 33.67
C THR A 431 -3.84 23.27 34.56
N ARG A 432 -5.12 23.15 34.91
CA ARG A 432 -5.59 22.12 35.81
C ARG A 432 -6.26 20.96 35.08
N SER A 433 -5.98 20.81 33.78
CA SER A 433 -6.58 19.76 32.97
C SER A 433 -5.73 18.49 33.03
N PHE A 434 -6.14 17.48 32.26
CA PHE A 434 -5.47 16.18 32.22
C PHE A 434 -5.48 15.63 30.80
N LEU A 435 -4.39 14.96 30.44
CA LEU A 435 -4.31 14.21 29.18
C LEU A 435 -3.52 12.94 29.45
N GLY A 436 -4.18 11.78 29.32
CA GLY A 436 -3.57 10.50 29.63
C GLY A 436 -3.87 9.42 28.60
N ILE A 437 -2.84 8.71 28.14
CA ILE A 437 -2.94 7.83 26.99
C ILE A 437 -2.87 6.37 27.43
N HIS A 438 -3.80 5.56 26.92
CA HIS A 438 -3.72 4.13 27.13
C HIS A 438 -2.59 3.54 26.30
N ARG A 439 -1.90 2.56 26.88
CA ARG A 439 -0.79 1.89 26.26
C ARG A 439 -1.19 0.47 25.84
N LEU A 440 -0.57 -0.03 24.79
CA LEU A 440 -0.96 -1.31 24.22
C LEU A 440 -0.03 -2.43 24.72
N ASN A 441 -0.58 -3.64 24.80
CA ASN A 441 0.12 -4.79 25.37
C ASN A 441 0.84 -5.61 24.32
N GLY A 442 2.03 -6.09 24.68
CA GLY A 442 2.79 -6.98 23.85
C GLY A 442 3.52 -6.26 22.73
N PRO A 443 4.48 -6.93 22.12
CA PRO A 443 5.09 -6.39 20.90
C PRO A 443 4.08 -6.39 19.76
N LEU A 444 3.69 -5.19 19.31
CA LEU A 444 2.54 -5.03 18.44
C LEU A 444 2.84 -5.51 17.02
N LYS A 445 1.87 -6.22 16.44
CA LYS A 445 2.00 -6.70 15.06
C LYS A 445 1.99 -5.54 14.08
N CYS A 446 2.97 -5.55 13.20
CA CYS A 446 3.17 -4.47 12.27
C CYS A 446 2.11 -4.51 11.16
N GLY A 447 1.69 -3.33 10.70
CA GLY A 447 0.78 -3.21 9.60
C GLY A 447 -0.69 -3.28 9.95
N GLN A 448 -1.02 -3.94 11.06
CA GLN A 448 -2.42 -4.00 11.49
C GLN A 448 -2.81 -2.66 12.12
N PRO A 449 -4.01 -2.16 11.81
CA PRO A 449 -4.50 -0.95 12.49
C PRO A 449 -4.74 -1.22 13.96
N GLN A 450 -4.36 -0.25 14.79
CA GLN A 450 -4.43 -0.38 16.24
C GLN A 450 -5.18 0.83 16.79
N GLU A 451 -6.16 0.56 17.68
CA GLU A 451 -6.95 1.61 18.32
C GLU A 451 -6.33 1.93 19.68
N VAL A 452 -5.97 3.19 19.87
CA VAL A 452 -5.35 3.66 21.11
C VAL A 452 -6.34 4.62 21.77
N LEU A 453 -6.76 4.26 22.98
CA LEU A 453 -7.71 5.07 23.73
C LEU A 453 -6.99 6.23 24.43
N VAL A 454 -7.63 7.39 24.45
CA VAL A 454 -7.09 8.62 25.03
C VAL A 454 -8.11 9.19 26.02
N ASP A 455 -7.71 9.30 27.29
CA ASP A 455 -8.52 9.91 28.35
C ASP A 455 -8.19 11.38 28.51
N TYR A 456 -9.20 12.22 28.74
CA TYR A 456 -8.96 13.64 28.95
C TYR A 456 -10.01 14.23 29.87
N TYR A 457 -9.59 15.19 30.70
CA TYR A 457 -10.46 16.03 31.50
C TYR A 457 -10.08 17.49 31.26
N ILE A 458 -11.10 18.35 31.12
CA ILE A 458 -10.89 19.78 30.87
C ILE A 458 -11.49 20.56 32.04
N ASP A 459 -10.62 21.22 32.80
CA ASP A 459 -11.07 22.14 33.84
C ASP A 459 -11.69 23.38 33.20
N PRO A 460 -12.84 23.83 33.69
CA PRO A 460 -13.49 25.01 33.08
C PRO A 460 -12.72 26.32 33.29
N ALA A 461 -11.79 26.39 34.24
CA ALA A 461 -11.05 27.63 34.51
C ALA A 461 -9.95 27.90 33.49
N ASP A 462 -9.67 26.94 32.59
CA ASP A 462 -8.70 27.15 31.53
C ASP A 462 -9.34 27.37 30.17
N ALA A 463 -10.56 26.89 29.95
CA ALA A 463 -11.29 27.11 28.71
C ALA A 463 -12.78 27.13 28.98
N SER A 464 -13.49 28.02 28.28
CA SER A 464 -14.94 28.11 28.42
C SER A 464 -15.61 26.84 27.89
N PRO A 465 -16.68 26.37 28.54
CA PRO A 465 -17.34 25.14 28.07
C PRO A 465 -18.06 25.28 26.72
N ASP A 466 -18.16 26.49 26.16
CA ASP A 466 -18.63 26.66 24.79
C ASP A 466 -17.52 26.62 23.77
N GLN A 467 -16.27 26.70 24.22
CA GLN A 467 -15.14 26.76 23.30
C GLN A 467 -14.83 25.38 22.76
N GLU A 468 -14.62 25.29 21.45
CA GLU A 468 -14.15 24.05 20.85
C GLU A 468 -12.70 23.81 21.23
N ILE A 469 -12.36 22.56 21.49
CA ILE A 469 -11.04 22.18 22.00
C ILE A 469 -10.32 21.36 20.95
N SER A 470 -9.12 21.80 20.57
CA SER A 470 -8.31 21.16 19.55
C SER A 470 -7.14 20.47 20.23
N PHE A 471 -7.14 19.14 20.18
CA PHE A 471 -5.98 18.34 20.53
C PHE A 471 -5.17 18.09 19.27
N SER A 472 -3.89 18.44 19.31
CA SER A 472 -2.95 18.08 18.25
C SER A 472 -2.07 16.93 18.74
N TYR A 473 -1.95 15.88 17.92
CA TYR A 473 -1.16 14.71 18.29
C TYR A 473 -0.06 14.47 17.27
N TYR A 474 1.00 13.82 17.72
CA TYR A 474 2.23 13.65 16.97
C TYR A 474 2.77 12.23 17.11
N LEU A 475 3.20 11.64 15.98
CA LEU A 475 3.71 10.28 15.91
C LEU A 475 5.11 10.30 15.30
N ILE A 476 6.09 9.83 16.06
CA ILE A 476 7.50 9.90 15.68
C ILE A 476 8.03 8.49 15.55
N GLY A 477 8.72 8.22 14.47
CA GLY A 477 9.46 6.98 14.32
C GLY A 477 10.89 7.26 13.90
N LYS A 478 11.82 6.56 14.56
CA LYS A 478 13.26 6.55 14.23
C LYS A 478 13.90 7.94 14.30
N GLY A 479 13.30 8.89 15.00
CA GLY A 479 13.79 10.26 14.99
C GLY A 479 13.36 11.07 13.78
N SER A 480 12.16 10.80 13.26
CA SER A 480 11.60 11.60 12.18
C SER A 480 10.08 11.59 12.29
N LEU A 481 9.44 12.54 11.60
CA LEU A 481 7.99 12.73 11.69
C LEU A 481 7.25 11.86 10.70
N VAL A 482 6.40 10.97 11.22
CA VAL A 482 5.63 10.02 10.41
C VAL A 482 4.21 10.54 10.16
N MET A 483 3.44 10.69 11.24
CA MET A 483 2.02 10.96 11.15
C MET A 483 1.67 12.17 12.01
N GLU A 484 0.69 12.94 11.55
CA GLU A 484 0.22 14.11 12.30
C GLU A 484 -1.29 14.20 12.14
N GLY A 485 -1.92 15.06 12.94
CA GLY A 485 -3.35 15.25 12.86
C GLY A 485 -3.86 16.08 14.03
N GLN A 486 -5.17 16.36 13.99
CA GLN A 486 -5.86 17.09 15.03
C GLN A 486 -7.24 16.47 15.29
N LYS A 487 -7.59 16.33 16.58
CA LYS A 487 -8.88 15.81 17.01
C LYS A 487 -9.66 16.94 17.69
N HIS A 488 -10.66 17.47 17.00
CA HIS A 488 -11.50 18.54 17.51
C HIS A 488 -12.62 17.96 18.34
N LEU A 489 -12.84 18.54 19.53
CA LEU A 489 -13.89 18.11 20.43
C LEU A 489 -14.68 19.34 20.88
N ASN A 490 -15.98 19.34 20.61
CA ASN A 490 -16.86 20.41 21.07
C ASN A 490 -17.35 20.05 22.47
N SER A 491 -17.13 20.94 23.44
CA SER A 491 -17.38 20.65 24.86
C SER A 491 -18.85 20.56 25.22
N LYS A 492 -19.77 20.86 24.29
CA LYS A 492 -21.19 20.72 24.57
C LYS A 492 -21.70 19.30 24.32
N LYS A 493 -21.07 18.55 23.39
CA LYS A 493 -21.58 17.25 22.97
C LYS A 493 -21.18 16.13 23.93
N LYS A 494 -19.93 16.16 24.43
CA LYS A 494 -19.41 15.08 25.26
C LYS A 494 -19.21 15.48 26.72
N GLY A 495 -19.56 16.71 27.12
CA GLY A 495 -19.34 17.15 28.49
C GLY A 495 -17.92 17.63 28.69
N LEU A 496 -17.55 17.82 29.96
CA LEU A 496 -16.16 18.14 30.33
C LEU A 496 -15.44 16.95 30.99
N LYS A 497 -15.90 15.72 30.76
CA LYS A 497 -15.16 14.52 31.17
C LYS A 497 -15.54 13.36 30.24
N ALA A 498 -14.66 13.00 29.30
CA ALA A 498 -14.94 11.96 28.31
C ALA A 498 -13.62 11.43 27.72
N SER A 499 -13.70 10.75 26.58
CA SER A 499 -12.54 10.12 25.94
C SER A 499 -12.77 10.05 24.44
N PHE A 500 -11.69 9.78 23.70
CA PHE A 500 -11.74 9.52 22.27
C PHE A 500 -10.66 8.51 21.93
N SER A 501 -10.67 8.04 20.68
CA SER A 501 -9.74 7.01 20.24
C SER A 501 -9.00 7.45 18.99
N LEU A 502 -7.79 6.90 18.82
CA LEU A 502 -6.94 7.16 17.66
C LEU A 502 -6.76 5.86 16.89
N SER A 503 -6.90 5.95 15.56
CA SER A 503 -6.75 4.80 14.67
C SER A 503 -5.34 4.86 14.08
N LEU A 504 -4.42 4.08 14.65
CA LEU A 504 -3.01 4.06 14.27
C LEU A 504 -2.67 2.80 13.50
N THR A 505 -1.73 2.93 12.57
CA THR A 505 -1.19 1.80 11.81
C THR A 505 0.34 1.83 11.87
N PHE A 506 0.93 0.73 12.35
CA PHE A 506 2.38 0.63 12.55
C PHE A 506 3.03 0.06 11.31
N THR A 507 3.87 0.86 10.65
CA THR A 507 4.58 0.44 9.46
C THR A 507 6.00 0.06 9.83
N SER A 508 6.78 -0.27 8.82
CA SER A 508 8.19 -0.54 9.05
C SER A 508 8.99 0.74 9.19
N ARG A 509 8.53 1.82 8.58
CA ARG A 509 9.25 3.08 8.75
C ARG A 509 9.04 3.67 10.11
N LEU A 510 7.91 3.34 10.74
CA LEU A 510 7.84 3.53 12.18
C LEU A 510 8.82 2.57 12.83
N ALA A 511 9.49 3.05 13.86
CA ALA A 511 10.55 2.33 14.54
C ALA A 511 10.01 1.07 15.21
N PRO A 512 10.88 0.20 15.70
CA PRO A 512 10.43 -0.78 16.70
C PRO A 512 10.01 -0.13 18.01
N ASP A 513 10.44 1.11 18.25
CA ASP A 513 10.00 1.88 19.41
C ASP A 513 9.59 3.28 18.97
N PRO A 514 8.38 3.43 18.41
CA PRO A 514 7.90 4.76 18.02
C PRO A 514 7.34 5.50 19.22
N SER A 515 7.25 6.81 19.08
CA SER A 515 6.80 7.69 20.16
C SER A 515 5.58 8.50 19.73
N LEU A 516 4.51 8.43 20.53
CA LEU A 516 3.30 9.22 20.33
C LEU A 516 3.24 10.31 21.41
N VAL A 517 3.20 11.57 20.98
CA VAL A 517 3.13 12.73 21.86
C VAL A 517 1.89 13.54 21.49
N ILE A 518 0.99 13.72 22.46
CA ILE A 518 -0.28 14.43 22.29
C ILE A 518 -0.30 15.62 23.24
N TYR A 519 -0.73 16.78 22.74
CA TYR A 519 -0.69 18.01 23.53
C TYR A 519 -1.82 18.94 23.08
N ALA A 520 -2.17 19.87 23.96
CA ALA A 520 -3.13 20.92 23.62
C ALA A 520 -2.75 22.19 24.37
N ILE A 521 -2.85 23.33 23.68
CA ILE A 521 -2.59 24.65 24.26
C ILE A 521 -3.93 25.33 24.54
N PHE A 522 -4.12 25.79 25.80
CA PHE A 522 -5.24 26.59 26.26
C PHE A 522 -4.95 28.07 26.01
N PRO A 523 -5.99 28.92 25.98
CA PRO A 523 -5.75 30.36 25.75
C PRO A 523 -4.85 31.03 26.78
N SER A 524 -4.66 30.42 27.96
CA SER A 524 -3.69 30.93 28.94
C SER A 524 -2.24 30.72 28.52
N GLY A 525 -1.98 30.01 27.41
CA GLY A 525 -0.63 29.66 27.01
C GLY A 525 -0.10 28.38 27.60
N GLY A 526 -0.85 27.74 28.51
CA GLY A 526 -0.40 26.53 29.16
C GLY A 526 -0.51 25.30 28.28
N VAL A 527 0.29 24.30 28.63
CA VAL A 527 0.37 23.08 27.84
C VAL A 527 0.17 21.89 28.76
N VAL A 528 -0.55 20.89 28.26
CA VAL A 528 -0.68 19.61 28.95
C VAL A 528 -0.38 18.52 27.92
N ALA A 529 0.47 17.57 28.29
CA ALA A 529 0.97 16.60 27.31
C ALA A 529 1.23 15.26 27.97
N ASP A 530 1.48 14.26 27.12
CA ASP A 530 1.78 12.89 27.53
C ASP A 530 2.65 12.26 26.44
N LYS A 531 3.51 11.32 26.85
CA LYS A 531 4.46 10.68 25.93
C LYS A 531 4.51 9.18 26.18
N ILE A 532 4.30 8.40 25.12
CA ILE A 532 4.17 6.96 25.21
C ILE A 532 4.95 6.31 24.07
N GLN A 533 5.71 5.26 24.38
CA GLN A 533 6.54 4.54 23.42
C GLN A 533 6.00 3.13 23.24
N PHE A 534 6.03 2.64 22.01
CA PHE A 534 5.40 1.36 21.65
C PHE A 534 6.44 0.28 21.40
N SER A 535 5.95 -0.95 21.32
CA SER A 535 6.76 -2.13 21.00
C SER A 535 6.17 -2.76 19.74
N VAL A 536 6.90 -2.68 18.63
CA VAL A 536 6.44 -3.16 17.33
C VAL A 536 7.37 -4.26 16.86
N GLU A 537 6.80 -5.31 16.26
CA GLU A 537 7.59 -6.32 15.57
C GLU A 537 8.43 -5.67 14.47
N MET A 538 9.67 -6.15 14.31
CA MET A 538 10.64 -5.61 13.35
C MET A 538 10.32 -6.14 11.96
N CYS A 539 9.65 -5.29 11.17
CA CYS A 539 8.99 -5.67 9.92
C CYS A 539 9.68 -5.01 8.73
N PHE A 540 9.26 -5.44 7.55
CA PHE A 540 9.72 -4.89 6.29
C PHE A 540 8.55 -4.77 5.34
N ASP A 541 8.66 -3.86 4.38
CA ASP A 541 7.55 -3.62 3.45
C ASP A 541 7.41 -4.72 2.42
N ASN A 542 8.40 -5.61 2.29
CA ASN A 542 8.32 -6.74 1.38
C ASN A 542 8.03 -7.98 2.20
N GLN A 543 6.79 -8.46 2.12
CA GLN A 543 6.39 -9.67 2.82
C GLN A 543 6.97 -10.87 2.11
N VAL A 544 7.88 -11.58 2.77
CA VAL A 544 8.51 -12.78 2.24
C VAL A 544 8.11 -13.96 3.13
N SER A 545 7.61 -15.02 2.51
CA SER A 545 7.31 -16.21 3.27
C SER A 545 8.02 -17.39 2.63
N LEU A 546 8.20 -18.43 3.43
CA LEU A 546 8.79 -19.67 2.97
C LEU A 546 7.95 -20.81 3.51
N GLY A 547 7.77 -21.86 2.71
CA GLY A 547 6.97 -22.99 3.15
C GLY A 547 7.29 -24.28 2.43
N PHE A 548 7.36 -25.38 3.17
CA PHE A 548 7.60 -26.69 2.58
C PHE A 548 6.29 -27.46 2.52
N SER A 549 6.09 -28.17 1.42
CA SER A 549 4.83 -28.88 1.18
C SER A 549 5.11 -30.30 0.68
N PRO A 550 5.08 -31.30 1.57
CA PRO A 550 4.80 -31.26 3.00
C PRO A 550 6.03 -30.94 3.83
N SER A 551 5.85 -30.56 5.08
CA SER A 551 7.00 -30.21 5.91
C SER A 551 7.66 -31.44 6.55
N GLN A 552 7.24 -32.66 6.21
CA GLN A 552 7.95 -33.85 6.62
C GLN A 552 7.89 -34.86 5.49
N GLN A 553 9.03 -35.42 5.12
CA GLN A 553 9.19 -36.23 3.92
C GLN A 553 10.26 -37.29 4.17
N LEU A 554 10.16 -38.41 3.46
CA LEU A 554 11.21 -39.42 3.44
C LEU A 554 12.44 -38.89 2.71
N PRO A 555 13.62 -39.36 3.07
CA PRO A 555 14.82 -39.01 2.29
C PRO A 555 14.76 -39.55 0.88
N GLY A 556 15.20 -38.75 -0.07
CA GLY A 556 15.21 -39.17 -1.44
C GLY A 556 13.94 -38.85 -2.20
N ALA A 557 12.90 -38.40 -1.53
CA ALA A 557 11.62 -38.15 -2.18
C ALA A 557 11.50 -36.70 -2.63
N GLU A 558 10.36 -36.38 -3.22
CA GLU A 558 10.06 -35.04 -3.67
C GLU A 558 9.43 -34.23 -2.53
N VAL A 559 9.56 -32.91 -2.63
CA VAL A 559 8.90 -31.98 -1.73
C VAL A 559 8.74 -30.67 -2.49
N GLU A 560 7.67 -29.94 -2.18
CA GLU A 560 7.38 -28.68 -2.86
C GLU A 560 7.77 -27.50 -1.98
N LEU A 561 8.54 -26.58 -2.55
CA LEU A 561 9.06 -25.42 -1.83
C LEU A 561 8.26 -24.20 -2.27
N GLN A 562 7.36 -23.76 -1.41
CA GLN A 562 6.51 -22.63 -1.70
C GLN A 562 7.22 -21.37 -1.24
N LEU A 563 7.52 -20.50 -2.19
CA LEU A 563 8.20 -19.25 -1.92
C LEU A 563 7.31 -18.11 -2.36
N GLN A 564 7.13 -17.11 -1.48
CA GLN A 564 6.21 -16.01 -1.70
C GLN A 564 6.87 -14.70 -1.29
N ALA A 565 6.66 -13.67 -2.11
CA ALA A 565 7.22 -12.35 -1.90
C ALA A 565 6.35 -11.34 -2.66
N ALA A 566 6.90 -10.15 -2.93
CA ALA A 566 6.26 -9.17 -3.79
C ALA A 566 6.49 -9.52 -5.25
N PRO A 567 5.62 -9.09 -6.15
CA PRO A 567 5.90 -9.31 -7.58
C PRO A 567 7.04 -8.44 -8.04
N GLY A 568 7.88 -9.01 -8.90
CA GLY A 568 9.12 -8.40 -9.28
C GLY A 568 10.26 -8.63 -8.30
N SER A 569 10.04 -9.36 -7.22
CA SER A 569 11.13 -9.59 -6.29
C SER A 569 12.04 -10.70 -6.81
N LEU A 570 13.31 -10.58 -6.44
CA LEU A 570 14.28 -11.65 -6.57
C LEU A 570 14.66 -12.14 -5.18
N CYS A 571 14.67 -13.45 -4.99
CA CYS A 571 14.78 -14.05 -3.67
C CYS A 571 16.06 -14.87 -3.56
N ALA A 572 16.66 -14.84 -2.38
CA ALA A 572 17.92 -15.53 -2.11
C ALA A 572 17.69 -16.57 -1.02
N LEU A 573 17.58 -17.81 -1.48
CA LEU A 573 17.24 -18.94 -0.64
C LEU A 573 18.47 -19.47 0.07
N ARG A 574 18.28 -19.96 1.30
CA ARG A 574 19.33 -20.62 2.06
C ARG A 574 18.70 -21.78 2.81
N ALA A 575 19.07 -23.01 2.46
CA ALA A 575 18.59 -24.19 3.17
C ALA A 575 19.80 -24.89 3.75
N VAL A 576 19.81 -25.03 5.07
CA VAL A 576 21.01 -25.32 5.84
C VAL A 576 20.63 -26.39 6.85
N ASP A 577 21.59 -27.21 7.25
CA ASP A 577 21.34 -28.12 8.36
C ASP A 577 21.15 -27.33 9.64
N GLU A 578 20.15 -27.75 10.43
CA GLU A 578 19.79 -27.09 11.69
C GLU A 578 20.98 -27.04 12.64
N SER A 579 21.84 -28.05 12.57
CA SER A 579 23.07 -28.05 13.34
C SER A 579 23.97 -26.86 12.98
N VAL A 580 23.86 -26.34 11.75
CA VAL A 580 24.68 -25.20 11.38
C VAL A 580 24.14 -23.91 11.97
N LEU A 581 22.83 -23.76 12.02
CA LEU A 581 22.29 -22.59 12.68
C LEU A 581 22.45 -22.70 14.19
N LEU A 582 22.55 -23.91 14.73
CA LEU A 582 22.61 -24.06 16.18
C LEU A 582 24.00 -23.83 16.75
N LEU A 583 25.05 -24.21 16.00
CA LEU A 583 26.42 -24.20 16.55
C LEU A 583 27.05 -22.82 16.55
N ARG A 584 26.66 -21.94 15.65
CA ARG A 584 26.98 -20.53 15.80
C ARG A 584 25.73 -19.71 15.51
N PRO A 585 24.89 -19.43 16.53
CA PRO A 585 23.79 -18.44 16.36
C PRO A 585 24.32 -17.02 16.39
N ASP A 586 25.10 -16.71 15.36
CA ASP A 586 25.92 -15.51 15.29
C ASP A 586 25.07 -14.33 14.83
N ARG A 587 25.59 -13.57 13.88
CA ARG A 587 24.78 -12.66 13.10
C ARG A 587 24.36 -13.35 11.79
N GLU A 588 23.65 -14.46 11.96
CA GLU A 588 22.83 -14.97 10.86
C GLU A 588 21.70 -13.98 10.62
N LEU A 589 21.28 -13.89 9.37
CA LEU A 589 20.38 -12.83 8.97
C LEU A 589 19.04 -12.98 9.69
N SER A 590 18.72 -11.98 10.51
CA SER A 590 17.49 -11.90 11.30
C SER A 590 16.95 -10.49 11.17
N ASN A 591 15.66 -10.33 11.48
CA ASN A 591 15.07 -9.00 11.50
C ASN A 591 15.80 -8.11 12.49
N ARG A 592 16.21 -8.66 13.64
CA ARG A 592 16.97 -7.88 14.60
C ARG A 592 18.36 -7.53 14.08
N SER A 593 18.93 -8.37 13.21
CA SER A 593 20.26 -8.08 12.66
C SER A 593 20.20 -6.95 11.65
N VAL A 594 19.14 -6.90 10.84
CA VAL A 594 19.05 -5.86 9.83
C VAL A 594 18.82 -4.50 10.46
N TYR A 595 17.89 -4.42 11.42
CA TYR A 595 17.71 -3.19 12.18
C TYR A 595 18.96 -2.85 12.97
N GLY A 596 19.70 -3.88 13.39
CA GLY A 596 20.92 -3.69 14.17
C GLY A 596 22.05 -3.03 13.41
N MET A 597 21.98 -2.97 12.08
CA MET A 597 23.00 -2.29 11.31
C MET A 597 22.95 -0.78 11.48
N PHE A 598 21.78 -0.24 11.67
CA PHE A 598 21.58 1.20 11.65
C PHE A 598 21.30 1.74 13.05
N PRO A 599 21.79 2.94 13.37
CA PRO A 599 21.60 3.49 14.74
C PRO A 599 20.22 4.08 14.98
N PHE A 600 19.21 3.19 15.06
CA PHE A 600 17.81 3.61 15.27
C PHE A 600 17.54 4.04 16.70
N TRP A 601 18.44 3.70 17.63
CA TRP A 601 18.26 4.05 19.03
C TRP A 601 18.42 5.54 19.29
N TYR A 602 19.16 6.24 18.42
CA TYR A 602 19.37 7.68 18.61
C TYR A 602 18.05 8.42 18.40
N GLY A 603 17.54 9.00 19.48
CA GLY A 603 16.33 9.77 19.43
C GLY A 603 16.50 11.08 20.19
N HIS A 604 17.74 11.45 20.48
CA HIS A 604 18.06 12.66 21.22
C HIS A 604 18.70 13.69 20.29
N TYR A 605 18.85 14.90 20.80
CA TYR A 605 19.51 15.94 20.03
C TYR A 605 20.97 15.58 19.81
N PRO A 606 21.49 15.71 18.60
CA PRO A 606 22.94 15.59 18.40
C PRO A 606 23.67 16.71 19.11
N TYR A 607 24.90 16.41 19.53
CA TYR A 607 25.67 17.37 20.32
C TYR A 607 26.07 18.61 19.54
N GLN A 608 26.10 18.55 18.20
CA GLN A 608 26.37 19.76 17.42
C GLN A 608 25.23 20.75 17.47
N VAL A 609 24.02 20.29 17.80
CA VAL A 609 22.85 21.15 17.87
C VAL A 609 22.10 20.82 19.14
N ALA A 610 22.81 20.30 20.14
CA ALA A 610 22.22 20.11 21.45
C ALA A 610 21.98 21.46 22.11
N GLU A 611 20.77 21.67 22.62
CA GLU A 611 20.38 22.94 23.20
C GLU A 611 20.63 22.89 24.71
N TYR A 612 21.64 23.62 25.15
CA TYR A 612 22.01 23.69 26.56
C TYR A 612 21.41 24.93 27.20
N ASP A 613 21.22 24.87 28.51
CA ASP A 613 20.73 26.00 29.28
C ASP A 613 21.94 26.83 29.68
N GLN A 614 22.02 28.05 29.16
CA GLN A 614 23.15 28.94 29.44
C GLN A 614 22.96 29.55 30.83
N CYS A 615 23.64 28.96 31.83
CA CYS A 615 23.64 29.47 33.20
C CYS A 615 24.90 30.27 33.46
N PRO A 616 24.78 31.49 34.04
CA PRO A 616 26.00 32.25 34.38
C PRO A 616 26.79 31.61 35.50
N VAL A 617 27.59 30.61 35.16
CA VAL A 617 28.41 29.90 36.15
C VAL A 617 29.67 30.72 36.37
N SER A 618 29.86 31.22 37.60
CA SER A 618 30.87 32.22 37.89
C SER A 618 31.67 31.79 39.11
N GLY A 619 32.83 31.18 38.89
CA GLY A 619 33.72 30.78 39.96
C GLY A 619 35.01 31.57 39.98
N THR A 651 11.26 18.20 33.37
CA THR A 651 10.30 17.47 32.56
C THR A 651 9.08 18.33 32.20
N ASP A 652 9.10 18.89 31.00
CA ASP A 652 8.05 19.77 30.51
C ASP A 652 7.77 19.38 29.05
N LEU A 653 7.19 20.31 28.27
CA LEU A 653 6.92 20.00 26.86
C LEU A 653 8.16 20.10 25.99
N PHE A 654 9.12 20.95 26.36
CA PHE A 654 10.38 20.99 25.62
C PHE A 654 11.19 19.71 25.80
N SER A 655 11.13 19.09 26.98
CA SER A 655 11.87 17.85 27.22
C SER A 655 11.23 16.63 26.57
N PHE A 656 9.97 16.72 26.15
CA PHE A 656 9.37 15.63 25.38
C PHE A 656 9.93 15.61 23.96
N PHE A 657 9.99 16.77 23.31
CA PHE A 657 10.41 16.84 21.91
C PHE A 657 11.90 16.57 21.75
N ARG A 658 12.71 16.96 22.75
CA ARG A 658 14.11 16.59 22.72
C ARG A 658 14.31 15.09 22.86
N ASP A 659 13.42 14.42 23.59
CA ASP A 659 13.51 12.98 23.82
C ASP A 659 12.99 12.15 22.64
N VAL A 660 12.55 12.77 21.54
CA VAL A 660 12.15 12.04 20.34
C VAL A 660 12.90 12.55 19.11
N GLY A 661 13.89 13.42 19.33
CA GLY A 661 14.66 13.95 18.22
C GLY A 661 14.03 15.10 17.48
N LEU A 662 13.04 15.76 18.07
CA LEU A 662 12.31 16.86 17.44
C LEU A 662 12.74 18.20 18.04
N LYS A 663 13.22 19.11 17.19
CA LYS A 663 13.38 20.50 17.60
C LYS A 663 12.00 21.14 17.73
N ILE A 664 11.94 22.24 18.48
CA ILE A 664 10.66 22.92 18.71
C ILE A 664 10.90 24.42 18.87
N LEU A 665 10.15 25.20 18.08
CA LEU A 665 10.02 26.65 18.25
C LEU A 665 8.57 26.96 18.61
N SER A 666 8.36 27.75 19.68
CA SER A 666 7.03 28.13 20.12
C SER A 666 7.14 29.33 21.06
N ASN A 667 6.04 30.07 21.20
CA ASN A 667 5.95 31.13 22.20
C ASN A 667 5.03 30.79 23.37
N ALA A 668 4.30 29.68 23.32
CA ALA A 668 3.48 29.27 24.44
C ALA A 668 4.36 28.79 25.59
N LYS A 669 3.75 28.66 26.75
CA LYS A 669 4.49 28.31 27.96
C LYS A 669 4.80 26.82 27.94
N ILE A 670 5.93 26.49 27.29
CA ILE A 670 6.28 25.12 26.97
C ILE A 670 7.41 24.57 27.85
N LYS A 671 8.31 25.40 28.36
CA LYS A 671 9.51 24.96 29.06
C LYS A 671 9.49 25.43 30.50
N LYS A 672 10.11 24.65 31.38
CA LYS A 672 10.35 25.12 32.74
C LYS A 672 11.39 26.24 32.68
N PRO A 673 11.15 27.37 33.34
CA PRO A 673 12.19 28.41 33.45
C PRO A 673 13.43 27.90 34.15
N VAL A 674 14.59 28.32 33.64
CA VAL A 674 15.86 27.73 34.04
C VAL A 674 16.24 28.20 35.44
N ASP A 675 16.40 27.25 36.36
CA ASP A 675 17.03 27.49 37.66
C ASP A 675 18.49 27.06 37.55
N CYS A 676 19.41 27.91 38.05
CA CYS A 676 20.79 27.81 37.64
C CYS A 676 21.81 27.51 38.73
N SER A 677 21.48 27.67 40.00
CA SER A 677 22.48 27.48 41.06
C SER A 677 22.81 26.00 41.22
N HIS A 678 23.98 25.61 40.69
CA HIS A 678 24.44 24.21 40.71
C HIS A 678 24.78 23.75 42.13
N SER A 709 30.75 -21.15 20.58
CA SER A 709 30.04 -22.27 19.96
C SER A 709 29.66 -23.34 21.00
N GLN A 710 29.27 -24.53 20.53
CA GLN A 710 28.95 -25.66 21.39
C GLN A 710 29.55 -26.93 20.79
N VAL A 711 29.23 -28.07 21.39
CA VAL A 711 29.74 -29.35 20.93
C VAL A 711 28.55 -30.24 20.55
N ARG A 712 27.62 -29.70 19.76
CA ARG A 712 26.36 -30.38 19.49
C ARG A 712 26.41 -31.30 18.26
N GLN A 713 26.78 -30.79 17.07
CA GLN A 713 26.62 -31.62 15.88
C GLN A 713 27.52 -31.13 14.75
N TYR A 714 27.41 -31.83 13.60
CA TYR A 714 28.22 -31.68 12.41
C TYR A 714 27.76 -30.48 11.57
N PHE A 715 28.52 -30.22 10.51
CA PHE A 715 28.29 -29.12 9.57
C PHE A 715 28.20 -29.64 8.15
N PRO A 716 27.18 -30.41 7.84
CA PRO A 716 27.15 -31.06 6.53
C PRO A 716 26.72 -30.11 5.45
N GLU A 717 26.09 -30.68 4.43
CA GLU A 717 25.80 -29.96 3.21
C GLU A 717 24.81 -28.81 3.45
N THR A 718 25.22 -27.62 3.03
CA THR A 718 24.24 -26.64 2.65
C THR A 718 23.31 -27.25 1.64
N TRP A 719 22.02 -27.28 1.96
CA TRP A 719 21.09 -27.98 1.08
C TRP A 719 20.83 -27.16 -0.18
N LEU A 720 20.14 -26.03 -0.06
CA LEU A 720 19.72 -25.23 -1.20
C LEU A 720 20.31 -23.83 -1.11
N TRP A 721 20.79 -23.34 -2.26
CA TRP A 721 21.39 -22.01 -2.35
C TRP A 721 21.20 -21.55 -3.79
N ASP A 722 20.06 -20.94 -4.05
CA ASP A 722 19.74 -20.47 -5.39
C ASP A 722 19.16 -19.07 -5.28
N LEU A 723 19.04 -18.42 -6.42
CA LEU A 723 18.32 -17.18 -6.54
C LEU A 723 17.02 -17.45 -7.27
N PHE A 724 15.90 -16.97 -6.74
CA PHE A 724 14.60 -17.17 -7.39
C PHE A 724 13.92 -15.85 -7.66
N PRO A 725 13.53 -15.56 -8.90
CA PRO A 725 12.68 -14.40 -9.15
C PRO A 725 11.22 -14.76 -8.95
N ILE A 726 10.46 -13.80 -8.41
CA ILE A 726 9.04 -13.97 -8.17
C ILE A 726 8.27 -13.31 -9.31
N GLY A 727 7.35 -14.06 -9.91
CA GLY A 727 6.60 -13.55 -11.04
C GLY A 727 5.55 -12.53 -10.65
N ASN A 728 4.71 -12.20 -11.63
CA ASN A 728 3.59 -11.31 -11.40
C ASN A 728 2.58 -11.89 -10.42
N SER A 729 2.57 -13.22 -10.25
CA SER A 729 1.60 -13.84 -9.36
C SER A 729 1.91 -13.57 -7.89
N GLY A 730 3.18 -13.33 -7.56
CA GLY A 730 3.57 -13.15 -6.18
C GLY A 730 3.83 -14.42 -5.41
N LYS A 731 3.66 -15.59 -6.03
CA LYS A 731 4.00 -16.86 -5.42
C LYS A 731 4.78 -17.69 -6.42
N GLU A 732 5.72 -18.49 -5.90
CA GLU A 732 6.52 -19.37 -6.74
C GLU A 732 6.80 -20.68 -6.03
N ALA A 733 6.54 -21.79 -6.72
CA ALA A 733 6.65 -23.14 -6.15
C ALA A 733 7.50 -24.02 -7.05
N VAL A 734 8.62 -24.52 -6.51
CA VAL A 734 9.51 -25.43 -7.19
C VAL A 734 9.60 -26.71 -6.37
N HIS A 735 9.98 -27.80 -7.03
CA HIS A 735 10.09 -29.11 -6.42
C HIS A 735 11.56 -29.46 -6.25
N VAL A 736 11.94 -29.86 -5.04
CA VAL A 736 13.31 -30.23 -4.73
C VAL A 736 13.33 -31.63 -4.12
N THR A 737 14.43 -32.33 -4.35
CA THR A 737 14.61 -33.69 -3.86
C THR A 737 15.19 -33.65 -2.45
N VAL A 738 14.57 -34.41 -1.56
CA VAL A 738 14.97 -34.42 -0.14
C VAL A 738 16.29 -35.17 0.01
N PRO A 739 17.26 -34.65 0.77
CA PRO A 739 18.55 -35.33 0.90
C PRO A 739 18.46 -36.63 1.67
N ASP A 740 19.46 -37.49 1.44
CA ASP A 740 19.49 -38.82 2.05
C ASP A 740 19.76 -38.76 3.53
N ALA A 741 20.41 -37.70 4.00
CA ALA A 741 20.75 -37.60 5.41
C ALA A 741 19.50 -37.42 6.26
N ILE A 742 19.50 -38.07 7.41
CA ILE A 742 18.39 -37.98 8.37
C ILE A 742 18.76 -36.90 9.37
N THR A 743 18.24 -35.70 9.15
CA THR A 743 18.39 -34.57 10.05
C THR A 743 17.32 -33.56 9.66
N GLU A 744 17.08 -32.57 10.52
CA GLU A 744 16.09 -31.55 10.22
C GLU A 744 16.78 -30.35 9.59
N TRP A 745 16.20 -29.85 8.51
CA TRP A 745 16.75 -28.72 7.77
C TRP A 745 16.00 -27.47 8.16
N LYS A 746 16.74 -26.43 8.54
CA LYS A 746 16.19 -25.09 8.69
C LYS A 746 16.47 -24.33 7.40
N ALA A 747 15.50 -23.52 6.98
CA ALA A 747 15.61 -22.76 5.75
C ALA A 747 15.07 -21.35 5.97
N MET A 748 15.70 -20.40 5.29
CA MET A 748 15.21 -19.04 5.27
C MET A 748 15.45 -18.45 3.90
N SER A 749 14.74 -17.39 3.62
CA SER A 749 14.83 -16.71 2.35
C SER A 749 14.78 -15.21 2.59
N PHE A 750 15.58 -14.47 1.83
CA PHE A 750 15.47 -13.01 1.82
C PHE A 750 15.40 -12.53 0.38
N CYS A 751 14.50 -11.57 0.14
CA CYS A 751 14.24 -11.09 -1.21
C CYS A 751 14.39 -9.58 -1.27
N THR A 752 14.73 -9.09 -2.46
CA THR A 752 14.72 -7.67 -2.72
C THR A 752 13.79 -7.34 -3.87
N SER A 753 13.19 -6.15 -3.78
CA SER A 753 12.37 -5.57 -4.83
C SER A 753 12.61 -4.06 -4.82
N GLN A 754 12.73 -3.46 -6.01
CA GLN A 754 12.83 -2.01 -6.08
C GLN A 754 11.54 -1.31 -5.65
N SER A 755 10.41 -2.01 -5.69
CA SER A 755 9.13 -1.44 -5.29
C SER A 755 8.92 -1.50 -3.78
N ARG A 756 9.21 -2.64 -3.16
CA ARG A 756 8.88 -2.82 -1.76
C ARG A 756 10.08 -2.82 -0.85
N GLY A 757 11.29 -2.80 -1.38
CA GLY A 757 12.46 -2.84 -0.54
C GLY A 757 12.78 -4.26 -0.11
N PHE A 758 13.70 -4.33 0.85
CA PHE A 758 14.18 -5.60 1.37
C PHE A 758 13.08 -6.34 2.13
N GLY A 759 13.12 -7.67 2.09
CA GLY A 759 12.26 -8.49 2.91
C GLY A 759 13.01 -9.70 3.44
N LEU A 760 12.42 -10.32 4.46
CA LEU A 760 13.02 -11.48 5.10
C LEU A 760 11.92 -12.40 5.58
N SER A 761 12.16 -13.70 5.49
CA SER A 761 11.19 -14.73 5.80
C SER A 761 11.37 -15.23 7.23
N PRO A 762 10.42 -15.99 7.75
CA PRO A 762 10.67 -16.74 8.98
C PRO A 762 11.51 -17.97 8.69
N THR A 763 12.26 -18.39 9.71
CA THR A 763 13.10 -19.57 9.59
C THR A 763 12.20 -20.80 9.70
N VAL A 764 11.86 -21.39 8.55
CA VAL A 764 10.94 -22.53 8.48
C VAL A 764 11.75 -23.81 8.36
N GLY A 765 11.16 -24.92 8.80
CA GLY A 765 11.89 -26.17 8.86
C GLY A 765 11.40 -27.19 7.87
N LEU A 766 12.25 -28.15 7.50
CA LEU A 766 11.82 -29.38 6.85
C LEU A 766 12.45 -30.55 7.58
N THR A 767 11.63 -31.49 8.02
CA THR A 767 12.11 -32.63 8.80
C THR A 767 12.22 -33.82 7.86
N ALA A 768 13.45 -34.14 7.49
CA ALA A 768 13.74 -35.34 6.70
C ALA A 768 13.75 -36.52 7.66
N PHE A 769 12.70 -37.30 7.65
CA PHE A 769 12.62 -38.44 8.55
C PHE A 769 12.35 -39.72 7.79
N LYS A 770 13.08 -40.77 8.16
CA LYS A 770 12.90 -42.12 7.70
C LYS A 770 12.64 -43.03 8.90
N PRO A 771 11.69 -43.96 8.80
CA PRO A 771 11.38 -44.83 9.95
C PRO A 771 12.56 -45.60 10.50
N PHE A 772 13.38 -46.18 9.62
CA PHE A 772 14.51 -46.97 10.09
C PHE A 772 15.75 -46.67 9.25
N PHE A 773 16.89 -46.62 9.94
CA PHE A 773 18.18 -46.29 9.36
C PHE A 773 19.04 -47.54 9.37
N VAL A 774 19.94 -47.65 8.42
CA VAL A 774 20.87 -48.76 8.38
C VAL A 774 22.28 -48.18 8.27
N ASP A 775 23.25 -48.87 8.87
CA ASP A 775 24.65 -48.44 8.88
C ASP A 775 25.53 -49.57 8.41
N LEU A 776 26.48 -49.25 7.54
CA LEU A 776 27.41 -50.23 7.00
C LEU A 776 28.81 -49.95 7.55
N THR A 777 29.35 -50.92 8.29
CA THR A 777 30.76 -50.91 8.70
C THR A 777 31.49 -51.83 7.74
N LEU A 778 32.21 -51.23 6.80
CA LEU A 778 32.92 -51.92 5.74
C LEU A 778 34.36 -51.46 5.72
N PRO A 779 35.30 -52.35 5.40
CA PRO A 779 36.68 -51.90 5.20
C PRO A 779 36.81 -51.14 3.90
N TYR A 780 37.85 -50.32 3.81
CA TYR A 780 38.04 -49.53 2.61
C TYR A 780 38.57 -50.41 1.48
N SER A 781 39.76 -50.98 1.67
CA SER A 781 40.43 -51.80 0.66
C SER A 781 40.90 -53.09 1.30
N VAL A 782 40.62 -54.20 0.62
CA VAL A 782 41.05 -55.53 1.04
C VAL A 782 41.71 -56.19 -0.15
N VAL A 783 42.48 -57.24 0.12
CA VAL A 783 43.20 -57.95 -0.94
C VAL A 783 42.43 -59.23 -1.27
N ARG A 784 42.66 -59.75 -2.47
CA ARG A 784 42.00 -60.97 -2.90
C ARG A 784 42.49 -62.15 -2.08
N GLY A 785 41.55 -62.99 -1.62
CA GLY A 785 41.86 -64.14 -0.78
C GLY A 785 41.63 -63.91 0.70
N GLU A 786 41.33 -62.68 1.10
CA GLU A 786 41.13 -62.33 2.50
C GLU A 786 39.64 -62.36 2.82
N SER A 787 39.35 -62.66 4.08
CA SER A 787 37.99 -62.58 4.57
C SER A 787 37.89 -61.38 5.50
N PHE A 788 36.86 -60.56 5.30
CA PHE A 788 36.60 -59.41 6.16
C PHE A 788 35.17 -59.49 6.69
N ARG A 789 34.91 -58.72 7.73
CA ARG A 789 33.65 -58.77 8.48
C ARG A 789 32.80 -57.56 8.14
N LEU A 790 31.83 -57.75 7.23
CA LEU A 790 30.81 -56.76 6.96
C LEU A 790 29.85 -56.68 8.15
N THR A 791 29.84 -55.53 8.83
CA THR A 791 29.00 -55.30 10.01
C THR A 791 27.88 -54.34 9.62
N ALA A 792 26.65 -54.83 9.60
CA ALA A 792 25.48 -54.05 9.28
C ALA A 792 24.56 -53.99 10.48
N THR A 793 24.21 -52.78 10.90
CA THR A 793 23.35 -52.57 12.06
C THR A 793 22.07 -51.87 11.61
N ILE A 794 20.93 -52.29 12.18
CA ILE A 794 19.61 -51.79 11.83
C ILE A 794 19.00 -51.09 13.05
N PHE A 795 18.56 -49.86 12.85
CA PHE A 795 18.10 -48.96 13.91
C PHE A 795 16.64 -48.60 13.70
N ASN A 796 15.85 -48.62 14.78
CA ASN A 796 14.42 -48.33 14.72
C ASN A 796 14.14 -47.06 15.51
N TYR A 797 13.54 -46.07 14.85
CA TYR A 797 13.27 -44.78 15.47
C TYR A 797 11.80 -44.61 15.83
N LEU A 798 10.97 -45.60 15.52
CA LEU A 798 9.54 -45.51 15.73
C LEU A 798 9.18 -45.78 17.19
N LYS A 799 7.89 -45.59 17.50
CA LYS A 799 7.35 -45.90 18.82
C LYS A 799 7.02 -47.38 18.97
N ASP A 800 6.75 -48.06 17.87
CA ASP A 800 6.22 -49.41 17.86
C ASP A 800 7.29 -50.40 17.44
N CYS A 801 7.07 -51.66 17.76
CA CYS A 801 7.95 -52.72 17.32
C CYS A 801 7.64 -53.13 15.87
N ILE A 802 8.70 -53.29 15.06
CA ILE A 802 8.59 -53.66 13.65
C ILE A 802 9.39 -54.94 13.38
N ARG A 803 8.83 -55.81 12.55
CA ARG A 803 9.51 -57.03 12.09
C ARG A 803 10.38 -56.68 10.89
N VAL A 804 11.68 -56.92 11.02
CA VAL A 804 12.62 -56.51 9.99
C VAL A 804 13.39 -57.73 9.51
N GLN A 805 13.63 -57.78 8.20
CA GLN A 805 14.33 -58.86 7.53
C GLN A 805 15.41 -58.25 6.65
N THR A 806 16.67 -58.51 6.99
CA THR A 806 17.81 -57.91 6.32
C THR A 806 18.41 -58.92 5.35
N ASP A 807 18.42 -58.57 4.08
CA ASP A 807 18.89 -59.44 3.01
C ASP A 807 20.22 -58.91 2.50
N LEU A 808 21.19 -59.79 2.38
CA LEU A 808 22.43 -59.51 1.67
C LEU A 808 22.28 -60.03 0.26
N ALA A 809 22.34 -59.13 -0.72
CA ALA A 809 22.11 -59.50 -2.11
C ALA A 809 23.17 -60.46 -2.60
N LYS A 810 22.74 -61.60 -3.12
CA LYS A 810 23.67 -62.61 -3.59
C LYS A 810 24.32 -62.18 -4.89
N SER A 811 25.65 -62.22 -4.93
CA SER A 811 26.41 -61.89 -6.12
C SER A 811 27.50 -62.94 -6.34
N HIS A 812 27.93 -63.06 -7.59
CA HIS A 812 29.00 -63.99 -7.94
C HIS A 812 30.38 -63.41 -7.66
N GLU A 813 30.47 -62.16 -7.20
CA GLU A 813 31.75 -61.49 -7.04
C GLU A 813 32.36 -61.66 -5.66
N TYR A 814 31.65 -62.28 -4.71
CA TYR A 814 32.23 -62.62 -3.42
C TYR A 814 31.61 -63.92 -2.93
N GLN A 815 32.21 -64.50 -1.89
CA GLN A 815 31.75 -65.75 -1.32
C GLN A 815 31.30 -65.53 0.10
N LEU A 816 30.16 -66.14 0.44
CA LEU A 816 29.54 -66.02 1.76
C LEU A 816 29.83 -67.28 2.56
N GLU A 817 30.44 -67.11 3.74
CA GLU A 817 30.62 -68.24 4.66
C GLU A 817 29.39 -68.48 5.53
N SER A 818 28.46 -67.53 5.57
CA SER A 818 27.21 -67.73 6.31
C SER A 818 26.27 -68.67 5.58
N TRP A 819 26.21 -68.57 4.25
CA TRP A 819 25.43 -69.44 3.33
C TRP A 819 23.95 -69.31 3.67
N ALA A 820 23.21 -70.40 3.88
CA ALA A 820 21.77 -70.37 4.12
C ALA A 820 21.39 -69.96 5.54
N ASP A 821 22.37 -69.74 6.43
CA ASP A 821 22.09 -69.27 7.78
C ASP A 821 21.64 -67.80 7.81
N SER A 822 21.86 -67.05 6.73
CA SER A 822 21.61 -65.61 6.72
C SER A 822 20.12 -65.25 6.78
N GLN A 823 19.23 -66.14 6.33
CA GLN A 823 17.81 -65.84 6.30
C GLN A 823 17.16 -66.05 7.68
N THR A 824 16.52 -65.00 8.18
CA THR A 824 15.72 -64.97 9.40
C THR A 824 14.84 -63.74 9.31
N SER A 825 14.21 -63.39 10.43
CA SER A 825 13.48 -62.13 10.53
C SER A 825 13.37 -61.81 12.01
N SER A 826 14.36 -61.08 12.52
CA SER A 826 14.37 -60.75 13.94
C SER A 826 13.51 -59.52 14.21
N CYS A 827 12.92 -59.49 15.39
CA CYS A 827 11.98 -58.44 15.78
C CYS A 827 12.71 -57.35 16.57
N LEU A 828 12.47 -56.09 16.21
CA LEU A 828 13.19 -54.96 16.78
C LEU A 828 12.21 -53.92 17.31
N CYS A 829 12.36 -53.56 18.57
CA CYS A 829 11.39 -52.69 19.23
C CYS A 829 11.92 -51.25 19.27
N ALA A 830 11.33 -50.44 20.15
CA ALA A 830 11.60 -49.01 20.18
C ALA A 830 12.93 -48.70 20.85
N ASP A 831 13.68 -47.78 20.25
CA ASP A 831 15.03 -47.37 20.66
C ASP A 831 15.93 -48.57 20.93
N ASP A 832 15.98 -49.44 19.92
CA ASP A 832 16.57 -50.76 19.98
C ASP A 832 17.31 -51.01 18.67
N ALA A 833 18.33 -51.86 18.71
CA ALA A 833 19.14 -52.10 17.52
C ALA A 833 19.56 -53.56 17.45
N LYS A 834 19.55 -54.10 16.24
CA LYS A 834 19.97 -55.48 15.97
C LYS A 834 21.15 -55.44 15.01
N THR A 835 22.19 -56.18 15.33
CA THR A 835 23.43 -56.15 14.55
C THR A 835 23.51 -57.40 13.68
N HIS A 836 23.91 -57.20 12.42
CA HIS A 836 24.05 -58.28 11.44
C HIS A 836 25.48 -58.29 10.91
N HIS A 837 26.07 -59.50 10.82
CA HIS A 837 27.44 -59.67 10.36
C HIS A 837 27.51 -60.73 9.28
N TRP A 838 28.44 -60.55 8.35
CA TRP A 838 28.68 -61.51 7.29
C TRP A 838 30.18 -61.71 7.11
N ASN A 839 30.61 -62.96 7.13
CA ASN A 839 31.97 -63.30 6.72
C ASN A 839 32.02 -63.34 5.19
N ILE A 840 32.88 -62.52 4.59
CA ILE A 840 32.92 -62.35 3.14
C ILE A 840 34.34 -62.63 2.65
N THR A 841 34.49 -63.68 1.86
CA THR A 841 35.78 -64.02 1.27
C THR A 841 35.92 -63.25 -0.04
N ALA A 842 37.00 -62.50 -0.18
CA ALA A 842 37.19 -61.59 -1.31
C ALA A 842 37.53 -62.36 -2.57
N VAL A 843 36.73 -62.19 -3.62
CA VAL A 843 36.87 -62.98 -4.83
C VAL A 843 37.29 -62.10 -6.00
N LYS A 844 36.35 -61.30 -6.52
CA LYS A 844 36.63 -60.56 -7.73
C LYS A 844 37.48 -59.34 -7.43
N LEU A 845 38.31 -58.95 -8.40
CA LEU A 845 39.17 -57.78 -8.30
C LEU A 845 38.48 -56.56 -8.88
N GLY A 846 38.58 -55.45 -8.16
CA GLY A 846 37.97 -54.19 -8.54
C GLY A 846 36.93 -53.75 -7.53
N HIS A 847 36.17 -52.73 -7.92
CA HIS A 847 35.10 -52.22 -7.08
C HIS A 847 33.92 -53.17 -7.12
N ILE A 848 33.57 -53.72 -5.97
CA ILE A 848 32.47 -54.67 -5.85
C ILE A 848 31.39 -54.02 -5.01
N ASN A 849 30.22 -53.82 -5.61
CA ASN A 849 29.11 -53.24 -4.88
C ASN A 849 28.54 -54.27 -3.90
N PHE A 850 28.30 -53.83 -2.66
CA PHE A 850 27.65 -54.65 -1.63
C PHE A 850 26.26 -54.07 -1.41
N THR A 851 25.25 -54.77 -1.90
CA THR A 851 23.86 -54.33 -1.81
C THR A 851 23.18 -55.03 -0.63
N ILE A 852 22.66 -54.23 0.30
CA ILE A 852 21.91 -54.73 1.44
C ILE A 852 20.54 -54.08 1.42
N SER A 853 19.51 -54.91 1.31
CA SER A 853 18.13 -54.46 1.35
C SER A 853 17.52 -54.95 2.65
N THR A 854 17.29 -54.02 3.57
CA THR A 854 16.55 -54.28 4.79
C THR A 854 15.16 -53.67 4.62
N LYS A 855 14.12 -54.42 5.01
CA LYS A 855 12.75 -54.02 4.72
C LYS A 855 11.81 -54.48 5.83
N ILE A 856 10.68 -53.77 5.99
CA ILE A 856 9.68 -54.11 6.99
C ILE A 856 8.64 -55.05 6.38
N LEU A 857 8.40 -56.17 7.04
CA LEU A 857 7.46 -57.18 6.60
C LEU A 857 6.08 -56.94 7.23
N ASP A 858 5.04 -57.41 6.53
CA ASP A 858 3.69 -57.46 7.11
C ASP A 858 3.54 -58.78 7.83
N SER A 859 4.14 -58.84 9.01
CA SER A 859 4.22 -60.07 9.77
C SER A 859 3.12 -60.13 10.81
N ASN A 860 2.70 -61.35 11.09
CA ASN A 860 1.64 -61.64 12.02
C ASN A 860 2.14 -62.36 13.26
N GLU A 861 3.43 -62.71 13.29
CA GLU A 861 4.04 -63.30 14.45
C GLU A 861 4.11 -62.29 15.60
N PRO A 862 4.16 -62.78 16.88
CA PRO A 862 4.25 -61.85 18.02
C PRO A 862 5.51 -61.02 18.01
N CYS A 863 5.42 -59.83 17.42
CA CYS A 863 6.51 -58.86 17.40
C CYS A 863 6.18 -57.75 18.40
N GLY A 864 6.66 -57.91 19.63
CA GLY A 864 6.41 -57.00 20.72
C GLY A 864 5.28 -57.39 21.65
N GLY A 865 4.43 -58.32 21.26
CA GLY A 865 3.31 -58.71 22.09
C GLY A 865 2.08 -58.69 21.23
N GLN A 866 1.94 -57.60 20.48
CA GLN A 866 0.92 -57.42 19.47
C GLN A 866 1.54 -57.61 18.08
N LYS A 867 0.79 -57.24 17.05
CA LYS A 867 1.20 -57.41 15.67
C LYS A 867 2.38 -56.48 15.35
N GLY A 868 3.27 -56.96 14.49
CA GLY A 868 4.38 -56.14 14.07
C GLY A 868 3.90 -54.96 13.24
N PHE A 869 4.36 -53.76 13.59
CA PHE A 869 3.87 -52.54 12.97
C PHE A 869 4.40 -52.40 11.55
N VAL A 870 3.51 -51.95 10.65
CA VAL A 870 3.86 -51.69 9.26
C VAL A 870 3.42 -50.27 8.91
N PRO A 871 4.33 -49.31 8.83
CA PRO A 871 3.95 -47.97 8.36
C PRO A 871 3.76 -47.95 6.85
N GLN A 872 3.06 -46.92 6.37
CA GLN A 872 2.69 -46.84 4.97
C GLN A 872 3.77 -46.21 4.09
N LYS A 873 4.74 -45.52 4.67
CA LYS A 873 5.84 -44.98 3.90
C LYS A 873 7.16 -45.41 4.53
N GLY A 874 8.17 -45.61 3.69
CA GLY A 874 9.47 -46.03 4.15
C GLY A 874 9.56 -47.51 4.50
N ARG A 875 9.14 -48.37 3.58
CA ARG A 875 9.09 -49.80 3.84
C ARG A 875 10.40 -50.51 3.53
N SER A 876 11.20 -49.99 2.60
CA SER A 876 12.38 -50.72 2.12
C SER A 876 13.53 -49.73 1.93
N ASP A 877 14.56 -49.86 2.77
CA ASP A 877 15.80 -49.09 2.65
C ASP A 877 16.82 -49.98 1.98
N THR A 878 17.54 -49.41 1.02
CA THR A 878 18.52 -50.16 0.27
C THR A 878 19.80 -49.34 0.24
N LEU A 879 20.88 -49.92 0.74
CA LEU A 879 22.16 -49.23 0.83
C LEU A 879 23.17 -49.99 0.00
N ILE A 880 23.96 -49.26 -0.78
CA ILE A 880 24.97 -49.82 -1.67
C ILE A 880 26.29 -49.13 -1.37
N LYS A 881 27.25 -49.86 -0.80
CA LYS A 881 28.57 -49.33 -0.52
C LYS A 881 29.61 -50.23 -1.17
N PRO A 882 30.43 -49.70 -2.08
CA PRO A 882 31.46 -50.53 -2.71
C PRO A 882 32.73 -50.61 -1.86
N VAL A 883 33.46 -51.70 -2.06
CA VAL A 883 34.75 -51.93 -1.43
C VAL A 883 35.73 -52.37 -2.51
N LEU A 884 36.90 -51.74 -2.55
CA LEU A 884 37.91 -52.09 -3.52
C LEU A 884 38.66 -53.34 -3.10
N VAL A 885 38.72 -54.32 -3.99
CA VAL A 885 39.55 -55.51 -3.82
C VAL A 885 40.78 -55.29 -4.70
N LYS A 886 41.81 -54.74 -4.12
CA LYS A 886 43.05 -54.52 -4.84
C LYS A 886 43.80 -55.84 -4.99
N PRO A 887 44.51 -56.04 -6.10
CA PRO A 887 45.32 -57.24 -6.25
C PRO A 887 46.58 -57.16 -5.41
N GLU A 888 47.27 -58.29 -5.33
CA GLU A 888 48.48 -58.44 -4.54
C GLU A 888 49.66 -57.76 -5.24
N GLY A 889 50.66 -57.38 -4.45
CA GLY A 889 51.89 -56.85 -5.03
C GLY A 889 51.89 -55.36 -5.31
N VAL A 890 52.65 -54.95 -6.33
CA VAL A 890 52.75 -53.57 -6.77
C VAL A 890 52.45 -53.49 -8.27
N LEU A 891 51.65 -52.50 -8.66
CA LEU A 891 51.38 -52.23 -10.06
C LEU A 891 52.61 -51.60 -10.71
N VAL A 892 52.97 -52.08 -11.90
CA VAL A 892 54.08 -51.56 -12.68
C VAL A 892 53.54 -50.98 -13.97
N GLU A 893 54.12 -49.87 -14.40
CA GLU A 893 53.70 -49.18 -15.61
C GLU A 893 54.91 -49.04 -16.53
N LYS A 894 54.67 -49.20 -17.84
CA LYS A 894 55.72 -49.04 -18.85
C LYS A 894 55.16 -48.31 -20.05
N THR A 895 55.91 -47.32 -20.54
CA THR A 895 55.40 -46.32 -21.48
C THR A 895 56.34 -46.12 -22.64
N HIS A 896 55.87 -46.44 -23.84
CA HIS A 896 56.60 -46.16 -25.07
C HIS A 896 55.84 -45.11 -25.88
N SER A 897 56.26 -43.86 -25.73
CA SER A 897 55.61 -42.74 -26.39
C SER A 897 56.36 -42.42 -27.68
N SER A 898 55.59 -42.12 -28.73
CA SER A 898 56.13 -42.01 -30.08
C SER A 898 55.69 -40.70 -30.73
N LEU A 899 56.62 -40.05 -31.45
CA LEU A 899 56.33 -38.85 -32.25
C LEU A 899 56.44 -39.23 -33.72
N LEU A 900 55.31 -39.26 -34.42
CA LEU A 900 55.25 -39.56 -35.84
C LEU A 900 54.75 -38.32 -36.57
N CYS A 901 55.59 -37.74 -37.43
CA CYS A 901 55.21 -36.62 -38.27
C CYS A 901 55.12 -37.12 -39.70
N PRO A 902 53.94 -37.52 -40.17
CA PRO A 902 53.82 -37.89 -41.59
C PRO A 902 53.93 -36.68 -42.51
N LYS A 903 55.10 -36.52 -43.14
CA LYS A 903 55.34 -35.42 -44.07
C LYS A 903 54.87 -35.78 -45.47
N GLY A 904 53.57 -36.11 -45.57
CA GLY A 904 52.99 -36.65 -46.79
C GLY A 904 53.17 -38.15 -46.96
N LYS A 905 54.25 -38.68 -46.39
CA LYS A 905 54.56 -40.09 -46.49
C LYS A 905 54.03 -40.85 -45.28
N VAL A 906 54.09 -42.18 -45.37
CA VAL A 906 53.68 -43.06 -44.29
C VAL A 906 54.83 -43.18 -43.29
N ALA A 907 54.64 -42.64 -42.09
CA ALA A 907 55.61 -42.78 -41.01
C ALA A 907 55.27 -43.99 -40.15
N SER A 908 56.28 -44.81 -39.82
CA SER A 908 56.03 -46.07 -39.14
C SER A 908 56.99 -46.30 -37.98
N GLU A 909 56.45 -46.86 -36.90
CA GLU A 909 57.17 -47.24 -35.69
C GLU A 909 56.56 -48.55 -35.21
N SER A 910 57.28 -49.27 -34.35
CA SER A 910 56.82 -50.59 -33.91
C SER A 910 57.08 -50.76 -32.41
N VAL A 911 56.08 -51.25 -31.68
CA VAL A 911 56.18 -51.48 -30.24
C VAL A 911 55.90 -52.96 -29.97
N SER A 912 56.71 -53.55 -29.08
CA SER A 912 56.60 -54.96 -28.73
C SER A 912 56.28 -55.08 -27.25
N LEU A 913 55.09 -55.60 -26.94
CA LEU A 913 54.61 -55.70 -25.56
C LEU A 913 55.12 -56.98 -24.92
N GLU A 914 56.35 -56.91 -24.41
CA GLU A 914 56.95 -58.08 -23.76
C GLU A 914 56.53 -58.12 -22.29
N LEU A 915 56.12 -59.32 -21.82
CA LEU A 915 55.58 -59.62 -20.50
C LEU A 915 56.59 -60.41 -19.67
N PRO A 916 56.75 -60.08 -18.39
CA PRO A 916 57.60 -60.92 -17.55
C PRO A 916 56.94 -62.24 -17.17
N VAL A 917 57.60 -63.00 -16.32
CA VAL A 917 57.18 -64.37 -16.07
C VAL A 917 56.28 -64.47 -14.85
N ASP A 918 56.63 -63.79 -13.76
CA ASP A 918 55.94 -63.98 -12.49
C ASP A 918 54.83 -62.94 -12.33
N ILE A 919 53.90 -62.97 -13.28
CA ILE A 919 52.85 -61.96 -13.39
C ILE A 919 51.69 -62.35 -12.48
N VAL A 920 51.29 -61.41 -11.62
CA VAL A 920 50.09 -61.52 -10.78
C VAL A 920 48.85 -61.53 -11.68
N PRO A 921 47.90 -62.45 -11.46
CA PRO A 921 46.81 -62.62 -12.43
C PRO A 921 45.87 -61.44 -12.53
N ASP A 922 45.34 -61.28 -13.75
CA ASP A 922 44.27 -60.34 -14.16
C ASP A 922 44.70 -58.88 -14.14
N SER A 923 45.92 -58.59 -13.67
CA SER A 923 46.42 -57.23 -13.60
C SER A 923 46.80 -56.65 -14.95
N THR A 924 46.78 -57.46 -16.00
CA THR A 924 47.22 -57.03 -17.30
C THR A 924 46.15 -56.19 -18.00
N LYS A 925 46.50 -54.94 -18.30
CA LYS A 925 45.76 -54.08 -19.20
C LYS A 925 46.79 -53.28 -20.00
N ALA A 926 46.42 -52.86 -21.20
CA ALA A 926 47.26 -51.97 -21.97
C ALA A 926 46.38 -51.17 -22.92
N TYR A 927 46.81 -49.93 -23.18
CA TYR A 927 46.04 -49.05 -24.05
C TYR A 927 47.00 -48.24 -24.92
N VAL A 928 46.42 -47.39 -25.76
CA VAL A 928 47.19 -46.53 -26.63
C VAL A 928 46.47 -45.17 -26.75
N THR A 929 47.23 -44.09 -26.56
CA THR A 929 46.73 -42.73 -26.51
C THR A 929 47.16 -42.00 -27.78
N VAL A 930 46.20 -41.37 -28.46
CA VAL A 930 46.46 -40.66 -29.72
C VAL A 930 45.98 -39.22 -29.58
N LEU A 931 46.86 -38.28 -29.94
CA LEU A 931 46.55 -36.86 -29.89
C LEU A 931 47.20 -36.15 -31.07
N GLY A 932 46.57 -35.07 -31.52
CA GLY A 932 47.13 -34.22 -32.54
C GLY A 932 48.11 -33.18 -32.04
N ASP A 933 48.42 -33.19 -30.74
CA ASP A 933 49.30 -32.21 -30.12
C ASP A 933 50.22 -32.94 -29.15
N ILE A 934 51.51 -32.55 -29.15
CA ILE A 934 52.46 -33.18 -28.25
C ILE A 934 52.15 -32.85 -26.80
N MET A 935 51.61 -31.66 -26.55
CA MET A 935 51.22 -31.28 -25.20
C MET A 935 49.95 -31.97 -24.73
N GLY A 936 49.22 -32.63 -25.63
CA GLY A 936 47.84 -33.03 -25.34
C GLY A 936 47.67 -34.06 -24.25
N THR A 937 48.70 -34.90 -24.02
CA THR A 937 48.63 -35.89 -22.95
C THR A 937 48.69 -35.21 -21.59
N ALA A 938 49.46 -34.13 -21.46
CA ALA A 938 49.47 -33.35 -20.24
C ALA A 938 48.19 -32.53 -20.09
N LEU A 939 47.55 -32.19 -21.22
CA LEU A 939 46.35 -31.36 -21.17
C LEU A 939 45.21 -32.08 -20.46
N GLN A 940 45.08 -33.40 -20.71
CA GLN A 940 43.99 -34.17 -20.10
C GLN A 940 44.29 -34.50 -18.64
N ASN A 941 45.56 -34.55 -18.25
CA ASN A 941 45.88 -34.89 -16.86
C ASN A 941 46.71 -33.78 -16.19
N LEU A 942 46.26 -32.51 -16.27
CA LEU A 942 46.98 -31.42 -15.62
C LEU A 942 46.94 -31.55 -14.10
N ASP A 943 45.87 -32.12 -13.58
CA ASP A 943 45.75 -32.43 -12.17
C ASP A 943 46.49 -33.70 -11.78
N GLY A 944 46.88 -34.53 -12.75
CA GLY A 944 47.54 -35.78 -12.43
C GLY A 944 48.80 -36.01 -13.23
N LEU A 945 49.65 -34.99 -13.32
CA LEU A 945 50.87 -35.09 -14.14
C LEU A 945 51.82 -36.15 -13.63
N VAL A 946 52.08 -36.14 -12.33
CA VAL A 946 52.98 -37.09 -11.68
C VAL A 946 52.18 -37.85 -10.62
N GLN A 947 52.31 -39.17 -10.61
CA GLN A 947 51.57 -39.96 -9.63
C GLN A 947 52.37 -40.12 -8.34
N MET A 948 52.63 -39.00 -7.68
CA MET A 948 53.43 -38.95 -6.46
C MET A 948 52.79 -37.99 -5.46
N PRO A 949 53.13 -38.12 -4.17
CA PRO A 949 52.68 -37.13 -3.18
C PRO A 949 53.26 -35.75 -3.49
N SER A 950 52.39 -34.76 -3.45
CA SER A 950 52.74 -33.40 -3.85
C SER A 950 52.66 -32.46 -2.67
N GLY A 951 53.17 -32.89 -1.52
CA GLY A 951 52.92 -32.17 -0.29
C GLY A 951 53.97 -31.21 0.25
N CYS A 952 54.97 -30.82 -0.55
CA CYS A 952 55.96 -29.91 -0.01
C CYS A 952 55.72 -28.53 -0.65
N GLY A 953 56.71 -27.66 -0.55
CA GLY A 953 56.60 -26.35 -1.15
C GLY A 953 56.81 -26.48 -2.65
N GLU A 954 57.73 -27.33 -3.03
CA GLU A 954 58.04 -27.46 -4.45
C GLU A 954 57.14 -28.45 -5.14
N GLN A 955 56.88 -29.61 -4.52
CA GLN A 955 56.14 -30.67 -5.18
C GLN A 955 54.70 -30.29 -5.47
N ASN A 956 54.18 -29.32 -4.73
CA ASN A 956 52.89 -28.76 -5.10
C ASN A 956 52.95 -28.04 -6.43
N MET A 957 54.08 -27.41 -6.74
CA MET A 957 54.22 -26.64 -7.96
C MET A 957 54.23 -27.49 -9.23
N VAL A 958 54.25 -28.82 -9.12
CA VAL A 958 54.08 -29.64 -10.30
C VAL A 958 52.66 -29.58 -10.86
N LEU A 959 51.71 -29.04 -10.11
CA LEU A 959 50.33 -28.86 -10.56
C LEU A 959 49.97 -27.40 -10.77
N PHE A 960 50.95 -26.48 -10.69
CA PHE A 960 50.76 -25.07 -10.94
C PHE A 960 51.52 -24.59 -12.17
N ALA A 961 52.83 -24.84 -12.20
CA ALA A 961 53.69 -24.43 -13.33
C ALA A 961 53.28 -24.97 -14.68
N PRO A 962 52.99 -26.27 -14.89
CA PRO A 962 52.76 -26.74 -16.25
C PRO A 962 51.48 -26.21 -16.85
N ILE A 963 50.52 -25.88 -16.00
CA ILE A 963 49.29 -25.29 -16.51
C ILE A 963 49.54 -23.92 -17.15
N ILE A 964 50.51 -23.16 -16.64
CA ILE A 964 50.74 -21.80 -17.14
C ILE A 964 51.38 -21.82 -18.53
N TYR A 965 52.30 -22.75 -18.77
CA TYR A 965 52.90 -22.81 -20.09
C TYR A 965 51.94 -23.38 -21.12
N VAL A 966 51.03 -24.27 -20.70
CA VAL A 966 50.05 -24.83 -21.62
C VAL A 966 49.13 -23.73 -22.14
N LEU A 967 48.68 -22.86 -21.23
CA LEU A 967 47.77 -21.78 -21.62
C LEU A 967 48.48 -20.75 -22.48
N GLN A 968 49.75 -20.43 -22.17
CA GLN A 968 50.49 -19.52 -23.01
C GLN A 968 50.69 -20.08 -24.40
N TYR A 969 50.82 -21.41 -24.51
CA TYR A 969 50.87 -22.03 -25.82
C TYR A 969 49.50 -21.98 -26.51
N LEU A 970 48.44 -22.39 -25.79
CA LEU A 970 47.11 -22.43 -26.38
C LEU A 970 46.58 -21.04 -26.74
N GLU A 971 46.98 -20.01 -26.00
CA GLU A 971 46.57 -18.65 -26.33
C GLU A 971 47.32 -18.14 -27.55
N LYS A 972 48.63 -18.37 -27.61
CA LYS A 972 49.41 -17.91 -28.75
C LYS A 972 49.13 -18.75 -30.00
N ALA A 973 48.74 -20.00 -29.83
CA ALA A 973 48.24 -20.79 -30.95
C ALA A 973 46.76 -20.60 -31.21
N GLY A 974 46.07 -19.85 -30.35
CA GLY A 974 44.66 -19.56 -30.50
C GLY A 974 43.70 -20.69 -30.21
N LEU A 975 44.18 -21.85 -29.77
CA LEU A 975 43.31 -22.99 -29.49
C LEU A 975 42.66 -22.94 -28.11
N LEU A 976 42.78 -21.82 -27.40
CA LEU A 976 42.26 -21.69 -26.03
C LEU A 976 40.76 -21.40 -26.06
N THR A 977 39.97 -22.44 -25.76
CA THR A 977 38.52 -22.31 -25.70
C THR A 977 38.12 -21.78 -24.33
N GLU A 978 36.87 -21.35 -24.23
CA GLU A 978 36.38 -20.89 -22.93
C GLU A 978 36.09 -22.07 -22.01
N GLU A 979 35.71 -23.22 -22.58
CA GLU A 979 35.55 -24.44 -21.82
C GLU A 979 36.88 -24.91 -21.23
N ILE A 980 37.96 -24.76 -21.99
CA ILE A 980 39.30 -25.14 -21.54
C ILE A 980 39.84 -24.11 -20.56
N ARG A 981 39.66 -22.82 -20.88
CA ARG A 981 40.12 -21.73 -20.01
C ARG A 981 39.43 -21.77 -18.65
N SER A 982 38.15 -22.14 -18.61
CA SER A 982 37.46 -22.22 -17.34
C SER A 982 37.91 -23.42 -16.52
N ARG A 983 38.24 -24.53 -17.18
CA ARG A 983 38.78 -25.68 -16.46
C ARG A 983 40.17 -25.37 -15.92
N ALA A 984 41.01 -24.75 -16.74
CA ALA A 984 42.39 -24.52 -16.35
C ALA A 984 42.51 -23.46 -15.27
N VAL A 985 41.72 -22.38 -15.38
CA VAL A 985 41.82 -21.27 -14.43
C VAL A 985 41.47 -21.75 -13.03
N GLY A 986 40.44 -22.59 -12.92
CA GLY A 986 40.08 -23.17 -11.63
C GLY A 986 41.16 -24.07 -11.06
N PHE A 987 41.98 -24.68 -11.92
CA PHE A 987 43.06 -25.51 -11.42
C PHE A 987 44.16 -24.66 -10.80
N LEU A 988 44.48 -23.52 -11.42
CA LEU A 988 45.51 -22.64 -10.87
C LEU A 988 45.09 -22.04 -9.53
N GLU A 989 43.80 -21.79 -9.35
CA GLU A 989 43.34 -21.27 -8.06
C GLU A 989 43.50 -22.30 -6.96
N ILE A 990 43.35 -23.58 -7.30
CA ILE A 990 43.54 -24.62 -6.30
C ILE A 990 45.04 -24.77 -6.00
N GLY A 991 45.90 -24.50 -6.98
CA GLY A 991 47.33 -24.55 -6.75
C GLY A 991 47.82 -23.38 -5.92
N TYR A 992 47.36 -22.17 -6.25
CA TYR A 992 47.77 -20.95 -5.56
C TYR A 992 47.51 -21.07 -4.06
N GLN A 993 46.37 -21.61 -3.68
CA GLN A 993 46.04 -21.72 -2.27
C GLN A 993 46.96 -22.70 -1.54
N LYS A 994 47.28 -23.85 -2.15
CA LYS A 994 48.13 -24.81 -1.48
C LYS A 994 49.52 -24.25 -1.27
N GLU A 995 49.98 -23.44 -2.22
CA GLU A 995 51.34 -22.91 -2.15
C GLU A 995 51.48 -21.91 -1.03
N LEU A 996 50.45 -21.09 -0.81
CA LEU A 996 50.51 -20.04 0.20
C LEU A 996 50.64 -20.59 1.61
N MET A 997 50.41 -21.90 1.81
CA MET A 997 50.71 -22.58 3.07
C MET A 997 52.20 -22.72 3.30
N TYR A 998 52.98 -22.56 2.24
CA TYR A 998 54.42 -22.58 2.32
C TYR A 998 55.01 -21.18 2.27
N LYS A 999 54.15 -20.15 2.19
CA LYS A 999 54.63 -18.79 2.37
C LYS A 999 55.09 -18.57 3.80
N HIS A 1000 56.24 -17.91 3.94
CA HIS A 1000 56.69 -17.47 5.24
C HIS A 1000 56.15 -16.07 5.55
N SER A 1001 56.39 -15.63 6.79
CA SER A 1001 55.98 -14.30 7.19
C SER A 1001 56.80 -13.20 6.52
N ASN A 1002 58.09 -13.45 6.25
CA ASN A 1002 58.90 -12.45 5.56
C ASN A 1002 58.53 -12.32 4.07
N GLY A 1003 57.80 -13.30 3.51
CA GLY A 1003 57.44 -13.30 2.11
C GLY A 1003 58.09 -14.38 1.27
N SER A 1004 59.09 -15.09 1.79
CA SER A 1004 59.79 -16.14 1.08
C SER A 1004 59.04 -17.46 1.19
N TYR A 1005 59.53 -18.47 0.48
CA TYR A 1005 58.89 -19.78 0.45
C TYR A 1005 59.92 -20.86 0.78
N SER A 1006 59.49 -21.88 1.51
CA SER A 1006 60.34 -23.01 1.83
C SER A 1006 59.62 -24.28 1.43
N ALA A 1007 60.31 -25.40 1.56
CA ALA A 1007 59.71 -26.66 1.17
C ALA A 1007 58.64 -27.13 2.14
N PHE A 1008 58.60 -26.59 3.35
CA PHE A 1008 57.61 -27.03 4.32
C PHE A 1008 57.07 -25.87 5.16
N GLY A 1009 57.17 -24.64 4.66
CA GLY A 1009 56.58 -23.50 5.34
C GLY A 1009 57.31 -23.14 6.61
N GLU A 1010 56.55 -22.78 7.64
CA GLU A 1010 57.16 -22.41 8.91
C GLU A 1010 57.70 -23.60 9.70
N ARG A 1011 57.41 -24.84 9.28
CA ARG A 1011 58.07 -26.01 9.85
C ARG A 1011 59.55 -26.04 9.50
N ASP A 1012 59.97 -25.26 8.52
CA ASP A 1012 61.36 -24.93 8.30
C ASP A 1012 61.70 -23.61 8.99
N GLY A 1013 62.98 -23.44 9.29
CA GLY A 1013 63.42 -22.24 9.98
C GLY A 1013 63.42 -21.00 9.11
N ASN A 1014 63.78 -21.14 7.83
CA ASN A 1014 63.93 -20.00 6.93
C ASN A 1014 63.29 -20.29 5.60
N GLY A 1015 63.22 -19.28 4.75
CA GLY A 1015 62.88 -19.51 3.38
C GLY A 1015 63.97 -20.26 2.64
N ASN A 1016 63.66 -20.66 1.42
CA ASN A 1016 64.62 -21.23 0.48
C ASN A 1016 64.82 -20.28 -0.69
N THR A 1017 66.08 -20.05 -1.08
CA THR A 1017 66.33 -19.06 -2.13
C THR A 1017 65.83 -19.54 -3.47
N TRP A 1018 66.04 -20.82 -3.77
CA TRP A 1018 65.70 -21.33 -5.09
C TRP A 1018 64.20 -21.49 -5.24
N LEU A 1019 63.53 -22.04 -4.22
CA LEU A 1019 62.09 -22.24 -4.37
C LEU A 1019 61.34 -20.92 -4.43
N THR A 1020 61.83 -19.89 -3.71
CA THR A 1020 61.23 -18.56 -3.79
C THR A 1020 61.42 -17.95 -5.17
N ALA A 1021 62.58 -18.16 -5.78
CA ALA A 1021 62.75 -17.72 -7.15
C ALA A 1021 61.88 -18.53 -8.11
N PHE A 1022 61.67 -19.82 -7.83
CA PHE A 1022 60.83 -20.60 -8.72
C PHE A 1022 59.37 -20.22 -8.59
N VAL A 1023 58.88 -20.00 -7.37
CA VAL A 1023 57.48 -19.65 -7.20
C VAL A 1023 57.21 -18.26 -7.78
N THR A 1024 58.14 -17.32 -7.56
CA THR A 1024 57.96 -15.96 -8.07
C THR A 1024 57.89 -15.94 -9.58
N LYS A 1025 58.64 -16.84 -10.23
CA LYS A 1025 58.58 -17.01 -11.67
C LYS A 1025 57.16 -17.32 -12.13
N CYS A 1026 56.42 -18.11 -11.36
CA CYS A 1026 55.12 -18.58 -11.81
C CYS A 1026 53.98 -17.63 -11.48
N PHE A 1027 54.06 -16.98 -10.33
CA PHE A 1027 52.96 -16.11 -9.92
C PHE A 1027 52.89 -14.87 -10.81
N GLY A 1028 54.02 -14.42 -11.34
CA GLY A 1028 54.00 -13.29 -12.25
C GLY A 1028 53.37 -13.62 -13.59
N GLN A 1029 53.71 -14.78 -14.17
CA GLN A 1029 53.09 -15.22 -15.40
C GLN A 1029 51.66 -15.73 -15.18
N ALA A 1030 51.26 -15.95 -13.92
CA ALA A 1030 49.89 -16.35 -13.64
C ALA A 1030 48.94 -15.18 -13.60
N GLN A 1031 49.45 -13.96 -13.46
CA GLN A 1031 48.61 -12.75 -13.46
C GLN A 1031 47.90 -12.53 -14.78
N LYS A 1032 48.41 -13.13 -15.87
CA LYS A 1032 47.82 -13.10 -17.21
C LYS A 1032 46.59 -14.01 -17.35
N PHE A 1033 46.28 -14.84 -16.34
CA PHE A 1033 45.20 -15.83 -16.44
C PHE A 1033 44.26 -15.85 -15.24
N ILE A 1034 44.83 -15.94 -14.03
CA ILE A 1034 44.06 -15.84 -12.79
C ILE A 1034 44.59 -14.67 -11.97
N PHE A 1035 43.98 -14.40 -10.82
CA PHE A 1035 44.46 -13.33 -9.97
C PHE A 1035 45.55 -13.84 -9.04
N ILE A 1036 46.58 -13.02 -8.88
CA ILE A 1036 47.61 -13.22 -7.87
C ILE A 1036 47.74 -11.93 -7.08
N ASP A 1037 47.81 -12.03 -5.77
CA ASP A 1037 48.08 -10.88 -4.91
C ASP A 1037 49.46 -10.32 -5.21
N PRO A 1038 49.57 -9.03 -5.54
CA PRO A 1038 50.90 -8.42 -5.71
C PRO A 1038 51.70 -8.34 -4.43
N LYS A 1039 51.08 -8.43 -3.25
CA LYS A 1039 51.87 -8.43 -2.03
C LYS A 1039 52.72 -9.70 -1.92
N ASN A 1040 52.24 -10.83 -2.45
CA ASN A 1040 53.04 -12.06 -2.47
C ASN A 1040 54.26 -11.93 -3.38
N ILE A 1041 54.06 -11.35 -4.56
CA ILE A 1041 55.15 -11.14 -5.50
C ILE A 1041 56.15 -10.14 -4.94
N GLN A 1042 55.64 -9.04 -4.37
CA GLN A 1042 56.54 -7.97 -3.91
C GLN A 1042 57.31 -8.39 -2.66
N ASP A 1043 56.65 -9.10 -1.74
CA ASP A 1043 57.37 -9.52 -0.54
C ASP A 1043 58.33 -10.67 -0.80
N ALA A 1044 58.10 -11.44 -1.87
CA ALA A 1044 59.11 -12.40 -2.30
C ALA A 1044 60.29 -11.69 -2.94
N LEU A 1045 60.03 -10.64 -3.73
CA LEU A 1045 61.11 -9.88 -4.34
C LEU A 1045 61.86 -9.02 -3.32
N LYS A 1046 61.17 -8.55 -2.27
CA LYS A 1046 61.81 -7.75 -1.23
C LYS A 1046 62.76 -8.61 -0.40
N TRP A 1047 62.38 -9.86 -0.12
CA TRP A 1047 63.26 -10.77 0.61
C TRP A 1047 64.42 -11.27 -0.26
N MET A 1048 64.20 -11.45 -1.57
CA MET A 1048 65.28 -11.93 -2.43
C MET A 1048 66.30 -10.85 -2.72
N ALA A 1049 65.85 -9.59 -2.81
CA ALA A 1049 66.78 -8.49 -2.98
C ALA A 1049 67.67 -8.32 -1.76
N GLY A 1050 67.17 -8.67 -0.58
CA GLY A 1050 68.01 -8.62 0.61
C GLY A 1050 69.08 -9.67 0.59
N ASN A 1051 68.81 -10.84 0.01
CA ASN A 1051 69.77 -11.93 -0.06
C ASN A 1051 70.61 -11.93 -1.33
N GLN A 1052 70.61 -10.84 -2.08
CA GLN A 1052 71.53 -10.70 -3.20
C GLN A 1052 72.91 -10.31 -2.69
N LEU A 1053 73.90 -11.12 -3.02
CA LEU A 1053 75.25 -10.90 -2.56
C LEU A 1053 75.91 -9.75 -3.31
N PRO A 1054 76.96 -9.14 -2.73
CA PRO A 1054 77.61 -7.98 -3.37
C PRO A 1054 78.12 -8.21 -4.77
N SER A 1055 78.62 -9.40 -5.07
CA SER A 1055 79.05 -9.67 -6.43
C SER A 1055 77.89 -9.81 -7.42
N GLY A 1056 76.66 -9.66 -6.97
CA GLY A 1056 75.49 -9.83 -7.79
C GLY A 1056 74.99 -11.25 -7.81
N CYS A 1057 75.69 -12.16 -7.15
CA CYS A 1057 75.23 -13.53 -7.04
C CYS A 1057 74.24 -13.64 -5.89
N TYR A 1058 73.61 -14.80 -5.77
CA TYR A 1058 72.61 -15.02 -4.73
C TYR A 1058 73.09 -16.09 -3.76
N ALA A 1059 73.03 -15.77 -2.48
CA ALA A 1059 73.31 -16.78 -1.46
C ALA A 1059 72.23 -17.84 -1.50
N ASN A 1060 72.61 -19.07 -1.16
CA ASN A 1060 71.68 -20.19 -1.15
C ASN A 1060 71.20 -20.39 0.28
N VAL A 1061 70.27 -19.52 0.69
CA VAL A 1061 69.59 -19.72 1.96
C VAL A 1061 68.65 -20.91 1.81
N GLY A 1062 68.82 -21.91 2.67
CA GLY A 1062 68.08 -23.15 2.51
C GLY A 1062 68.59 -24.00 1.36
N ASN A 1063 69.90 -23.87 1.06
CA ASN A 1063 70.63 -24.55 0.00
C ASN A 1063 70.16 -24.12 -1.38
N LEU A 1064 70.73 -24.75 -2.40
CA LEU A 1064 70.23 -24.64 -3.77
C LEU A 1064 69.34 -25.83 -4.10
N LEU A 1065 68.81 -26.52 -3.08
CA LEU A 1065 68.08 -27.78 -3.12
C LEU A 1065 68.98 -28.93 -3.60
N HIS A 1066 68.44 -30.14 -3.80
CA HIS A 1066 69.30 -31.33 -3.93
C HIS A 1066 69.96 -31.41 -5.31
N THR A 1067 71.09 -32.14 -5.38
CA THR A 1067 71.96 -32.05 -6.56
C THR A 1067 71.32 -32.61 -7.83
N ALA A 1068 70.32 -33.48 -7.69
CA ALA A 1068 69.47 -33.95 -8.78
C ALA A 1068 68.13 -33.22 -8.84
N MET A 1069 67.70 -32.61 -7.74
CA MET A 1069 66.58 -31.69 -7.71
C MET A 1069 66.91 -30.47 -8.54
N LYS A 1070 67.86 -29.65 -8.05
CA LYS A 1070 68.38 -28.51 -8.79
C LYS A 1070 68.93 -28.92 -10.16
N GLY A 1071 69.49 -30.13 -10.25
CA GLY A 1071 70.19 -30.61 -11.43
C GLY A 1071 71.68 -30.44 -11.36
N GLY A 1072 72.17 -29.66 -10.41
CA GLY A 1072 73.57 -29.33 -10.40
C GLY A 1072 74.02 -28.91 -9.03
N VAL A 1073 75.31 -29.09 -8.79
CA VAL A 1073 76.02 -28.47 -7.68
C VAL A 1073 77.49 -28.39 -8.09
N ASP A 1074 78.14 -27.30 -7.68
CA ASP A 1074 79.51 -26.94 -8.04
C ASP A 1074 79.93 -25.77 -7.14
N ASP A 1075 79.05 -24.75 -7.04
CA ASP A 1075 79.11 -23.64 -6.07
C ASP A 1075 77.79 -22.86 -6.03
N GLU A 1076 77.88 -21.58 -5.64
CA GLU A 1076 76.72 -20.70 -5.53
C GLU A 1076 76.35 -20.06 -6.86
N VAL A 1077 77.27 -20.06 -7.82
CA VAL A 1077 76.99 -19.51 -9.13
C VAL A 1077 75.85 -20.28 -9.78
N SER A 1078 75.75 -21.58 -9.48
CA SER A 1078 74.67 -22.42 -10.01
C SER A 1078 73.29 -21.86 -9.67
N LEU A 1079 73.14 -21.24 -8.50
CA LEU A 1079 71.87 -20.60 -8.16
C LEU A 1079 71.71 -19.24 -8.85
N THR A 1080 72.81 -18.49 -8.96
CA THR A 1080 72.79 -17.22 -9.67
C THR A 1080 72.37 -17.40 -11.13
N ALA A 1081 72.59 -18.59 -11.66
CA ALA A 1081 72.03 -18.95 -12.95
C ALA A 1081 70.51 -18.91 -12.91
N TYR A 1082 69.91 -19.58 -11.92
CA TYR A 1082 68.46 -19.83 -11.97
C TYR A 1082 67.65 -18.60 -11.62
N VAL A 1083 68.10 -17.82 -10.64
CA VAL A 1083 67.35 -16.66 -10.20
C VAL A 1083 67.26 -15.62 -11.31
N THR A 1084 68.37 -15.42 -12.03
CA THR A 1084 68.33 -14.51 -13.18
C THR A 1084 67.45 -15.09 -14.29
N ALA A 1085 67.48 -16.40 -14.47
CA ALA A 1085 66.66 -17.06 -15.50
C ALA A 1085 65.19 -16.92 -15.20
N ALA A 1086 64.81 -17.05 -13.93
CA ALA A 1086 63.41 -16.93 -13.58
C ALA A 1086 62.91 -15.51 -13.78
N LEU A 1087 63.72 -14.49 -13.43
CA LEU A 1087 63.30 -13.10 -13.55
C LEU A 1087 63.02 -12.72 -15.00
N LEU A 1088 63.87 -13.18 -15.92
CA LEU A 1088 63.69 -12.85 -17.32
C LEU A 1088 62.49 -13.56 -17.92
N GLU A 1089 62.16 -14.76 -17.40
CA GLU A 1089 60.92 -15.43 -17.78
C GLU A 1089 59.70 -14.60 -17.46
N MET A 1090 59.71 -13.94 -16.30
CA MET A 1090 58.65 -13.08 -15.83
C MET A 1090 58.52 -11.79 -16.63
N GLY A 1091 59.47 -11.51 -17.52
CA GLY A 1091 59.45 -10.31 -18.31
C GLY A 1091 60.34 -9.21 -17.78
N LYS A 1092 61.06 -9.45 -16.68
CA LYS A 1092 61.90 -8.43 -16.08
C LYS A 1092 63.00 -7.97 -17.04
N ASP A 1093 63.42 -6.73 -16.84
CA ASP A 1093 64.33 -6.06 -17.75
C ASP A 1093 65.74 -6.60 -17.60
N VAL A 1094 66.55 -6.37 -18.63
CA VAL A 1094 67.98 -6.56 -18.48
C VAL A 1094 68.57 -5.45 -17.62
N ASP A 1095 67.89 -4.30 -17.54
CA ASP A 1095 68.27 -3.18 -16.69
C ASP A 1095 67.70 -3.30 -15.27
N ASP A 1096 67.06 -4.43 -14.95
CA ASP A 1096 66.61 -4.67 -13.59
C ASP A 1096 67.82 -4.86 -12.68
N PRO A 1097 67.82 -4.25 -11.49
CA PRO A 1097 68.96 -4.38 -10.57
C PRO A 1097 69.29 -5.80 -10.16
N MET A 1098 68.29 -6.67 -10.04
CA MET A 1098 68.53 -8.07 -9.71
C MET A 1098 69.01 -8.87 -10.91
N VAL A 1099 68.67 -8.43 -12.12
CA VAL A 1099 69.16 -9.10 -13.31
C VAL A 1099 70.58 -8.63 -13.64
N SER A 1100 70.80 -7.31 -13.62
CA SER A 1100 72.06 -6.74 -14.12
C SER A 1100 73.23 -7.11 -13.22
N GLN A 1101 73.06 -6.99 -11.89
CA GLN A 1101 74.10 -7.46 -10.99
C GLN A 1101 74.22 -8.98 -11.03
N GLY A 1102 73.10 -9.67 -11.21
CA GLY A 1102 73.14 -11.10 -11.46
C GLY A 1102 73.93 -11.49 -12.70
N LEU A 1103 73.72 -10.74 -13.79
CA LEU A 1103 74.45 -11.06 -15.02
C LEU A 1103 75.93 -10.72 -14.89
N ARG A 1104 76.28 -9.78 -14.03
CA ARG A 1104 77.68 -9.42 -13.85
C ARG A 1104 78.47 -10.52 -13.16
N CYS A 1105 77.83 -11.28 -12.27
CA CYS A 1105 78.49 -12.43 -11.65
C CYS A 1105 78.59 -13.62 -12.58
N LEU A 1106 77.72 -13.69 -13.60
CA LEU A 1106 77.64 -14.81 -14.51
C LEU A 1106 78.52 -14.68 -15.74
N LYS A 1107 79.36 -13.64 -15.79
CA LYS A 1107 80.18 -13.38 -16.97
C LYS A 1107 81.61 -13.88 -16.83
N ASN A 1108 82.23 -13.70 -15.66
CA ASN A 1108 83.58 -14.20 -15.40
C ASN A 1108 83.62 -15.70 -15.08
N SER A 1109 82.48 -16.29 -14.63
CA SER A 1109 82.28 -17.71 -14.31
C SER A 1109 81.68 -18.53 -15.44
N ALA A 1110 81.27 -17.89 -16.54
CA ALA A 1110 81.01 -18.56 -17.80
C ALA A 1110 82.29 -18.82 -18.59
N THR A 1111 83.44 -18.30 -18.10
CA THR A 1111 84.72 -18.40 -18.79
C THR A 1111 85.38 -19.77 -18.62
N SER A 1112 85.36 -20.33 -17.41
CA SER A 1112 86.01 -21.60 -17.14
C SER A 1112 85.03 -22.59 -16.46
N THR A 1113 83.90 -22.86 -17.11
CA THR A 1113 82.82 -23.66 -16.52
C THR A 1113 82.81 -25.04 -17.17
N THR A 1114 82.62 -26.08 -16.34
CA THR A 1114 82.91 -27.46 -16.74
C THR A 1114 81.70 -28.37 -16.76
N ASN A 1115 80.77 -28.22 -15.82
CA ASN A 1115 79.63 -29.10 -15.65
C ASN A 1115 78.72 -29.06 -16.87
N LEU A 1116 78.13 -30.22 -17.21
CA LEU A 1116 77.23 -30.28 -18.37
C LEU A 1116 75.92 -29.57 -18.07
N TYR A 1117 75.40 -29.71 -16.85
CA TYR A 1117 74.15 -29.06 -16.50
C TYR A 1117 74.32 -27.55 -16.49
N THR A 1118 75.35 -27.09 -15.80
CA THR A 1118 75.64 -25.67 -15.67
C THR A 1118 75.82 -25.00 -17.03
N GLN A 1119 76.39 -25.72 -17.99
CA GLN A 1119 76.51 -25.19 -19.34
C GLN A 1119 75.14 -25.03 -19.99
N ALA A 1120 74.26 -26.03 -19.85
CA ALA A 1120 72.95 -25.93 -20.47
C ALA A 1120 72.07 -24.89 -19.79
N LEU A 1121 72.24 -24.71 -18.49
CA LEU A 1121 71.48 -23.68 -17.79
C LEU A 1121 71.93 -22.29 -18.24
N LEU A 1122 73.25 -22.04 -18.26
CA LEU A 1122 73.77 -20.73 -18.66
C LEU A 1122 73.35 -20.38 -20.08
N ALA A 1123 73.28 -21.39 -20.95
CA ALA A 1123 72.85 -21.18 -22.33
C ALA A 1123 71.39 -20.73 -22.41
N TYR A 1124 70.57 -21.14 -21.46
CA TYR A 1124 69.24 -20.58 -21.42
C TYR A 1124 69.28 -19.09 -21.06
N ILE A 1125 70.10 -18.71 -20.08
CA ILE A 1125 70.07 -17.36 -19.52
C ILE A 1125 70.55 -16.33 -20.54
N PHE A 1126 71.70 -16.60 -21.15
CA PHE A 1126 72.21 -15.66 -22.13
C PHE A 1126 71.39 -15.70 -23.42
N SER A 1127 70.57 -16.74 -23.62
CA SER A 1127 69.57 -16.70 -24.68
C SER A 1127 68.44 -15.73 -24.37
N LEU A 1128 68.11 -15.56 -23.07
CA LEU A 1128 67.16 -14.55 -22.61
C LEU A 1128 67.81 -13.17 -22.50
N ALA A 1129 69.05 -13.12 -22.00
CA ALA A 1129 69.75 -11.86 -21.78
C ALA A 1129 70.16 -11.17 -23.07
N GLY A 1130 70.28 -11.92 -24.16
CA GLY A 1130 70.59 -11.35 -25.45
C GLY A 1130 72.06 -11.28 -25.76
N GLU A 1131 72.94 -11.74 -24.87
CA GLU A 1131 74.36 -11.78 -25.16
C GLU A 1131 74.62 -13.04 -25.98
N MET A 1132 74.37 -12.92 -27.29
CA MET A 1132 74.53 -14.02 -28.23
C MET A 1132 75.98 -14.47 -28.35
N ASP A 1133 76.94 -13.59 -28.02
CA ASP A 1133 78.34 -13.96 -28.09
C ASP A 1133 78.68 -15.09 -27.12
N ILE A 1134 78.08 -15.05 -25.92
CA ILE A 1134 78.32 -16.10 -24.93
C ILE A 1134 77.32 -17.26 -25.04
N ARG A 1135 76.14 -17.03 -25.64
CA ARG A 1135 75.21 -18.13 -25.91
C ARG A 1135 75.82 -19.14 -26.86
N ASN A 1136 76.40 -18.65 -27.95
CA ASN A 1136 76.95 -19.54 -28.96
C ASN A 1136 78.19 -20.26 -28.47
N ILE A 1137 78.94 -19.65 -27.54
CA ILE A 1137 80.11 -20.34 -26.98
C ILE A 1137 79.65 -21.53 -26.15
N LEU A 1138 78.56 -21.36 -25.39
CA LEU A 1138 78.09 -22.44 -24.52
C LEU A 1138 77.28 -23.46 -25.29
N LEU A 1139 76.49 -23.03 -26.28
CA LEU A 1139 75.73 -23.98 -27.09
C LEU A 1139 76.63 -24.90 -27.91
N LYS A 1140 77.78 -24.40 -28.33
CA LYS A 1140 78.74 -25.23 -29.06
C LYS A 1140 79.42 -26.22 -28.13
N GLN A 1141 79.65 -25.84 -26.87
CA GLN A 1141 80.10 -26.79 -25.87
C GLN A 1141 79.08 -27.86 -25.60
N LEU A 1142 77.80 -27.56 -25.83
CA LEU A 1142 76.79 -28.60 -25.70
C LEU A 1142 76.86 -29.60 -26.84
N ASP A 1143 77.07 -29.11 -28.06
CA ASP A 1143 77.05 -30.00 -29.23
C ASP A 1143 78.15 -31.05 -29.15
N GLN A 1144 79.31 -30.67 -28.61
CA GLN A 1144 80.40 -31.64 -28.47
C GLN A 1144 80.15 -32.65 -27.36
N GLN A 1145 79.15 -32.46 -26.51
CA GLN A 1145 78.77 -33.44 -25.51
C GLN A 1145 77.46 -34.13 -25.84
N ALA A 1146 76.80 -33.71 -26.93
CA ALA A 1146 75.52 -34.26 -27.30
C ALA A 1146 75.65 -35.73 -27.70
N ILE A 1147 74.75 -36.58 -27.19
CA ILE A 1147 74.68 -37.98 -27.58
C ILE A 1147 73.49 -38.14 -28.53
N ILE A 1148 73.76 -38.65 -29.73
CA ILE A 1148 72.75 -38.84 -30.77
C ILE A 1148 72.48 -40.33 -30.91
N SER A 1149 71.26 -40.74 -30.57
CA SER A 1149 70.80 -42.12 -30.69
C SER A 1149 69.70 -42.15 -31.75
N GLY A 1150 70.07 -42.60 -32.94
CA GLY A 1150 69.18 -42.54 -34.08
C GLY A 1150 69.07 -41.12 -34.57
N GLU A 1151 67.86 -40.63 -34.71
CA GLU A 1151 67.66 -39.23 -35.02
C GLU A 1151 67.40 -38.40 -33.77
N SER A 1152 67.45 -39.03 -32.59
CA SER A 1152 67.24 -38.32 -31.34
C SER A 1152 68.55 -37.72 -30.84
N ILE A 1153 68.49 -36.47 -30.41
CA ILE A 1153 69.64 -35.77 -29.83
C ILE A 1153 69.28 -35.39 -28.41
N TYR A 1154 70.05 -35.87 -27.43
CA TYR A 1154 69.84 -35.52 -26.04
C TYR A 1154 71.19 -35.43 -25.34
N TRP A 1155 71.16 -34.96 -24.10
CA TRP A 1155 72.36 -34.88 -23.29
C TRP A 1155 72.20 -35.74 -22.04
N SER A 1156 73.33 -36.09 -21.44
CA SER A 1156 73.31 -36.97 -20.27
C SER A 1156 74.57 -36.75 -19.47
N GLN A 1157 74.41 -36.59 -18.15
CA GLN A 1157 75.56 -36.57 -17.26
C GLN A 1157 75.99 -37.98 -16.90
N LYS A 1158 75.05 -38.93 -16.94
CA LYS A 1158 75.38 -40.32 -16.71
C LYS A 1158 76.25 -40.86 -17.84
N PRO A 1159 77.08 -41.87 -17.58
CA PRO A 1159 77.93 -42.43 -18.64
C PRO A 1159 77.08 -43.00 -19.78
N THR A 1160 77.67 -42.98 -20.97
CA THR A 1160 76.95 -43.36 -22.18
C THR A 1160 76.56 -44.83 -22.14
N PRO A 1161 75.30 -45.18 -22.47
CA PRO A 1161 74.95 -46.60 -22.62
C PRO A 1161 75.63 -47.23 -23.83
N SER A 1162 75.37 -48.51 -24.10
CA SER A 1162 76.01 -49.20 -25.22
C SER A 1162 75.61 -48.56 -26.55
N SER A 1163 74.31 -48.64 -26.88
CA SER A 1163 73.65 -47.91 -27.96
C SER A 1163 72.16 -48.15 -27.78
N ASN A 1164 71.85 -49.26 -27.12
CA ASN A 1164 70.47 -49.70 -26.90
C ASN A 1164 69.77 -48.80 -25.90
N ALA A 1165 68.70 -48.17 -26.34
CA ALA A 1165 67.76 -47.50 -25.47
C ALA A 1165 66.52 -48.37 -25.43
N SER A 1166 66.11 -48.75 -24.22
CA SER A 1166 64.89 -49.54 -24.06
C SER A 1166 63.69 -48.73 -24.57
N PRO A 1167 62.83 -49.32 -25.41
CA PRO A 1167 61.65 -48.59 -25.91
C PRO A 1167 60.74 -48.12 -24.78
N TRP A 1168 60.68 -48.89 -23.71
CA TRP A 1168 59.93 -48.47 -22.54
C TRP A 1168 60.67 -47.39 -21.77
N SER A 1169 59.92 -46.43 -21.25
CA SER A 1169 60.48 -45.24 -20.63
C SER A 1169 61.25 -45.60 -19.36
N GLU A 1170 62.53 -45.24 -19.33
CA GLU A 1170 63.33 -45.26 -18.11
C GLU A 1170 63.86 -43.85 -17.90
N PRO A 1171 63.05 -42.97 -17.33
CA PRO A 1171 63.42 -41.55 -17.30
C PRO A 1171 64.49 -41.23 -16.27
N ALA A 1172 65.68 -40.94 -16.78
CA ALA A 1172 66.70 -40.37 -15.92
C ALA A 1172 66.31 -38.91 -15.70
N ALA A 1173 65.89 -38.58 -14.47
CA ALA A 1173 65.44 -37.22 -14.19
C ALA A 1173 66.53 -36.19 -14.39
N VAL A 1174 67.80 -36.60 -14.24
CA VAL A 1174 68.92 -35.73 -14.61
C VAL A 1174 68.88 -35.44 -16.10
N ASP A 1175 68.80 -36.48 -16.94
CA ASP A 1175 68.85 -36.32 -18.39
C ASP A 1175 67.63 -35.59 -18.92
N VAL A 1176 66.45 -35.90 -18.38
CA VAL A 1176 65.21 -35.35 -18.91
C VAL A 1176 65.17 -33.85 -18.67
N GLU A 1177 65.46 -33.42 -17.44
CA GLU A 1177 65.53 -32.00 -17.13
C GLU A 1177 66.63 -31.32 -17.93
N LEU A 1178 67.75 -32.01 -18.13
CA LEU A 1178 68.91 -31.38 -18.77
C LEU A 1178 68.65 -31.11 -20.24
N THR A 1179 67.98 -32.06 -20.91
CA THR A 1179 67.73 -31.95 -22.34
C THR A 1179 66.81 -30.78 -22.67
N ALA A 1180 65.87 -30.48 -21.77
CA ALA A 1180 64.94 -29.39 -22.03
C ALA A 1180 65.63 -28.04 -21.94
N TYR A 1181 66.55 -27.88 -20.97
CA TYR A 1181 67.26 -26.62 -20.81
C TYR A 1181 68.11 -26.30 -22.03
N ALA A 1182 68.60 -27.33 -22.71
CA ALA A 1182 69.19 -27.13 -24.03
C ALA A 1182 68.13 -26.74 -25.05
N LEU A 1183 67.01 -27.49 -25.08
CA LEU A 1183 65.94 -27.21 -26.04
C LEU A 1183 65.36 -25.82 -25.81
N LEU A 1184 65.28 -25.39 -24.56
CA LEU A 1184 64.89 -24.02 -24.25
C LEU A 1184 65.93 -23.03 -24.74
N ALA A 1185 67.21 -23.34 -24.56
CA ALA A 1185 68.25 -22.42 -25.01
C ALA A 1185 68.27 -22.31 -26.54
N GLN A 1186 67.81 -23.35 -27.24
CA GLN A 1186 67.70 -23.29 -28.71
C GLN A 1186 66.56 -22.39 -29.15
N LEU A 1187 65.41 -22.47 -28.46
CA LEU A 1187 64.16 -21.86 -28.90
C LEU A 1187 64.00 -20.40 -28.45
N THR A 1188 65.01 -19.79 -27.84
CA THR A 1188 64.97 -18.38 -27.47
C THR A 1188 65.73 -17.49 -28.45
N LYS A 1189 66.28 -18.05 -29.53
CA LYS A 1189 66.69 -17.22 -30.67
C LYS A 1189 65.44 -16.71 -31.34
N PRO A 1190 65.25 -15.40 -31.49
CA PRO A 1190 63.92 -14.87 -31.88
C PRO A 1190 63.50 -15.20 -33.32
N SER A 1191 64.44 -15.49 -34.21
CA SER A 1191 64.13 -15.88 -35.58
C SER A 1191 64.89 -17.15 -35.88
N LEU A 1192 64.16 -18.20 -36.23
CA LEU A 1192 64.74 -19.54 -36.28
C LEU A 1192 64.92 -20.00 -37.72
N THR A 1193 66.09 -20.58 -37.98
CA THR A 1193 66.34 -21.17 -39.28
C THR A 1193 65.66 -22.53 -39.36
N GLN A 1194 65.60 -23.08 -40.58
CA GLN A 1194 65.09 -24.42 -40.72
C GLN A 1194 66.10 -25.48 -40.26
N LYS A 1195 67.36 -25.10 -40.07
CA LYS A 1195 68.34 -26.00 -39.47
C LYS A 1195 68.28 -25.95 -37.95
N GLU A 1196 67.86 -24.83 -37.36
CA GLU A 1196 67.65 -24.75 -35.93
C GLU A 1196 66.31 -25.35 -35.50
N ILE A 1197 65.29 -25.24 -36.35
CA ILE A 1197 64.01 -25.90 -36.10
C ILE A 1197 64.20 -27.41 -36.09
N ALA A 1198 65.03 -27.92 -36.99
CA ALA A 1198 65.27 -29.36 -37.06
C ALA A 1198 66.09 -29.85 -35.88
N LYS A 1199 67.06 -29.06 -35.40
CA LYS A 1199 67.80 -29.46 -34.20
C LYS A 1199 66.90 -29.46 -32.98
N ALA A 1200 66.01 -28.48 -32.90
CA ALA A 1200 64.96 -28.52 -31.89
C ALA A 1200 64.04 -29.71 -32.11
N THR A 1201 63.78 -30.07 -33.37
CA THR A 1201 62.95 -31.23 -33.67
C THR A 1201 63.67 -32.53 -33.31
N SER A 1202 65.00 -32.58 -33.49
CA SER A 1202 65.76 -33.77 -33.12
C SER A 1202 65.87 -33.93 -31.61
N ILE A 1203 65.93 -32.83 -30.88
CA ILE A 1203 65.90 -32.90 -29.42
C ILE A 1203 64.50 -33.34 -28.96
N VAL A 1204 63.46 -32.93 -29.68
CA VAL A 1204 62.09 -33.24 -29.31
C VAL A 1204 61.80 -34.73 -29.43
N ALA A 1205 62.39 -35.39 -30.44
CA ALA A 1205 62.17 -36.82 -30.66
C ALA A 1205 62.72 -37.71 -29.55
N TRP A 1206 63.39 -37.15 -28.54
CA TRP A 1206 63.81 -37.88 -27.35
C TRP A 1206 63.01 -37.51 -26.10
N LEU A 1207 62.68 -36.23 -25.92
CA LEU A 1207 61.93 -35.80 -24.73
C LEU A 1207 60.50 -36.31 -24.75
N ALA A 1208 59.88 -36.37 -25.94
CA ALA A 1208 58.53 -36.89 -26.04
C ALA A 1208 58.45 -38.40 -25.85
N LYS A 1209 59.58 -39.12 -25.96
CA LYS A 1209 59.57 -40.57 -25.78
C LYS A 1209 59.56 -40.98 -24.32
N GLN A 1210 60.10 -40.14 -23.44
CA GLN A 1210 60.27 -40.45 -22.03
C GLN A 1210 59.04 -40.14 -21.17
N HIS A 1211 57.90 -39.88 -21.80
CA HIS A 1211 56.68 -39.57 -21.05
C HIS A 1211 56.20 -40.77 -20.25
N ASN A 1212 55.31 -40.49 -19.28
CA ASN A 1212 54.57 -41.52 -18.58
C ASN A 1212 53.16 -41.60 -19.15
N ALA A 1213 52.23 -42.18 -18.39
CA ALA A 1213 50.89 -42.37 -18.90
C ALA A 1213 50.01 -41.13 -18.75
N TYR A 1214 50.54 -40.02 -18.22
CA TYR A 1214 49.69 -38.88 -17.92
C TYR A 1214 50.28 -37.57 -18.42
N GLY A 1215 51.28 -37.60 -19.29
CA GLY A 1215 51.91 -36.38 -19.71
C GLY A 1215 52.99 -35.88 -18.81
N GLY A 1216 53.39 -36.65 -17.80
CA GLY A 1216 54.48 -36.28 -16.91
C GLY A 1216 55.76 -37.03 -17.23
N PHE A 1217 56.68 -36.98 -16.28
CA PHE A 1217 57.98 -37.62 -16.50
C PHE A 1217 58.37 -38.48 -15.32
N SER A 1218 59.12 -37.91 -14.38
CA SER A 1218 59.53 -38.72 -13.24
C SER A 1218 59.38 -38.03 -11.88
N SER A 1219 59.46 -36.69 -11.81
CA SER A 1219 59.36 -35.96 -10.54
C SER A 1219 58.80 -34.55 -10.68
N THR A 1220 59.29 -33.60 -9.87
CA THR A 1220 58.75 -32.24 -9.90
C THR A 1220 59.32 -31.44 -11.07
N GLN A 1221 60.58 -31.04 -10.95
CA GLN A 1221 61.16 -30.05 -11.85
C GLN A 1221 61.25 -30.55 -13.28
N ASP A 1222 61.62 -31.83 -13.46
CA ASP A 1222 61.78 -32.35 -14.82
C ASP A 1222 60.45 -32.40 -15.55
N THR A 1223 59.37 -32.75 -14.85
CA THR A 1223 58.05 -32.68 -15.45
C THR A 1223 57.69 -31.24 -15.78
N VAL A 1224 58.07 -30.30 -14.91
CA VAL A 1224 57.87 -28.88 -15.18
C VAL A 1224 58.71 -28.44 -16.37
N VAL A 1225 60.04 -28.59 -16.27
CA VAL A 1225 60.96 -27.94 -17.21
C VAL A 1225 60.77 -28.48 -18.61
N ALA A 1226 60.51 -29.78 -18.74
CA ALA A 1226 60.38 -30.38 -20.07
C ALA A 1226 59.07 -29.99 -20.73
N LEU A 1227 57.97 -29.99 -19.97
CA LEU A 1227 56.72 -29.51 -20.54
C LEU A 1227 56.77 -28.00 -20.80
N GLN A 1228 57.55 -27.26 -20.01
CA GLN A 1228 57.81 -25.85 -20.29
C GLN A 1228 58.52 -25.68 -21.62
N ALA A 1229 59.49 -26.55 -21.90
CA ALA A 1229 60.21 -26.51 -23.16
C ALA A 1229 59.32 -26.95 -24.33
N LEU A 1230 58.61 -28.08 -24.17
CA LEU A 1230 57.75 -28.57 -25.23
C LEU A 1230 56.57 -27.62 -25.52
N ALA A 1231 56.20 -26.78 -24.54
CA ALA A 1231 55.26 -25.70 -24.81
C ALA A 1231 55.86 -24.65 -25.72
N LYS A 1232 57.12 -24.28 -25.48
CA LYS A 1232 57.80 -23.31 -26.33
C LYS A 1232 58.08 -23.87 -27.72
N TYR A 1233 58.25 -25.19 -27.83
CA TYR A 1233 58.44 -25.81 -29.14
C TYR A 1233 57.12 -25.89 -29.90
N ALA A 1234 56.06 -26.32 -29.22
CA ALA A 1234 54.77 -26.42 -29.88
C ALA A 1234 54.18 -25.04 -30.21
N THR A 1235 54.53 -24.01 -29.41
CA THR A 1235 54.17 -22.64 -29.78
C THR A 1235 54.90 -22.23 -31.07
N THR A 1236 56.16 -22.64 -31.20
CA THR A 1236 56.95 -22.29 -32.38
C THR A 1236 56.54 -23.12 -33.60
N ALA A 1237 56.32 -24.43 -33.43
CA ALA A 1237 56.09 -25.35 -34.54
C ALA A 1237 54.61 -25.70 -34.72
N TYR A 1238 53.71 -24.77 -34.38
CA TYR A 1238 52.28 -25.02 -34.55
C TYR A 1238 51.91 -25.01 -36.02
N MET A 1239 51.10 -26.00 -36.43
CA MET A 1239 50.52 -26.12 -37.77
C MET A 1239 49.11 -26.67 -37.57
N PRO A 1240 48.07 -26.04 -38.11
CA PRO A 1240 46.75 -26.70 -38.13
C PRO A 1240 46.78 -27.89 -39.09
N SER A 1241 46.56 -29.08 -38.53
CA SER A 1241 46.69 -30.32 -39.30
C SER A 1241 45.44 -30.52 -40.13
N GLU A 1242 45.64 -30.87 -41.40
CA GLU A 1242 44.52 -31.08 -42.30
C GLU A 1242 43.74 -32.34 -41.93
N GLU A 1243 44.40 -33.48 -42.05
CA GLU A 1243 43.79 -34.75 -41.67
C GLU A 1243 44.90 -35.79 -41.56
N ILE A 1244 45.11 -36.29 -40.35
CA ILE A 1244 46.10 -37.34 -40.10
C ILE A 1244 45.33 -38.61 -39.81
N ASN A 1245 45.63 -39.67 -40.57
CA ASN A 1245 44.93 -40.94 -40.46
C ASN A 1245 45.91 -41.97 -39.92
N LEU A 1246 45.65 -42.49 -38.73
CA LEU A 1246 46.56 -43.37 -38.02
C LEU A 1246 46.10 -44.82 -38.14
N VAL A 1247 47.07 -45.72 -38.37
CA VAL A 1247 46.80 -47.14 -38.60
C VAL A 1247 47.44 -47.96 -37.49
N VAL A 1248 46.63 -48.78 -36.82
CA VAL A 1248 47.07 -49.59 -35.68
C VAL A 1248 46.91 -51.05 -36.07
N LYS A 1249 48.00 -51.81 -35.99
CA LYS A 1249 47.98 -53.19 -36.46
C LYS A 1249 48.50 -54.13 -35.39
N SER A 1250 47.83 -55.29 -35.24
CA SER A 1250 48.25 -56.33 -34.31
C SER A 1250 48.12 -57.70 -34.97
N THR A 1251 48.61 -58.73 -34.26
CA THR A 1251 48.75 -60.06 -34.86
C THR A 1251 47.40 -60.79 -34.96
N GLU A 1252 46.63 -60.85 -33.87
CA GLU A 1252 45.43 -61.69 -33.83
C GLU A 1252 44.19 -60.91 -34.23
N ASN A 1253 44.20 -60.47 -35.50
CA ASN A 1253 43.05 -59.88 -36.18
C ASN A 1253 42.53 -58.65 -35.46
N PHE A 1254 43.44 -57.72 -35.16
CA PHE A 1254 43.08 -56.47 -34.53
C PHE A 1254 43.58 -55.31 -35.36
N GLN A 1255 42.69 -54.35 -35.63
CA GLN A 1255 43.05 -53.14 -36.35
C GLN A 1255 42.16 -52.00 -35.87
N ARG A 1256 42.70 -50.79 -35.94
CA ARG A 1256 42.02 -49.60 -35.44
C ARG A 1256 42.51 -48.36 -36.19
N THR A 1257 41.59 -47.45 -36.50
CA THR A 1257 41.90 -46.21 -37.22
C THR A 1257 41.35 -45.02 -36.47
N PHE A 1258 42.22 -44.07 -36.16
CA PHE A 1258 41.84 -42.79 -35.59
C PHE A 1258 41.88 -41.69 -36.64
N ASN A 1259 41.25 -40.57 -36.31
CA ASN A 1259 41.22 -39.41 -37.18
C ASN A 1259 41.57 -38.17 -36.38
N ILE A 1260 42.51 -37.37 -36.90
CA ILE A 1260 42.96 -36.15 -36.26
C ILE A 1260 42.86 -35.00 -37.27
N GLN A 1261 42.00 -34.03 -36.97
CA GLN A 1261 41.87 -32.79 -37.69
C GLN A 1261 42.29 -31.64 -36.78
N SER A 1262 42.08 -30.40 -37.24
CA SER A 1262 42.33 -29.26 -36.37
C SER A 1262 41.24 -29.09 -35.33
N VAL A 1263 40.10 -29.74 -35.50
CA VAL A 1263 39.00 -29.61 -34.56
C VAL A 1263 39.18 -30.51 -33.33
N ASN A 1264 39.77 -31.70 -33.51
CA ASN A 1264 40.01 -32.63 -32.42
C ASN A 1264 41.50 -32.84 -32.17
N ARG A 1265 42.29 -31.77 -32.35
CA ARG A 1265 43.74 -31.83 -32.10
C ARG A 1265 44.05 -32.04 -30.63
N LEU A 1266 43.23 -31.47 -29.76
CA LEU A 1266 43.42 -31.55 -28.32
C LEU A 1266 42.66 -32.71 -27.70
N VAL A 1267 41.85 -33.42 -28.49
CA VAL A 1267 40.92 -34.42 -27.95
C VAL A 1267 41.69 -35.65 -27.50
N PHE A 1268 41.53 -36.01 -26.22
CA PHE A 1268 42.12 -37.23 -25.69
C PHE A 1268 41.36 -38.44 -26.23
N GLN A 1269 41.99 -39.19 -27.12
CA GLN A 1269 41.39 -40.40 -27.69
C GLN A 1269 42.15 -41.61 -27.18
N GLN A 1270 41.43 -42.55 -26.58
CA GLN A 1270 42.03 -43.71 -25.95
C GLN A 1270 41.23 -44.94 -26.31
N ASP A 1271 41.92 -46.05 -26.58
CA ASP A 1271 41.24 -47.34 -26.71
C ASP A 1271 42.18 -48.43 -26.22
N THR A 1272 41.64 -49.32 -25.39
CA THR A 1272 42.39 -50.45 -24.84
C THR A 1272 42.52 -51.58 -25.86
N LEU A 1273 43.56 -52.40 -25.67
CA LEU A 1273 43.85 -53.49 -26.59
C LEU A 1273 43.19 -54.77 -26.09
N PRO A 1274 42.20 -55.32 -26.79
CA PRO A 1274 41.66 -56.63 -26.37
C PRO A 1274 42.64 -57.76 -26.58
N ASN A 1275 43.52 -57.63 -27.56
CA ASN A 1275 44.52 -58.66 -27.84
C ASN A 1275 45.53 -58.77 -26.71
N VAL A 1276 45.99 -59.99 -26.47
CA VAL A 1276 47.03 -60.29 -25.50
C VAL A 1276 48.33 -59.61 -25.94
N PRO A 1277 49.27 -59.36 -25.03
CA PRO A 1277 50.49 -58.60 -25.38
C PRO A 1277 51.31 -59.22 -26.49
N GLY A 1278 51.51 -58.44 -27.55
CA GLY A 1278 52.22 -58.87 -28.74
C GLY A 1278 52.94 -57.71 -29.40
N MET A 1279 53.09 -57.78 -30.71
CA MET A 1279 53.77 -56.73 -31.46
C MET A 1279 52.74 -55.86 -32.19
N TYR A 1280 52.97 -54.56 -32.15
CA TYR A 1280 52.06 -53.61 -32.74
C TYR A 1280 52.83 -52.65 -33.64
N THR A 1281 52.14 -52.11 -34.65
CA THR A 1281 52.77 -51.27 -35.65
C THR A 1281 51.96 -49.99 -35.85
N LEU A 1282 52.60 -48.87 -35.55
CA LEU A 1282 52.08 -47.56 -35.93
C LEU A 1282 52.42 -47.28 -37.39
N GLU A 1283 51.49 -46.65 -38.10
CA GLU A 1283 51.67 -46.28 -39.50
C GLU A 1283 50.96 -44.95 -39.73
N ALA A 1284 51.72 -43.85 -39.74
CA ALA A 1284 51.17 -42.50 -39.74
C ALA A 1284 51.16 -41.95 -41.16
N SER A 1285 49.98 -41.62 -41.67
CA SER A 1285 49.81 -41.09 -43.02
C SER A 1285 48.96 -39.83 -42.98
N GLY A 1286 49.33 -38.86 -43.81
CA GLY A 1286 48.64 -37.58 -43.86
C GLY A 1286 49.61 -36.42 -43.90
N GLN A 1287 49.19 -35.25 -43.43
CA GLN A 1287 50.09 -34.12 -43.26
C GLN A 1287 49.79 -33.44 -41.94
N GLY A 1288 50.81 -33.35 -41.09
CA GLY A 1288 50.71 -32.86 -39.73
C GLY A 1288 51.60 -33.70 -38.85
N CYS A 1289 51.42 -33.57 -37.54
CA CYS A 1289 52.16 -34.40 -36.60
C CYS A 1289 51.20 -34.94 -35.56
N VAL A 1290 51.37 -36.23 -35.23
CA VAL A 1290 50.50 -36.95 -34.31
C VAL A 1290 51.36 -37.60 -33.23
N TYR A 1291 51.04 -37.31 -31.97
CA TYR A 1291 51.73 -37.90 -30.83
C TYR A 1291 50.98 -39.16 -30.39
N VAL A 1292 51.69 -40.30 -30.33
CA VAL A 1292 51.09 -41.60 -30.02
C VAL A 1292 51.86 -42.26 -28.88
N GLN A 1293 51.13 -42.70 -27.86
CA GLN A 1293 51.70 -43.26 -26.64
C GLN A 1293 51.14 -44.65 -26.38
N THR A 1294 52.02 -45.56 -25.96
CA THR A 1294 51.65 -46.94 -25.64
C THR A 1294 51.93 -47.19 -24.17
N VAL A 1295 50.92 -47.62 -23.42
CA VAL A 1295 51.02 -47.79 -21.97
C VAL A 1295 50.70 -49.24 -21.61
N LEU A 1296 51.56 -49.84 -20.80
CA LEU A 1296 51.44 -51.21 -20.36
C LEU A 1296 51.41 -51.26 -18.85
N ARG A 1297 50.46 -52.03 -18.29
CA ARG A 1297 50.36 -52.22 -16.84
C ARG A 1297 50.33 -53.70 -16.50
N TYR A 1298 50.96 -54.05 -15.38
CA TYR A 1298 50.82 -55.37 -14.79
C TYR A 1298 51.22 -55.25 -13.32
N ASN A 1299 50.98 -56.32 -12.57
CA ASN A 1299 51.44 -56.44 -11.20
C ASN A 1299 52.44 -57.58 -11.09
N ILE A 1300 53.56 -57.32 -10.44
CA ILE A 1300 54.50 -58.37 -10.08
C ILE A 1300 54.63 -58.39 -8.58
N LEU A 1301 55.21 -59.46 -8.08
CA LEU A 1301 55.64 -59.48 -6.71
C LEU A 1301 56.76 -58.47 -6.51
N PRO A 1302 56.78 -57.72 -5.42
CA PRO A 1302 57.79 -56.66 -5.26
C PRO A 1302 59.17 -57.22 -5.01
N PRO A 1303 60.14 -56.89 -5.87
CA PRO A 1303 61.50 -57.44 -5.70
C PRO A 1303 62.24 -56.76 -4.55
N THR A 1304 62.85 -57.56 -3.69
CA THR A 1304 63.65 -57.04 -2.59
C THR A 1304 64.94 -56.46 -3.18
N ASN A 1305 64.83 -55.25 -3.71
CA ASN A 1305 65.94 -54.55 -4.32
C ASN A 1305 66.60 -53.70 -3.25
N MET A 1306 67.91 -53.80 -3.14
CA MET A 1306 68.68 -53.05 -2.15
C MET A 1306 69.98 -52.57 -2.77
N LYS A 1307 69.83 -51.91 -3.93
CA LYS A 1307 70.95 -51.37 -4.71
C LYS A 1307 71.31 -49.95 -4.29
N THR A 1308 70.31 -49.13 -3.96
CA THR A 1308 70.51 -47.74 -3.59
C THR A 1308 70.07 -47.41 -2.17
N PHE A 1309 69.11 -48.14 -1.61
CA PHE A 1309 68.66 -47.93 -0.24
C PHE A 1309 68.53 -49.25 0.50
N SER A 1310 68.98 -49.24 1.75
CA SER A 1310 68.73 -50.35 2.65
C SER A 1310 67.36 -50.18 3.27
N LEU A 1311 66.60 -51.28 3.35
CA LEU A 1311 65.22 -51.23 3.82
C LEU A 1311 64.85 -52.49 4.57
N SER A 1312 64.48 -52.33 5.84
CA SER A 1312 64.09 -53.45 6.68
C SER A 1312 62.93 -53.01 7.56
N VAL A 1313 62.27 -53.98 8.18
CA VAL A 1313 61.11 -53.70 9.02
C VAL A 1313 61.05 -54.71 10.16
N GLU A 1314 61.04 -54.20 11.39
CA GLU A 1314 60.74 -55.00 12.57
C GLU A 1314 59.28 -54.78 12.97
N ILE A 1315 58.67 -55.81 13.54
CA ILE A 1315 57.26 -55.76 13.96
C ILE A 1315 57.22 -55.98 15.47
N GLY A 1316 56.57 -55.04 16.19
CA GLY A 1316 56.51 -55.12 17.63
C GLY A 1316 55.44 -56.06 18.12
N LYS A 1317 55.63 -56.54 19.36
CA LYS A 1317 54.82 -57.61 19.92
C LYS A 1317 53.35 -57.24 20.10
N ALA A 1318 52.48 -57.87 19.31
CA ALA A 1318 51.05 -57.79 19.50
C ALA A 1318 50.59 -59.05 20.23
N ARG A 1319 49.57 -58.87 21.06
CA ARG A 1319 49.11 -59.97 21.90
C ARG A 1319 48.16 -60.80 21.07
N CYS A 1320 48.74 -61.80 20.39
CA CYS A 1320 47.99 -62.65 19.47
C CYS A 1320 46.95 -63.49 20.19
N GLU A 1321 47.15 -63.75 21.49
CA GLU A 1321 46.25 -64.56 22.29
C GLU A 1321 45.10 -63.74 22.88
N GLN A 1322 44.81 -62.57 22.32
CA GLN A 1322 43.69 -61.72 22.73
C GLN A 1322 42.77 -61.47 21.55
N PRO A 1323 41.64 -62.17 21.44
CA PRO A 1323 40.77 -62.04 20.27
C PRO A 1323 39.59 -61.07 20.41
N THR A 1324 39.47 -60.32 21.53
CA THR A 1324 38.45 -59.29 21.69
C THR A 1324 39.07 -57.94 22.06
N SER A 1325 40.32 -57.70 21.65
CA SER A 1325 41.05 -56.44 21.81
C SER A 1325 41.33 -55.82 20.44
N PRO A 1326 41.09 -54.51 20.27
CA PRO A 1326 41.47 -53.85 19.01
C PRO A 1326 42.98 -53.91 18.82
N ARG A 1327 43.39 -54.74 17.86
CA ARG A 1327 44.77 -55.20 17.74
C ARG A 1327 45.73 -54.08 17.36
N SER A 1328 46.81 -53.95 18.10
CA SER A 1328 47.81 -52.94 17.82
C SER A 1328 49.10 -53.60 17.36
N LEU A 1329 49.62 -53.14 16.23
CA LEU A 1329 50.91 -53.56 15.71
C LEU A 1329 51.87 -52.39 15.78
N THR A 1330 53.04 -52.61 16.37
CA THR A 1330 54.08 -51.59 16.50
C THR A 1330 55.15 -51.84 15.45
N LEU A 1331 55.25 -50.95 14.47
CA LEU A 1331 56.22 -51.09 13.38
C LEU A 1331 57.47 -50.28 13.69
N THR A 1332 58.62 -50.89 13.42
CA THR A 1332 59.93 -50.27 13.58
C THR A 1332 60.69 -50.48 12.27
N ILE A 1333 60.86 -49.40 11.51
CA ILE A 1333 61.42 -49.47 10.17
C ILE A 1333 62.83 -48.86 10.20
N HIS A 1334 63.76 -49.51 9.49
CA HIS A 1334 65.14 -49.07 9.37
C HIS A 1334 65.51 -48.83 7.92
N THR A 1335 66.16 -47.70 7.64
CA THR A 1335 66.54 -47.36 6.29
C THR A 1335 67.80 -46.50 6.28
N SER A 1336 68.51 -46.57 5.16
CA SER A 1336 69.75 -45.82 4.95
C SER A 1336 70.05 -45.76 3.47
N TYR A 1337 70.87 -44.78 3.10
CA TYR A 1337 71.26 -44.54 1.71
C TYR A 1337 72.62 -45.18 1.46
N VAL A 1338 72.63 -46.28 0.70
CA VAL A 1338 73.86 -46.96 0.36
C VAL A 1338 74.29 -46.66 -1.06
N GLY A 1339 73.67 -45.68 -1.70
CA GLY A 1339 73.95 -45.37 -3.08
C GLY A 1339 75.30 -44.69 -3.27
N SER A 1340 75.52 -44.26 -4.51
CA SER A 1340 76.84 -43.82 -4.94
C SER A 1340 77.22 -42.49 -4.31
N ARG A 1341 76.28 -41.55 -4.24
CA ARG A 1341 76.59 -40.20 -3.81
C ARG A 1341 76.72 -40.14 -2.28
N SER A 1342 76.92 -38.92 -1.78
CA SER A 1342 77.10 -38.73 -0.35
C SER A 1342 75.76 -38.81 0.37
N SER A 1343 74.89 -37.83 0.12
CA SER A 1343 73.56 -37.81 0.67
C SER A 1343 72.56 -37.95 -0.46
N SER A 1344 71.38 -38.42 -0.10
CA SER A 1344 70.27 -38.56 -1.04
C SER A 1344 69.56 -37.22 -1.21
N ASN A 1345 68.41 -37.25 -1.86
CA ASN A 1345 67.52 -36.11 -1.95
C ASN A 1345 66.43 -36.21 -0.87
N MET A 1346 65.35 -35.43 -1.02
CA MET A 1346 64.24 -35.51 -0.09
C MET A 1346 63.56 -36.86 -0.24
N ALA A 1347 63.23 -37.48 0.89
CA ALA A 1347 62.87 -38.90 0.92
C ALA A 1347 61.41 -39.13 1.28
N ILE A 1348 60.80 -40.13 0.63
CA ILE A 1348 59.46 -40.62 0.96
C ILE A 1348 59.61 -42.00 1.57
N VAL A 1349 58.98 -42.22 2.72
CA VAL A 1349 58.80 -43.56 3.26
C VAL A 1349 57.34 -43.90 3.06
N GLU A 1350 57.05 -44.75 2.10
CA GLU A 1350 55.68 -45.05 1.67
C GLU A 1350 55.25 -46.37 2.31
N VAL A 1351 54.51 -46.27 3.41
CA VAL A 1351 54.07 -47.42 4.20
C VAL A 1351 52.63 -47.71 3.82
N LYS A 1352 52.44 -48.63 2.88
CA LYS A 1352 51.11 -49.13 2.59
C LYS A 1352 50.59 -49.91 3.80
N MET A 1353 49.31 -49.75 4.10
CA MET A 1353 48.74 -50.38 5.28
C MET A 1353 48.33 -51.82 5.01
N LEU A 1354 48.25 -52.60 6.08
CA LEU A 1354 47.56 -53.88 6.02
C LEU A 1354 46.05 -53.66 5.91
N SER A 1355 45.37 -54.65 5.35
CA SER A 1355 43.92 -54.54 5.14
C SER A 1355 43.22 -54.50 6.48
N GLY A 1356 42.62 -53.35 6.78
CA GLY A 1356 41.92 -53.17 8.03
C GLY A 1356 42.74 -52.58 9.15
N PHE A 1357 43.92 -52.09 8.87
CA PHE A 1357 44.68 -51.37 9.87
C PHE A 1357 44.70 -49.89 9.53
N SER A 1358 45.03 -49.09 10.54
CA SER A 1358 45.08 -47.64 10.45
C SER A 1358 46.10 -47.13 11.46
N PRO A 1359 46.77 -46.00 11.18
CA PRO A 1359 47.70 -45.44 12.16
C PRO A 1359 46.96 -44.88 13.37
N MET A 1360 47.51 -45.15 14.56
CA MET A 1360 46.85 -44.77 15.81
C MET A 1360 46.83 -43.25 16.00
N GLU A 1361 46.06 -42.82 16.99
CA GLU A 1361 45.99 -41.40 17.35
C GLU A 1361 47.35 -40.95 17.87
N GLY A 1362 47.85 -39.85 17.30
CA GLY A 1362 49.16 -39.36 17.67
C GLY A 1362 50.33 -39.91 16.87
N THR A 1363 50.07 -40.71 15.83
CA THR A 1363 51.14 -41.18 14.95
C THR A 1363 51.80 -40.04 14.20
N ASN A 1364 51.04 -38.98 13.90
CA ASN A 1364 51.61 -37.75 13.35
C ASN A 1364 52.61 -37.13 14.31
N GLN A 1365 52.19 -36.87 15.56
CA GLN A 1365 53.03 -36.18 16.52
C GLN A 1365 54.19 -37.03 17.04
N LEU A 1366 54.12 -38.35 16.90
CA LEU A 1366 55.25 -39.22 17.27
C LEU A 1366 56.41 -39.03 16.31
N LEU A 1367 56.13 -39.11 15.01
CA LEU A 1367 57.18 -39.10 14.00
C LEU A 1367 57.82 -37.74 13.83
N LEU A 1368 57.04 -36.66 14.01
CA LEU A 1368 57.55 -35.33 13.76
C LEU A 1368 58.65 -34.94 14.75
N GLN A 1369 58.64 -35.53 15.94
CA GLN A 1369 59.71 -35.28 16.90
C GLN A 1369 60.96 -36.07 16.58
N GLN A 1370 60.83 -37.15 15.82
CA GLN A 1370 61.89 -38.09 15.50
C GLN A 1370 62.74 -37.52 14.36
N PRO A 1371 64.01 -37.91 14.26
CA PRO A 1371 64.96 -37.12 13.44
C PRO A 1371 64.64 -37.10 11.95
N LEU A 1372 64.96 -35.97 11.32
CA LEU A 1372 64.88 -35.68 9.88
C LEU A 1372 63.46 -35.64 9.33
N VAL A 1373 62.44 -35.85 10.15
CA VAL A 1373 61.07 -35.87 9.65
C VAL A 1373 60.60 -34.43 9.49
N LYS A 1374 60.04 -34.12 8.33
CA LYS A 1374 59.53 -32.78 8.08
C LYS A 1374 58.01 -32.68 8.06
N LYS A 1375 57.34 -33.68 7.49
CA LYS A 1375 55.88 -33.67 7.37
C LYS A 1375 55.40 -35.12 7.37
N VAL A 1376 54.33 -35.39 8.11
CA VAL A 1376 53.75 -36.72 8.18
C VAL A 1376 52.35 -36.65 7.57
N GLU A 1377 52.04 -37.60 6.70
CA GLU A 1377 50.78 -37.54 5.96
C GLU A 1377 50.12 -38.90 5.95
N PHE A 1378 48.93 -38.99 6.55
CA PHE A 1378 48.12 -40.21 6.52
C PHE A 1378 47.28 -40.17 5.26
N GLY A 1379 47.26 -41.27 4.52
CA GLY A 1379 46.44 -41.39 3.34
C GLY A 1379 45.27 -42.33 3.56
N THR A 1380 44.61 -42.67 2.43
CA THR A 1380 43.50 -43.60 2.45
C THR A 1380 43.93 -44.97 2.94
N ASP A 1381 44.98 -45.52 2.31
CA ASP A 1381 45.50 -46.79 2.79
C ASP A 1381 47.02 -46.82 2.73
N THR A 1382 47.65 -45.65 2.62
CA THR A 1382 49.11 -45.51 2.56
C THR A 1382 49.55 -44.34 3.43
N LEU A 1383 50.59 -44.54 4.22
CA LEU A 1383 51.18 -43.49 5.07
C LEU A 1383 52.47 -43.01 4.43
N ASN A 1384 52.54 -41.73 4.09
CA ASN A 1384 53.73 -41.15 3.49
C ASN A 1384 54.42 -40.28 4.52
N ILE A 1385 55.73 -40.49 4.68
CA ILE A 1385 56.56 -39.72 5.60
C ILE A 1385 57.65 -39.00 4.82
N TYR A 1386 57.82 -37.71 5.09
CA TYR A 1386 58.82 -36.89 4.42
C TYR A 1386 60.06 -36.81 5.31
N LEU A 1387 61.19 -37.19 4.75
CA LEU A 1387 62.49 -37.04 5.40
C LEU A 1387 63.31 -36.05 4.59
N ASP A 1388 64.06 -35.20 5.30
CA ASP A 1388 64.78 -34.10 4.66
C ASP A 1388 65.78 -34.61 3.65
N GLU A 1389 66.68 -35.48 4.10
CA GLU A 1389 67.49 -36.32 3.23
C GLU A 1389 67.90 -37.54 4.04
N LEU A 1390 68.44 -38.54 3.34
CA LEU A 1390 68.94 -39.74 3.98
C LEU A 1390 70.44 -39.86 3.74
N ILE A 1391 71.18 -40.04 4.83
CA ILE A 1391 72.61 -40.24 4.78
C ILE A 1391 72.91 -41.73 4.79
N LYS A 1392 74.20 -42.09 4.92
CA LYS A 1392 74.61 -43.48 5.00
C LYS A 1392 74.45 -44.07 6.40
N ASN A 1393 74.01 -43.26 7.37
CA ASN A 1393 73.66 -43.75 8.70
C ASN A 1393 72.28 -44.38 8.68
N THR A 1394 72.16 -45.52 9.36
CA THR A 1394 70.90 -46.21 9.44
C THR A 1394 69.96 -45.43 10.34
N GLN A 1395 68.83 -45.00 9.80
CA GLN A 1395 67.81 -44.31 10.58
C GLN A 1395 66.73 -45.30 10.99
N THR A 1396 66.05 -44.96 12.09
CA THR A 1396 65.03 -45.84 12.69
C THR A 1396 63.79 -45.03 13.00
N TYR A 1397 62.65 -45.47 12.48
CA TYR A 1397 61.38 -44.78 12.69
C TYR A 1397 60.33 -45.77 13.14
N THR A 1398 59.63 -45.44 14.22
CA THR A 1398 58.75 -46.35 14.93
C THR A 1398 57.40 -45.69 15.16
N PHE A 1399 56.33 -46.38 14.80
CA PHE A 1399 54.98 -45.92 15.10
C PHE A 1399 54.12 -47.15 15.34
N THR A 1400 52.87 -46.93 15.74
CA THR A 1400 51.97 -48.03 16.05
C THR A 1400 50.69 -47.90 15.23
N ILE A 1401 50.23 -49.02 14.68
CA ILE A 1401 48.97 -49.07 13.95
C ILE A 1401 48.00 -49.99 14.67
N SER A 1402 46.71 -49.67 14.58
CA SER A 1402 45.66 -50.47 15.18
C SER A 1402 44.66 -50.93 14.13
N GLN A 1403 43.97 -52.02 14.45
CA GLN A 1403 43.00 -52.63 13.54
C GLN A 1403 41.62 -52.07 13.83
N SER A 1404 40.98 -51.52 12.80
CA SER A 1404 39.65 -50.95 12.93
C SER A 1404 38.55 -51.82 12.34
N VAL A 1405 38.85 -52.66 11.37
CA VAL A 1405 37.90 -53.63 10.83
C VAL A 1405 38.62 -54.96 10.72
N LEU A 1406 38.00 -56.01 11.25
CA LEU A 1406 38.61 -57.34 11.23
C LEU A 1406 38.72 -57.88 9.81
N VAL A 1407 39.95 -58.10 9.34
CA VAL A 1407 40.20 -58.77 8.08
C VAL A 1407 41.24 -59.86 8.32
N THR A 1408 40.91 -61.09 7.96
CA THR A 1408 41.78 -62.24 8.18
C THR A 1408 42.41 -62.71 6.88
N ASN A 1409 43.32 -63.69 7.03
CA ASN A 1409 44.14 -64.24 5.94
C ASN A 1409 44.94 -63.13 5.24
N LEU A 1410 45.60 -62.30 6.06
CA LEU A 1410 46.13 -61.01 5.62
C LEU A 1410 47.32 -61.16 4.66
N LYS A 1411 47.15 -60.61 3.46
CA LYS A 1411 48.19 -60.55 2.45
C LYS A 1411 49.18 -59.45 2.81
N PRO A 1412 50.44 -59.58 2.37
CA PRO A 1412 51.46 -58.61 2.79
C PRO A 1412 51.31 -57.26 2.12
N ALA A 1413 51.54 -56.21 2.91
CA ALA A 1413 51.61 -54.86 2.38
C ALA A 1413 53.06 -54.51 2.09
N THR A 1414 53.25 -53.38 1.43
CA THR A 1414 54.54 -53.00 0.87
C THR A 1414 55.04 -51.73 1.56
N ILE A 1415 56.23 -51.82 2.16
CA ILE A 1415 56.97 -50.64 2.61
C ILE A 1415 58.01 -50.32 1.56
N LYS A 1416 57.99 -49.08 1.07
CA LYS A 1416 58.81 -48.66 -0.06
C LYS A 1416 59.51 -47.35 0.29
N VAL A 1417 60.83 -47.30 0.11
CA VAL A 1417 61.61 -46.08 0.32
C VAL A 1417 62.29 -45.71 -0.98
N TYR A 1418 62.20 -44.43 -1.36
CA TYR A 1418 62.77 -43.99 -2.63
C TYR A 1418 63.12 -42.51 -2.56
N ASP A 1419 64.22 -42.14 -3.24
CA ASP A 1419 64.49 -40.73 -3.54
C ASP A 1419 63.34 -40.16 -4.36
N TYR A 1420 62.83 -38.99 -3.95
CA TYR A 1420 61.70 -38.39 -4.66
C TYR A 1420 62.12 -37.87 -6.02
N TYR A 1421 63.28 -37.24 -6.10
CA TYR A 1421 63.74 -36.67 -7.37
C TYR A 1421 64.55 -37.67 -8.19
N LEU A 1422 64.62 -38.92 -7.74
CA LEU A 1422 65.21 -40.03 -8.49
C LEU A 1422 64.39 -41.30 -8.26
N PRO A 1423 63.40 -41.57 -9.11
CA PRO A 1423 62.62 -42.81 -8.94
C PRO A 1423 63.42 -44.07 -9.16
N ASP A 1424 64.53 -43.99 -9.91
CA ASP A 1424 65.39 -45.14 -10.15
C ASP A 1424 66.12 -45.60 -8.90
N GLU A 1425 66.40 -44.68 -7.97
CA GLU A 1425 67.05 -45.05 -6.72
C GLU A 1425 65.95 -45.36 -5.71
N GLN A 1426 65.57 -46.64 -5.64
CA GLN A 1426 64.45 -47.06 -4.81
C GLN A 1426 64.78 -48.38 -4.14
N ALA A 1427 63.89 -48.77 -3.22
CA ALA A 1427 63.95 -50.05 -2.54
C ALA A 1427 62.54 -50.43 -2.09
N THR A 1428 62.28 -51.73 -2.00
CA THR A 1428 60.95 -52.23 -1.70
C THR A 1428 61.07 -53.49 -0.85
N ILE A 1429 60.33 -53.53 0.26
CA ILE A 1429 60.25 -54.69 1.13
C ILE A 1429 58.77 -55.00 1.39
N GLN A 1430 58.51 -56.17 1.94
CA GLN A 1430 57.19 -56.57 2.39
C GLN A 1430 57.23 -56.84 3.89
N TYR A 1431 56.05 -56.89 4.49
CA TYR A 1431 55.87 -57.28 5.88
C TYR A 1431 54.50 -57.90 6.00
N SER A 1432 54.34 -58.81 6.96
CA SER A 1432 53.11 -59.57 7.08
C SER A 1432 52.72 -59.69 8.53
N ASP A 1433 51.55 -60.25 8.76
CA ASP A 1433 51.06 -60.46 10.10
C ASP A 1433 51.87 -61.55 10.80
N PRO A 1434 52.44 -61.29 11.98
CA PRO A 1434 53.17 -62.36 12.70
C PRO A 1434 52.28 -63.34 13.44
N CYS A 1435 51.00 -63.02 13.68
CA CYS A 1435 50.06 -63.97 14.28
C CYS A 1435 49.38 -64.85 13.22
N GLU A 1436 49.66 -64.61 11.93
CA GLU A 1436 49.15 -65.42 10.83
C GLU A 1436 50.24 -66.37 10.29
N LEU B 2 -47.01 66.29 46.26
CA LEU B 2 -45.78 66.56 45.52
C LEU B 2 -45.95 66.20 44.03
N PRO B 3 -45.34 66.98 43.14
CA PRO B 3 -45.40 66.65 41.71
C PRO B 3 -44.50 65.47 41.36
N ASN B 4 -44.94 64.69 40.37
CA ASN B 4 -44.25 63.48 39.95
C ASN B 4 -43.68 63.62 38.54
N TYR B 5 -42.84 62.64 38.18
CA TYR B 5 -42.25 62.54 36.85
C TYR B 5 -42.17 61.08 36.46
N LEU B 6 -42.06 60.82 35.15
CA LEU B 6 -41.97 59.45 34.63
C LEU B 6 -41.18 59.43 33.33
N VAL B 7 -40.03 58.75 33.35
CA VAL B 7 -39.15 58.59 32.19
C VAL B 7 -39.23 57.14 31.73
N THR B 8 -39.41 56.94 30.42
CA THR B 8 -39.45 55.61 29.82
C THR B 8 -38.68 55.56 28.51
N LEU B 9 -38.08 54.40 28.26
CA LEU B 9 -37.36 54.11 27.02
C LEU B 9 -37.22 52.59 26.91
N PRO B 10 -37.04 52.05 25.70
CA PRO B 10 -36.90 50.59 25.55
C PRO B 10 -35.63 50.05 26.20
N ALA B 11 -35.74 48.83 26.70
CA ALA B 11 -34.63 48.21 27.40
C ALA B 11 -33.58 47.65 26.44
N ARG B 12 -33.97 47.20 25.26
CA ARG B 12 -33.05 46.70 24.26
C ARG B 12 -32.98 47.70 23.12
N LEU B 13 -31.84 48.37 23.00
CA LEU B 13 -31.68 49.41 21.98
C LEU B 13 -30.87 48.83 20.84
N ASN B 14 -31.34 49.05 19.63
CA ASN B 14 -30.71 48.50 18.43
C ASN B 14 -29.98 49.59 17.68
N PHE B 15 -28.74 49.29 17.21
CA PHE B 15 -27.91 50.32 16.61
C PHE B 15 -28.42 50.86 15.27
N PRO B 16 -28.93 50.05 14.32
CA PRO B 16 -29.59 50.67 13.16
C PRO B 16 -30.91 51.38 13.49
N SER B 17 -31.60 50.96 14.54
CA SER B 17 -32.92 51.50 14.87
C SER B 17 -32.84 52.83 15.60
N VAL B 18 -33.95 53.56 15.56
CA VAL B 18 -34.14 54.81 16.28
C VAL B 18 -35.12 54.54 17.41
N GLN B 19 -34.76 54.91 18.63
CA GLN B 19 -35.63 54.71 19.79
C GLN B 19 -36.08 56.04 20.36
N LYS B 20 -37.14 56.00 21.16
CA LYS B 20 -37.73 57.20 21.74
C LYS B 20 -37.59 57.15 23.26
N VAL B 21 -37.35 58.32 23.86
CA VAL B 21 -37.34 58.48 25.31
C VAL B 21 -38.35 59.56 25.69
N CYS B 22 -39.24 59.24 26.62
CA CYS B 22 -40.34 60.12 26.99
C CYS B 22 -40.15 60.68 28.38
N LEU B 23 -40.79 61.83 28.64
CA LEU B 23 -40.80 62.45 29.95
C LEU B 23 -42.24 62.87 30.26
N ASP B 24 -42.80 62.34 31.33
CA ASP B 24 -44.19 62.61 31.73
C ASP B 24 -44.20 63.37 33.06
N LEU B 25 -44.47 64.67 33.00
CA LEU B 25 -44.36 65.56 34.15
C LEU B 25 -45.73 65.91 34.69
N SER B 26 -45.93 65.66 35.99
CA SER B 26 -47.05 66.22 36.73
C SER B 26 -46.81 67.71 36.94
N PRO B 27 -47.86 68.51 37.11
CA PRO B 27 -47.67 69.97 37.22
C PRO B 27 -46.92 70.34 38.49
N GLY B 28 -46.05 71.35 38.37
CA GLY B 28 -45.33 71.86 39.52
C GLY B 28 -43.81 71.81 39.44
N TYR B 29 -43.26 72.06 38.27
CA TYR B 29 -41.80 72.07 38.10
C TYR B 29 -41.35 73.25 37.28
N SER B 30 -41.92 74.43 37.53
CA SER B 30 -41.53 75.62 36.79
C SER B 30 -40.12 76.09 37.18
N ASP B 31 -39.59 75.60 38.31
CA ASP B 31 -38.27 75.98 38.77
C ASP B 31 -37.27 74.83 38.66
N VAL B 32 -37.71 73.66 38.23
CA VAL B 32 -36.88 72.46 38.20
C VAL B 32 -36.64 72.08 36.76
N LYS B 33 -35.36 71.90 36.41
CA LYS B 33 -34.92 71.59 35.05
C LYS B 33 -34.41 70.15 35.00
N PHE B 34 -34.91 69.38 34.03
CA PHE B 34 -34.56 67.98 33.85
C PHE B 34 -33.54 67.81 32.74
N THR B 35 -32.67 66.81 32.89
CA THR B 35 -31.71 66.43 31.86
C THR B 35 -31.54 64.92 31.91
N VAL B 36 -32.02 64.22 30.88
CA VAL B 36 -31.91 62.77 30.78
C VAL B 36 -30.72 62.46 29.88
N THR B 37 -29.70 61.80 30.43
CA THR B 37 -28.47 61.50 29.72
C THR B 37 -28.31 60.00 29.51
N LEU B 38 -27.59 59.65 28.44
CA LEU B 38 -27.18 58.28 28.16
C LEU B 38 -25.67 58.18 28.35
N GLU B 39 -25.25 57.39 29.34
CA GLU B 39 -23.86 57.32 29.75
C GLU B 39 -23.29 55.97 29.32
N THR B 40 -22.39 55.99 28.34
CA THR B 40 -21.75 54.79 27.81
C THR B 40 -20.29 54.75 28.23
N LYS B 41 -19.52 53.87 27.58
CA LYS B 41 -18.08 53.79 27.82
C LYS B 41 -17.31 54.86 27.06
N ASP B 42 -17.76 55.21 25.85
CA ASP B 42 -17.02 56.15 25.00
C ASP B 42 -17.51 57.59 25.15
N LYS B 43 -18.82 57.80 25.30
CA LYS B 43 -19.40 59.14 25.34
C LYS B 43 -20.56 59.17 26.33
N THR B 44 -20.96 60.39 26.69
CA THR B 44 -22.19 60.62 27.44
C THR B 44 -23.11 61.51 26.60
N GLN B 45 -24.25 60.95 26.18
CA GLN B 45 -25.15 61.61 25.24
C GLN B 45 -26.31 62.27 26.00
N LYS B 46 -26.37 63.59 25.98
CA LYS B 46 -27.51 64.32 26.55
C LYS B 46 -28.71 64.13 25.62
N LEU B 47 -29.65 63.29 26.04
CA LEU B 47 -30.84 63.05 25.24
C LEU B 47 -31.83 64.21 25.38
N LEU B 48 -32.66 64.16 26.41
CA LEU B 48 -33.74 65.12 26.60
C LEU B 48 -33.39 66.12 27.69
N GLU B 49 -33.76 67.38 27.47
CA GLU B 49 -33.55 68.46 28.43
C GLU B 49 -34.80 69.34 28.44
N TYR B 50 -35.59 69.26 29.51
CA TYR B 50 -36.93 69.82 29.50
C TYR B 50 -37.34 70.22 30.92
N SER B 51 -37.72 71.48 31.11
CA SER B 51 -38.24 71.97 32.38
C SER B 51 -39.74 71.73 32.47
N GLY B 52 -40.24 71.66 33.69
CA GLY B 52 -41.66 71.46 33.90
C GLY B 52 -42.48 72.69 33.60
N LEU B 53 -43.80 72.47 33.51
CA LEU B 53 -44.76 73.53 33.23
C LEU B 53 -45.76 73.60 34.39
N LYS B 54 -46.75 74.49 34.27
CA LYS B 54 -47.84 74.60 35.24
C LYS B 54 -48.93 73.57 35.02
N LYS B 55 -48.90 72.87 33.88
CA LYS B 55 -49.82 71.80 33.54
C LYS B 55 -49.05 70.49 33.35
N ARG B 56 -49.80 69.41 33.17
CA ARG B 56 -49.21 68.10 32.87
C ARG B 56 -48.93 67.99 31.38
N HIS B 57 -47.65 67.85 31.02
CA HIS B 57 -47.25 67.73 29.62
C HIS B 57 -46.25 66.62 29.47
N LEU B 58 -46.60 65.64 28.64
CA LEU B 58 -45.71 64.55 28.30
C LEU B 58 -44.89 64.97 27.08
N HIS B 59 -43.57 65.05 27.25
CA HIS B 59 -42.67 65.50 26.19
C HIS B 59 -41.69 64.39 25.87
N CYS B 60 -41.91 63.72 24.74
CA CYS B 60 -41.02 62.68 24.24
C CYS B 60 -40.11 63.26 23.17
N ILE B 61 -38.90 62.73 23.08
CA ILE B 61 -38.01 62.99 21.95
C ILE B 61 -37.56 61.65 21.40
N SER B 62 -37.03 61.68 20.18
CA SER B 62 -36.40 60.53 19.59
C SER B 62 -34.91 60.78 19.48
N PHE B 63 -34.14 59.70 19.37
CA PHE B 63 -32.69 59.79 19.30
C PHE B 63 -32.16 58.58 18.55
N LEU B 64 -31.00 58.74 17.92
CA LEU B 64 -30.33 57.62 17.27
C LEU B 64 -29.48 56.87 18.30
N VAL B 65 -29.56 55.55 18.26
CA VAL B 65 -28.83 54.72 19.23
C VAL B 65 -27.34 54.73 18.91
N PRO B 66 -26.47 54.99 19.88
CA PRO B 66 -25.03 55.03 19.61
C PRO B 66 -24.46 53.64 19.43
N PRO B 67 -23.31 53.51 18.76
CA PRO B 67 -22.73 52.18 18.53
C PRO B 67 -22.19 51.59 19.82
N PRO B 68 -22.50 50.33 20.10
CA PRO B 68 -21.97 49.68 21.31
C PRO B 68 -20.48 49.41 21.19
N ALA B 69 -19.77 49.65 22.28
CA ALA B 69 -18.30 49.62 22.25
C ALA B 69 -17.76 48.22 22.03
N GLY B 70 -18.47 47.20 22.51
CA GLY B 70 -17.96 45.85 22.37
C GLY B 70 -18.08 45.23 21.00
N GLY B 71 -18.42 46.01 19.97
CA GLY B 71 -18.63 45.43 18.65
C GLY B 71 -19.94 44.71 18.46
N THR B 72 -20.33 43.88 19.43
CA THR B 72 -21.60 43.16 19.43
C THR B 72 -22.60 43.78 20.40
N GLU B 73 -22.20 43.96 21.66
CA GLU B 73 -23.09 44.53 22.66
C GLU B 73 -22.29 45.28 23.71
N GLU B 74 -23.00 46.10 24.48
CA GLU B 74 -22.43 46.87 25.58
C GLU B 74 -23.56 47.33 26.49
N VAL B 75 -23.32 47.26 27.80
CA VAL B 75 -24.25 47.81 28.80
C VAL B 75 -23.86 49.24 29.10
N ALA B 76 -24.82 50.16 28.96
CA ALA B 76 -24.65 51.56 29.27
C ALA B 76 -25.59 51.96 30.41
N THR B 77 -25.57 53.25 30.76
CA THR B 77 -26.34 53.77 31.89
C THR B 77 -27.20 54.95 31.45
N ILE B 78 -28.49 54.87 31.73
CA ILE B 78 -29.42 56.00 31.58
C ILE B 78 -29.46 56.75 32.91
N ARG B 79 -29.17 58.04 32.87
CA ARG B 79 -29.12 58.87 34.07
C ARG B 79 -30.11 60.02 33.94
N VAL B 80 -30.95 60.19 34.95
CA VAL B 80 -31.95 61.25 34.98
C VAL B 80 -31.63 62.15 36.18
N SER B 81 -31.39 63.42 35.90
CA SER B 81 -31.10 64.40 36.94
C SER B 81 -32.06 65.58 36.81
N GLY B 82 -32.55 66.04 37.96
CA GLY B 82 -33.46 67.16 38.02
C GLY B 82 -33.00 68.23 39.00
N VAL B 83 -32.62 69.39 38.48
CA VAL B 83 -32.02 70.45 39.28
C VAL B 83 -33.00 71.61 39.35
N GLY B 84 -33.25 72.09 40.58
CA GLY B 84 -34.08 73.25 40.79
C GLY B 84 -33.40 74.30 41.65
N ASN B 85 -34.19 75.13 42.33
CA ASN B 85 -33.61 76.08 43.28
C ASN B 85 -33.03 75.35 44.48
N ASN B 86 -33.88 74.65 45.23
CA ASN B 86 -33.46 73.91 46.43
C ASN B 86 -33.68 72.41 46.26
N ILE B 87 -33.88 71.94 45.04
CA ILE B 87 -34.20 70.56 44.75
C ILE B 87 -33.07 69.98 43.90
N SER B 88 -32.56 68.82 44.32
CA SER B 88 -31.48 68.15 43.59
C SER B 88 -31.60 66.65 43.80
N PHE B 89 -31.89 65.92 42.73
CA PHE B 89 -32.12 64.48 42.81
C PHE B 89 -31.60 63.81 41.56
N GLU B 90 -31.26 62.52 41.67
CA GLU B 90 -30.70 61.73 40.58
C GLU B 90 -31.14 60.28 40.69
N GLU B 91 -31.24 59.63 39.53
CA GLU B 91 -31.54 58.21 39.45
C GLU B 91 -30.88 57.65 38.19
N LYS B 92 -30.46 56.39 38.27
CA LYS B 92 -29.76 55.74 37.16
C LYS B 92 -30.40 54.38 36.88
N LYS B 93 -30.29 53.94 35.62
CA LYS B 93 -30.70 52.61 35.18
C LYS B 93 -29.70 52.08 34.17
N LYS B 94 -29.69 50.75 34.01
CA LYS B 94 -28.83 50.07 33.05
C LYS B 94 -29.64 49.58 31.86
N VAL B 95 -29.11 49.78 30.66
CA VAL B 95 -29.78 49.37 29.42
C VAL B 95 -28.79 48.60 28.55
N LEU B 96 -29.33 47.90 27.54
CA LEU B 96 -28.55 47.04 26.64
C LEU B 96 -28.65 47.55 25.21
N ILE B 97 -27.53 48.05 24.68
CA ILE B 97 -27.38 48.31 23.24
C ILE B 97 -26.85 47.06 22.57
N GLN B 98 -27.48 46.67 21.46
CA GLN B 98 -27.20 45.42 20.76
C GLN B 98 -27.37 45.63 19.26
N ARG B 99 -26.48 45.04 18.49
CA ARG B 99 -26.57 45.13 17.04
C ARG B 99 -27.78 44.34 16.56
N GLN B 100 -28.48 44.89 15.56
CA GLN B 100 -29.60 44.19 14.96
C GLN B 100 -29.14 42.93 14.25
N GLY B 101 -29.96 41.88 14.35
CA GLY B 101 -29.74 40.72 13.52
C GLY B 101 -30.22 40.95 12.10
N ASN B 102 -29.40 40.50 11.14
CA ASN B 102 -29.82 40.43 9.75
C ASN B 102 -30.29 39.01 9.46
N GLY B 103 -31.52 38.88 8.94
CA GLY B 103 -32.05 37.58 8.60
C GLY B 103 -32.09 37.34 7.11
N THR B 104 -31.35 36.35 6.64
CA THR B 104 -31.21 36.09 5.22
C THR B 104 -31.93 34.81 4.87
N PHE B 105 -32.68 34.84 3.78
CA PHE B 105 -33.35 33.65 3.28
C PHE B 105 -32.85 33.31 1.89
N VAL B 106 -33.09 32.05 1.49
CA VAL B 106 -32.69 31.54 0.18
C VAL B 106 -33.87 30.78 -0.41
N GLN B 107 -34.34 31.21 -1.57
CA GLN B 107 -35.50 30.62 -2.24
C GLN B 107 -35.04 29.90 -3.50
N THR B 108 -35.34 28.61 -3.59
CA THR B 108 -35.09 27.78 -4.78
C THR B 108 -36.36 27.68 -5.59
N ASP B 109 -36.23 27.41 -6.90
CA ASP B 109 -37.44 27.45 -7.73
C ASP B 109 -38.37 26.28 -7.45
N LYS B 110 -37.84 25.09 -7.17
CA LYS B 110 -38.57 23.98 -6.58
C LYS B 110 -37.77 23.49 -5.39
N PRO B 111 -38.33 22.58 -4.59
CA PRO B 111 -37.55 21.89 -3.56
C PRO B 111 -37.20 20.43 -3.86
N LEU B 112 -37.47 19.94 -5.08
CA LEU B 112 -36.92 18.67 -5.54
C LEU B 112 -36.69 18.76 -7.04
N TYR B 113 -35.57 18.20 -7.50
CA TYR B 113 -35.18 18.23 -8.90
C TYR B 113 -34.78 16.84 -9.38
N THR B 114 -35.02 16.59 -10.66
CA THR B 114 -34.36 15.48 -11.32
C THR B 114 -33.00 15.94 -11.78
N PRO B 115 -32.06 15.02 -11.97
CA PRO B 115 -30.79 15.39 -12.60
C PRO B 115 -31.01 15.91 -14.00
N GLY B 116 -30.15 16.86 -14.38
CA GLY B 116 -30.29 17.52 -15.66
C GLY B 116 -31.24 18.69 -15.66
N GLN B 117 -31.85 19.00 -14.52
CA GLN B 117 -32.66 20.19 -14.42
C GLN B 117 -31.78 21.34 -13.96
N GLN B 118 -32.12 22.52 -14.41
CA GLN B 118 -31.40 23.71 -14.00
C GLN B 118 -32.05 24.27 -12.74
N VAL B 119 -31.26 24.41 -11.68
CA VAL B 119 -31.74 24.91 -10.40
C VAL B 119 -31.55 26.42 -10.38
N TYR B 120 -32.66 27.16 -10.17
CA TYR B 120 -32.65 28.61 -10.03
C TYR B 120 -32.91 28.98 -8.57
N PHE B 121 -32.18 29.96 -8.08
CA PHE B 121 -32.30 30.32 -6.68
C PHE B 121 -32.02 31.80 -6.51
N ARG B 122 -32.46 32.34 -5.36
CA ARG B 122 -32.32 33.75 -5.03
C ARG B 122 -31.94 33.92 -3.57
N ILE B 123 -31.18 34.98 -3.29
CA ILE B 123 -30.68 35.25 -1.95
C ILE B 123 -30.87 36.73 -1.65
N VAL B 124 -31.64 37.03 -0.59
CA VAL B 124 -31.88 38.38 -0.12
C VAL B 124 -31.59 38.44 1.38
N THR B 125 -30.81 39.43 1.78
CA THR B 125 -30.56 39.74 3.18
C THR B 125 -31.33 41.00 3.56
N MET B 126 -32.00 40.96 4.72
CA MET B 126 -32.73 42.12 5.22
C MET B 126 -32.43 42.29 6.71
N ASP B 127 -32.69 43.49 7.23
CA ASP B 127 -32.60 43.73 8.66
C ASP B 127 -33.98 43.53 9.28
N SER B 128 -34.07 43.73 10.59
CA SER B 128 -35.34 43.50 11.28
C SER B 128 -36.40 44.53 10.93
N ASN B 129 -36.02 45.63 10.28
CA ASN B 129 -36.97 46.62 9.79
C ASN B 129 -37.51 46.28 8.40
N PHE B 130 -37.28 45.05 7.92
CA PHE B 130 -37.71 44.57 6.59
C PHE B 130 -37.19 45.47 5.47
N VAL B 131 -35.95 45.93 5.61
CA VAL B 131 -35.29 46.75 4.59
C VAL B 131 -34.28 45.86 3.87
N PRO B 132 -34.28 45.84 2.54
CA PRO B 132 -33.29 45.01 1.83
C PRO B 132 -31.89 45.62 1.89
N VAL B 133 -30.90 44.74 2.15
CA VAL B 133 -29.50 45.12 2.29
C VAL B 133 -28.77 44.87 0.97
N ASN B 134 -28.11 45.91 0.44
CA ASN B 134 -27.40 45.85 -0.84
C ASN B 134 -25.89 45.69 -0.66
N ASP B 135 -25.44 45.29 0.53
CA ASP B 135 -24.02 45.04 0.72
C ASP B 135 -23.64 43.74 0.02
N LYS B 136 -22.41 43.70 -0.51
CA LYS B 136 -21.96 42.56 -1.28
C LYS B 136 -21.75 41.32 -0.41
N TYR B 137 -21.87 40.15 -1.05
CA TYR B 137 -21.62 38.86 -0.42
C TYR B 137 -20.21 38.40 -0.78
N SER B 138 -19.51 37.83 0.20
CA SER B 138 -18.13 37.38 -0.02
C SER B 138 -18.08 36.18 -0.95
N MET B 139 -18.90 35.17 -0.67
CA MET B 139 -18.84 33.91 -1.40
C MET B 139 -20.19 33.24 -1.30
N VAL B 140 -20.76 32.90 -2.46
CA VAL B 140 -21.87 31.98 -2.55
C VAL B 140 -21.32 30.70 -3.13
N GLU B 141 -21.46 29.59 -2.41
CA GLU B 141 -20.99 28.31 -2.91
C GLU B 141 -22.14 27.30 -2.83
N LEU B 142 -22.04 26.28 -3.67
CA LEU B 142 -23.02 25.22 -3.77
C LEU B 142 -22.35 23.88 -3.46
N GLN B 143 -22.99 23.09 -2.61
CA GLN B 143 -22.42 21.82 -2.17
C GLN B 143 -23.29 20.67 -2.63
N ASP B 144 -22.64 19.58 -3.03
CA ASP B 144 -23.35 18.37 -3.44
C ASP B 144 -23.53 17.49 -2.21
N PRO B 145 -24.31 16.39 -2.29
CA PRO B 145 -24.49 15.53 -1.11
C PRO B 145 -23.21 15.03 -0.47
N ASN B 146 -22.13 14.89 -1.23
CA ASN B 146 -20.84 14.58 -0.63
C ASN B 146 -20.12 15.81 -0.07
N SER B 147 -20.78 16.97 -0.02
CA SER B 147 -20.24 18.24 0.49
C SER B 147 -19.06 18.77 -0.32
N ASN B 148 -18.88 18.26 -1.54
CA ASN B 148 -17.92 18.86 -2.45
C ASN B 148 -18.48 20.18 -2.96
N ARG B 149 -17.64 21.22 -2.94
CA ARG B 149 -18.00 22.50 -3.51
C ARG B 149 -17.93 22.41 -5.04
N ILE B 150 -19.07 22.51 -5.72
CA ILE B 150 -19.11 22.22 -7.15
C ILE B 150 -19.32 23.46 -8.00
N ALA B 151 -19.43 24.65 -7.39
CA ALA B 151 -19.50 25.95 -8.06
C ALA B 151 -19.41 27.04 -7.00
N GLN B 152 -18.78 28.17 -7.35
CA GLN B 152 -18.73 29.30 -6.43
C GLN B 152 -18.84 30.62 -7.18
N TRP B 153 -19.56 31.56 -6.56
CA TRP B 153 -19.70 32.93 -7.02
C TRP B 153 -19.12 33.86 -5.97
N LEU B 154 -18.08 34.59 -6.33
CA LEU B 154 -17.36 35.47 -5.44
C LEU B 154 -17.75 36.92 -5.72
N GLU B 155 -17.86 37.71 -4.66
CA GLU B 155 -18.17 39.15 -4.73
C GLU B 155 -19.46 39.42 -5.50
N VAL B 156 -20.53 38.81 -5.00
CA VAL B 156 -21.86 38.97 -5.59
C VAL B 156 -22.50 40.25 -5.06
N VAL B 157 -22.97 41.08 -5.99
CA VAL B 157 -23.65 42.33 -5.68
C VAL B 157 -25.14 42.15 -5.96
N PRO B 158 -26.03 42.42 -5.00
CA PRO B 158 -27.46 42.26 -5.25
C PRO B 158 -27.99 43.36 -6.14
N GLU B 159 -29.16 43.09 -6.73
CA GLU B 159 -29.91 44.09 -7.47
C GLU B 159 -31.14 44.46 -6.66
N GLN B 160 -31.10 45.67 -6.07
CA GLN B 160 -32.13 46.18 -5.17
C GLN B 160 -32.37 45.21 -4.02
N GLY B 161 -31.29 44.57 -3.55
CA GLY B 161 -31.33 43.58 -2.50
C GLY B 161 -31.43 42.14 -2.95
N ILE B 162 -31.73 41.90 -4.23
CA ILE B 162 -31.96 40.56 -4.73
C ILE B 162 -30.72 40.08 -5.48
N VAL B 163 -30.29 38.85 -5.18
CA VAL B 163 -29.30 38.12 -5.96
C VAL B 163 -30.03 37.08 -6.78
N ASP B 164 -29.84 37.08 -8.10
CA ASP B 164 -30.47 36.12 -8.98
C ASP B 164 -29.39 35.25 -9.62
N LEU B 165 -29.47 33.94 -9.39
CA LEU B 165 -28.49 32.97 -9.86
C LEU B 165 -29.17 31.69 -10.34
N SER B 166 -28.39 30.87 -11.04
CA SER B 166 -28.85 29.60 -11.58
C SER B 166 -27.67 28.62 -11.64
N PHE B 167 -28.00 27.33 -11.67
CA PHE B 167 -26.98 26.30 -11.83
C PHE B 167 -27.53 25.13 -12.62
N GLN B 168 -26.73 24.63 -13.56
CA GLN B 168 -27.10 23.51 -14.41
C GLN B 168 -26.58 22.20 -13.83
N LEU B 169 -27.50 21.29 -13.49
CA LEU B 169 -27.13 19.98 -12.97
C LEU B 169 -26.62 19.06 -14.05
N ALA B 170 -25.78 18.12 -13.63
CA ALA B 170 -25.31 17.12 -14.57
C ALA B 170 -26.39 16.06 -14.78
N PRO B 171 -26.49 15.51 -16.00
CA PRO B 171 -27.58 14.58 -16.31
C PRO B 171 -27.55 13.27 -15.52
N GLU B 172 -26.59 13.04 -14.64
CA GLU B 172 -26.75 11.95 -13.68
C GLU B 172 -26.28 12.37 -12.30
N ALA B 173 -26.27 13.68 -12.00
CA ALA B 173 -25.49 14.27 -10.90
C ALA B 173 -25.88 13.66 -9.56
N MET B 174 -25.02 13.90 -8.56
CA MET B 174 -25.04 13.10 -7.34
C MET B 174 -26.34 13.27 -6.56
N LEU B 175 -26.99 12.14 -6.29
CA LEU B 175 -28.32 12.11 -5.73
C LEU B 175 -28.29 12.36 -4.23
N GLY B 176 -29.26 13.12 -3.74
CA GLY B 176 -29.34 13.39 -2.31
C GLY B 176 -29.70 14.83 -1.98
N THR B 177 -29.12 15.35 -0.90
CA THR B 177 -29.42 16.67 -0.37
C THR B 177 -28.27 17.63 -0.63
N TYR B 178 -28.57 18.74 -1.29
CA TYR B 178 -27.59 19.77 -1.64
C TYR B 178 -27.63 20.90 -0.62
N THR B 179 -26.62 21.77 -0.70
CA THR B 179 -26.46 22.85 0.25
C THR B 179 -26.00 24.11 -0.48
N VAL B 180 -26.73 25.21 -0.28
CA VAL B 180 -26.39 26.54 -0.81
C VAL B 180 -25.87 27.39 0.35
N ALA B 181 -24.58 27.73 0.32
CA ALA B 181 -23.97 28.48 1.42
C ALA B 181 -23.80 29.94 1.06
N VAL B 182 -24.07 30.80 2.04
CA VAL B 182 -23.86 32.24 1.94
C VAL B 182 -22.92 32.65 3.06
N ALA B 183 -22.03 33.61 2.74
CA ALA B 183 -21.27 34.36 3.74
C ALA B 183 -20.44 33.43 4.64
N GLU B 184 -19.68 32.55 3.99
CA GLU B 184 -18.84 31.54 4.65
C GLU B 184 -19.68 30.61 5.52
N GLY B 185 -20.71 30.00 4.92
CA GLY B 185 -21.47 28.91 5.52
C GLY B 185 -22.36 29.25 6.72
N LYS B 186 -22.51 30.51 7.12
CA LYS B 186 -23.27 30.86 8.30
C LYS B 186 -24.78 30.86 8.08
N THR B 187 -25.22 31.05 6.83
CA THR B 187 -26.62 31.02 6.46
C THR B 187 -26.77 30.13 5.24
N PHE B 188 -27.70 29.18 5.29
CA PHE B 188 -27.77 28.23 4.19
C PHE B 188 -29.18 27.66 4.05
N GLY B 189 -29.41 27.02 2.90
CA GLY B 189 -30.64 26.30 2.65
C GLY B 189 -30.39 25.06 1.81
N THR B 190 -31.39 24.16 1.82
CA THR B 190 -31.27 22.83 1.24
C THR B 190 -32.33 22.57 0.18
N PHE B 191 -31.97 21.71 -0.79
CA PHE B 191 -32.89 21.16 -1.76
C PHE B 191 -32.41 19.78 -2.18
N SER B 192 -33.33 18.99 -2.72
CA SER B 192 -33.11 17.57 -2.97
C SER B 192 -33.03 17.30 -4.46
N VAL B 193 -32.26 16.28 -4.84
CA VAL B 193 -32.16 15.85 -6.24
C VAL B 193 -32.18 14.32 -6.26
N GLU B 194 -33.25 13.74 -6.82
CA GLU B 194 -33.37 12.32 -7.11
C GLU B 194 -34.12 12.16 -8.41
N GLU B 195 -34.24 10.91 -8.85
CA GLU B 195 -35.03 10.59 -10.02
C GLU B 195 -36.45 10.31 -9.61
N TYR B 196 -37.40 10.75 -10.44
CA TYR B 196 -38.81 10.55 -10.14
C TYR B 196 -39.58 10.51 -11.46
N VAL B 197 -40.89 10.82 -11.36
CA VAL B 197 -41.92 10.96 -12.41
C VAL B 197 -42.30 9.56 -12.91
N LEU B 198 -41.73 8.54 -12.27
CA LEU B 198 -41.92 7.14 -12.65
C LEU B 198 -43.38 6.65 -12.65
N PRO B 199 -44.22 6.88 -11.62
CA PRO B 199 -45.53 6.18 -11.60
C PRO B 199 -46.45 6.59 -12.73
N LYS B 200 -47.09 5.58 -13.33
CA LYS B 200 -48.09 5.78 -14.37
C LYS B 200 -49.44 6.18 -13.78
N PHE B 201 -49.76 5.68 -12.58
CA PHE B 201 -50.95 6.06 -11.85
C PHE B 201 -50.64 6.13 -10.35
N LYS B 202 -51.52 6.80 -9.60
CA LYS B 202 -51.35 7.00 -8.17
C LYS B 202 -52.50 6.36 -7.40
N VAL B 203 -52.16 5.66 -6.32
CA VAL B 203 -53.14 5.14 -5.37
C VAL B 203 -53.33 6.17 -4.26
N GLU B 204 -54.54 6.70 -4.14
CA GLU B 204 -54.83 7.81 -3.24
C GLU B 204 -55.85 7.39 -2.20
N VAL B 205 -55.60 7.73 -0.95
CA VAL B 205 -56.53 7.52 0.15
C VAL B 205 -57.15 8.88 0.49
N VAL B 206 -58.35 9.14 -0.05
CA VAL B 206 -58.96 10.47 0.07
C VAL B 206 -59.53 10.70 1.47
N GLU B 207 -60.41 9.81 1.93
CA GLU B 207 -61.11 9.90 3.22
C GLU B 207 -60.27 9.79 4.51
N PRO B 208 -59.16 9.02 4.57
CA PRO B 208 -58.38 8.96 5.82
C PRO B 208 -57.94 10.30 6.38
N LYS B 209 -58.31 10.52 7.64
CA LYS B 209 -57.99 11.71 8.44
C LYS B 209 -57.87 11.20 9.87
N GLU B 210 -57.41 12.08 10.77
CA GLU B 210 -57.15 11.67 12.15
C GLU B 210 -58.43 11.21 12.83
N LEU B 211 -58.39 10.01 13.42
CA LEU B 211 -59.58 9.34 13.90
C LEU B 211 -59.75 9.55 15.39
N SER B 212 -60.92 9.13 15.88
CA SER B 212 -61.26 9.24 17.28
C SER B 212 -61.90 7.93 17.72
N THR B 213 -61.73 7.60 19.00
CA THR B 213 -62.29 6.36 19.53
C THR B 213 -63.81 6.40 19.67
N VAL B 214 -64.43 7.58 19.57
CA VAL B 214 -65.89 7.70 19.68
C VAL B 214 -66.61 7.23 18.42
N GLN B 215 -65.90 7.07 17.31
CA GLN B 215 -66.50 6.61 16.07
C GLN B 215 -66.70 5.11 16.11
N GLU B 216 -67.88 4.66 15.69
CA GLU B 216 -68.16 3.22 15.63
C GLU B 216 -67.57 2.60 14.37
N SER B 217 -67.61 3.30 13.24
CA SER B 217 -67.02 2.82 12.01
C SER B 217 -66.58 4.01 11.17
N PHE B 218 -65.56 3.78 10.33
CA PHE B 218 -65.07 4.80 9.41
C PHE B 218 -64.96 4.22 8.00
N LEU B 219 -65.19 5.07 7.01
CA LEU B 219 -65.24 4.67 5.61
C LEU B 219 -63.85 4.83 4.99
N VAL B 220 -63.22 3.71 4.63
CA VAL B 220 -61.96 3.75 3.90
C VAL B 220 -62.27 4.03 2.43
N LYS B 221 -61.71 5.12 1.91
CA LYS B 221 -61.86 5.49 0.51
C LYS B 221 -60.50 5.43 -0.16
N ILE B 222 -60.37 4.57 -1.17
CA ILE B 222 -59.12 4.40 -1.91
C ILE B 222 -59.42 4.67 -3.37
N CYS B 223 -58.92 5.80 -3.87
CA CYS B 223 -59.18 6.24 -5.23
C CYS B 223 -57.91 6.06 -6.06
N CYS B 224 -58.05 5.45 -7.23
CA CYS B 224 -56.94 5.17 -8.14
C CYS B 224 -57.15 5.92 -9.44
N ARG B 225 -56.27 6.85 -9.73
CA ARG B 225 -56.35 7.63 -10.96
C ARG B 225 -54.97 7.70 -11.61
N TYR B 226 -54.97 7.87 -12.93
CA TYR B 226 -53.73 7.97 -13.66
C TYR B 226 -53.06 9.32 -13.38
N THR B 227 -51.84 9.47 -13.87
CA THR B 227 -51.08 10.69 -13.62
C THR B 227 -51.63 11.89 -14.39
N TYR B 228 -52.35 11.67 -15.48
CA TYR B 228 -53.02 12.77 -16.16
C TYR B 228 -54.43 13.02 -15.66
N GLY B 229 -54.95 12.18 -14.77
CA GLY B 229 -56.19 12.45 -14.06
C GLY B 229 -57.35 11.53 -14.36
N LYS B 230 -57.25 10.64 -15.36
CA LYS B 230 -58.37 9.76 -15.65
C LYS B 230 -58.40 8.58 -14.68
N PRO B 231 -59.60 8.13 -14.30
CA PRO B 231 -59.70 6.96 -13.40
C PRO B 231 -59.20 5.68 -14.07
N MET B 232 -58.97 4.68 -13.23
CA MET B 232 -58.37 3.43 -13.65
C MET B 232 -59.12 2.26 -13.02
N LEU B 233 -59.52 1.29 -13.85
CA LEU B 233 -60.25 0.11 -13.40
C LEU B 233 -59.30 -0.98 -12.93
N GLY B 234 -59.66 -1.63 -11.82
CA GLY B 234 -58.84 -2.71 -11.29
C GLY B 234 -59.38 -3.20 -9.97
N ALA B 235 -58.83 -4.33 -9.53
CA ALA B 235 -59.20 -4.95 -8.27
C ALA B 235 -58.35 -4.40 -7.13
N VAL B 236 -58.99 -4.14 -5.99
CA VAL B 236 -58.34 -3.51 -4.84
C VAL B 236 -58.28 -4.51 -3.70
N GLN B 237 -57.15 -4.53 -3.00
CA GLN B 237 -57.00 -5.30 -1.77
C GLN B 237 -56.53 -4.36 -0.66
N VAL B 238 -57.17 -4.44 0.50
CA VAL B 238 -56.92 -3.53 1.61
C VAL B 238 -56.47 -4.35 2.82
N SER B 239 -55.52 -3.80 3.56
CA SER B 239 -55.06 -4.37 4.84
C SER B 239 -55.13 -3.28 5.90
N VAL B 240 -56.15 -3.33 6.75
CA VAL B 240 -56.37 -2.32 7.79
C VAL B 240 -55.98 -2.97 9.11
N CYS B 241 -54.75 -2.73 9.56
CA CYS B 241 -54.18 -3.40 10.71
C CYS B 241 -53.89 -2.41 11.83
N GLN B 242 -53.76 -2.95 13.05
CA GLN B 242 -53.27 -2.23 14.21
C GLN B 242 -52.15 -3.06 14.83
N LYS B 243 -50.93 -2.56 14.79
CA LYS B 243 -49.81 -3.32 15.30
C LYS B 243 -49.71 -3.19 16.83
N ALA B 244 -49.14 -4.22 17.44
CA ALA B 244 -48.93 -4.22 18.88
C ALA B 244 -47.87 -3.21 19.27
N ASN B 245 -48.14 -2.42 20.30
CA ASN B 245 -47.21 -1.41 20.80
C ASN B 245 -46.00 -2.10 21.42
N THR B 246 -44.81 -1.78 20.92
CA THR B 246 -43.58 -2.37 21.44
C THR B 246 -43.29 -1.84 22.84
N TYR B 247 -43.03 -2.75 23.78
CA TYR B 247 -42.78 -2.40 25.18
C TYR B 247 -41.39 -2.86 25.57
N TRP B 248 -40.70 -2.04 26.37
CA TRP B 248 -39.30 -2.26 26.72
C TRP B 248 -39.10 -3.45 27.65
N TYR B 249 -40.09 -3.76 28.47
CA TYR B 249 -39.99 -4.82 29.47
C TYR B 249 -40.00 -6.19 28.79
N ARG B 250 -39.25 -7.14 29.36
CA ARG B 250 -39.14 -8.49 28.82
C ARG B 250 -39.47 -9.52 29.91
N GLU B 251 -40.39 -10.45 29.59
CA GLU B 251 -40.89 -11.45 30.55
C GLU B 251 -41.15 -12.76 29.80
N VAL B 252 -40.87 -13.92 30.45
CA VAL B 252 -40.84 -15.22 29.75
C VAL B 252 -42.22 -15.60 29.25
N GLU B 253 -42.22 -16.34 28.13
CA GLU B 253 -43.41 -16.95 27.53
C GLU B 253 -44.43 -15.88 27.14
N ARG B 254 -43.91 -14.72 26.70
CA ARG B 254 -44.72 -13.64 26.17
C ARG B 254 -44.20 -13.32 24.77
N GLU B 255 -45.10 -13.29 23.80
CA GLU B 255 -44.75 -12.93 22.43
C GLU B 255 -45.56 -11.69 22.06
N GLN B 256 -45.10 -10.97 21.05
CA GLN B 256 -45.81 -9.77 20.60
C GLN B 256 -47.18 -10.17 20.06
N LEU B 257 -48.21 -9.45 20.51
CA LEU B 257 -49.59 -9.81 20.20
C LEU B 257 -49.84 -9.70 18.70
N PRO B 258 -50.72 -10.54 18.14
CA PRO B 258 -50.95 -10.49 16.69
C PRO B 258 -51.64 -9.20 16.29
N ASP B 259 -51.26 -8.69 15.11
CA ASP B 259 -51.78 -7.43 14.62
C ASP B 259 -53.27 -7.58 14.33
N LYS B 260 -54.10 -6.89 15.10
CA LYS B 260 -55.53 -6.85 14.86
C LYS B 260 -55.79 -6.21 13.51
N CYS B 261 -56.16 -7.02 12.52
CA CYS B 261 -56.30 -6.56 11.14
C CYS B 261 -57.75 -6.71 10.70
N ARG B 262 -58.09 -6.02 9.62
CA ARG B 262 -59.33 -6.25 8.90
C ARG B 262 -59.04 -6.16 7.41
N ASN B 263 -59.01 -7.31 6.74
CA ASN B 263 -58.69 -7.36 5.33
C ASN B 263 -59.96 -7.10 4.51
N LEU B 264 -59.84 -6.24 3.50
CA LEU B 264 -60.93 -5.91 2.59
C LEU B 264 -60.48 -6.10 1.15
N SER B 265 -61.43 -6.48 0.30
CA SER B 265 -61.15 -6.64 -1.13
C SER B 265 -62.35 -6.20 -1.94
N GLY B 266 -62.10 -5.76 -3.16
CA GLY B 266 -63.18 -5.33 -4.02
C GLY B 266 -62.66 -4.78 -5.34
N GLN B 267 -63.56 -4.09 -6.05
CA GLN B 267 -63.28 -3.51 -7.35
C GLN B 267 -63.65 -2.03 -7.36
N THR B 268 -62.96 -1.26 -8.20
CA THR B 268 -63.26 0.15 -8.38
C THR B 268 -64.48 0.35 -9.26
N ASP B 269 -65.20 1.45 -9.02
CA ASP B 269 -66.28 1.86 -9.89
C ASP B 269 -65.70 2.67 -11.05
N LYS B 270 -66.56 3.33 -11.83
CA LYS B 270 -66.11 4.08 -12.99
C LYS B 270 -65.53 5.45 -12.64
N THR B 271 -65.63 5.88 -11.39
CA THR B 271 -64.84 7.02 -10.90
C THR B 271 -63.48 6.59 -10.36
N GLY B 272 -63.25 5.29 -10.21
CA GLY B 272 -61.97 4.79 -9.74
C GLY B 272 -61.79 4.71 -8.24
N CYS B 273 -62.87 4.60 -7.47
CA CYS B 273 -62.78 4.61 -6.01
C CYS B 273 -63.49 3.39 -5.42
N PHE B 274 -62.90 2.82 -4.39
CA PHE B 274 -63.47 1.73 -3.63
C PHE B 274 -63.75 2.20 -2.21
N SER B 275 -64.91 1.84 -1.67
CA SER B 275 -65.35 2.34 -0.37
C SER B 275 -66.06 1.24 0.41
N ALA B 276 -65.70 1.09 1.69
CA ALA B 276 -66.28 0.07 2.55
C ALA B 276 -66.11 0.45 4.01
N PRO B 277 -67.12 0.23 4.85
CA PRO B 277 -66.98 0.56 6.28
C PRO B 277 -66.20 -0.49 7.06
N VAL B 278 -65.45 0.01 8.04
CA VAL B 278 -64.62 -0.81 8.93
C VAL B 278 -65.07 -0.56 10.37
N ASP B 279 -65.55 -1.61 11.05
CA ASP B 279 -66.04 -1.47 12.41
C ASP B 279 -64.88 -1.35 13.40
N MET B 280 -65.04 -0.45 14.37
CA MET B 280 -64.00 -0.18 15.36
C MET B 280 -63.95 -1.21 16.49
N ALA B 281 -64.86 -2.19 16.50
CA ALA B 281 -64.79 -3.25 17.50
C ALA B 281 -63.67 -4.25 17.23
N THR B 282 -63.15 -4.30 15.99
CA THR B 282 -62.08 -5.23 15.65
C THR B 282 -60.77 -4.87 16.36
N PHE B 283 -60.45 -3.59 16.42
CA PHE B 283 -59.19 -3.15 16.99
C PHE B 283 -59.36 -2.77 18.45
N ASP B 284 -58.29 -2.99 19.23
CA ASP B 284 -58.24 -2.59 20.63
C ASP B 284 -58.03 -1.08 20.67
N LEU B 285 -59.13 -0.33 20.76
CA LEU B 285 -59.12 1.13 20.76
C LEU B 285 -58.75 1.72 22.11
N ILE B 286 -58.28 0.90 23.04
CA ILE B 286 -58.37 1.26 24.45
C ILE B 286 -57.21 0.65 25.23
N GLY B 287 -56.68 -0.47 24.75
CA GLY B 287 -55.62 -1.14 25.47
C GLY B 287 -54.26 -0.53 25.22
N TYR B 288 -53.43 -0.55 26.26
CA TYR B 288 -52.02 -0.18 26.11
C TYR B 288 -51.26 -1.21 25.29
N ALA B 289 -51.77 -2.45 25.22
CA ALA B 289 -51.10 -3.54 24.53
C ALA B 289 -51.06 -3.38 23.02
N TYR B 290 -51.76 -2.40 22.45
CA TYR B 290 -51.74 -2.15 21.02
C TYR B 290 -51.40 -0.69 20.75
N SER B 291 -50.76 -0.44 19.61
CA SER B 291 -50.34 0.91 19.26
C SER B 291 -51.54 1.77 18.87
N HIS B 292 -51.40 3.08 19.06
CA HIS B 292 -52.49 4.02 18.83
C HIS B 292 -52.57 4.50 17.39
N GLN B 293 -52.00 3.77 16.44
CA GLN B 293 -52.07 4.13 15.03
C GLN B 293 -52.60 2.95 14.23
N ILE B 294 -53.44 3.25 13.24
CA ILE B 294 -53.98 2.26 12.31
C ILE B 294 -53.24 2.42 10.98
N ASN B 295 -52.64 1.33 10.50
CA ASN B 295 -51.87 1.34 9.26
C ASN B 295 -52.70 0.68 8.16
N ILE B 296 -52.93 1.42 7.07
CA ILE B 296 -53.75 0.94 5.96
C ILE B 296 -52.87 0.76 4.74
N VAL B 297 -52.81 -0.49 4.25
CA VAL B 297 -52.07 -0.84 3.06
C VAL B 297 -53.07 -1.13 1.95
N ALA B 298 -52.92 -0.45 0.82
CA ALA B 298 -53.82 -0.61 -0.32
C ALA B 298 -53.01 -0.98 -1.56
N THR B 299 -53.26 -2.17 -2.10
CA THR B 299 -52.58 -2.67 -3.29
C THR B 299 -53.63 -2.89 -4.39
N VAL B 300 -53.37 -2.31 -5.56
CA VAL B 300 -54.34 -2.31 -6.66
C VAL B 300 -53.66 -2.85 -7.92
N VAL B 301 -54.22 -3.94 -8.47
CA VAL B 301 -53.79 -4.52 -9.73
C VAL B 301 -54.76 -4.06 -10.82
N GLU B 302 -54.22 -3.55 -11.92
CA GLU B 302 -55.06 -2.99 -12.96
C GLU B 302 -55.80 -4.09 -13.70
N GLU B 303 -57.10 -3.89 -13.91
CA GLU B 303 -57.92 -4.84 -14.67
C GLU B 303 -57.52 -4.76 -16.14
N GLY B 304 -56.85 -5.80 -16.63
CA GLY B 304 -56.43 -5.84 -18.02
C GLY B 304 -54.93 -5.90 -18.24
N THR B 305 -54.17 -4.94 -17.72
CA THR B 305 -52.72 -4.90 -17.96
C THR B 305 -51.91 -5.62 -16.89
N GLY B 306 -52.43 -5.70 -15.66
CA GLY B 306 -51.74 -6.35 -14.56
C GLY B 306 -50.73 -5.49 -13.82
N VAL B 307 -50.67 -4.19 -14.10
CA VAL B 307 -49.71 -3.31 -13.44
C VAL B 307 -50.15 -3.06 -12.00
N GLU B 308 -49.25 -3.31 -11.06
CA GLU B 308 -49.57 -3.28 -9.64
C GLU B 308 -48.91 -2.06 -9.00
N ALA B 309 -49.65 -1.39 -8.09
CA ALA B 309 -49.13 -0.25 -7.35
C ALA B 309 -49.77 -0.19 -5.97
N ASN B 310 -49.00 0.29 -5.01
CA ASN B 310 -49.39 0.32 -3.61
C ASN B 310 -49.41 1.75 -3.07
N ALA B 311 -50.03 1.92 -1.90
CA ALA B 311 -49.99 3.16 -1.14
C ALA B 311 -50.18 2.84 0.32
N THR B 312 -49.46 3.56 1.18
CA THR B 312 -49.51 3.35 2.63
C THR B 312 -49.77 4.69 3.30
N GLN B 313 -50.82 4.75 4.12
CA GLN B 313 -51.14 5.93 4.89
C GLN B 313 -51.35 5.52 6.33
N ASN B 314 -50.61 6.14 7.25
CA ASN B 314 -50.75 5.87 8.66
C ASN B 314 -51.69 6.89 9.31
N ILE B 315 -52.57 6.41 10.17
CA ILE B 315 -53.63 7.22 10.77
C ILE B 315 -53.47 7.15 12.29
N TYR B 316 -53.07 8.26 12.90
CA TYR B 316 -53.02 8.33 14.36
C TYR B 316 -54.42 8.46 14.95
N ILE B 317 -54.63 7.84 16.11
CA ILE B 317 -55.91 7.85 16.81
C ILE B 317 -55.78 8.69 18.07
N SER B 318 -56.71 9.62 18.25
CA SER B 318 -56.69 10.52 19.40
C SER B 318 -58.07 10.52 20.05
N PRO B 319 -58.15 10.42 21.39
CA PRO B 319 -59.45 10.42 22.04
C PRO B 319 -60.08 11.80 22.21
N GLN B 320 -59.32 12.87 21.98
CA GLN B 320 -59.79 14.21 22.25
C GLN B 320 -60.95 14.61 21.34
N MET B 321 -62.02 15.14 21.92
CA MET B 321 -63.22 15.50 21.19
C MET B 321 -63.45 17.00 21.10
N GLY B 322 -62.62 17.81 21.73
CA GLY B 322 -62.85 19.25 21.71
C GLY B 322 -61.81 19.98 22.55
N SER B 323 -61.69 21.27 22.28
CA SER B 323 -60.72 22.14 22.94
C SER B 323 -61.39 23.43 23.40
N MET B 324 -60.72 24.13 24.32
CA MET B 324 -61.21 25.41 24.81
C MET B 324 -60.04 26.28 25.26
N THR B 325 -60.08 27.56 24.88
CA THR B 325 -59.00 28.50 25.19
C THR B 325 -59.59 29.82 25.67
N PHE B 326 -58.80 30.56 26.44
CA PHE B 326 -59.13 31.92 26.85
C PHE B 326 -58.48 32.93 25.90
N GLU B 327 -59.29 33.68 25.18
CA GLU B 327 -58.83 34.79 24.36
C GLU B 327 -59.40 36.10 24.90
N ASP B 328 -58.68 37.19 24.62
CA ASP B 328 -59.04 38.55 25.05
C ASP B 328 -59.23 38.65 26.57
N THR B 329 -58.26 38.08 27.29
CA THR B 329 -58.18 38.16 28.74
C THR B 329 -56.73 38.38 29.11
N SER B 330 -56.51 38.97 30.27
CA SER B 330 -55.17 39.13 30.82
C SER B 330 -55.00 38.14 31.96
N ASN B 331 -53.81 38.16 32.58
CA ASN B 331 -53.57 37.38 33.79
C ASN B 331 -53.63 38.26 35.03
N PHE B 332 -54.37 39.36 34.96
CA PHE B 332 -54.59 40.24 36.10
C PHE B 332 -55.98 40.84 35.99
N TYR B 333 -56.43 41.42 37.10
CA TYR B 333 -57.73 42.06 37.15
C TYR B 333 -57.66 43.25 38.09
N HIS B 334 -58.66 44.16 37.96
CA HIS B 334 -58.85 45.29 38.87
C HIS B 334 -59.96 44.96 39.84
N PRO B 335 -59.71 45.04 41.15
CA PRO B 335 -60.79 44.84 42.13
C PRO B 335 -61.80 45.97 42.08
N ASN B 336 -63.04 45.61 42.39
CA ASN B 336 -64.25 46.45 42.48
C ASN B 336 -64.78 46.90 41.13
N PHE B 337 -64.28 46.38 40.02
CA PHE B 337 -64.69 46.81 38.69
C PHE B 337 -64.78 45.60 37.77
N PRO B 338 -65.71 45.60 36.81
CA PRO B 338 -66.00 44.37 36.05
C PRO B 338 -64.85 43.95 35.14
N PHE B 339 -64.53 42.65 35.19
CA PHE B 339 -63.48 42.03 34.40
C PHE B 339 -64.10 41.29 33.22
N SER B 340 -63.81 41.72 32.00
CA SER B 340 -64.42 41.16 30.81
C SER B 340 -63.46 40.22 30.09
N GLY B 341 -64.04 39.34 29.30
CA GLY B 341 -63.24 38.42 28.51
C GLY B 341 -64.09 37.65 27.54
N LYS B 342 -63.46 36.70 26.85
CA LYS B 342 -64.15 35.84 25.91
C LYS B 342 -63.61 34.41 26.04
N ILE B 343 -64.43 33.45 25.59
CA ILE B 343 -64.10 32.03 25.65
C ILE B 343 -64.33 31.42 24.27
N ARG B 344 -63.28 30.87 23.66
CA ARG B 344 -63.35 30.24 22.35
C ARG B 344 -63.50 28.72 22.50
N VAL B 345 -64.51 28.16 21.82
CA VAL B 345 -64.87 26.75 21.94
C VAL B 345 -64.77 26.10 20.56
N ARG B 346 -64.02 24.99 20.47
CA ARG B 346 -63.83 24.24 19.24
C ARG B 346 -64.13 22.76 19.47
N GLY B 347 -64.47 22.06 18.38
CA GLY B 347 -64.65 20.63 18.41
C GLY B 347 -63.34 19.89 18.19
N HIS B 348 -63.44 18.62 17.80
CA HIS B 348 -62.26 17.80 17.52
C HIS B 348 -61.65 18.09 16.15
N ASP B 349 -62.41 18.68 15.22
CA ASP B 349 -61.90 19.09 13.91
C ASP B 349 -61.66 20.60 13.83
N ASP B 350 -61.61 21.27 15.00
CA ASP B 350 -61.35 22.70 15.17
C ASP B 350 -62.41 23.59 14.54
N SER B 351 -63.62 23.07 14.32
CA SER B 351 -64.74 23.89 13.89
C SER B 351 -65.28 24.71 15.06
N PHE B 352 -65.70 25.94 14.77
CA PHE B 352 -66.24 26.84 15.79
C PHE B 352 -67.64 26.39 16.21
N LEU B 353 -67.75 25.83 17.42
CA LEU B 353 -69.01 25.29 17.91
C LEU B 353 -69.97 26.43 18.22
N LYS B 354 -71.01 26.57 17.41
CA LYS B 354 -71.96 27.66 17.53
C LYS B 354 -73.08 27.27 18.48
N ASN B 355 -73.50 28.24 19.30
CA ASN B 355 -74.62 28.10 20.25
C ASN B 355 -74.43 26.93 21.23
N HIS B 356 -73.18 26.65 21.61
CA HIS B 356 -72.86 25.53 22.49
C HIS B 356 -72.86 25.99 23.94
N LEU B 357 -73.56 25.25 24.80
CA LEU B 357 -73.64 25.57 26.23
C LEU B 357 -72.34 25.19 26.92
N VAL B 358 -71.66 26.17 27.53
CA VAL B 358 -70.42 25.95 28.27
C VAL B 358 -70.58 26.55 29.66
N PHE B 359 -69.78 26.02 30.60
CA PHE B 359 -69.89 26.37 32.02
C PHE B 359 -68.61 27.05 32.47
N LEU B 360 -68.74 28.28 32.98
CA LEU B 360 -67.63 29.06 33.53
C LEU B 360 -67.64 28.91 35.05
N VAL B 361 -66.61 28.24 35.59
CA VAL B 361 -66.49 27.99 37.02
C VAL B 361 -65.48 28.97 37.59
N ILE B 362 -65.85 29.62 38.69
CA ILE B 362 -65.04 30.65 39.33
C ILE B 362 -64.58 30.12 40.68
N TYR B 363 -63.27 29.94 40.84
CA TYR B 363 -62.69 29.46 42.08
C TYR B 363 -62.14 30.64 42.88
N GLY B 364 -62.59 30.75 44.14
CA GLY B 364 -62.18 31.84 44.99
C GLY B 364 -62.16 31.50 46.46
N THR B 365 -61.91 32.51 47.30
CA THR B 365 -61.92 32.32 48.75
C THR B 365 -63.31 32.41 49.36
N ASN B 366 -64.23 33.17 48.74
CA ASN B 366 -65.61 33.27 49.22
C ASN B 366 -66.55 32.23 48.61
N GLY B 367 -66.01 31.27 47.88
CA GLY B 367 -66.79 30.14 47.40
C GLY B 367 -66.65 29.97 45.89
N THR B 368 -67.16 28.82 45.44
CA THR B 368 -67.16 28.44 44.03
C THR B 368 -68.49 28.84 43.40
N PHE B 369 -68.42 29.67 42.36
CA PHE B 369 -69.60 30.16 41.67
C PHE B 369 -69.56 29.75 40.20
N ASN B 370 -70.75 29.54 39.63
CA ASN B 370 -70.90 28.96 38.30
C ASN B 370 -71.71 29.89 37.40
N GLN B 371 -71.22 30.05 36.17
CA GLN B 371 -71.94 30.79 35.14
C GLN B 371 -72.07 29.93 33.89
N THR B 372 -73.25 29.99 33.26
CA THR B 372 -73.51 29.29 32.02
C THR B 372 -73.50 30.29 30.87
N LEU B 373 -72.74 29.97 29.82
CA LEU B 373 -72.56 30.86 28.68
C LEU B 373 -72.93 30.14 27.39
N VAL B 374 -73.31 30.92 26.37
CA VAL B 374 -73.66 30.42 25.05
C VAL B 374 -72.74 31.08 24.02
N THR B 375 -72.24 30.30 23.06
CA THR B 375 -71.31 30.77 22.03
C THR B 375 -72.04 31.32 20.80
N ASP B 376 -71.32 32.07 19.97
CA ASP B 376 -71.87 32.69 18.77
C ASP B 376 -71.41 31.94 17.51
N ASN B 377 -71.47 32.60 16.34
CA ASN B 377 -71.13 31.97 15.07
C ASN B 377 -69.62 31.84 14.85
N ASN B 378 -68.80 32.62 15.55
CA ASN B 378 -67.35 32.50 15.50
C ASN B 378 -66.82 31.67 16.66
N GLY B 379 -67.69 30.97 17.38
CA GLY B 379 -67.29 30.15 18.50
C GLY B 379 -66.81 30.89 19.74
N LEU B 380 -67.27 32.12 19.94
CA LEU B 380 -66.81 32.97 21.04
C LEU B 380 -67.93 33.15 22.07
N ALA B 381 -67.61 32.94 23.35
CA ALA B 381 -68.57 33.10 24.44
C ALA B 381 -68.13 34.24 25.37
N PRO B 382 -68.73 35.42 25.28
CA PRO B 382 -68.30 36.53 26.14
C PRO B 382 -68.87 36.42 27.54
N PHE B 383 -68.10 36.94 28.51
CA PHE B 383 -68.52 36.95 29.90
C PHE B 383 -68.09 38.27 30.54
N THR B 384 -68.68 38.55 31.71
CA THR B 384 -68.31 39.70 32.52
C THR B 384 -68.60 39.37 33.97
N LEU B 385 -67.60 39.54 34.83
CA LEU B 385 -67.69 39.20 36.24
C LEU B 385 -67.54 40.46 37.08
N GLU B 386 -68.46 40.66 38.03
CA GLU B 386 -68.36 41.79 38.95
C GLU B 386 -67.35 41.45 40.03
N THR B 387 -66.20 42.13 40.00
CA THR B 387 -65.10 41.87 40.92
C THR B 387 -65.25 42.61 42.25
N SER B 388 -66.42 43.18 42.52
CA SER B 388 -66.62 43.90 43.78
C SER B 388 -66.71 42.95 44.97
N GLY B 389 -67.16 41.72 44.73
CA GLY B 389 -67.27 40.71 45.76
C GLY B 389 -66.05 39.82 45.91
N TRP B 390 -64.93 40.17 45.27
CA TRP B 390 -63.76 39.31 45.29
C TRP B 390 -62.77 39.68 46.38
N ASN B 391 -62.93 40.87 47.00
CA ASN B 391 -62.11 41.36 48.12
C ASN B 391 -60.61 41.40 47.80
N GLY B 392 -60.26 41.57 46.53
CA GLY B 392 -58.87 41.74 46.13
C GLY B 392 -58.00 40.53 46.32
N THR B 393 -58.54 39.33 46.11
CA THR B 393 -57.81 38.09 46.30
C THR B 393 -57.58 37.41 44.96
N ASP B 394 -56.73 36.39 44.98
CA ASP B 394 -56.46 35.62 43.77
C ASP B 394 -57.68 34.79 43.39
N VAL B 395 -58.01 34.78 42.10
CA VAL B 395 -59.15 34.05 41.56
C VAL B 395 -58.65 33.22 40.36
N SER B 396 -58.96 31.93 40.36
CA SER B 396 -58.58 31.03 39.27
C SER B 396 -59.82 30.70 38.44
N LEU B 397 -59.75 30.98 37.15
CA LEU B 397 -60.87 30.76 36.23
C LEU B 397 -60.68 29.44 35.49
N GLU B 398 -61.77 28.70 35.33
CA GLU B 398 -61.76 27.48 34.54
C GLU B 398 -63.06 27.38 33.75
N GLY B 399 -62.95 27.14 32.45
CA GLY B 399 -64.10 26.88 31.60
C GLY B 399 -64.24 25.40 31.31
N LYS B 400 -65.45 24.88 31.53
CA LYS B 400 -65.73 23.45 31.38
C LYS B 400 -66.82 23.23 30.36
N PHE B 401 -66.66 22.16 29.56
CA PHE B 401 -67.72 21.72 28.66
C PHE B 401 -68.91 21.18 29.45
N GLN B 402 -68.64 20.36 30.46
CA GLN B 402 -69.67 19.73 31.29
C GLN B 402 -69.27 19.85 32.76
N MET B 403 -70.28 19.87 33.65
CA MET B 403 -70.03 20.09 35.07
C MET B 403 -69.50 18.84 35.75
N GLU B 404 -70.20 17.72 35.62
CA GLU B 404 -69.79 16.48 36.25
C GLU B 404 -68.60 15.86 35.50
N ASP B 405 -67.69 15.26 36.25
CA ASP B 405 -66.50 14.65 35.67
C ASP B 405 -66.86 13.38 34.89
N LEU B 406 -66.12 13.11 33.82
CA LEU B 406 -66.39 11.94 33.00
C LEU B 406 -65.94 10.67 33.72
N VAL B 407 -66.80 9.65 33.69
CA VAL B 407 -66.55 8.37 34.33
C VAL B 407 -66.12 7.36 33.27
N TYR B 408 -64.92 6.82 33.43
CA TYR B 408 -64.38 5.89 32.45
C TYR B 408 -63.74 4.72 33.18
N ASN B 409 -63.75 3.57 32.52
CA ASN B 409 -63.05 2.40 33.04
C ASN B 409 -61.55 2.69 33.04
N PRO B 410 -60.85 2.45 34.16
CA PRO B 410 -59.47 2.94 34.29
C PRO B 410 -58.48 2.30 33.32
N GLU B 411 -58.74 1.08 32.85
CA GLU B 411 -57.91 0.48 31.82
C GLU B 411 -58.20 1.05 30.43
N GLN B 412 -59.38 1.63 30.22
CA GLN B 412 -59.77 2.18 28.94
C GLN B 412 -59.17 3.56 28.72
N VAL B 413 -58.83 3.87 27.47
CA VAL B 413 -58.30 5.18 27.10
C VAL B 413 -59.41 6.23 27.16
N PRO B 414 -59.26 7.28 27.96
CA PRO B 414 -60.34 8.23 28.15
C PRO B 414 -60.34 9.33 27.09
N ARG B 415 -61.55 9.60 26.59
CA ARG B 415 -61.79 10.78 25.77
C ARG B 415 -61.98 12.00 26.67
N TYR B 416 -61.25 13.07 26.38
CA TYR B 416 -61.17 14.21 27.28
C TYR B 416 -61.54 15.50 26.56
N TYR B 417 -61.93 16.48 27.37
CA TYR B 417 -62.22 17.84 26.92
C TYR B 417 -61.12 18.75 27.47
N GLN B 418 -60.41 19.42 26.58
CA GLN B 418 -59.28 20.27 26.97
C GLN B 418 -59.81 21.57 27.54
N ASN B 419 -59.85 21.67 28.87
CA ASN B 419 -60.37 22.85 29.52
C ASN B 419 -59.36 24.00 29.44
N ALA B 420 -59.87 25.22 29.58
CA ALA B 420 -59.08 26.43 29.61
C ALA B 420 -58.93 26.93 31.04
N TYR B 421 -57.72 27.34 31.39
CA TYR B 421 -57.41 27.80 32.73
C TYR B 421 -56.83 29.20 32.69
N LEU B 422 -57.08 29.97 33.75
CA LEU B 422 -56.55 31.32 33.87
C LEU B 422 -56.41 31.68 35.35
N HIS B 423 -55.20 32.09 35.74
CA HIS B 423 -54.93 32.54 37.09
C HIS B 423 -54.82 34.06 37.07
N LEU B 424 -55.66 34.73 37.87
CA LEU B 424 -55.73 36.19 37.91
C LEU B 424 -55.12 36.67 39.23
N ARG B 425 -54.10 37.54 39.13
CA ARG B 425 -53.51 38.23 40.28
C ARG B 425 -54.03 39.65 40.31
N PRO B 426 -54.49 40.16 41.46
CA PRO B 426 -55.02 41.53 41.49
C PRO B 426 -53.91 42.56 41.28
N PHE B 427 -54.24 43.56 40.46
CA PHE B 427 -53.33 44.69 40.27
C PHE B 427 -53.26 45.49 41.56
N TYR B 428 -52.06 45.67 42.11
CA TYR B 428 -51.93 46.46 43.33
C TYR B 428 -52.05 47.94 42.98
N SER B 429 -53.14 48.57 43.42
CA SER B 429 -53.39 49.98 43.19
C SER B 429 -53.70 50.66 44.52
N THR B 430 -53.06 51.80 44.75
CA THR B 430 -53.36 52.62 45.91
C THR B 430 -54.53 53.58 45.68
N THR B 431 -55.17 53.52 44.51
CA THR B 431 -56.30 54.38 44.19
C THR B 431 -57.56 53.54 43.96
N ARG B 432 -58.73 54.18 44.12
CA ARG B 432 -60.03 53.54 43.98
C ARG B 432 -60.69 53.84 42.64
N SER B 433 -59.91 54.29 41.66
CA SER B 433 -60.41 54.57 40.33
C SER B 433 -60.30 53.32 39.46
N PHE B 434 -60.66 53.45 38.18
CA PHE B 434 -60.62 52.31 37.25
C PHE B 434 -60.16 52.76 35.87
N LEU B 435 -59.43 51.87 35.19
CA LEU B 435 -59.07 52.06 33.80
C LEU B 435 -59.15 50.70 33.11
N GLY B 436 -60.06 50.57 32.15
CA GLY B 436 -60.30 49.31 31.48
C GLY B 436 -60.45 49.43 29.98
N ILE B 437 -59.75 48.59 29.23
CA ILE B 437 -59.61 48.75 27.78
C ILE B 437 -60.41 47.66 27.08
N HIS B 438 -61.22 48.07 26.10
CA HIS B 438 -61.92 47.11 25.26
C HIS B 438 -60.95 46.44 24.31
N ARG B 439 -61.18 45.16 24.06
CA ARG B 439 -60.31 44.34 23.22
C ARG B 439 -60.98 44.05 21.88
N LEU B 440 -60.15 43.90 20.85
CA LEU B 440 -60.62 43.76 19.47
C LEU B 440 -60.63 42.30 19.04
N ASN B 441 -61.56 41.99 18.12
CA ASN B 441 -61.83 40.62 17.68
C ASN B 441 -61.09 40.29 16.39
N GLY B 442 -60.57 39.06 16.33
CA GLY B 442 -59.97 38.55 15.12
C GLY B 442 -58.57 39.07 14.89
N PRO B 443 -57.84 38.44 13.98
CA PRO B 443 -56.56 38.98 13.53
C PRO B 443 -56.76 40.25 12.72
N LEU B 444 -56.33 41.39 13.27
CA LEU B 444 -56.71 42.67 12.73
C LEU B 444 -56.00 42.94 11.41
N LYS B 445 -56.76 43.44 10.44
CA LYS B 445 -56.19 43.80 9.16
C LYS B 445 -55.26 44.99 9.33
N CYS B 446 -54.07 44.86 8.77
CA CYS B 446 -53.03 45.86 8.92
C CYS B 446 -53.33 47.08 8.08
N GLY B 447 -52.99 48.26 8.60
CA GLY B 447 -53.13 49.52 7.89
C GLY B 447 -54.47 50.21 8.05
N GLN B 448 -55.56 49.47 8.30
CA GLN B 448 -56.82 50.14 8.55
C GLN B 448 -56.83 50.73 9.95
N PRO B 449 -57.31 51.95 10.11
CA PRO B 449 -57.45 52.52 11.46
C PRO B 449 -58.50 51.77 12.26
N GLN B 450 -58.21 51.55 13.55
CA GLN B 450 -59.06 50.78 14.46
C GLN B 450 -59.37 51.60 15.71
N GLU B 451 -60.64 51.61 16.11
CA GLU B 451 -61.10 52.34 17.28
C GLU B 451 -61.15 51.40 18.48
N VAL B 452 -60.44 51.77 19.54
CA VAL B 452 -60.37 50.98 20.76
C VAL B 452 -61.04 51.78 21.87
N LEU B 453 -62.10 51.22 22.45
CA LEU B 453 -62.82 51.87 23.53
C LEU B 453 -62.10 51.67 24.86
N VAL B 454 -62.11 52.71 25.69
CA VAL B 454 -61.45 52.70 27.00
C VAL B 454 -62.46 53.19 28.03
N ASP B 455 -62.78 52.33 28.99
CA ASP B 455 -63.68 52.69 30.08
C ASP B 455 -62.89 53.20 31.26
N TYR B 456 -63.44 54.22 31.94
CA TYR B 456 -62.78 54.75 33.13
C TYR B 456 -63.82 55.27 34.11
N TYR B 457 -63.54 55.06 35.39
CA TYR B 457 -64.26 55.66 36.51
C TYR B 457 -63.24 56.31 37.42
N ILE B 458 -63.54 57.51 37.89
CA ILE B 458 -62.63 58.25 38.76
C ILE B 458 -63.30 58.44 40.11
N ASP B 459 -62.72 57.82 41.13
CA ASP B 459 -63.14 58.03 42.50
C ASP B 459 -62.79 59.46 42.90
N PRO B 460 -63.69 60.20 43.55
CA PRO B 460 -63.37 61.59 43.93
C PRO B 460 -62.29 61.72 45.01
N ALA B 461 -62.00 60.65 45.76
CA ALA B 461 -61.01 60.72 46.84
C ALA B 461 -59.57 60.71 46.33
N ASP B 462 -59.36 60.49 45.04
CA ASP B 462 -58.02 60.53 44.45
C ASP B 462 -57.75 61.81 43.69
N ALA B 463 -58.80 62.47 43.19
CA ALA B 463 -58.67 63.74 42.49
C ALA B 463 -59.97 64.52 42.69
N SER B 464 -59.83 65.83 42.86
CA SER B 464 -60.99 66.68 42.99
C SER B 464 -61.78 66.69 41.68
N PRO B 465 -63.12 66.76 41.74
CA PRO B 465 -63.92 66.77 40.51
C PRO B 465 -63.77 68.03 39.66
N ASP B 466 -63.08 69.06 40.14
CA ASP B 466 -62.72 70.21 39.32
C ASP B 466 -61.41 70.02 38.59
N GLN B 467 -60.60 69.05 39.00
CA GLN B 467 -59.27 68.84 38.44
C GLN B 467 -59.35 68.13 37.09
N GLU B 468 -58.59 68.63 36.12
CA GLU B 468 -58.45 67.92 34.87
C GLU B 468 -57.55 66.70 35.07
N ILE B 469 -57.91 65.60 34.43
CA ILE B 469 -57.25 64.31 34.59
C ILE B 469 -56.61 63.94 33.26
N SER B 470 -55.30 63.67 33.30
CA SER B 470 -54.50 63.37 32.12
C SER B 470 -54.15 61.88 32.10
N PHE B 471 -54.69 61.16 31.12
CA PHE B 471 -54.28 59.80 30.81
C PHE B 471 -53.19 59.85 29.75
N SER B 472 -52.07 59.21 30.04
CA SER B 472 -51.00 59.00 29.06
C SER B 472 -51.02 57.53 28.62
N TYR B 473 -50.99 57.31 27.31
CA TYR B 473 -51.04 55.95 26.78
C TYR B 473 -49.81 55.69 25.91
N TYR B 474 -49.48 54.42 25.79
CA TYR B 474 -48.23 53.96 25.17
C TYR B 474 -48.52 52.78 24.25
N LEU B 475 -47.90 52.77 23.07
CA LEU B 475 -48.07 51.71 22.09
C LEU B 475 -46.71 51.12 21.73
N ILE B 476 -46.52 49.83 22.02
CA ILE B 476 -45.24 49.16 21.89
C ILE B 476 -45.38 48.01 20.90
N GLY B 477 -44.48 47.95 19.94
CA GLY B 477 -44.38 46.80 19.06
C GLY B 477 -42.94 46.33 18.99
N LYS B 478 -42.77 45.01 19.02
CA LYS B 478 -41.49 44.33 18.81
C LYS B 478 -40.43 44.73 19.83
N GLY B 479 -40.83 45.28 20.97
CA GLY B 479 -39.86 45.78 21.92
C GLY B 479 -39.29 47.15 21.64
N SER B 480 -40.07 48.06 21.06
CA SER B 480 -39.62 49.42 20.87
C SER B 480 -40.81 50.36 20.96
N LEU B 481 -40.54 51.64 21.19
CA LEU B 481 -41.59 52.62 21.43
C LEU B 481 -42.07 53.19 20.09
N VAL B 482 -43.35 53.00 19.80
CA VAL B 482 -43.93 53.41 18.53
C VAL B 482 -44.63 54.75 18.62
N MET B 483 -45.72 54.79 19.39
CA MET B 483 -46.62 55.94 19.42
C MET B 483 -46.88 56.34 20.87
N GLU B 484 -47.06 57.63 21.08
CA GLU B 484 -47.31 58.18 22.39
C GLU B 484 -48.34 59.30 22.27
N GLY B 485 -48.88 59.70 23.41
CA GLY B 485 -49.87 60.76 23.42
C GLY B 485 -50.52 60.86 24.78
N GLN B 486 -51.39 61.86 24.89
CA GLN B 486 -52.15 62.12 26.11
C GLN B 486 -53.58 62.50 25.77
N LYS B 487 -54.52 61.93 26.53
CA LYS B 487 -55.95 62.21 26.39
C LYS B 487 -56.38 62.97 27.65
N HIS B 488 -56.58 64.28 27.52
CA HIS B 488 -56.99 65.11 28.65
C HIS B 488 -58.50 65.05 28.80
N LEU B 489 -58.96 64.83 30.03
CA LEU B 489 -60.38 64.74 30.32
C LEU B 489 -60.71 65.68 31.47
N ASN B 490 -61.63 66.60 31.22
CA ASN B 490 -62.12 67.52 32.23
C ASN B 490 -63.28 66.86 32.96
N SER B 491 -63.18 66.76 34.30
CA SER B 491 -64.15 66.02 35.11
C SER B 491 -65.50 66.71 35.22
N LYS B 492 -65.64 67.94 34.71
CA LYS B 492 -66.92 68.63 34.71
C LYS B 492 -67.77 68.26 33.49
N LYS B 493 -67.13 67.94 32.35
CA LYS B 493 -67.85 67.74 31.10
C LYS B 493 -68.41 66.33 30.96
N LYS B 494 -67.64 65.30 31.34
CA LYS B 494 -68.05 63.91 31.15
C LYS B 494 -68.41 63.20 32.45
N GLY B 495 -68.38 63.90 33.58
CA GLY B 495 -68.69 63.28 34.86
C GLY B 495 -67.50 62.55 35.43
N LEU B 496 -67.76 61.78 36.48
CA LEU B 496 -66.74 60.89 37.02
C LEU B 496 -66.97 59.43 36.63
N LYS B 497 -67.77 59.18 35.59
CA LYS B 497 -67.90 57.85 35.01
C LYS B 497 -68.30 58.00 33.55
N ALA B 498 -67.37 57.76 32.62
CA ALA B 498 -67.62 57.91 31.18
C ALA B 498 -66.56 57.10 30.42
N SER B 499 -66.38 57.40 29.13
CA SER B 499 -65.45 56.66 28.28
C SER B 499 -64.93 57.56 27.17
N PHE B 500 -63.87 57.09 26.52
CA PHE B 500 -63.30 57.75 25.35
C PHE B 500 -62.73 56.68 24.43
N SER B 501 -62.31 57.09 23.22
CA SER B 501 -61.80 56.17 22.21
C SER B 501 -60.44 56.62 21.73
N LEU B 502 -59.65 55.66 21.26
CA LEU B 502 -58.33 55.90 20.71
C LEU B 502 -58.31 55.50 19.23
N SER B 503 -57.78 56.38 18.38
CA SER B 503 -57.72 56.13 16.93
C SER B 503 -56.31 55.68 16.57
N LEU B 504 -56.13 54.37 16.46
CA LEU B 504 -54.84 53.77 16.16
C LEU B 504 -54.81 53.28 14.74
N THR B 505 -53.62 53.24 14.14
CA THR B 505 -53.41 52.63 12.83
C THR B 505 -52.26 51.65 12.95
N PHE B 506 -52.52 50.38 12.63
CA PHE B 506 -51.55 49.30 12.81
C PHE B 506 -50.71 49.16 11.55
N THR B 507 -49.42 49.43 11.67
CA THR B 507 -48.48 49.30 10.57
C THR B 507 -47.68 48.02 10.72
N SER B 508 -46.73 47.84 9.82
CA SER B 508 -45.86 46.70 9.93
C SER B 508 -44.79 46.87 11.00
N ARG B 509 -44.43 48.12 11.35
CA ARG B 509 -43.44 48.32 12.40
C ARG B 509 -43.99 47.93 13.75
N LEU B 510 -45.29 48.03 13.93
CA LEU B 510 -45.95 47.35 15.03
C LEU B 510 -45.86 45.86 14.82
N ALA B 511 -45.69 45.12 15.92
CA ALA B 511 -45.52 43.67 15.94
C ALA B 511 -46.76 42.97 15.40
N PRO B 512 -46.70 41.66 15.13
CA PRO B 512 -47.95 40.90 14.99
C PRO B 512 -48.75 40.82 16.29
N ASP B 513 -48.14 41.05 17.45
CA ASP B 513 -48.85 41.15 18.72
C ASP B 513 -48.32 42.38 19.46
N PRO B 514 -48.80 43.57 19.11
CA PRO B 514 -48.34 44.78 19.80
C PRO B 514 -49.04 44.92 21.15
N SER B 515 -48.44 45.76 22.00
CA SER B 515 -48.90 45.95 23.38
C SER B 515 -49.32 47.40 23.61
N LEU B 516 -50.54 47.58 24.10
CA LEU B 516 -51.07 48.88 24.49
C LEU B 516 -51.08 49.00 26.01
N VAL B 517 -50.37 50.00 26.54
CA VAL B 517 -50.28 50.25 27.97
C VAL B 517 -50.76 51.68 28.24
N ILE B 518 -51.82 51.80 29.04
CA ILE B 518 -52.44 53.08 29.39
C ILE B 518 -52.41 53.23 30.90
N TYR B 519 -52.06 54.42 31.39
CA TYR B 519 -51.89 54.67 32.82
C TYR B 519 -52.23 56.13 33.14
N ALA B 520 -52.50 56.41 34.42
CA ALA B 520 -52.69 57.77 34.90
C ALA B 520 -52.21 57.87 36.34
N ILE B 521 -51.50 58.96 36.65
CA ILE B 521 -51.02 59.25 38.00
C ILE B 521 -51.92 60.31 38.63
N PHE B 522 -52.43 60.02 39.84
CA PHE B 522 -53.16 60.97 40.67
C PHE B 522 -52.17 61.75 41.54
N PRO B 523 -52.55 62.93 42.07
CA PRO B 523 -51.62 63.70 42.91
C PRO B 523 -51.13 62.97 44.16
N SER B 524 -51.83 61.92 44.59
CA SER B 524 -51.36 61.07 45.68
C SER B 524 -50.17 60.21 45.28
N GLY B 525 -49.80 60.20 44.00
CA GLY B 525 -48.80 59.29 43.51
C GLY B 525 -49.34 57.95 43.07
N GLY B 526 -50.62 57.68 43.27
CA GLY B 526 -51.18 56.40 42.91
C GLY B 526 -51.36 56.25 41.42
N VAL B 527 -51.38 55.00 40.97
CA VAL B 527 -51.42 54.66 39.56
C VAL B 527 -52.51 53.63 39.31
N VAL B 528 -53.21 53.78 38.19
CA VAL B 528 -54.17 52.79 37.69
C VAL B 528 -53.87 52.55 36.21
N ALA B 529 -53.78 51.27 35.82
CA ALA B 529 -53.31 50.95 34.48
C ALA B 529 -54.00 49.68 33.96
N ASP B 530 -53.81 49.42 32.67
CA ASP B 530 -54.36 48.26 32.00
C ASP B 530 -53.41 47.90 30.85
N LYS B 531 -53.36 46.61 30.52
CA LYS B 531 -52.44 46.12 29.49
C LYS B 531 -53.17 45.14 28.59
N ILE B 532 -53.12 45.39 27.28
CA ILE B 532 -53.88 44.64 26.28
C ILE B 532 -53.01 44.38 25.06
N GLN B 533 -53.05 43.15 24.55
CA GLN B 533 -52.26 42.74 23.40
C GLN B 533 -53.21 42.45 22.22
N PHE B 534 -52.76 42.79 21.01
CA PHE B 534 -53.58 42.72 19.81
C PHE B 534 -53.13 41.57 18.91
N SER B 535 -53.97 41.26 17.93
CA SER B 535 -53.68 40.26 16.92
C SER B 535 -53.72 40.94 15.56
N VAL B 536 -52.55 41.11 14.93
CA VAL B 536 -52.41 41.84 13.68
C VAL B 536 -51.89 40.90 12.61
N GLU B 537 -52.43 41.03 11.41
CA GLU B 537 -51.92 40.34 10.23
C GLU B 537 -50.45 40.67 10.02
N MET B 538 -49.68 39.68 9.61
CA MET B 538 -48.26 39.89 9.34
C MET B 538 -48.14 40.59 7.99
N CYS B 539 -47.92 41.90 8.01
CA CYS B 539 -48.02 42.77 6.84
C CYS B 539 -46.64 43.29 6.45
N PHE B 540 -46.58 43.97 5.30
CA PHE B 540 -45.35 44.59 4.83
C PHE B 540 -45.66 45.96 4.23
N ASP B 541 -44.65 46.83 4.25
CA ASP B 541 -44.83 48.20 3.77
C ASP B 541 -44.88 48.29 2.25
N ASN B 542 -44.50 47.23 1.54
CA ASN B 542 -44.63 47.17 0.10
C ASN B 542 -45.80 46.24 -0.22
N GLN B 543 -46.91 46.83 -0.63
CA GLN B 543 -48.07 46.04 -1.02
C GLN B 543 -47.80 45.42 -2.38
N VAL B 544 -47.72 44.09 -2.44
CA VAL B 544 -47.51 43.37 -3.69
C VAL B 544 -48.71 42.47 -3.93
N SER B 545 -49.29 42.56 -5.13
CA SER B 545 -50.37 41.69 -5.56
C SER B 545 -49.98 41.05 -6.88
N LEU B 546 -50.61 39.92 -7.17
CA LEU B 546 -50.37 39.15 -8.37
C LEU B 546 -51.71 38.77 -8.98
N GLY B 547 -51.79 38.76 -10.30
CA GLY B 547 -53.05 38.44 -10.95
C GLY B 547 -52.95 37.92 -12.36
N PHE B 548 -53.75 36.90 -12.67
CA PHE B 548 -53.85 36.36 -14.02
C PHE B 548 -55.14 36.84 -14.67
N SER B 549 -55.05 37.18 -15.95
CA SER B 549 -56.19 37.70 -16.71
C SER B 549 -56.21 37.01 -18.08
N PRO B 550 -57.04 35.97 -18.25
CA PRO B 550 -57.99 35.36 -17.31
C PRO B 550 -57.37 34.32 -16.37
N SER B 551 -58.08 34.00 -15.29
CA SER B 551 -57.62 33.02 -14.30
C SER B 551 -57.89 31.58 -14.72
N GLN B 552 -58.41 31.35 -15.91
CA GLN B 552 -58.55 30.01 -16.45
C GLN B 552 -58.31 30.08 -17.95
N GLN B 553 -57.47 29.18 -18.47
CA GLN B 553 -57.03 29.32 -19.86
C GLN B 553 -56.75 27.94 -20.45
N LEU B 554 -56.87 27.85 -21.79
CA LEU B 554 -56.45 26.67 -22.53
C LEU B 554 -54.93 26.54 -22.52
N PRO B 555 -54.41 25.32 -22.61
CA PRO B 555 -52.96 25.16 -22.80
C PRO B 555 -52.51 25.67 -24.16
N GLY B 556 -51.36 26.38 -24.17
CA GLY B 556 -50.77 26.92 -25.37
C GLY B 556 -51.20 28.32 -25.74
N ALA B 557 -52.22 28.87 -25.07
CA ALA B 557 -52.79 30.17 -25.41
C ALA B 557 -52.12 31.29 -24.62
N GLU B 558 -52.57 32.51 -24.88
CA GLU B 558 -52.05 33.69 -24.22
C GLU B 558 -52.80 33.98 -22.93
N VAL B 559 -52.16 34.74 -22.05
CA VAL B 559 -52.77 35.21 -20.82
C VAL B 559 -52.02 36.47 -20.39
N GLU B 560 -52.71 37.36 -19.68
CA GLU B 560 -52.11 38.58 -19.15
C GLU B 560 -51.81 38.39 -17.68
N LEU B 561 -50.57 38.66 -17.30
CA LEU B 561 -50.10 38.47 -15.93
C LEU B 561 -49.96 39.83 -15.28
N GLN B 562 -50.90 40.15 -14.38
CA GLN B 562 -50.93 41.45 -13.73
C GLN B 562 -50.10 41.41 -12.45
N LEU B 563 -49.06 42.24 -12.40
CA LEU B 563 -48.20 42.35 -11.23
C LEU B 563 -48.24 43.79 -10.73
N GLN B 564 -48.38 43.95 -9.41
CA GLN B 564 -48.53 45.26 -8.82
C GLN B 564 -47.67 45.34 -7.57
N ALA B 565 -47.00 46.48 -7.39
CA ALA B 565 -46.12 46.69 -6.24
C ALA B 565 -45.95 48.19 -6.04
N ALA B 566 -44.91 48.58 -5.31
CA ALA B 566 -44.52 49.97 -5.14
C ALA B 566 -43.73 50.44 -6.37
N PRO B 567 -43.74 51.74 -6.65
CA PRO B 567 -42.92 52.25 -7.74
C PRO B 567 -41.45 52.24 -7.36
N GLY B 568 -40.62 51.92 -8.35
CA GLY B 568 -39.21 51.68 -8.13
C GLY B 568 -38.86 50.30 -7.62
N SER B 569 -39.85 49.42 -7.47
CA SER B 569 -39.58 48.07 -6.98
C SER B 569 -39.05 47.20 -8.11
N LEU B 570 -38.25 46.22 -7.74
CA LEU B 570 -37.91 45.08 -8.59
C LEU B 570 -38.57 43.86 -7.97
N CYS B 571 -39.20 43.03 -8.80
CA CYS B 571 -40.02 41.92 -8.32
C CYS B 571 -39.44 40.59 -8.77
N ALA B 572 -39.59 39.57 -7.93
CA ALA B 572 -39.06 38.23 -8.20
C ALA B 572 -40.20 37.24 -8.33
N LEU B 573 -40.51 36.89 -9.58
CA LEU B 573 -41.64 36.04 -9.89
C LEU B 573 -41.28 34.57 -9.75
N ARG B 574 -42.25 33.77 -9.30
CA ARG B 574 -42.09 32.31 -9.18
C ARG B 574 -43.42 31.66 -9.57
N ALA B 575 -43.41 30.92 -10.68
CA ALA B 575 -44.57 30.16 -11.17
C ALA B 575 -44.20 28.68 -11.23
N VAL B 576 -44.93 27.88 -10.45
CA VAL B 576 -44.53 26.53 -10.09
C VAL B 576 -45.77 25.66 -10.25
N ASP B 577 -45.57 24.37 -10.57
CA ASP B 577 -46.72 23.47 -10.54
C ASP B 577 -47.19 23.30 -9.10
N GLU B 578 -48.51 23.33 -8.93
CA GLU B 578 -49.15 23.20 -7.61
C GLU B 578 -48.72 21.92 -6.92
N SER B 579 -48.48 20.86 -7.70
CA SER B 579 -47.97 19.62 -7.17
C SER B 579 -46.63 19.80 -6.47
N VAL B 580 -45.84 20.79 -6.89
CA VAL B 580 -44.54 21.02 -6.26
C VAL B 580 -44.72 21.71 -4.91
N LEU B 581 -45.69 22.60 -4.80
CA LEU B 581 -45.93 23.20 -3.50
C LEU B 581 -46.61 22.26 -2.53
N LEU B 582 -47.29 21.22 -3.02
CA LEU B 582 -48.02 20.30 -2.14
C LEU B 582 -47.12 19.25 -1.49
N LEU B 583 -46.10 18.77 -2.20
CA LEU B 583 -45.30 17.64 -1.69
C LEU B 583 -44.29 18.07 -0.64
N ARG B 584 -43.78 19.29 -0.71
CA ARG B 584 -43.04 19.86 0.41
C ARG B 584 -43.50 21.30 0.64
N PRO B 585 -44.58 21.49 1.44
CA PRO B 585 -44.95 22.83 1.95
C PRO B 585 -44.06 23.21 3.12
N ASP B 586 -42.79 23.41 2.81
CA ASP B 586 -41.76 23.53 3.81
C ASP B 586 -41.71 24.99 4.27
N ARG B 587 -40.52 25.58 4.19
CA ARG B 587 -40.38 27.03 4.21
C ARG B 587 -40.38 27.55 2.78
N GLU B 588 -41.47 27.27 2.08
CA GLU B 588 -41.78 28.09 0.94
C GLU B 588 -42.10 29.48 1.49
N LEU B 589 -41.76 30.51 0.70
CA LEU B 589 -41.74 31.87 1.20
C LEU B 589 -43.14 32.34 1.62
N SER B 590 -43.29 32.66 2.91
CA SER B 590 -44.55 33.13 3.47
C SER B 590 -44.27 34.30 4.41
N ASN B 591 -45.32 35.09 4.67
CA ASN B 591 -45.22 36.19 5.63
C ASN B 591 -44.83 35.67 7.01
N ARG B 592 -45.32 34.49 7.38
CA ARG B 592 -44.89 33.86 8.63
C ARG B 592 -43.41 33.49 8.59
N SER B 593 -42.90 33.13 7.41
CA SER B 593 -41.49 32.76 7.30
C SER B 593 -40.59 33.99 7.40
N VAL B 594 -41.03 35.12 6.84
CA VAL B 594 -40.19 36.31 6.88
C VAL B 594 -40.13 36.86 8.31
N TYR B 595 -41.28 36.94 8.99
CA TYR B 595 -41.26 37.30 10.40
C TYR B 595 -40.51 36.29 11.25
N GLY B 596 -40.54 35.02 10.85
CA GLY B 596 -39.90 33.96 11.60
C GLY B 596 -38.39 34.07 11.67
N MET B 597 -37.78 34.88 10.80
CA MET B 597 -36.35 35.08 10.85
C MET B 597 -35.93 35.86 12.10
N PHE B 598 -36.76 36.75 12.57
CA PHE B 598 -36.29 37.63 13.61
C PHE B 598 -36.92 37.29 14.96
N PRO B 599 -36.19 37.44 16.05
CA PRO B 599 -36.73 37.09 17.38
C PRO B 599 -37.68 38.13 17.97
N PHE B 600 -38.89 38.23 17.39
CA PHE B 600 -39.91 39.18 17.83
C PHE B 600 -40.62 38.75 19.12
N TRP B 601 -40.51 37.47 19.50
CA TRP B 601 -41.20 36.96 20.68
C TRP B 601 -40.64 37.54 21.97
N TYR B 602 -39.37 37.95 21.95
CA TYR B 602 -38.73 38.50 23.13
C TYR B 602 -39.38 39.83 23.48
N GLY B 603 -40.04 39.87 24.64
CA GLY B 603 -40.69 41.08 25.10
C GLY B 603 -40.36 41.32 26.56
N HIS B 604 -39.32 40.64 27.04
CA HIS B 604 -38.89 40.72 28.42
C HIS B 604 -37.55 41.43 28.51
N TYR B 605 -37.17 41.78 29.73
CA TYR B 605 -35.87 42.39 29.96
C TYR B 605 -34.76 41.39 29.59
N PRO B 606 -33.72 41.85 28.90
CA PRO B 606 -32.56 40.98 28.68
C PRO B 606 -31.89 40.66 30.01
N TYR B 607 -31.23 39.51 30.06
CA TYR B 607 -30.63 39.07 31.31
C TYR B 607 -29.46 39.94 31.75
N GLN B 608 -28.84 40.67 30.82
CA GLN B 608 -27.77 41.60 31.19
C GLN B 608 -28.29 42.85 31.91
N VAL B 609 -29.56 43.21 31.73
CA VAL B 609 -30.12 44.41 32.38
C VAL B 609 -31.50 44.13 32.97
N ALA B 610 -31.76 42.88 33.35
CA ALA B 610 -32.98 42.56 34.08
C ALA B 610 -32.89 43.12 35.50
N GLU B 611 -33.95 43.79 35.96
CA GLU B 611 -33.94 44.45 37.26
C GLU B 611 -34.46 43.47 38.32
N TYR B 612 -33.57 43.00 39.18
CA TYR B 612 -33.93 42.08 40.24
C TYR B 612 -34.08 42.83 41.56
N ASP B 613 -34.89 42.26 42.45
CA ASP B 613 -35.05 42.78 43.80
C ASP B 613 -34.00 42.17 44.70
N GLN B 614 -33.11 43.00 45.24
CA GLN B 614 -32.04 42.52 46.12
C GLN B 614 -32.64 42.22 47.49
N CYS B 615 -32.88 40.92 47.75
CA CYS B 615 -33.37 40.46 49.06
C CYS B 615 -32.20 39.99 49.90
N PRO B 616 -32.11 40.41 51.19
CA PRO B 616 -31.02 39.93 52.05
C PRO B 616 -31.12 38.44 52.35
N VAL B 617 -30.67 37.62 51.40
CA VAL B 617 -30.71 36.17 51.53
C VAL B 617 -29.48 35.72 52.31
N SER B 618 -29.70 35.14 53.50
CA SER B 618 -28.64 34.84 54.46
C SER B 618 -28.79 33.40 54.93
N GLY B 619 -28.05 32.50 54.30
CA GLY B 619 -28.08 31.09 54.69
C GLY B 619 -26.78 30.65 55.33
N THR B 651 -47.74 41.95 40.22
CA THR B 651 -48.45 42.66 39.17
C THR B 651 -48.68 44.13 39.52
N ASP B 652 -47.82 45.00 39.02
CA ASP B 652 -47.90 46.43 39.29
C ASP B 652 -47.62 47.16 37.98
N LEU B 653 -47.29 48.46 38.06
CA LEU B 653 -46.95 49.19 36.84
C LEU B 653 -45.54 48.88 36.38
N PHE B 654 -44.63 48.54 37.30
CA PHE B 654 -43.29 48.13 36.90
C PHE B 654 -43.32 46.79 36.19
N SER B 655 -44.22 45.88 36.59
CA SER B 655 -44.33 44.60 35.90
C SER B 655 -45.04 44.73 34.56
N PHE B 656 -45.76 45.83 34.32
CA PHE B 656 -46.30 46.07 32.98
C PHE B 656 -45.19 46.46 32.01
N PHE B 657 -44.33 47.40 32.43
CA PHE B 657 -43.29 47.90 31.54
C PHE B 657 -42.18 46.86 31.32
N ARG B 658 -41.91 46.01 32.31
CA ARG B 658 -40.99 44.91 32.12
C ARG B 658 -41.53 43.88 31.13
N ASP B 659 -42.84 43.68 31.11
CA ASP B 659 -43.50 42.73 30.20
C ASP B 659 -43.63 43.25 28.78
N VAL B 660 -43.18 44.47 28.50
CA VAL B 660 -43.15 44.99 27.15
C VAL B 660 -41.76 45.46 26.75
N GLY B 661 -40.76 45.19 27.57
CA GLY B 661 -39.41 45.57 27.22
C GLY B 661 -39.08 47.02 27.43
N LEU B 662 -39.89 47.74 28.21
CA LEU B 662 -39.70 49.17 28.44
C LEU B 662 -39.11 49.39 29.82
N LYS B 663 -37.97 50.07 29.87
CA LYS B 663 -37.44 50.52 31.13
C LYS B 663 -38.30 51.68 31.66
N ILE B 664 -38.23 51.90 32.96
CA ILE B 664 -39.02 52.95 33.60
C ILE B 664 -38.25 53.51 34.79
N LEU B 665 -38.07 54.83 34.80
CA LEU B 665 -37.64 55.57 35.97
C LEU B 665 -38.79 56.46 36.41
N SER B 666 -39.08 56.46 37.71
CA SER B 666 -40.16 57.28 38.24
C SER B 666 -39.97 57.47 39.74
N ASN B 667 -40.61 58.52 40.25
CA ASN B 667 -40.75 58.74 41.69
C ASN B 667 -42.16 58.47 42.20
N ALA B 668 -43.13 58.26 41.31
CA ALA B 668 -44.48 57.92 41.73
C ALA B 668 -44.54 56.49 42.25
N LYS B 669 -45.65 56.17 42.92
CA LYS B 669 -45.82 54.86 43.55
C LYS B 669 -46.14 53.85 42.44
N ILE B 670 -45.08 53.30 41.84
CA ILE B 670 -45.20 52.50 40.62
C ILE B 670 -45.08 51.01 40.90
N LYS B 671 -44.37 50.65 41.97
CA LYS B 671 -44.00 49.26 42.22
C LYS B 671 -44.61 48.77 43.53
N LYS B 672 -44.92 47.48 43.58
CA LYS B 672 -45.26 46.82 44.84
C LYS B 672 -43.99 46.74 45.69
N PRO B 673 -44.06 47.10 46.97
CA PRO B 673 -42.90 46.92 47.86
C PRO B 673 -42.49 45.45 47.96
N VAL B 674 -41.17 45.22 47.96
CA VAL B 674 -40.62 43.87 47.82
C VAL B 674 -40.83 43.09 49.11
N ASP B 675 -41.51 41.96 49.02
CA ASP B 675 -41.53 40.99 50.11
C ASP B 675 -40.43 39.97 49.87
N CYS B 676 -39.65 39.68 50.92
CA CYS B 676 -38.37 39.01 50.76
C CYS B 676 -38.24 37.66 51.46
N SER B 677 -39.10 37.33 52.41
CA SER B 677 -39.01 36.05 53.13
C SER B 677 -39.44 34.94 52.18
N HIS B 678 -38.46 34.22 51.63
CA HIS B 678 -38.73 33.18 50.63
C HIS B 678 -39.45 31.99 51.25
N SER B 709 -42.92 13.84 3.63
CA SER B 709 -43.70 14.11 2.42
C SER B 709 -44.80 13.06 2.21
N GLN B 710 -45.38 13.04 1.01
CA GLN B 710 -46.42 12.09 0.62
C GLN B 710 -46.16 11.63 -0.82
N VAL B 711 -47.11 10.89 -1.40
CA VAL B 711 -46.99 10.34 -2.75
C VAL B 711 -48.08 10.89 -3.67
N ARG B 712 -48.23 12.21 -3.71
CA ARG B 712 -49.36 12.82 -4.40
C ARG B 712 -49.12 13.01 -5.90
N GLN B 713 -48.03 13.66 -6.31
CA GLN B 713 -47.91 13.99 -7.73
C GLN B 713 -46.45 14.27 -8.11
N TYR B 714 -46.26 14.61 -9.37
CA TYR B 714 -44.99 14.84 -10.04
C TYR B 714 -44.43 16.24 -9.72
N PHE B 715 -43.21 16.49 -10.21
CA PHE B 715 -42.49 17.76 -10.02
C PHE B 715 -42.05 18.31 -11.36
N PRO B 716 -42.99 18.75 -12.20
CA PRO B 716 -42.61 19.10 -13.56
C PRO B 716 -41.97 20.47 -13.65
N GLU B 717 -42.13 21.11 -14.80
CA GLU B 717 -41.42 22.34 -15.10
C GLU B 717 -41.83 23.47 -14.18
N THR B 718 -40.83 24.09 -13.54
CA THR B 718 -40.95 25.47 -13.08
C THR B 718 -41.41 26.34 -14.24
N TRP B 719 -42.56 27.01 -14.10
CA TRP B 719 -43.08 27.77 -15.24
C TRP B 719 -42.30 29.07 -15.46
N LEU B 720 -42.45 30.05 -14.57
CA LEU B 720 -41.87 31.37 -14.81
C LEU B 720 -40.91 31.74 -13.69
N TRP B 721 -39.76 32.31 -14.06
CA TRP B 721 -38.75 32.70 -13.07
C TRP B 721 -37.93 33.84 -13.66
N ASP B 722 -38.44 35.06 -13.49
CA ASP B 722 -37.79 36.26 -14.02
C ASP B 722 -37.84 37.37 -12.98
N LEU B 723 -37.08 38.43 -13.25
CA LEU B 723 -37.09 39.65 -12.46
C LEU B 723 -37.85 40.74 -13.23
N PHE B 724 -38.74 41.44 -12.55
CA PHE B 724 -39.53 42.52 -13.13
C PHE B 724 -39.34 43.80 -12.33
N PRO B 725 -38.86 44.88 -12.94
CA PRO B 725 -38.89 46.17 -12.25
C PRO B 725 -40.25 46.81 -12.45
N ILE B 726 -40.73 47.49 -11.40
CA ILE B 726 -42.01 48.17 -11.44
C ILE B 726 -41.76 49.64 -11.71
N GLY B 727 -42.42 50.18 -12.73
CA GLY B 727 -42.25 51.55 -13.14
C GLY B 727 -42.93 52.55 -12.21
N ASN B 728 -43.01 53.79 -12.70
CA ASN B 728 -43.72 54.84 -11.99
C ASN B 728 -45.21 54.52 -11.82
N SER B 729 -45.75 53.64 -12.67
CA SER B 729 -47.17 53.33 -12.64
C SER B 729 -47.57 52.53 -11.41
N GLY B 730 -46.68 51.71 -10.87
CA GLY B 730 -47.03 50.84 -9.77
C GLY B 730 -47.74 49.56 -10.17
N LYS B 731 -48.01 49.36 -11.45
CA LYS B 731 -48.57 48.14 -11.99
C LYS B 731 -47.78 47.72 -13.23
N GLU B 732 -47.68 46.41 -13.44
CA GLU B 732 -46.98 45.89 -14.61
C GLU B 732 -47.70 44.63 -15.11
N ALA B 733 -47.96 44.59 -16.41
CA ALA B 733 -48.73 43.52 -17.03
C ALA B 733 -47.93 42.97 -18.20
N VAL B 734 -47.58 41.68 -18.13
CA VAL B 734 -46.85 41.02 -19.19
C VAL B 734 -47.67 39.83 -19.67
N HIS B 735 -47.38 39.39 -20.89
CA HIS B 735 -48.08 38.28 -21.52
C HIS B 735 -47.15 37.08 -21.63
N VAL B 736 -47.62 35.91 -21.17
CA VAL B 736 -46.87 34.67 -21.22
C VAL B 736 -47.70 33.58 -21.89
N THR B 737 -47.00 32.64 -22.51
CA THR B 737 -47.67 31.53 -23.17
C THR B 737 -47.92 30.43 -22.15
N VAL B 738 -49.16 29.95 -22.13
CA VAL B 738 -49.58 28.96 -21.14
C VAL B 738 -48.93 27.61 -21.47
N PRO B 739 -48.42 26.88 -20.49
CA PRO B 739 -47.78 25.59 -20.78
C PRO B 739 -48.79 24.55 -21.22
N ASP B 740 -48.29 23.55 -21.93
CA ASP B 740 -49.14 22.55 -22.56
C ASP B 740 -49.77 21.59 -21.56
N ALA B 741 -49.15 21.40 -20.41
CA ALA B 741 -49.66 20.43 -19.43
C ALA B 741 -50.98 20.90 -18.84
N ILE B 742 -51.86 19.94 -18.61
CA ILE B 742 -53.17 20.21 -18.04
C ILE B 742 -53.06 20.00 -16.54
N THR B 743 -52.84 21.08 -15.80
CA THR B 743 -52.79 21.09 -14.34
C THR B 743 -52.94 22.54 -13.91
N GLU B 744 -53.15 22.75 -12.61
CA GLU B 744 -53.32 24.09 -12.07
C GLU B 744 -51.97 24.64 -11.62
N TRP B 745 -51.67 25.87 -12.04
CA TRP B 745 -50.41 26.53 -11.73
C TRP B 745 -50.62 27.50 -10.58
N LYS B 746 -49.79 27.38 -9.56
CA LYS B 746 -49.70 28.36 -8.50
C LYS B 746 -48.56 29.32 -8.80
N ALA B 747 -48.74 30.58 -8.46
CA ALA B 747 -47.70 31.57 -8.69
C ALA B 747 -47.63 32.50 -7.49
N MET B 748 -46.43 32.93 -7.14
CA MET B 748 -46.28 33.92 -6.09
C MET B 748 -45.13 34.84 -6.45
N SER B 749 -45.11 36.00 -5.82
CA SER B 749 -44.11 37.02 -6.13
C SER B 749 -43.61 37.69 -4.86
N PHE B 750 -42.31 38.00 -4.82
CA PHE B 750 -41.81 38.89 -3.78
C PHE B 750 -40.99 40.00 -4.43
N CYS B 751 -41.19 41.22 -3.94
CA CYS B 751 -40.53 42.39 -4.50
C CYS B 751 -39.80 43.12 -3.40
N THR B 752 -38.75 43.81 -3.78
CA THR B 752 -38.07 44.71 -2.87
C THR B 752 -38.08 46.10 -3.47
N SER B 753 -38.06 47.08 -2.59
CA SER B 753 -37.92 48.46 -2.97
C SER B 753 -37.02 49.14 -1.96
N GLN B 754 -36.08 49.96 -2.45
CA GLN B 754 -35.29 50.75 -1.51
C GLN B 754 -36.15 51.79 -0.81
N SER B 755 -37.31 52.13 -1.38
CA SER B 755 -38.24 53.06 -0.77
C SER B 755 -39.17 52.38 0.23
N ARG B 756 -39.75 51.24 -0.15
CA ARG B 756 -40.80 50.63 0.65
C ARG B 756 -40.40 49.34 1.34
N GLY B 757 -39.22 48.80 1.06
CA GLY B 757 -38.80 47.58 1.70
C GLY B 757 -39.33 46.32 1.05
N PHE B 758 -39.18 45.22 1.78
CA PHE B 758 -39.63 43.92 1.29
C PHE B 758 -41.14 43.84 1.23
N GLY B 759 -41.63 43.12 0.22
CA GLY B 759 -43.04 42.81 0.10
C GLY B 759 -43.22 41.38 -0.38
N LEU B 760 -44.45 40.90 -0.23
CA LEU B 760 -44.74 39.53 -0.64
C LEU B 760 -46.18 39.44 -1.12
N SER B 761 -46.41 38.65 -2.14
CA SER B 761 -47.69 38.49 -2.80
C SER B 761 -48.45 37.31 -2.22
N PRO B 762 -49.75 37.22 -2.48
CA PRO B 762 -50.47 35.97 -2.21
C PRO B 762 -50.20 34.95 -3.31
N THR B 763 -50.34 33.68 -2.94
CA THR B 763 -50.17 32.58 -3.90
C THR B 763 -51.45 32.49 -4.74
N VAL B 764 -51.41 33.06 -5.95
CA VAL B 764 -52.56 33.12 -6.85
C VAL B 764 -52.48 31.98 -7.85
N GLY B 765 -53.62 31.59 -8.41
CA GLY B 765 -53.69 30.43 -9.27
C GLY B 765 -53.96 30.78 -10.73
N LEU B 766 -53.51 29.90 -11.63
CA LEU B 766 -53.98 29.83 -13.01
C LEU B 766 -54.26 28.37 -13.32
N THR B 767 -55.47 28.09 -13.78
CA THR B 767 -55.86 26.72 -14.11
C THR B 767 -55.75 26.55 -15.62
N ALA B 768 -54.70 25.85 -16.05
CA ALA B 768 -54.54 25.48 -17.45
C ALA B 768 -55.46 24.31 -17.70
N PHE B 769 -56.59 24.55 -18.36
CA PHE B 769 -57.57 23.51 -18.60
C PHE B 769 -57.89 23.43 -20.09
N LYS B 770 -57.93 22.20 -20.61
CA LYS B 770 -58.38 21.88 -21.95
C LYS B 770 -59.52 20.87 -21.89
N PRO B 771 -60.57 21.06 -22.70
CA PRO B 771 -61.73 20.14 -22.66
C PRO B 771 -61.38 18.68 -22.92
N PHE B 772 -60.53 18.39 -23.88
CA PHE B 772 -60.24 17.01 -24.20
C PHE B 772 -58.75 16.83 -24.40
N PHE B 773 -58.24 15.70 -23.90
CA PHE B 773 -56.83 15.33 -23.90
C PHE B 773 -56.63 14.11 -24.79
N VAL B 774 -55.45 13.99 -25.38
CA VAL B 774 -55.10 12.82 -26.18
C VAL B 774 -53.79 12.24 -25.65
N ASP B 775 -53.66 10.90 -25.72
CA ASP B 775 -52.47 10.21 -25.25
C ASP B 775 -52.01 9.19 -26.29
N LEU B 776 -50.70 9.18 -26.54
CA LEU B 776 -50.10 8.28 -27.52
C LEU B 776 -49.24 7.24 -26.81
N THR B 777 -49.59 5.97 -27.01
CA THR B 777 -48.77 4.86 -26.56
C THR B 777 -48.00 4.34 -27.78
N LEU B 778 -46.72 4.65 -27.85
CA LEU B 778 -45.89 4.29 -28.99
C LEU B 778 -44.63 3.60 -28.52
N PRO B 779 -44.13 2.63 -29.29
CA PRO B 779 -42.84 2.03 -28.97
C PRO B 779 -41.69 2.97 -29.30
N TYR B 780 -40.54 2.71 -28.68
CA TYR B 780 -39.38 3.55 -28.93
C TYR B 780 -38.77 3.25 -30.29
N SER B 781 -38.27 2.03 -30.48
CA SER B 781 -37.57 1.64 -31.70
C SER B 781 -38.10 0.31 -32.22
N VAL B 782 -38.35 0.26 -33.53
CA VAL B 782 -38.77 -0.95 -34.22
C VAL B 782 -37.89 -1.13 -35.44
N VAL B 783 -37.87 -2.35 -35.95
CA VAL B 783 -37.07 -2.67 -37.11
C VAL B 783 -37.99 -2.70 -38.33
N ARG B 784 -37.39 -2.57 -39.51
CA ARG B 784 -38.15 -2.59 -40.75
C ARG B 784 -38.76 -3.97 -40.98
N GLY B 785 -40.03 -3.99 -41.35
CA GLY B 785 -40.76 -5.23 -41.54
C GLY B 785 -41.65 -5.63 -40.38
N GLU B 786 -41.60 -4.91 -39.28
CA GLU B 786 -42.38 -5.21 -38.09
C GLU B 786 -43.67 -4.40 -38.05
N SER B 787 -44.69 -4.98 -37.44
CA SER B 787 -45.94 -4.29 -37.17
C SER B 787 -46.06 -4.03 -35.67
N PHE B 788 -46.41 -2.80 -35.30
CA PHE B 788 -46.65 -2.43 -33.92
C PHE B 788 -48.04 -1.80 -33.79
N ARG B 789 -48.51 -1.73 -32.55
CA ARG B 789 -49.86 -1.27 -32.26
C ARG B 789 -49.79 0.15 -31.72
N LEU B 790 -50.06 1.12 -32.59
CA LEU B 790 -50.21 2.50 -32.15
C LEU B 790 -51.52 2.61 -31.37
N THR B 791 -51.40 2.87 -30.08
CA THR B 791 -52.54 2.94 -29.18
C THR B 791 -52.78 4.40 -28.82
N ALA B 792 -53.91 4.94 -29.27
CA ALA B 792 -54.29 6.32 -29.00
C ALA B 792 -55.56 6.32 -28.18
N THR B 793 -55.54 7.01 -27.05
CA THR B 793 -56.70 7.11 -26.18
C THR B 793 -57.14 8.57 -26.09
N ILE B 794 -58.46 8.79 -26.13
CA ILE B 794 -59.06 10.12 -26.12
C ILE B 794 -59.89 10.28 -24.85
N PHE B 795 -59.62 11.35 -24.11
CA PHE B 795 -60.23 11.61 -22.80
C PHE B 795 -61.03 12.90 -22.85
N ASN B 796 -62.23 12.87 -22.27
CA ASN B 796 -63.16 14.00 -22.28
C ASN B 796 -63.32 14.51 -20.85
N TYR B 797 -63.05 15.79 -20.64
CA TYR B 797 -63.14 16.41 -19.32
C TYR B 797 -64.35 17.32 -19.15
N LEU B 798 -65.19 17.47 -20.17
CA LEU B 798 -66.34 18.35 -20.05
C LEU B 798 -67.48 17.65 -19.30
N LYS B 799 -68.56 18.40 -19.07
CA LYS B 799 -69.76 17.87 -18.44
C LYS B 799 -70.67 17.15 -19.44
N ASP B 800 -70.58 17.47 -20.72
CA ASP B 800 -71.49 16.99 -21.74
C ASP B 800 -70.79 15.97 -22.64
N CYS B 801 -71.61 15.17 -23.33
CA CYS B 801 -71.08 14.23 -24.32
C CYS B 801 -70.77 15.00 -25.61
N ILE B 802 -69.61 14.73 -26.18
CA ILE B 802 -69.16 15.42 -27.38
C ILE B 802 -68.90 14.38 -28.47
N ARG B 803 -69.24 14.73 -29.71
CA ARG B 803 -68.97 13.86 -30.84
C ARG B 803 -67.54 14.08 -31.29
N VAL B 804 -66.75 13.01 -31.29
CA VAL B 804 -65.31 13.06 -31.54
C VAL B 804 -64.96 12.17 -32.72
N GLN B 805 -64.05 12.66 -33.55
CA GLN B 805 -63.55 11.93 -34.72
C GLN B 805 -62.03 11.99 -34.71
N THR B 806 -61.38 10.84 -34.56
CA THR B 806 -59.92 10.77 -34.45
C THR B 806 -59.33 10.25 -35.76
N ASP B 807 -58.48 11.08 -36.38
CA ASP B 807 -57.88 10.80 -37.68
C ASP B 807 -56.40 10.49 -37.53
N LEU B 808 -55.94 9.42 -38.17
CA LEU B 808 -54.51 9.15 -38.34
C LEU B 808 -54.11 9.63 -39.72
N ALA B 809 -53.19 10.59 -39.76
CA ALA B 809 -52.77 11.20 -41.01
C ALA B 809 -52.09 10.18 -41.91
N LYS B 810 -52.59 10.06 -43.12
CA LYS B 810 -52.04 9.10 -44.07
C LYS B 810 -50.68 9.59 -44.58
N SER B 811 -49.68 8.73 -44.49
CA SER B 811 -48.32 9.05 -44.93
C SER B 811 -47.78 7.87 -45.73
N HIS B 812 -46.79 8.16 -46.57
CA HIS B 812 -46.11 7.17 -47.42
C HIS B 812 -45.01 6.40 -46.71
N GLU B 813 -44.73 6.72 -45.45
CA GLU B 813 -43.60 6.14 -44.74
C GLU B 813 -43.97 4.90 -43.93
N TYR B 814 -45.26 4.60 -43.82
CA TYR B 814 -45.73 3.39 -43.13
C TYR B 814 -47.00 2.90 -43.82
N GLN B 815 -47.41 1.68 -43.47
CA GLN B 815 -48.58 1.06 -44.07
C GLN B 815 -49.64 0.76 -43.03
N LEU B 816 -50.90 1.05 -43.36
CA LEU B 816 -52.01 0.87 -42.44
C LEU B 816 -52.74 -0.42 -42.77
N GLU B 817 -52.82 -1.32 -41.79
CA GLU B 817 -53.58 -2.55 -41.93
C GLU B 817 -55.03 -2.42 -41.53
N SER B 818 -55.40 -1.35 -40.81
CA SER B 818 -56.80 -1.17 -40.42
C SER B 818 -57.65 -0.74 -41.62
N TRP B 819 -57.11 0.14 -42.47
CA TRP B 819 -57.70 0.59 -43.75
C TRP B 819 -59.03 1.31 -43.49
N ALA B 820 -60.14 0.90 -44.12
CA ALA B 820 -61.42 1.61 -44.03
C ALA B 820 -62.13 1.42 -42.70
N ASP B 821 -61.58 0.59 -41.80
CA ASP B 821 -62.10 0.47 -40.44
C ASP B 821 -61.74 1.68 -39.59
N SER B 822 -60.74 2.47 -40.01
CA SER B 822 -60.25 3.58 -39.20
C SER B 822 -61.22 4.76 -39.14
N GLN B 823 -62.02 4.96 -40.19
CA GLN B 823 -62.98 6.06 -40.24
C GLN B 823 -64.27 5.69 -39.51
N THR B 824 -64.64 6.50 -38.51
CA THR B 824 -65.90 6.39 -37.78
C THR B 824 -66.14 7.72 -37.09
N SER B 825 -67.11 7.74 -36.17
CA SER B 825 -67.33 8.89 -35.30
C SER B 825 -68.12 8.37 -34.09
N SER B 826 -67.39 7.88 -33.09
CA SER B 826 -68.01 7.35 -31.89
C SER B 826 -68.25 8.47 -30.90
N CYS B 827 -69.29 8.31 -30.10
CA CYS B 827 -69.71 9.35 -29.16
C CYS B 827 -69.09 9.06 -27.79
N LEU B 828 -68.55 10.11 -27.18
CA LEU B 828 -67.80 9.99 -25.93
C LEU B 828 -68.42 10.91 -24.88
N CYS B 829 -68.78 10.34 -23.73
CA CYS B 829 -69.54 11.05 -22.73
C CYS B 829 -68.65 11.57 -21.60
N ALA B 830 -69.28 11.94 -20.48
CA ALA B 830 -68.58 12.58 -19.38
C ALA B 830 -67.84 11.57 -18.52
N ASP B 831 -66.60 11.91 -18.17
CA ASP B 831 -65.67 11.06 -17.42
C ASP B 831 -65.57 9.67 -18.03
N ASP B 832 -65.31 9.67 -19.35
CA ASP B 832 -65.38 8.50 -20.19
C ASP B 832 -64.21 8.57 -21.17
N ALA B 833 -63.79 7.42 -21.68
CA ALA B 833 -62.66 7.36 -22.59
C ALA B 833 -62.92 6.31 -23.65
N LYS B 834 -62.56 6.62 -24.90
CA LYS B 834 -62.67 5.70 -26.02
C LYS B 834 -61.29 5.46 -26.61
N THR B 835 -60.94 4.21 -26.85
CA THR B 835 -59.61 3.82 -27.28
C THR B 835 -59.59 3.49 -28.76
N HIS B 836 -58.55 3.97 -29.46
CA HIS B 836 -58.33 3.74 -30.88
C HIS B 836 -56.97 3.10 -31.12
N HIS B 837 -56.95 2.08 -31.99
CA HIS B 837 -55.74 1.33 -32.32
C HIS B 837 -55.57 1.24 -33.82
N TRP B 838 -54.32 1.24 -34.27
CA TRP B 838 -53.96 1.13 -35.68
C TRP B 838 -52.83 0.12 -35.81
N ASN B 839 -53.04 -0.90 -36.63
CA ASN B 839 -51.95 -1.81 -36.97
C ASN B 839 -51.08 -1.11 -38.02
N ILE B 840 -49.79 -0.94 -37.70
CA ILE B 840 -48.90 -0.12 -38.52
C ILE B 840 -47.67 -0.94 -38.89
N THR B 841 -47.51 -1.21 -40.18
CA THR B 841 -46.36 -1.95 -40.71
C THR B 841 -45.21 -1.00 -41.04
N ALA B 842 -44.03 -1.27 -40.48
CA ALA B 842 -42.88 -0.37 -40.60
C ALA B 842 -42.27 -0.46 -41.99
N VAL B 843 -42.15 0.69 -42.68
CA VAL B 843 -41.71 0.69 -44.07
C VAL B 843 -40.36 1.41 -44.21
N LYS B 844 -40.38 2.73 -44.13
CA LYS B 844 -39.22 3.52 -44.45
C LYS B 844 -38.26 3.55 -43.26
N LEU B 845 -36.98 3.71 -43.55
CA LEU B 845 -35.94 3.73 -42.51
C LEU B 845 -35.71 5.14 -41.99
N GLY B 846 -35.63 5.26 -40.67
CA GLY B 846 -35.41 6.53 -39.99
C GLY B 846 -36.57 6.91 -39.08
N HIS B 847 -36.51 8.16 -38.62
CA HIS B 847 -37.53 8.70 -37.72
C HIS B 847 -38.77 9.02 -38.53
N ILE B 848 -39.91 8.43 -38.16
CA ILE B 848 -41.16 8.65 -38.86
C ILE B 848 -42.16 9.30 -37.91
N ASN B 849 -42.60 10.51 -38.26
CA ASN B 849 -43.61 11.20 -37.45
C ASN B 849 -44.98 10.60 -37.66
N PHE B 850 -45.71 10.43 -36.56
CA PHE B 850 -47.10 9.98 -36.57
C PHE B 850 -47.99 11.15 -36.15
N THR B 851 -48.72 11.71 -37.11
CA THR B 851 -49.59 12.85 -36.84
C THR B 851 -51.00 12.35 -36.58
N ILE B 852 -51.53 12.65 -35.41
CA ILE B 852 -52.90 12.30 -35.04
C ILE B 852 -53.63 13.56 -34.62
N SER B 853 -54.68 13.91 -35.36
CA SER B 853 -55.55 15.04 -35.05
C SER B 853 -56.92 14.51 -34.64
N THR B 854 -57.25 14.65 -33.37
CA THR B 854 -58.58 14.35 -32.88
C THR B 854 -59.32 15.67 -32.67
N LYS B 855 -60.60 15.71 -33.08
CA LYS B 855 -61.36 16.96 -33.12
C LYS B 855 -62.82 16.69 -32.73
N ILE B 856 -63.47 17.73 -32.22
CA ILE B 856 -64.88 17.67 -31.83
C ILE B 856 -65.71 18.06 -33.04
N LEU B 857 -66.69 17.24 -33.38
CA LEU B 857 -67.53 17.51 -34.53
C LEU B 857 -68.79 18.28 -34.13
N ASP B 858 -69.28 19.10 -35.06
CA ASP B 858 -70.57 19.76 -34.93
C ASP B 858 -71.65 18.86 -35.54
N SER B 859 -71.97 17.80 -34.80
CA SER B 859 -72.86 16.76 -35.27
C SER B 859 -74.26 16.93 -34.68
N ASN B 860 -75.25 16.52 -35.47
CA ASN B 860 -76.63 16.53 -35.05
C ASN B 860 -77.11 15.12 -34.79
N GLU B 861 -76.25 14.14 -35.03
CA GLU B 861 -76.56 12.76 -34.69
C GLU B 861 -76.68 12.61 -33.18
N PRO B 862 -77.43 11.59 -32.72
CA PRO B 862 -77.54 11.36 -31.27
C PRO B 862 -76.21 11.03 -30.61
N CYS B 863 -75.54 12.07 -30.10
CA CYS B 863 -74.37 11.89 -29.24
C CYS B 863 -74.93 12.11 -27.85
N GLY B 864 -75.43 11.02 -27.29
CA GLY B 864 -76.22 11.07 -26.11
C GLY B 864 -77.70 11.12 -26.40
N GLY B 865 -78.07 11.52 -27.62
CA GLY B 865 -79.45 11.63 -28.04
C GLY B 865 -79.79 12.89 -28.83
N GLN B 866 -79.43 14.05 -28.31
CA GLN B 866 -79.63 15.34 -28.96
C GLN B 866 -78.30 15.74 -29.60
N LYS B 867 -78.15 17.02 -29.93
CA LYS B 867 -76.97 17.49 -30.62
C LYS B 867 -75.72 17.34 -29.75
N GLY B 868 -74.64 16.89 -30.36
CA GLY B 868 -73.38 16.75 -29.64
C GLY B 868 -72.78 18.10 -29.29
N PHE B 869 -72.31 18.23 -28.05
CA PHE B 869 -71.82 19.52 -27.56
C PHE B 869 -70.55 19.94 -28.28
N VAL B 870 -70.50 21.23 -28.64
CA VAL B 870 -69.33 21.82 -29.29
C VAL B 870 -68.90 23.03 -28.49
N PRO B 871 -67.81 22.96 -27.74
CA PRO B 871 -67.29 24.16 -27.07
C PRO B 871 -66.64 25.07 -28.09
N GLN B 872 -66.51 26.35 -27.70
CA GLN B 872 -66.07 27.38 -28.63
C GLN B 872 -64.55 27.51 -28.70
N LYS B 873 -63.83 27.00 -27.70
CA LYS B 873 -62.38 26.97 -27.71
C LYS B 873 -61.90 25.55 -27.42
N GLY B 874 -60.76 25.19 -27.99
CA GLY B 874 -60.21 23.87 -27.76
C GLY B 874 -60.95 22.82 -28.57
N ARG B 875 -61.08 23.06 -29.87
CA ARG B 875 -61.82 22.19 -30.77
C ARG B 875 -60.97 21.12 -31.43
N SER B 876 -59.68 21.38 -31.64
CA SER B 876 -58.86 20.47 -32.44
C SER B 876 -57.48 20.32 -31.79
N ASP B 877 -57.20 19.13 -31.28
CA ASP B 877 -55.91 18.80 -30.68
C ASP B 877 -55.10 17.99 -31.68
N THR B 878 -53.82 18.33 -31.80
CA THR B 878 -52.94 17.70 -32.77
C THR B 878 -51.66 17.28 -32.05
N LEU B 879 -51.36 15.98 -32.07
CA LEU B 879 -50.19 15.43 -31.41
C LEU B 879 -49.31 14.71 -32.42
N ILE B 880 -48.00 14.93 -32.32
CA ILE B 880 -47.00 14.32 -33.21
C ILE B 880 -45.94 13.67 -32.33
N LYS B 881 -45.88 12.35 -32.35
CA LYS B 881 -44.87 11.61 -31.58
C LYS B 881 -44.08 10.70 -32.52
N PRO B 882 -42.77 10.88 -32.63
CA PRO B 882 -41.98 10.07 -33.56
C PRO B 882 -41.57 8.72 -32.97
N VAL B 883 -41.31 7.79 -33.89
CA VAL B 883 -40.79 6.47 -33.57
C VAL B 883 -39.64 6.19 -34.54
N LEU B 884 -38.51 5.71 -34.01
CA LEU B 884 -37.35 5.35 -34.82
C LEU B 884 -37.53 3.99 -35.48
N VAL B 885 -37.35 3.95 -36.79
CA VAL B 885 -37.33 2.68 -37.53
C VAL B 885 -35.86 2.38 -37.80
N LYS B 886 -35.25 1.61 -36.89
CA LYS B 886 -33.84 1.28 -37.09
C LYS B 886 -33.71 0.16 -38.12
N PRO B 887 -32.67 0.20 -38.95
CA PRO B 887 -32.45 -0.87 -39.93
C PRO B 887 -31.90 -2.13 -39.29
N GLU B 888 -31.85 -3.19 -40.10
CA GLU B 888 -31.40 -4.51 -39.67
C GLU B 888 -29.87 -4.58 -39.55
N GLY B 889 -29.41 -5.50 -38.73
CA GLY B 889 -28.00 -5.78 -38.57
C GLY B 889 -27.33 -4.92 -37.53
N VAL B 890 -26.02 -4.70 -37.69
CA VAL B 890 -25.23 -3.83 -36.81
C VAL B 890 -24.57 -2.77 -37.69
N LEU B 891 -24.61 -1.53 -37.23
CA LEU B 891 -23.92 -0.47 -37.97
C LEU B 891 -22.42 -0.63 -37.81
N VAL B 892 -21.71 -0.61 -38.93
CA VAL B 892 -20.26 -0.70 -38.95
C VAL B 892 -19.71 0.58 -39.55
N GLU B 893 -18.60 1.05 -39.00
CA GLU B 893 -18.00 2.30 -39.42
C GLU B 893 -16.55 2.05 -39.82
N LYS B 894 -16.07 2.78 -40.81
CA LYS B 894 -14.68 2.68 -41.22
C LYS B 894 -14.14 4.06 -41.50
N THR B 895 -12.92 4.32 -41.04
CA THR B 895 -12.40 5.67 -40.98
C THR B 895 -11.01 5.75 -41.59
N HIS B 896 -10.91 6.46 -42.70
CA HIS B 896 -9.63 6.74 -43.36
C HIS B 896 -9.36 8.23 -43.27
N SER B 897 -8.57 8.62 -42.27
CA SER B 897 -8.24 10.00 -42.03
C SER B 897 -6.91 10.33 -42.70
N SER B 898 -6.84 11.49 -43.35
CA SER B 898 -5.69 11.86 -44.16
C SER B 898 -5.20 13.25 -43.76
N LEU B 899 -3.87 13.41 -43.66
CA LEU B 899 -3.25 14.72 -43.41
C LEU B 899 -2.44 15.09 -44.66
N LEU B 900 -2.90 16.12 -45.35
CA LEU B 900 -2.27 16.63 -46.56
C LEU B 900 -1.73 18.01 -46.26
N CYS B 901 -0.40 18.16 -46.39
CA CYS B 901 0.27 19.45 -46.19
C CYS B 901 0.78 19.96 -47.53
N PRO B 902 0.01 20.79 -48.22
CA PRO B 902 0.51 21.43 -49.45
C PRO B 902 1.56 22.50 -49.16
N LYS B 903 2.84 22.19 -49.35
CA LYS B 903 3.90 23.18 -49.13
C LYS B 903 4.11 24.02 -50.39
N GLY B 904 3.03 24.70 -50.80
CA GLY B 904 3.00 25.39 -52.08
C GLY B 904 2.65 24.50 -53.25
N LYS B 905 2.98 23.20 -53.13
CA LYS B 905 2.73 22.20 -54.15
C LYS B 905 1.38 21.53 -53.87
N VAL B 906 0.91 20.76 -54.84
CA VAL B 906 -0.34 20.03 -54.69
C VAL B 906 -0.07 18.69 -54.01
N ALA B 907 -0.61 18.53 -52.80
CA ALA B 907 -0.55 17.26 -52.10
C ALA B 907 -1.81 16.47 -52.43
N SER B 908 -1.64 15.19 -52.78
CA SER B 908 -2.77 14.38 -53.26
C SER B 908 -2.76 13.00 -52.63
N GLU B 909 -3.97 12.51 -52.32
CA GLU B 909 -4.17 11.17 -51.77
C GLU B 909 -5.48 10.65 -52.37
N SER B 910 -5.72 9.34 -52.29
CA SER B 910 -6.90 8.72 -52.89
C SER B 910 -7.48 7.63 -51.99
N VAL B 911 -8.80 7.65 -51.82
CA VAL B 911 -9.52 6.68 -50.99
C VAL B 911 -10.56 5.97 -51.86
N SER B 912 -10.70 4.67 -51.63
CA SER B 912 -11.63 3.81 -52.35
C SER B 912 -12.63 3.23 -51.36
N LEU B 913 -13.91 3.55 -51.56
CA LEU B 913 -14.99 3.13 -50.66
C LEU B 913 -15.40 1.72 -51.01
N GLU B 914 -14.68 0.76 -50.45
CA GLU B 914 -14.95 -0.64 -50.70
C GLU B 914 -16.06 -1.16 -49.80
N LEU B 915 -17.04 -1.88 -50.42
CA LEU B 915 -18.29 -2.43 -49.91
C LEU B 915 -18.23 -3.95 -49.81
N PRO B 916 -18.74 -4.52 -48.71
CA PRO B 916 -18.87 -5.98 -48.60
C PRO B 916 -20.05 -6.51 -49.39
N VAL B 917 -20.34 -7.80 -49.25
CA VAL B 917 -21.33 -8.43 -50.11
C VAL B 917 -22.70 -8.44 -49.44
N ASP B 918 -22.78 -8.73 -48.14
CA ASP B 918 -24.06 -8.93 -47.48
C ASP B 918 -24.54 -7.63 -46.81
N ILE B 919 -24.70 -6.61 -47.63
CA ILE B 919 -25.02 -5.27 -47.14
C ILE B 919 -26.52 -5.15 -46.95
N VAL B 920 -26.94 -4.75 -45.76
CA VAL B 920 -28.35 -4.40 -45.53
C VAL B 920 -28.68 -3.17 -46.35
N PRO B 921 -29.80 -3.15 -47.09
CA PRO B 921 -30.05 -2.03 -48.02
C PRO B 921 -30.31 -0.73 -47.28
N ASP B 922 -29.92 0.37 -47.93
CA ASP B 922 -30.19 1.77 -47.60
C ASP B 922 -29.47 2.27 -46.35
N SER B 923 -28.76 1.39 -45.64
CA SER B 923 -27.97 1.80 -44.48
C SER B 923 -26.69 2.49 -44.88
N THR B 924 -26.35 2.47 -46.16
CA THR B 924 -25.11 3.04 -46.64
C THR B 924 -25.22 4.55 -46.65
N LYS B 925 -24.32 5.19 -45.91
CA LYS B 925 -24.12 6.63 -45.94
C LYS B 925 -22.62 6.87 -45.90
N ALA B 926 -22.18 7.97 -46.49
CA ALA B 926 -20.77 8.33 -46.37
C ALA B 926 -20.61 9.83 -46.52
N TYR B 927 -19.66 10.38 -45.77
CA TYR B 927 -19.37 11.81 -45.77
C TYR B 927 -17.87 12.01 -45.67
N VAL B 928 -17.46 13.27 -45.68
CA VAL B 928 -16.05 13.64 -45.56
C VAL B 928 -15.95 14.91 -44.73
N THR B 929 -15.02 14.90 -43.76
CA THR B 929 -14.83 15.98 -42.79
C THR B 929 -13.54 16.71 -43.11
N VAL B 930 -13.64 18.03 -43.21
CA VAL B 930 -12.51 18.88 -43.57
C VAL B 930 -12.32 19.92 -42.47
N LEU B 931 -11.08 20.02 -41.99
CA LEU B 931 -10.71 21.00 -40.98
C LEU B 931 -9.31 21.51 -41.28
N GLY B 932 -9.06 22.77 -40.93
CA GLY B 932 -7.73 23.33 -41.06
C GLY B 932 -6.82 23.03 -39.90
N ASP B 933 -7.31 22.28 -38.92
CA ASP B 933 -6.60 21.96 -37.70
C ASP B 933 -6.82 20.49 -37.38
N ILE B 934 -5.75 19.78 -37.01
CA ILE B 934 -5.84 18.35 -36.72
C ILE B 934 -6.67 18.09 -35.45
N MET B 935 -6.65 19.02 -34.50
CA MET B 935 -7.47 18.89 -33.30
C MET B 935 -8.95 19.15 -33.55
N GLY B 936 -9.30 19.66 -34.73
CA GLY B 936 -10.65 20.16 -34.96
C GLY B 936 -11.71 19.08 -34.92
N THR B 937 -11.32 17.83 -35.21
CA THR B 937 -12.28 16.74 -35.13
C THR B 937 -12.66 16.46 -33.68
N ALA B 938 -11.69 16.56 -32.77
CA ALA B 938 -12.00 16.40 -31.35
C ALA B 938 -12.73 17.63 -30.81
N LEU B 939 -12.52 18.79 -31.41
CA LEU B 939 -13.17 20.00 -30.91
C LEU B 939 -14.68 19.94 -31.10
N GLN B 940 -15.14 19.37 -32.21
CA GLN B 940 -16.58 19.30 -32.45
C GLN B 940 -17.25 18.20 -31.64
N ASN B 941 -16.51 17.15 -31.25
CA ASN B 941 -17.12 16.05 -30.52
C ASN B 941 -16.48 15.81 -29.16
N LEU B 942 -16.35 16.87 -28.34
CA LEU B 942 -15.71 16.73 -27.03
C LEU B 942 -16.54 15.86 -26.09
N ASP B 943 -17.84 15.96 -26.18
CA ASP B 943 -18.76 15.14 -25.41
C ASP B 943 -18.97 13.76 -26.03
N GLY B 944 -18.56 13.55 -27.27
CA GLY B 944 -18.80 12.28 -27.93
C GLY B 944 -17.57 11.69 -28.58
N LEU B 945 -16.45 11.74 -27.85
CA LEU B 945 -15.18 11.26 -28.39
C LEU B 945 -15.22 9.76 -28.67
N VAL B 946 -15.73 8.99 -27.72
CA VAL B 946 -15.82 7.54 -27.86
C VAL B 946 -17.28 7.15 -27.73
N GLN B 947 -17.77 6.35 -28.67
CA GLN B 947 -19.17 5.94 -28.65
C GLN B 947 -19.33 4.65 -27.84
N MET B 948 -19.00 4.75 -26.56
CA MET B 948 -19.06 3.63 -25.64
C MET B 948 -19.69 4.11 -24.36
N PRO B 949 -20.23 3.21 -23.55
CA PRO B 949 -20.74 3.61 -22.23
C PRO B 949 -19.62 4.15 -21.32
N SER B 950 -19.88 5.31 -20.73
CA SER B 950 -18.92 6.03 -19.91
C SER B 950 -19.42 6.20 -18.47
N GLY B 951 -20.06 5.16 -17.91
CA GLY B 951 -20.80 5.25 -16.65
C GLY B 951 -20.06 4.74 -15.42
N CYS B 952 -18.76 4.58 -15.57
CA CYS B 952 -17.81 4.08 -14.59
C CYS B 952 -16.92 5.22 -14.11
N GLY B 953 -15.85 4.84 -13.41
CA GLY B 953 -14.94 5.82 -12.85
C GLY B 953 -13.93 6.41 -13.80
N GLU B 954 -13.31 5.57 -14.60
CA GLU B 954 -12.30 6.09 -15.49
C GLU B 954 -12.91 6.60 -16.77
N GLN B 955 -13.88 5.86 -17.28
CA GLN B 955 -14.40 6.09 -18.60
C GLN B 955 -15.20 7.38 -18.69
N ASN B 956 -15.69 7.89 -17.57
CA ASN B 956 -16.28 9.22 -17.58
C ASN B 956 -15.24 10.29 -17.88
N MET B 957 -13.99 10.07 -17.48
CA MET B 957 -12.92 11.05 -17.69
C MET B 957 -12.54 11.23 -19.15
N VAL B 958 -13.09 10.42 -20.06
CA VAL B 958 -12.88 10.61 -21.49
C VAL B 958 -13.55 11.88 -22.01
N LEU B 959 -14.41 12.50 -21.22
CA LEU B 959 -15.02 13.76 -21.60
C LEU B 959 -14.51 14.92 -20.77
N PHE B 960 -13.52 14.69 -19.90
CA PHE B 960 -12.96 15.74 -19.06
C PHE B 960 -11.52 16.06 -19.42
N ALA B 961 -10.68 15.04 -19.44
CA ALA B 961 -9.28 15.24 -19.82
C ALA B 961 -9.09 15.85 -21.21
N PRO B 962 -9.74 15.37 -22.29
CA PRO B 962 -9.36 15.88 -23.61
C PRO B 962 -9.75 17.32 -23.83
N ILE B 963 -10.80 17.78 -23.14
CA ILE B 963 -11.15 19.18 -23.22
C ILE B 963 -10.03 20.04 -22.63
N ILE B 964 -9.34 19.52 -21.61
CA ILE B 964 -8.31 20.31 -20.93
C ILE B 964 -7.08 20.48 -21.83
N TYR B 965 -6.72 19.44 -22.57
CA TYR B 965 -5.57 19.59 -23.45
C TYR B 965 -5.92 20.46 -24.66
N VAL B 966 -7.18 20.42 -25.11
CA VAL B 966 -7.60 21.26 -26.22
C VAL B 966 -7.54 22.73 -25.83
N LEU B 967 -8.04 23.05 -24.64
CA LEU B 967 -8.09 24.45 -24.21
C LEU B 967 -6.69 25.01 -23.97
N GLN B 968 -5.77 24.20 -23.45
CA GLN B 968 -4.38 24.63 -23.27
C GLN B 968 -3.73 24.95 -24.60
N TYR B 969 -4.08 24.20 -25.65
CA TYR B 969 -3.59 24.51 -26.98
C TYR B 969 -4.24 25.76 -27.53
N LEU B 970 -5.58 25.84 -27.45
CA LEU B 970 -6.31 26.98 -28.00
C LEU B 970 -6.00 28.28 -27.27
N GLU B 971 -5.66 28.20 -25.98
CA GLU B 971 -5.23 29.40 -25.27
C GLU B 971 -3.82 29.78 -25.68
N LYS B 972 -2.90 28.81 -25.74
CA LYS B 972 -1.53 29.12 -26.14
C LYS B 972 -1.41 29.44 -27.63
N ALA B 973 -2.32 28.91 -28.46
CA ALA B 973 -2.39 29.35 -29.84
C ALA B 973 -3.23 30.60 -30.01
N GLY B 974 -3.88 31.06 -28.95
CA GLY B 974 -4.69 32.25 -28.99
C GLY B 974 -5.98 32.12 -29.75
N LEU B 975 -6.32 30.93 -30.26
CA LEU B 975 -7.52 30.70 -31.04
C LEU B 975 -8.74 30.45 -30.16
N LEU B 976 -8.58 30.61 -28.84
CA LEU B 976 -9.66 30.37 -27.88
C LEU B 976 -10.56 31.60 -27.85
N THR B 977 -11.73 31.49 -28.48
CA THR B 977 -12.74 32.55 -28.50
C THR B 977 -13.65 32.44 -27.27
N GLU B 978 -14.46 33.47 -27.05
CA GLU B 978 -15.36 33.43 -25.91
C GLU B 978 -16.50 32.45 -26.09
N GLU B 979 -16.98 32.28 -27.33
CA GLU B 979 -18.02 31.29 -27.60
C GLU B 979 -17.49 29.87 -27.41
N ILE B 980 -16.24 29.63 -27.81
CA ILE B 980 -15.62 28.32 -27.64
C ILE B 980 -15.27 28.07 -26.18
N ARG B 981 -14.75 29.10 -25.50
CA ARG B 981 -14.44 28.97 -24.08
C ARG B 981 -15.71 28.70 -23.26
N SER B 982 -16.84 29.29 -23.66
CA SER B 982 -18.09 29.07 -22.92
C SER B 982 -18.67 27.68 -23.19
N ARG B 983 -18.48 27.13 -24.39
CA ARG B 983 -18.93 25.77 -24.65
C ARG B 983 -18.13 24.76 -23.84
N ALA B 984 -16.81 24.90 -23.81
CA ALA B 984 -15.97 23.91 -23.16
C ALA B 984 -16.10 23.95 -21.65
N VAL B 985 -16.21 25.17 -21.10
CA VAL B 985 -16.28 25.33 -19.65
C VAL B 985 -17.52 24.64 -19.11
N GLY B 986 -18.65 24.79 -19.79
CA GLY B 986 -19.87 24.09 -19.38
C GLY B 986 -19.75 22.58 -19.46
N PHE B 987 -18.91 22.07 -20.37
CA PHE B 987 -18.73 20.64 -20.45
C PHE B 987 -17.92 20.11 -19.29
N LEU B 988 -16.89 20.85 -18.87
CA LEU B 988 -16.06 20.44 -17.75
C LEU B 988 -16.86 20.44 -16.46
N GLU B 989 -17.79 21.38 -16.31
CA GLU B 989 -18.65 21.41 -15.13
C GLU B 989 -19.60 20.21 -15.11
N ILE B 990 -19.98 19.71 -16.28
CA ILE B 990 -20.77 18.48 -16.33
C ILE B 990 -19.88 17.26 -16.08
N GLY B 991 -18.62 17.30 -16.50
CA GLY B 991 -17.73 16.19 -16.23
C GLY B 991 -17.36 16.09 -14.76
N TYR B 992 -17.01 17.24 -14.15
CA TYR B 992 -16.62 17.29 -12.75
C TYR B 992 -17.68 16.68 -11.86
N GLN B 993 -18.94 17.01 -12.14
CA GLN B 993 -20.05 16.52 -11.32
C GLN B 993 -20.23 15.01 -11.45
N LYS B 994 -20.10 14.46 -12.67
CA LYS B 994 -20.21 13.01 -12.79
C LYS B 994 -19.06 12.32 -12.09
N GLU B 995 -17.89 12.94 -12.12
CA GLU B 995 -16.71 12.29 -11.57
C GLU B 995 -16.77 12.21 -10.05
N LEU B 996 -17.31 13.25 -9.41
CA LEU B 996 -17.36 13.29 -7.94
C LEU B 996 -18.21 12.19 -7.31
N MET B 997 -19.01 11.47 -8.11
CA MET B 997 -19.68 10.26 -7.63
C MET B 997 -18.71 9.11 -7.44
N TYR B 998 -17.50 9.22 -7.96
CA TYR B 998 -16.49 8.21 -7.75
C TYR B 998 -15.49 8.62 -6.69
N LYS B 999 -15.67 9.78 -6.08
CA LYS B 999 -14.91 10.13 -4.90
C LYS B 999 -15.29 9.23 -3.74
N HIS B 1000 -14.28 8.73 -3.05
CA HIS B 1000 -14.49 8.03 -1.79
C HIS B 1000 -14.50 9.01 -0.62
N SER B 1001 -14.81 8.47 0.55
CA SER B 1001 -14.62 9.22 1.77
C SER B 1001 -13.13 9.35 2.09
N ASN B 1002 -12.30 8.40 1.62
CA ASN B 1002 -10.86 8.46 1.84
C ASN B 1002 -10.24 9.67 1.14
N GLY B 1003 -10.88 10.19 0.09
CA GLY B 1003 -10.34 11.24 -0.74
C GLY B 1003 -9.90 10.71 -2.07
N SER B 1004 -9.86 9.39 -2.21
CA SER B 1004 -9.46 8.64 -3.40
C SER B 1004 -10.64 8.45 -4.34
N TYR B 1005 -10.32 7.89 -5.49
CA TYR B 1005 -11.32 7.62 -6.51
C TYR B 1005 -11.20 6.18 -6.94
N SER B 1006 -12.32 5.55 -7.22
CA SER B 1006 -12.33 4.19 -7.71
C SER B 1006 -13.13 4.14 -9.00
N ALA B 1007 -13.09 2.99 -9.67
CA ALA B 1007 -13.80 2.83 -10.92
C ALA B 1007 -15.30 2.78 -10.73
N PHE B 1008 -15.77 2.54 -9.49
CA PHE B 1008 -17.19 2.50 -9.20
C PHE B 1008 -17.54 3.12 -7.85
N GLY B 1009 -16.68 3.98 -7.31
CA GLY B 1009 -17.03 4.70 -6.10
C GLY B 1009 -17.04 3.81 -4.87
N GLU B 1010 -18.05 4.02 -4.02
CA GLU B 1010 -18.15 3.25 -2.79
C GLU B 1010 -18.65 1.83 -3.03
N ARG B 1011 -19.09 1.49 -4.25
CA ARG B 1011 -19.40 0.10 -4.63
C ARG B 1011 -18.15 -0.76 -4.70
N ASP B 1012 -16.97 -0.14 -4.73
CA ASP B 1012 -15.71 -0.79 -4.44
C ASP B 1012 -15.34 -0.51 -2.98
N GLY B 1013 -14.51 -1.39 -2.43
CA GLY B 1013 -14.11 -1.23 -1.04
C GLY B 1013 -13.15 -0.09 -0.82
N ASN B 1014 -12.22 0.13 -1.77
CA ASN B 1014 -11.15 1.10 -1.60
C ASN B 1014 -10.99 1.94 -2.87
N GLY B 1015 -10.18 2.97 -2.76
CA GLY B 1015 -9.76 3.69 -3.94
C GLY B 1015 -8.83 2.87 -4.81
N ASN B 1016 -8.54 3.43 -5.99
CA ASN B 1016 -7.54 2.90 -6.91
C ASN B 1016 -6.37 3.86 -6.97
N THR B 1017 -5.14 3.33 -6.96
CA THR B 1017 -3.98 4.21 -6.97
C THR B 1017 -3.83 4.91 -8.30
N TRP B 1018 -4.06 4.20 -9.40
CA TRP B 1018 -3.79 4.81 -10.69
C TRP B 1018 -4.86 5.81 -11.07
N LEU B 1019 -6.15 5.48 -10.89
CA LEU B 1019 -7.21 6.37 -11.33
C LEU B 1019 -7.26 7.67 -10.52
N THR B 1020 -6.94 7.58 -9.22
CA THR B 1020 -6.88 8.77 -8.38
C THR B 1020 -5.77 9.70 -8.86
N ALA B 1021 -4.64 9.12 -9.27
CA ALA B 1021 -3.61 9.95 -9.86
C ALA B 1021 -4.05 10.52 -11.20
N PHE B 1022 -4.87 9.79 -11.94
CA PHE B 1022 -5.34 10.31 -13.22
C PHE B 1022 -6.34 11.43 -13.02
N VAL B 1023 -7.20 11.30 -12.02
CA VAL B 1023 -8.16 12.36 -11.76
C VAL B 1023 -7.45 13.60 -11.23
N THR B 1024 -6.48 13.43 -10.33
CA THR B 1024 -5.79 14.57 -9.72
C THR B 1024 -5.01 15.38 -10.75
N LYS B 1025 -4.44 14.69 -11.74
CA LYS B 1025 -3.73 15.35 -12.84
C LYS B 1025 -4.63 16.35 -13.54
N CYS B 1026 -5.90 16.02 -13.69
CA CYS B 1026 -6.80 16.84 -14.48
C CYS B 1026 -7.45 17.93 -13.65
N PHE B 1027 -7.76 17.65 -12.39
CA PHE B 1027 -8.43 18.67 -11.58
C PHE B 1027 -7.49 19.83 -11.29
N GLY B 1028 -6.19 19.57 -11.23
CA GLY B 1028 -5.24 20.65 -11.08
C GLY B 1028 -5.14 21.52 -12.33
N GLN B 1029 -5.10 20.88 -13.51
CA GLN B 1029 -5.08 21.60 -14.78
C GLN B 1029 -6.45 22.18 -15.14
N ALA B 1030 -7.54 21.77 -14.47
CA ALA B 1030 -8.87 22.32 -14.72
C ALA B 1030 -9.14 23.61 -13.97
N GLN B 1031 -8.36 23.93 -12.92
CA GLN B 1031 -8.53 25.17 -12.17
C GLN B 1031 -8.26 26.41 -13.02
N LYS B 1032 -7.49 26.25 -14.10
CA LYS B 1032 -7.23 27.30 -15.06
C LYS B 1032 -8.45 27.61 -15.93
N PHE B 1033 -9.51 26.79 -15.86
CA PHE B 1033 -10.63 26.90 -16.77
C PHE B 1033 -12.00 26.92 -16.09
N ILE B 1034 -12.31 25.96 -15.22
CA ILE B 1034 -13.52 26.01 -14.40
C ILE B 1034 -13.13 25.99 -12.92
N PHE B 1035 -14.11 26.02 -12.04
CA PHE B 1035 -13.82 25.92 -10.62
C PHE B 1035 -13.68 24.46 -10.20
N ILE B 1036 -12.69 24.21 -9.35
CA ILE B 1036 -12.49 22.93 -8.67
C ILE B 1036 -12.35 23.19 -7.19
N ASP B 1037 -13.08 22.43 -6.37
CA ASP B 1037 -12.91 22.48 -4.93
C ASP B 1037 -11.48 22.08 -4.61
N PRO B 1038 -10.72 22.89 -3.89
CA PRO B 1038 -9.38 22.47 -3.48
C PRO B 1038 -9.39 21.27 -2.54
N LYS B 1039 -10.49 20.99 -1.85
CA LYS B 1039 -10.55 19.82 -0.96
C LYS B 1039 -10.51 18.51 -1.73
N ASN B 1040 -11.07 18.47 -2.95
CA ASN B 1040 -10.95 17.25 -3.78
C ASN B 1040 -9.52 17.00 -4.20
N ILE B 1041 -8.80 18.07 -4.56
CA ILE B 1041 -7.39 17.93 -4.93
C ILE B 1041 -6.56 17.50 -3.74
N GLN B 1042 -6.78 18.14 -2.58
CA GLN B 1042 -5.91 17.89 -1.44
C GLN B 1042 -6.16 16.53 -0.81
N ASP B 1043 -7.42 16.10 -0.75
CA ASP B 1043 -7.70 14.79 -0.20
C ASP B 1043 -7.30 13.66 -1.14
N ALA B 1044 -7.19 13.96 -2.44
CA ALA B 1044 -6.60 12.99 -3.35
C ALA B 1044 -5.10 12.89 -3.15
N LEU B 1045 -4.44 14.03 -2.94
CA LEU B 1045 -3.00 13.99 -2.74
C LEU B 1045 -2.62 13.39 -1.39
N LYS B 1046 -3.45 13.61 -0.36
CA LYS B 1046 -3.16 13.07 0.97
C LYS B 1046 -3.27 11.54 0.99
N TRP B 1047 -4.26 10.99 0.28
CA TRP B 1047 -4.41 9.54 0.21
C TRP B 1047 -3.35 8.91 -0.68
N MET B 1048 -2.91 9.64 -1.70
CA MET B 1048 -1.85 9.11 -2.52
C MET B 1048 -0.51 9.21 -1.81
N ALA B 1049 -0.31 10.26 -1.02
CA ALA B 1049 0.93 10.33 -0.24
C ALA B 1049 1.01 9.25 0.82
N GLY B 1050 -0.14 8.83 1.36
CA GLY B 1050 -0.14 7.77 2.36
C GLY B 1050 0.26 6.43 1.79
N ASN B 1051 -0.05 6.18 0.52
CA ASN B 1051 0.32 4.94 -0.11
C ASN B 1051 1.70 5.03 -0.75
N GLN B 1052 2.49 6.05 -0.41
CA GLN B 1052 3.87 6.13 -0.86
C GLN B 1052 4.77 5.22 -0.02
N LEU B 1053 5.42 4.28 -0.69
CA LEU B 1053 6.30 3.29 -0.08
C LEU B 1053 7.65 3.90 0.27
N PRO B 1054 8.38 3.30 1.23
CA PRO B 1054 9.65 3.89 1.70
C PRO B 1054 10.68 4.13 0.63
N SER B 1055 10.72 3.28 -0.39
CA SER B 1055 11.59 3.52 -1.51
C SER B 1055 11.11 4.66 -2.40
N GLY B 1056 9.98 5.30 -2.10
CA GLY B 1056 9.46 6.36 -2.93
C GLY B 1056 8.52 5.92 -4.02
N CYS B 1057 8.27 4.62 -4.15
CA CYS B 1057 7.29 4.09 -5.09
C CYS B 1057 5.91 4.08 -4.43
N TYR B 1058 4.88 3.81 -5.22
CA TYR B 1058 3.51 3.83 -4.72
C TYR B 1058 2.94 2.43 -4.82
N ALA B 1059 2.34 1.96 -3.73
CA ALA B 1059 1.64 0.69 -3.78
C ALA B 1059 0.40 0.80 -4.66
N ASN B 1060 0.01 -0.32 -5.26
CA ASN B 1060 -1.14 -0.37 -6.16
C ASN B 1060 -2.37 -0.86 -5.42
N VAL B 1061 -3.00 0.05 -4.66
CA VAL B 1061 -4.31 -0.27 -4.09
C VAL B 1061 -5.31 -0.32 -5.23
N GLY B 1062 -5.99 -1.46 -5.39
CA GLY B 1062 -6.88 -1.64 -6.52
C GLY B 1062 -6.19 -1.87 -7.86
N ASN B 1063 -5.00 -2.48 -7.83
CA ASN B 1063 -4.12 -2.81 -8.96
C ASN B 1063 -3.55 -1.58 -9.63
N LEU B 1064 -2.81 -1.78 -10.71
CA LEU B 1064 -2.42 -0.68 -11.57
C LEU B 1064 -3.36 -0.53 -12.76
N LEU B 1065 -4.61 -1.03 -12.64
CA LEU B 1065 -5.64 -1.15 -13.68
C LEU B 1065 -5.23 -2.15 -14.75
N HIS B 1066 -6.03 -2.32 -15.81
CA HIS B 1066 -5.89 -3.50 -16.66
C HIS B 1066 -4.69 -3.37 -17.62
N THR B 1067 -4.16 -4.53 -18.06
CA THR B 1067 -2.84 -4.56 -18.72
C THR B 1067 -2.82 -3.86 -20.07
N ALA B 1068 -3.98 -3.72 -20.72
CA ALA B 1068 -4.18 -2.88 -21.89
C ALA B 1068 -4.83 -1.54 -21.54
N MET B 1069 -5.48 -1.46 -20.38
CA MET B 1069 -5.91 -0.20 -19.81
C MET B 1069 -4.70 0.66 -19.42
N LYS B 1070 -3.95 0.20 -18.40
CA LYS B 1070 -2.69 0.85 -18.01
C LYS B 1070 -1.71 0.94 -19.17
N GLY B 1071 -1.71 -0.06 -20.05
CA GLY B 1071 -0.73 -0.23 -21.08
C GLY B 1071 0.37 -1.19 -20.69
N GLY B 1072 0.45 -1.54 -19.41
CA GLY B 1072 1.59 -2.28 -18.92
C GLY B 1072 1.27 -3.08 -17.68
N VAL B 1073 2.02 -4.16 -17.54
CA VAL B 1073 2.15 -4.95 -16.32
C VAL B 1073 3.49 -5.70 -16.39
N ASP B 1074 4.14 -5.80 -15.23
CA ASP B 1074 5.51 -6.25 -15.01
C ASP B 1074 5.77 -6.29 -13.49
N ASP B 1075 5.50 -5.15 -12.80
CA ASP B 1075 5.43 -4.97 -11.34
C ASP B 1075 4.78 -3.64 -10.94
N GLU B 1076 5.17 -3.10 -9.78
CA GLU B 1076 4.68 -1.83 -9.23
C GLU B 1076 5.43 -0.62 -9.73
N VAL B 1077 6.63 -0.83 -10.29
CA VAL B 1077 7.40 0.27 -10.81
C VAL B 1077 6.62 0.95 -11.93
N SER B 1078 5.87 0.16 -12.70
CA SER B 1078 5.01 0.67 -13.77
C SER B 1078 4.01 1.70 -13.26
N LEU B 1079 3.51 1.50 -12.03
CA LEU B 1079 2.63 2.48 -11.43
C LEU B 1079 3.40 3.71 -10.96
N THR B 1080 4.60 3.49 -10.38
CA THR B 1080 5.44 4.58 -9.95
C THR B 1080 5.84 5.47 -11.13
N ALA B 1081 5.83 4.93 -12.34
CA ALA B 1081 6.00 5.75 -13.53
C ALA B 1081 4.89 6.80 -13.64
N TYR B 1082 3.64 6.38 -13.54
CA TYR B 1082 2.52 7.26 -13.90
C TYR B 1082 2.23 8.32 -12.85
N VAL B 1083 2.30 7.96 -11.57
CA VAL B 1083 1.96 8.90 -10.50
C VAL B 1083 2.93 10.08 -10.48
N THR B 1084 4.21 9.79 -10.72
CA THR B 1084 5.17 10.87 -10.83
C THR B 1084 4.92 11.71 -12.09
N ALA B 1085 4.48 11.05 -13.16
CA ALA B 1085 4.20 11.75 -14.40
C ALA B 1085 3.04 12.72 -14.25
N ALA B 1086 2.00 12.30 -13.54
CA ALA B 1086 0.84 13.16 -13.38
C ALA B 1086 1.19 14.40 -12.54
N LEU B 1087 1.99 14.22 -11.48
CA LEU B 1087 2.37 15.35 -10.64
C LEU B 1087 3.17 16.38 -11.42
N LEU B 1088 4.10 15.91 -12.25
CA LEU B 1088 4.89 16.83 -13.05
C LEU B 1088 4.07 17.46 -14.17
N GLU B 1089 3.09 16.72 -14.69
CA GLU B 1089 2.12 17.31 -15.62
C GLU B 1089 1.36 18.44 -14.96
N MET B 1090 0.99 18.26 -13.69
CA MET B 1090 0.29 19.23 -12.88
C MET B 1090 1.14 20.45 -12.54
N GLY B 1091 2.44 20.40 -12.84
CA GLY B 1091 3.34 21.50 -12.58
C GLY B 1091 4.12 21.38 -11.30
N LYS B 1092 3.94 20.29 -10.55
CA LYS B 1092 4.63 20.11 -9.28
C LYS B 1092 6.14 20.14 -9.49
N ASP B 1093 6.84 20.45 -8.41
CA ASP B 1093 8.28 20.64 -8.48
C ASP B 1093 8.97 19.30 -8.71
N VAL B 1094 10.22 19.37 -9.18
CA VAL B 1094 11.05 18.18 -9.11
C VAL B 1094 11.47 17.92 -7.65
N ASP B 1095 11.47 18.97 -6.81
CA ASP B 1095 11.73 18.91 -5.37
C ASP B 1095 10.49 18.59 -4.55
N ASP B 1096 9.40 18.27 -5.21
CA ASP B 1096 8.23 17.79 -4.52
C ASP B 1096 8.53 16.44 -3.92
N PRO B 1097 8.17 16.19 -2.65
CA PRO B 1097 8.48 14.90 -2.02
C PRO B 1097 7.89 13.68 -2.71
N MET B 1098 6.71 13.83 -3.34
CA MET B 1098 6.11 12.75 -4.12
C MET B 1098 6.73 12.64 -5.51
N VAL B 1099 7.32 13.72 -6.01
CA VAL B 1099 8.06 13.65 -7.26
C VAL B 1099 9.47 13.13 -7.00
N SER B 1100 10.17 13.74 -6.04
CA SER B 1100 11.59 13.44 -5.84
C SER B 1100 11.80 12.02 -5.35
N GLN B 1101 11.03 11.59 -4.35
CA GLN B 1101 11.10 10.19 -3.94
C GLN B 1101 10.51 9.26 -5.00
N GLY B 1102 9.50 9.73 -5.74
CA GLY B 1102 9.08 9.01 -6.91
C GLY B 1102 10.21 8.83 -7.90
N LEU B 1103 11.02 9.87 -8.10
CA LEU B 1103 12.15 9.76 -9.00
C LEU B 1103 13.26 8.88 -8.44
N ARG B 1104 13.39 8.79 -7.12
CA ARG B 1104 14.46 7.98 -6.56
C ARG B 1104 14.21 6.48 -6.77
N CYS B 1105 12.94 6.07 -6.76
CA CYS B 1105 12.60 4.69 -7.07
C CYS B 1105 12.64 4.38 -8.57
N LEU B 1106 12.49 5.40 -9.42
CA LEU B 1106 12.43 5.25 -10.87
C LEU B 1106 13.79 5.30 -11.55
N LYS B 1107 14.88 5.36 -10.79
CA LYS B 1107 16.20 5.51 -11.37
C LYS B 1107 17.02 4.22 -11.48
N ASN B 1108 16.94 3.33 -10.49
CA ASN B 1108 17.63 2.04 -10.56
C ASN B 1108 16.92 1.01 -11.44
N SER B 1109 15.62 1.21 -11.72
CA SER B 1109 14.79 0.36 -12.57
C SER B 1109 14.67 0.85 -14.02
N ALA B 1110 15.21 2.03 -14.36
CA ALA B 1110 15.36 2.43 -15.76
C ALA B 1110 16.61 1.87 -16.43
N THR B 1111 17.49 1.19 -15.66
CA THR B 1111 18.76 0.66 -16.14
C THR B 1111 18.61 -0.66 -16.93
N SER B 1112 17.76 -1.57 -16.44
CA SER B 1112 17.58 -2.91 -17.03
C SER B 1112 16.11 -3.14 -17.41
N THR B 1113 15.58 -2.28 -18.26
CA THR B 1113 14.16 -2.27 -18.56
C THR B 1113 13.91 -2.87 -19.94
N THR B 1114 12.87 -3.70 -20.03
CA THR B 1114 12.68 -4.56 -21.19
C THR B 1114 11.40 -4.24 -21.96
N ASN B 1115 10.31 -3.95 -21.25
CA ASN B 1115 8.98 -3.78 -21.85
C ASN B 1115 8.96 -2.56 -22.76
N LEU B 1116 8.26 -2.66 -23.89
CA LEU B 1116 8.22 -1.55 -24.82
C LEU B 1116 7.39 -0.41 -24.27
N TYR B 1117 6.31 -0.73 -23.57
CA TYR B 1117 5.44 0.29 -23.01
C TYR B 1117 6.13 1.06 -21.90
N THR B 1118 6.69 0.33 -20.94
CA THR B 1118 7.37 0.92 -19.79
C THR B 1118 8.52 1.82 -20.23
N GLN B 1119 9.20 1.45 -21.33
CA GLN B 1119 10.25 2.29 -21.88
C GLN B 1119 9.69 3.61 -22.40
N ALA B 1120 8.56 3.58 -23.11
CA ALA B 1120 7.98 4.82 -23.60
C ALA B 1120 7.39 5.65 -22.47
N LEU B 1121 6.86 5.00 -21.44
CA LEU B 1121 6.33 5.76 -20.31
C LEU B 1121 7.47 6.43 -19.54
N LEU B 1122 8.54 5.68 -19.25
CA LEU B 1122 9.68 6.23 -18.50
C LEU B 1122 10.30 7.41 -19.23
N ALA B 1123 10.30 7.38 -20.57
CA ALA B 1123 10.83 8.48 -21.36
C ALA B 1123 9.99 9.75 -21.20
N TYR B 1124 8.70 9.61 -20.93
CA TYR B 1124 7.91 10.79 -20.65
C TYR B 1124 8.32 11.43 -19.33
N ILE B 1125 8.52 10.62 -18.28
CA ILE B 1125 8.72 11.17 -16.94
C ILE B 1125 10.05 11.89 -16.85
N PHE B 1126 11.11 11.26 -17.35
CA PHE B 1126 12.38 11.95 -17.31
C PHE B 1126 12.45 13.13 -18.27
N SER B 1127 11.56 13.18 -19.26
CA SER B 1127 11.44 14.40 -20.05
C SER B 1127 10.79 15.52 -19.26
N LEU B 1128 9.88 15.18 -18.34
CA LEU B 1128 9.34 16.15 -17.40
C LEU B 1128 10.30 16.42 -16.25
N ALA B 1129 10.96 15.35 -15.76
CA ALA B 1129 11.92 15.47 -14.67
C ALA B 1129 13.22 16.13 -15.11
N GLY B 1130 13.52 16.11 -16.41
CA GLY B 1130 14.65 16.84 -16.97
C GLY B 1130 15.96 16.10 -17.01
N GLU B 1131 16.00 14.84 -16.58
CA GLU B 1131 17.24 14.05 -16.62
C GLU B 1131 17.43 13.60 -18.06
N MET B 1132 18.01 14.51 -18.84
CA MET B 1132 18.18 14.33 -20.28
C MET B 1132 19.10 13.16 -20.57
N ASP B 1133 20.00 12.83 -19.64
CA ASP B 1133 20.92 11.71 -19.85
C ASP B 1133 20.17 10.38 -19.90
N ILE B 1134 19.12 10.21 -19.08
CA ILE B 1134 18.35 8.98 -19.16
C ILE B 1134 17.22 9.08 -20.18
N ARG B 1135 16.81 10.29 -20.56
CA ARG B 1135 15.86 10.44 -21.64
C ARG B 1135 16.44 9.92 -22.95
N ASN B 1136 17.68 10.31 -23.26
CA ASN B 1136 18.31 9.94 -24.53
C ASN B 1136 18.62 8.46 -24.61
N ILE B 1137 18.84 7.82 -23.46
CA ILE B 1137 19.07 6.38 -23.44
C ILE B 1137 17.78 5.63 -23.78
N LEU B 1138 16.64 6.09 -23.24
CA LEU B 1138 15.41 5.34 -23.45
C LEU B 1138 14.84 5.59 -24.84
N LEU B 1139 14.97 6.81 -25.34
CA LEU B 1139 14.50 7.11 -26.69
C LEU B 1139 15.26 6.34 -27.76
N LYS B 1140 16.54 6.05 -27.51
CA LYS B 1140 17.32 5.22 -28.44
C LYS B 1140 16.89 3.76 -28.39
N GLN B 1141 16.52 3.27 -27.20
CA GLN B 1141 15.96 1.92 -27.11
C GLN B 1141 14.60 1.86 -27.82
N LEU B 1142 13.90 2.99 -27.90
CA LEU B 1142 12.67 3.06 -28.66
C LEU B 1142 12.94 3.09 -30.16
N ASP B 1143 13.98 3.84 -30.56
CA ASP B 1143 14.29 4.04 -31.98
C ASP B 1143 14.61 2.71 -32.65
N GLN B 1144 15.29 1.82 -31.93
CA GLN B 1144 15.67 0.50 -32.43
C GLN B 1144 14.49 -0.47 -32.48
N GLN B 1145 13.35 -0.11 -31.88
CA GLN B 1145 12.13 -0.87 -31.97
C GLN B 1145 11.07 -0.18 -32.81
N ALA B 1146 11.37 1.00 -33.36
CA ALA B 1146 10.40 1.77 -34.12
C ALA B 1146 10.01 1.02 -35.39
N ILE B 1147 8.71 0.99 -35.67
CA ILE B 1147 8.17 0.42 -36.90
C ILE B 1147 7.84 1.57 -37.83
N ILE B 1148 8.42 1.55 -39.03
CA ILE B 1148 8.27 2.61 -40.02
C ILE B 1148 7.42 2.07 -41.18
N SER B 1149 6.23 2.65 -41.37
CA SER B 1149 5.35 2.31 -42.48
C SER B 1149 5.28 3.52 -43.39
N GLY B 1150 6.11 3.53 -44.42
CA GLY B 1150 6.21 4.70 -45.28
C GLY B 1150 6.92 5.82 -44.55
N GLU B 1151 6.26 6.96 -44.48
CA GLU B 1151 6.73 8.08 -43.68
C GLU B 1151 6.14 8.08 -42.29
N SER B 1152 5.34 7.07 -41.96
CA SER B 1152 4.73 6.96 -40.64
C SER B 1152 5.68 6.23 -39.69
N ILE B 1153 5.81 6.76 -38.49
CA ILE B 1153 6.60 6.14 -37.42
C ILE B 1153 5.65 5.84 -36.27
N TYR B 1154 5.54 4.57 -35.90
CA TYR B 1154 4.76 4.16 -34.74
C TYR B 1154 5.43 2.98 -34.08
N TRP B 1155 4.93 2.62 -32.91
CA TRP B 1155 5.43 1.47 -32.19
C TRP B 1155 4.29 0.48 -32.00
N SER B 1156 4.65 -0.76 -31.71
CA SER B 1156 3.64 -1.79 -31.53
C SER B 1156 4.21 -2.90 -30.66
N GLN B 1157 3.44 -3.33 -29.66
CA GLN B 1157 3.76 -4.51 -28.89
C GLN B 1157 3.28 -5.79 -29.56
N LYS B 1158 2.25 -5.68 -30.40
CA LYS B 1158 1.82 -6.79 -31.22
C LYS B 1158 2.89 -7.06 -32.28
N PRO B 1159 2.97 -8.30 -32.80
CA PRO B 1159 3.98 -8.61 -33.83
C PRO B 1159 3.83 -7.75 -35.07
N THR B 1160 4.96 -7.52 -35.74
CA THR B 1160 4.98 -6.64 -36.89
C THR B 1160 4.12 -7.24 -38.00
N PRO B 1161 3.22 -6.45 -38.62
CA PRO B 1161 2.47 -6.96 -39.78
C PRO B 1161 3.35 -7.19 -40.99
N SER B 1162 2.74 -7.58 -42.12
CA SER B 1162 3.50 -7.89 -43.32
C SER B 1162 4.27 -6.67 -43.81
N SER B 1163 3.54 -5.61 -44.19
CA SER B 1163 4.00 -4.26 -44.47
C SER B 1163 2.73 -3.49 -44.77
N ASN B 1164 1.70 -4.28 -45.07
CA ASN B 1164 0.38 -3.78 -45.45
C ASN B 1164 -0.30 -3.18 -44.23
N ALA B 1165 -0.59 -1.89 -44.29
CA ALA B 1165 -1.42 -1.20 -43.32
C ALA B 1165 -2.77 -0.94 -43.96
N SER B 1166 -3.83 -1.40 -43.29
CA SER B 1166 -5.19 -1.15 -43.77
C SER B 1166 -5.46 0.35 -43.78
N PRO B 1167 -5.90 0.91 -44.91
CA PRO B 1167 -6.26 2.34 -44.94
C PRO B 1167 -7.37 2.67 -43.97
N TRP B 1168 -8.31 1.75 -43.81
CA TRP B 1168 -9.34 1.91 -42.82
C TRP B 1168 -8.77 1.64 -41.43
N SER B 1169 -9.30 2.38 -40.47
CA SER B 1169 -8.81 2.37 -39.10
C SER B 1169 -8.99 1.00 -38.47
N GLU B 1170 -7.87 0.39 -38.05
CA GLU B 1170 -7.87 -0.79 -37.20
C GLU B 1170 -7.05 -0.42 -35.96
N PRO B 1171 -7.67 0.33 -35.03
CA PRO B 1171 -6.89 0.90 -33.92
C PRO B 1171 -6.56 -0.13 -32.86
N ALA B 1172 -5.28 -0.51 -32.80
CA ALA B 1172 -4.82 -1.32 -31.68
C ALA B 1172 -4.66 -0.37 -30.50
N ALA B 1173 -5.52 -0.51 -29.48
CA ALA B 1173 -5.50 0.41 -28.35
C ALA B 1173 -4.18 0.33 -27.57
N VAL B 1174 -3.52 -0.82 -27.63
CA VAL B 1174 -2.15 -0.92 -27.11
C VAL B 1174 -1.22 -0.01 -27.90
N ASP B 1175 -1.27 -0.13 -29.25
CA ASP B 1175 -0.37 0.62 -30.12
C ASP B 1175 -0.68 2.12 -30.10
N VAL B 1176 -1.97 2.48 -30.04
CA VAL B 1176 -2.37 3.88 -30.13
C VAL B 1176 -1.88 4.65 -28.90
N GLU B 1177 -2.16 4.12 -27.72
CA GLU B 1177 -1.71 4.75 -26.48
C GLU B 1177 -0.19 4.82 -26.41
N LEU B 1178 0.48 3.77 -26.91
CA LEU B 1178 1.92 3.66 -26.75
C LEU B 1178 2.66 4.67 -27.60
N THR B 1179 2.20 4.88 -28.84
CA THR B 1179 2.87 5.79 -29.76
C THR B 1179 2.78 7.24 -29.27
N ALA B 1180 1.69 7.58 -28.59
CA ALA B 1180 1.52 8.95 -28.11
C ALA B 1180 2.47 9.26 -26.96
N TYR B 1181 2.69 8.28 -26.07
CA TYR B 1181 3.65 8.46 -24.99
C TYR B 1181 5.06 8.64 -25.51
N ALA B 1182 5.38 8.04 -26.66
CA ALA B 1182 6.62 8.38 -27.33
C ALA B 1182 6.59 9.81 -27.85
N LEU B 1183 5.48 10.19 -28.50
CA LEU B 1183 5.37 11.53 -29.06
C LEU B 1183 5.43 12.61 -27.97
N LEU B 1184 4.89 12.31 -26.80
CA LEU B 1184 5.00 13.20 -25.64
C LEU B 1184 6.44 13.33 -25.17
N ALA B 1185 7.19 12.23 -25.15
CA ALA B 1185 8.57 12.30 -24.69
C ALA B 1185 9.45 13.07 -25.68
N GLN B 1186 9.06 13.13 -26.95
CA GLN B 1186 9.79 13.94 -27.91
C GLN B 1186 9.54 15.43 -27.68
N LEU B 1187 8.31 15.80 -27.34
CA LEU B 1187 7.84 17.18 -27.33
C LEU B 1187 8.06 17.91 -26.00
N THR B 1188 8.73 17.29 -25.02
CA THR B 1188 9.02 17.94 -23.75
C THR B 1188 10.44 18.50 -23.63
N LYS B 1189 11.25 18.38 -24.69
CA LYS B 1189 12.50 19.14 -24.79
C LYS B 1189 12.18 20.61 -25.05
N PRO B 1190 12.69 21.55 -24.23
CA PRO B 1190 12.22 22.94 -24.32
C PRO B 1190 12.63 23.67 -25.60
N SER B 1191 13.69 23.26 -26.27
CA SER B 1191 14.10 23.89 -27.51
C SER B 1191 14.35 22.79 -28.55
N LEU B 1192 13.59 22.82 -29.63
CA LEU B 1192 13.48 21.72 -30.58
C LEU B 1192 14.18 22.02 -31.90
N THR B 1193 14.88 21.03 -32.41
CA THR B 1193 15.47 21.12 -33.73
C THR B 1193 14.40 20.87 -34.80
N GLN B 1194 14.77 21.15 -36.06
CA GLN B 1194 13.90 20.82 -37.18
C GLN B 1194 13.91 19.32 -37.48
N LYS B 1195 14.87 18.57 -36.97
CA LYS B 1195 14.85 17.11 -37.10
C LYS B 1195 14.01 16.46 -36.00
N GLU B 1196 13.92 17.07 -34.83
CA GLU B 1196 13.03 16.54 -33.80
C GLU B 1196 11.58 16.89 -34.09
N ILE B 1197 11.35 18.06 -34.67
CA ILE B 1197 10.02 18.46 -35.11
C ILE B 1197 9.52 17.54 -36.22
N ALA B 1198 10.41 17.17 -37.14
CA ALA B 1198 10.01 16.30 -38.24
C ALA B 1198 9.77 14.87 -37.76
N LYS B 1199 10.54 14.40 -36.78
CA LYS B 1199 10.30 13.07 -36.22
C LYS B 1199 8.96 13.03 -35.50
N ALA B 1200 8.60 14.12 -34.83
CA ALA B 1200 7.25 14.25 -34.27
C ALA B 1200 6.20 14.26 -35.37
N THR B 1201 6.51 14.89 -36.53
CA THR B 1201 5.58 14.90 -37.65
C THR B 1201 5.44 13.50 -38.27
N SER B 1202 6.51 12.71 -38.25
CA SER B 1202 6.43 11.34 -38.75
C SER B 1202 5.61 10.45 -37.82
N ILE B 1203 5.66 10.72 -36.51
CA ILE B 1203 4.80 10.04 -35.56
C ILE B 1203 3.35 10.49 -35.74
N VAL B 1204 3.16 11.77 -36.07
CA VAL B 1204 1.82 12.33 -36.22
C VAL B 1204 1.13 11.74 -37.45
N ALA B 1205 1.88 11.49 -38.51
CA ALA B 1205 1.34 10.97 -39.76
C ALA B 1205 0.79 9.54 -39.64
N TRP B 1206 0.95 8.87 -38.49
CA TRP B 1206 0.32 7.59 -38.19
C TRP B 1206 -0.79 7.69 -37.15
N LEU B 1207 -0.61 8.51 -36.11
CA LEU B 1207 -1.63 8.67 -35.09
C LEU B 1207 -2.86 9.37 -35.63
N ALA B 1208 -2.68 10.33 -36.53
CA ALA B 1208 -3.83 11.01 -37.10
C ALA B 1208 -4.63 10.10 -38.02
N LYS B 1209 -4.05 8.98 -38.50
CA LYS B 1209 -4.76 8.04 -39.36
C LYS B 1209 -5.64 7.06 -38.59
N GLN B 1210 -5.34 6.80 -37.32
CA GLN B 1210 -6.08 5.83 -36.52
C GLN B 1210 -7.34 6.41 -35.88
N HIS B 1211 -7.78 7.59 -36.32
CA HIS B 1211 -8.96 8.26 -35.78
C HIS B 1211 -10.23 7.47 -36.08
N ASN B 1212 -11.30 7.80 -35.34
CA ASN B 1212 -12.66 7.39 -35.67
C ASN B 1212 -13.43 8.58 -36.23
N ALA B 1213 -14.76 8.51 -36.20
CA ALA B 1213 -15.56 9.56 -36.81
C ALA B 1213 -15.76 10.78 -35.93
N TYR B 1214 -15.16 10.80 -34.74
CA TYR B 1214 -15.44 11.84 -33.78
C TYR B 1214 -14.17 12.43 -33.19
N GLY B 1215 -13.01 12.11 -33.76
CA GLY B 1215 -11.75 12.58 -33.24
C GLY B 1215 -11.19 11.75 -32.12
N GLY B 1216 -11.83 10.63 -31.80
CA GLY B 1216 -11.36 9.72 -30.79
C GLY B 1216 -10.65 8.52 -31.38
N PHE B 1217 -10.51 7.48 -30.56
CA PHE B 1217 -9.79 6.29 -31.00
C PHE B 1217 -10.53 5.01 -30.69
N SER B 1218 -10.23 4.35 -29.57
CA SER B 1218 -10.91 3.07 -29.36
C SER B 1218 -11.45 2.93 -27.95
N SER B 1219 -10.87 3.62 -26.97
CA SER B 1219 -11.32 3.50 -25.59
C SER B 1219 -11.12 4.76 -24.77
N THR B 1220 -10.86 4.60 -23.48
CA THR B 1220 -10.69 5.77 -22.62
C THR B 1220 -9.29 6.35 -22.76
N GLN B 1221 -8.30 5.62 -22.21
CA GLN B 1221 -6.96 6.17 -22.04
C GLN B 1221 -6.30 6.56 -23.36
N ASP B 1222 -6.43 5.71 -24.38
CA ASP B 1222 -5.78 6.01 -25.64
C ASP B 1222 -6.37 7.25 -26.30
N THR B 1223 -7.69 7.40 -26.22
CA THR B 1223 -8.31 8.62 -26.72
C THR B 1223 -7.81 9.82 -25.95
N VAL B 1224 -7.65 9.66 -24.63
CA VAL B 1224 -7.09 10.75 -23.82
C VAL B 1224 -5.66 11.02 -24.24
N VAL B 1225 -4.80 10.01 -24.10
CA VAL B 1225 -3.36 10.23 -24.17
C VAL B 1225 -2.95 10.70 -25.57
N ALA B 1226 -3.62 10.19 -26.60
CA ALA B 1226 -3.22 10.57 -27.95
C ALA B 1226 -3.64 11.99 -28.27
N LEU B 1227 -4.85 12.38 -27.85
CA LEU B 1227 -5.23 13.77 -28.01
C LEU B 1227 -4.38 14.67 -27.13
N GLN B 1228 -3.92 14.15 -25.98
CA GLN B 1228 -2.94 14.87 -25.19
C GLN B 1228 -1.64 15.07 -25.95
N ALA B 1229 -1.19 14.05 -26.68
CA ALA B 1229 0.02 14.20 -27.49
C ALA B 1229 -0.23 15.14 -28.66
N LEU B 1230 -1.33 14.94 -29.39
CA LEU B 1230 -1.64 15.81 -30.52
C LEU B 1230 -1.92 17.24 -30.10
N ALA B 1231 -2.32 17.46 -28.84
CA ALA B 1231 -2.39 18.83 -28.34
C ALA B 1231 -1.00 19.42 -28.17
N LYS B 1232 -0.05 18.64 -27.62
CA LYS B 1232 1.31 19.13 -27.43
C LYS B 1232 2.03 19.31 -28.76
N TYR B 1233 1.66 18.53 -29.78
CA TYR B 1233 2.25 18.68 -31.10
C TYR B 1233 1.70 19.93 -31.80
N ALA B 1234 0.39 20.10 -31.79
CA ALA B 1234 -0.22 21.24 -32.45
C ALA B 1234 0.15 22.55 -31.77
N THR B 1235 0.44 22.51 -30.46
CA THR B 1235 0.97 23.67 -29.76
C THR B 1235 2.33 24.07 -30.32
N THR B 1236 3.15 23.09 -30.67
CA THR B 1236 4.49 23.41 -31.14
C THR B 1236 4.51 23.90 -32.59
N ALA B 1237 3.76 23.27 -33.50
CA ALA B 1237 3.89 23.56 -34.92
C ALA B 1237 2.75 24.42 -35.47
N TYR B 1238 2.21 25.31 -34.67
CA TYR B 1238 1.11 26.14 -35.15
C TYR B 1238 1.60 27.18 -36.14
N MET B 1239 0.83 27.35 -37.23
CA MET B 1239 1.02 28.39 -38.23
C MET B 1239 -0.39 28.82 -38.62
N PRO B 1240 -0.70 30.12 -38.64
CA PRO B 1240 -1.97 30.57 -39.22
C PRO B 1240 -1.98 30.33 -40.73
N SER B 1241 -2.96 29.53 -41.19
CA SER B 1241 -2.99 29.12 -42.58
C SER B 1241 -3.54 30.26 -43.43
N GLU B 1242 -2.85 30.54 -44.53
CA GLU B 1242 -3.24 31.63 -45.43
C GLU B 1242 -4.51 31.31 -46.19
N GLU B 1243 -4.44 30.31 -47.06
CA GLU B 1243 -5.60 29.89 -47.84
C GLU B 1243 -5.28 28.52 -48.44
N ILE B 1244 -5.99 27.51 -47.98
CA ILE B 1244 -5.85 26.14 -48.48
C ILE B 1244 -7.14 25.77 -49.21
N ASN B 1245 -7.01 25.35 -50.47
CA ASN B 1245 -8.16 25.00 -51.30
C ASN B 1245 -8.12 23.51 -51.63
N LEU B 1246 -9.12 22.77 -51.16
CA LEU B 1246 -9.17 21.32 -51.31
C LEU B 1246 -10.09 20.91 -52.46
N VAL B 1247 -9.62 19.96 -53.26
CA VAL B 1247 -10.31 19.49 -54.46
C VAL B 1247 -10.70 18.03 -54.25
N VAL B 1248 -11.98 17.72 -54.39
CA VAL B 1248 -12.51 16.38 -54.20
C VAL B 1248 -13.10 15.89 -55.50
N LYS B 1249 -12.65 14.73 -55.96
CA LYS B 1249 -13.01 14.20 -57.28
C LYS B 1249 -13.63 12.82 -57.16
N SER B 1250 -14.71 12.61 -57.91
CA SER B 1250 -15.38 11.32 -57.96
C SER B 1250 -15.74 11.00 -59.41
N THR B 1251 -16.20 9.76 -59.60
CA THR B 1251 -16.39 9.24 -60.95
C THR B 1251 -17.63 9.82 -61.60
N GLU B 1252 -18.77 9.80 -60.90
CA GLU B 1252 -20.06 10.09 -61.52
C GLU B 1252 -20.43 11.57 -61.36
N ASN B 1253 -19.59 12.40 -61.98
CA ASN B 1253 -19.84 13.83 -62.16
C ASN B 1253 -20.05 14.52 -60.83
N PHE B 1254 -19.13 14.28 -59.91
CA PHE B 1254 -19.17 14.91 -58.59
C PHE B 1254 -17.85 15.59 -58.31
N GLN B 1255 -17.93 16.81 -57.80
CA GLN B 1255 -16.79 17.61 -57.38
C GLN B 1255 -17.21 18.48 -56.20
N ARG B 1256 -16.23 18.82 -55.37
CA ARG B 1256 -16.49 19.59 -54.17
C ARG B 1256 -15.25 20.41 -53.86
N THR B 1257 -15.47 21.67 -53.46
CA THR B 1257 -14.37 22.58 -53.16
C THR B 1257 -14.61 23.23 -51.81
N PHE B 1258 -13.64 23.06 -50.92
CA PHE B 1258 -13.61 23.77 -49.66
C PHE B 1258 -12.54 24.85 -49.71
N ASN B 1259 -12.64 25.78 -48.75
CA ASN B 1259 -11.68 26.85 -48.55
C ASN B 1259 -11.35 26.93 -47.07
N ILE B 1260 -10.06 26.97 -46.75
CA ILE B 1260 -9.58 27.02 -45.38
C ILE B 1260 -8.67 28.23 -45.25
N GLN B 1261 -9.11 29.21 -44.47
CA GLN B 1261 -8.27 30.33 -44.07
C GLN B 1261 -8.07 30.23 -42.55
N SER B 1262 -7.46 31.26 -41.98
CA SER B 1262 -7.36 31.30 -40.52
C SER B 1262 -8.67 31.68 -39.85
N VAL B 1263 -9.64 32.23 -40.60
CA VAL B 1263 -10.91 32.62 -39.99
C VAL B 1263 -11.83 31.42 -39.79
N ASN B 1264 -11.78 30.43 -40.68
CA ASN B 1264 -12.55 29.20 -40.56
C ASN B 1264 -11.63 27.99 -40.35
N ARG B 1265 -10.52 28.20 -39.64
CA ARG B 1265 -9.54 27.17 -39.38
C ARG B 1265 -10.12 26.05 -38.50
N LEU B 1266 -10.95 26.42 -37.54
CA LEU B 1266 -11.54 25.46 -36.63
C LEU B 1266 -12.92 25.02 -37.08
N VAL B 1267 -13.43 25.56 -38.18
CA VAL B 1267 -14.82 25.33 -38.58
C VAL B 1267 -14.96 23.91 -39.07
N PHE B 1268 -15.89 23.16 -38.46
CA PHE B 1268 -16.22 21.81 -38.90
C PHE B 1268 -16.96 21.91 -40.23
N GLN B 1269 -16.30 21.49 -41.31
CA GLN B 1269 -16.90 21.50 -42.64
C GLN B 1269 -17.14 20.06 -43.07
N GLN B 1270 -18.39 19.79 -43.43
CA GLN B 1270 -18.81 18.44 -43.75
C GLN B 1270 -19.70 18.50 -44.99
N ASP B 1271 -19.58 17.48 -45.84
CA ASP B 1271 -20.50 17.26 -46.95
C ASP B 1271 -20.67 15.75 -47.08
N THR B 1272 -21.93 15.32 -47.16
CA THR B 1272 -22.21 13.91 -47.41
C THR B 1272 -22.03 13.63 -48.89
N LEU B 1273 -21.65 12.39 -49.22
CA LEU B 1273 -21.38 12.04 -50.61
C LEU B 1273 -22.65 11.47 -51.22
N PRO B 1274 -23.28 12.16 -52.18
CA PRO B 1274 -24.46 11.58 -52.82
C PRO B 1274 -24.11 10.41 -53.72
N ASN B 1275 -22.91 10.42 -54.29
CA ASN B 1275 -22.48 9.35 -55.17
C ASN B 1275 -22.33 8.06 -54.37
N VAL B 1276 -22.71 6.95 -54.99
CA VAL B 1276 -22.60 5.61 -54.41
C VAL B 1276 -21.13 5.29 -54.16
N PRO B 1277 -20.80 4.36 -53.26
CA PRO B 1277 -19.38 4.11 -52.93
C PRO B 1277 -18.52 3.72 -54.12
N GLY B 1278 -17.51 4.53 -54.37
CA GLY B 1278 -16.61 4.38 -55.50
C GLY B 1278 -15.22 4.87 -55.12
N MET B 1279 -14.49 5.40 -56.11
CA MET B 1279 -13.15 5.90 -55.86
C MET B 1279 -13.14 7.43 -55.81
N TYR B 1280 -12.42 7.96 -54.84
CA TYR B 1280 -12.41 9.39 -54.61
C TYR B 1280 -10.97 9.86 -54.46
N THR B 1281 -10.73 11.14 -54.78
CA THR B 1281 -9.39 11.70 -54.80
C THR B 1281 -9.32 13.07 -54.13
N LEU B 1282 -8.53 13.17 -53.07
CA LEU B 1282 -8.13 14.46 -52.51
C LEU B 1282 -6.93 15.06 -53.24
N GLU B 1283 -6.95 16.38 -53.40
CA GLU B 1283 -5.85 17.14 -54.02
C GLU B 1283 -5.73 18.49 -53.32
N ALA B 1284 -4.75 18.61 -52.43
CA ALA B 1284 -4.62 19.76 -51.55
C ALA B 1284 -3.64 20.77 -52.12
N SER B 1285 -4.10 22.00 -52.34
CA SER B 1285 -3.29 23.07 -52.88
C SER B 1285 -3.41 24.30 -51.99
N GLY B 1286 -2.30 25.02 -51.83
CA GLY B 1286 -2.25 26.20 -51.01
C GLY B 1286 -1.02 26.25 -50.13
N GLN B 1287 -1.09 26.95 -49.00
CA GLN B 1287 -0.03 26.93 -48.01
C GLN B 1287 -0.67 26.83 -46.63
N GLY B 1288 -0.33 25.77 -45.93
CA GLY B 1288 -0.91 25.37 -44.67
C GLY B 1288 -1.09 23.88 -44.69
N CYS B 1289 -1.85 23.37 -43.72
CA CYS B 1289 -2.16 21.95 -43.68
C CYS B 1289 -3.65 21.80 -43.43
N VAL B 1290 -4.25 20.84 -44.13
CA VAL B 1290 -5.68 20.59 -44.09
C VAL B 1290 -5.89 19.13 -43.70
N TYR B 1291 -6.64 18.91 -42.62
CA TYR B 1291 -6.95 17.57 -42.13
C TYR B 1291 -8.25 17.08 -42.77
N VAL B 1292 -8.19 15.92 -43.42
CA VAL B 1292 -9.32 15.38 -44.17
C VAL B 1292 -9.61 13.97 -43.69
N GLN B 1293 -10.87 13.72 -43.35
CA GLN B 1293 -11.31 12.43 -42.85
C GLN B 1293 -12.45 11.93 -43.70
N THR B 1294 -12.43 10.64 -44.05
CA THR B 1294 -13.48 10.03 -44.85
C THR B 1294 -14.13 8.92 -44.05
N VAL B 1295 -15.45 8.98 -43.91
CA VAL B 1295 -16.20 8.09 -43.04
C VAL B 1295 -17.21 7.30 -43.87
N LEU B 1296 -17.23 5.98 -43.68
CA LEU B 1296 -18.11 5.08 -44.41
C LEU B 1296 -18.93 4.26 -43.42
N ARG B 1297 -20.23 4.15 -43.70
CA ARG B 1297 -21.15 3.37 -42.88
C ARG B 1297 -21.96 2.41 -43.75
N TYR B 1298 -22.30 1.28 -43.15
CA TYR B 1298 -23.28 0.34 -43.69
C TYR B 1298 -23.76 -0.55 -42.55
N ASN B 1299 -24.75 -1.37 -42.85
CA ASN B 1299 -25.19 -2.42 -41.95
C ASN B 1299 -24.95 -3.78 -42.59
N ILE B 1300 -24.33 -4.68 -41.84
CA ILE B 1300 -24.20 -6.08 -42.24
C ILE B 1300 -24.88 -6.96 -41.20
N LEU B 1301 -25.09 -8.21 -41.59
CA LEU B 1301 -25.44 -9.21 -40.60
C LEU B 1301 -24.23 -9.47 -39.70
N PRO B 1302 -24.44 -9.57 -38.39
CA PRO B 1302 -23.30 -9.65 -37.45
C PRO B 1302 -22.61 -11.00 -37.50
N PRO B 1303 -21.29 -11.02 -37.74
CA PRO B 1303 -20.57 -12.30 -37.86
C PRO B 1303 -20.39 -12.97 -36.50
N THR B 1304 -20.72 -14.26 -36.46
CA THR B 1304 -20.60 -15.09 -35.26
C THR B 1304 -19.12 -15.31 -34.94
N ASN B 1305 -18.51 -14.30 -34.34
CA ASN B 1305 -17.10 -14.34 -34.00
C ASN B 1305 -16.94 -14.89 -32.59
N MET B 1306 -16.03 -15.84 -32.42
CA MET B 1306 -15.67 -16.37 -31.11
C MET B 1306 -14.16 -16.59 -31.05
N LYS B 1307 -13.42 -15.53 -31.41
CA LYS B 1307 -11.97 -15.61 -31.41
C LYS B 1307 -11.39 -15.30 -30.04
N THR B 1308 -11.99 -14.37 -29.32
CA THR B 1308 -11.49 -13.96 -28.03
C THR B 1308 -12.45 -14.18 -26.88
N PHE B 1309 -13.76 -14.17 -27.14
CA PHE B 1309 -14.76 -14.38 -26.12
C PHE B 1309 -15.78 -15.40 -26.60
N SER B 1310 -16.16 -16.32 -25.71
CA SER B 1310 -17.27 -17.22 -25.95
C SER B 1310 -18.56 -16.56 -25.51
N LEU B 1311 -19.60 -16.67 -26.33
CA LEU B 1311 -20.84 -15.98 -26.03
C LEU B 1311 -22.02 -16.80 -26.53
N SER B 1312 -22.96 -17.12 -25.63
CA SER B 1312 -24.18 -17.83 -25.98
C SER B 1312 -25.33 -17.25 -25.17
N VAL B 1313 -26.55 -17.60 -25.54
CA VAL B 1313 -27.73 -17.07 -24.86
C VAL B 1313 -28.85 -18.11 -24.87
N GLU B 1314 -29.36 -18.44 -23.68
CA GLU B 1314 -30.56 -19.27 -23.54
C GLU B 1314 -31.76 -18.37 -23.29
N ILE B 1315 -32.93 -18.83 -23.76
CA ILE B 1315 -34.16 -18.07 -23.62
C ILE B 1315 -35.13 -18.90 -22.78
N GLY B 1316 -35.67 -18.28 -21.71
CA GLY B 1316 -36.54 -18.98 -20.79
C GLY B 1316 -37.98 -19.07 -21.25
N LYS B 1317 -38.67 -20.07 -20.71
CA LYS B 1317 -39.99 -20.46 -21.19
C LYS B 1317 -41.01 -19.35 -20.99
N ALA B 1318 -41.44 -18.75 -22.09
CA ALA B 1318 -42.54 -17.81 -22.12
C ALA B 1318 -43.79 -18.50 -22.65
N ARG B 1319 -44.95 -18.08 -22.15
CA ARG B 1319 -46.21 -18.72 -22.48
C ARG B 1319 -46.73 -18.13 -23.79
N CYS B 1320 -46.31 -18.75 -24.90
CA CYS B 1320 -46.69 -18.28 -26.23
C CYS B 1320 -48.17 -18.43 -26.50
N GLU B 1321 -48.82 -19.39 -25.84
CA GLU B 1321 -50.24 -19.66 -26.04
C GLU B 1321 -51.14 -18.77 -25.20
N GLN B 1322 -50.62 -17.66 -24.70
CA GLN B 1322 -51.41 -16.68 -23.93
C GLN B 1322 -51.29 -15.30 -24.58
N PRO B 1323 -52.31 -14.84 -25.31
CA PRO B 1323 -52.21 -13.59 -26.07
C PRO B 1323 -52.75 -12.32 -25.39
N THR B 1324 -53.17 -12.38 -24.13
CA THR B 1324 -53.60 -11.18 -23.39
C THR B 1324 -52.85 -11.04 -22.06
N SER B 1325 -51.61 -11.56 -21.97
CA SER B 1325 -50.71 -11.44 -20.83
C SER B 1325 -49.46 -10.66 -21.23
N PRO B 1326 -48.98 -9.69 -20.38
CA PRO B 1326 -47.73 -8.98 -20.71
C PRO B 1326 -46.54 -9.93 -20.75
N ARG B 1327 -46.04 -10.18 -21.96
CA ARG B 1327 -45.14 -11.30 -22.21
C ARG B 1327 -43.79 -11.10 -21.53
N SER B 1328 -43.36 -12.12 -20.79
CA SER B 1328 -42.07 -12.06 -20.13
C SER B 1328 -41.13 -13.07 -20.75
N LEU B 1329 -39.94 -12.61 -21.11
CA LEU B 1329 -38.87 -13.45 -21.63
C LEU B 1329 -37.75 -13.52 -20.61
N THR B 1330 -37.31 -14.72 -20.28
CA THR B 1330 -36.26 -14.93 -19.31
C THR B 1330 -34.95 -15.21 -20.06
N LEU B 1331 -34.01 -14.29 -20.00
CA LEU B 1331 -32.75 -14.41 -20.71
C LEU B 1331 -31.68 -14.96 -19.78
N THR B 1332 -30.89 -15.92 -20.27
CA THR B 1332 -29.79 -16.51 -19.52
C THR B 1332 -28.56 -16.54 -20.42
N ILE B 1333 -27.56 -15.74 -20.11
CA ILE B 1333 -26.40 -15.58 -20.98
C ILE B 1333 -25.18 -16.21 -20.33
N HIS B 1334 -24.36 -16.89 -21.14
CA HIS B 1334 -23.13 -17.52 -20.67
C HIS B 1334 -21.93 -16.94 -21.42
N THR B 1335 -20.87 -16.61 -20.70
CA THR B 1335 -19.70 -16.01 -21.36
C THR B 1335 -18.42 -16.34 -20.59
N SER B 1336 -17.29 -16.33 -21.32
CA SER B 1336 -15.96 -16.58 -20.78
C SER B 1336 -14.94 -16.02 -21.76
N TYR B 1337 -13.73 -15.80 -21.24
CA TYR B 1337 -12.63 -15.23 -22.03
C TYR B 1337 -11.76 -16.36 -22.56
N VAL B 1338 -11.81 -16.58 -23.87
CA VAL B 1338 -11.01 -17.63 -24.49
C VAL B 1338 -9.79 -17.06 -25.19
N GLY B 1339 -9.49 -15.79 -24.97
CA GLY B 1339 -8.38 -15.14 -25.65
C GLY B 1339 -7.01 -15.57 -25.11
N SER B 1340 -6.00 -14.86 -25.61
CA SER B 1340 -4.61 -15.26 -25.42
C SER B 1340 -4.15 -15.07 -23.98
N ARG B 1341 -4.53 -13.97 -23.37
CA ARG B 1341 -3.98 -13.59 -22.07
C ARG B 1341 -4.63 -14.40 -20.95
N SER B 1342 -4.25 -14.05 -19.72
CA SER B 1342 -4.73 -14.76 -18.54
C SER B 1342 -6.16 -14.35 -18.17
N SER B 1343 -6.33 -13.10 -17.73
CA SER B 1343 -7.65 -12.56 -17.43
C SER B 1343 -7.94 -11.45 -18.41
N SER B 1344 -9.21 -11.15 -18.57
CA SER B 1344 -9.59 -10.07 -19.46
C SER B 1344 -9.40 -8.74 -18.74
N ASN B 1345 -9.83 -7.68 -19.39
CA ASN B 1345 -9.96 -6.38 -18.77
C ASN B 1345 -11.39 -6.21 -18.29
N MET B 1346 -11.78 -4.98 -17.97
CA MET B 1346 -13.16 -4.73 -17.59
C MET B 1346 -14.04 -4.86 -18.83
N ALA B 1347 -15.16 -5.57 -18.67
CA ALA B 1347 -15.96 -6.06 -19.79
C ALA B 1347 -17.35 -5.41 -19.81
N ILE B 1348 -17.85 -5.14 -21.01
CA ILE B 1348 -19.22 -4.66 -21.20
C ILE B 1348 -20.03 -5.80 -21.78
N VAL B 1349 -21.19 -6.07 -21.18
CA VAL B 1349 -22.20 -6.93 -21.75
C VAL B 1349 -23.32 -6.02 -22.26
N GLU B 1350 -23.34 -5.81 -23.57
CA GLU B 1350 -24.26 -4.88 -24.22
C GLU B 1350 -25.38 -5.68 -24.87
N VAL B 1351 -26.51 -5.77 -24.18
CA VAL B 1351 -27.66 -6.57 -24.61
C VAL B 1351 -28.69 -5.61 -25.19
N LYS B 1352 -28.66 -5.46 -26.50
CA LYS B 1352 -29.69 -4.67 -27.18
C LYS B 1352 -31.04 -5.36 -27.03
N MET B 1353 -32.08 -4.56 -26.84
CA MET B 1353 -33.41 -5.10 -26.57
C MET B 1353 -34.12 -5.45 -27.89
N LEU B 1354 -35.07 -6.38 -27.79
CA LEU B 1354 -36.02 -6.60 -28.86
C LEU B 1354 -36.98 -5.42 -28.95
N SER B 1355 -37.58 -5.27 -30.14
CA SER B 1355 -38.48 -4.14 -30.37
C SER B 1355 -39.69 -4.23 -29.46
N GLY B 1356 -39.79 -3.30 -28.51
CA GLY B 1356 -40.91 -3.27 -27.60
C GLY B 1356 -40.70 -4.04 -26.31
N PHE B 1357 -39.49 -4.46 -26.02
CA PHE B 1357 -39.19 -5.08 -24.74
C PHE B 1357 -38.39 -4.12 -23.88
N SER B 1358 -38.39 -4.41 -22.59
CA SER B 1358 -37.76 -3.59 -21.58
C SER B 1358 -37.38 -4.48 -20.42
N PRO B 1359 -36.30 -4.16 -19.70
CA PRO B 1359 -35.97 -4.95 -18.50
C PRO B 1359 -36.97 -4.71 -17.38
N MET B 1360 -37.35 -5.79 -16.71
CA MET B 1360 -38.41 -5.70 -15.70
C MET B 1360 -37.93 -4.93 -14.48
N GLU B 1361 -38.89 -4.58 -13.61
CA GLU B 1361 -38.57 -3.87 -12.37
C GLU B 1361 -37.73 -4.75 -11.46
N GLY B 1362 -36.63 -4.19 -10.96
CA GLY B 1362 -35.72 -4.93 -10.12
C GLY B 1362 -34.65 -5.71 -10.86
N THR B 1363 -34.58 -5.57 -12.20
CA THR B 1363 -33.52 -6.21 -12.97
C THR B 1363 -32.15 -5.67 -12.59
N ASN B 1364 -32.09 -4.39 -12.18
CA ASN B 1364 -30.88 -3.82 -11.61
C ASN B 1364 -30.45 -4.57 -10.37
N GLN B 1365 -31.35 -4.70 -9.39
CA GLN B 1365 -30.98 -5.37 -8.15
C GLN B 1365 -30.78 -6.87 -8.34
N LEU B 1366 -31.27 -7.45 -9.44
CA LEU B 1366 -31.02 -8.86 -9.72
C LEU B 1366 -29.55 -9.11 -10.02
N LEU B 1367 -28.99 -8.35 -10.95
CA LEU B 1367 -27.64 -8.61 -11.41
C LEU B 1367 -26.59 -8.17 -10.39
N LEU B 1368 -26.89 -7.12 -9.61
CA LEU B 1368 -25.89 -6.56 -8.70
C LEU B 1368 -25.46 -7.54 -7.63
N GLN B 1369 -26.35 -8.46 -7.25
CA GLN B 1369 -26.02 -9.52 -6.31
C GLN B 1369 -25.25 -10.67 -6.95
N GLN B 1370 -25.32 -10.80 -8.30
CA GLN B 1370 -24.71 -11.88 -9.04
C GLN B 1370 -23.22 -11.60 -9.25
N PRO B 1371 -22.38 -12.64 -9.42
CA PRO B 1371 -20.93 -12.45 -9.28
C PRO B 1371 -20.34 -11.56 -10.37
N LEU B 1372 -19.32 -10.79 -9.97
CA LEU B 1372 -18.49 -9.90 -10.78
C LEU B 1372 -19.23 -8.68 -11.30
N VAL B 1373 -20.51 -8.49 -11.00
CA VAL B 1373 -21.26 -7.35 -11.50
C VAL B 1373 -20.96 -6.12 -10.66
N LYS B 1374 -20.59 -5.04 -11.32
CA LYS B 1374 -20.27 -3.79 -10.66
C LYS B 1374 -21.33 -2.71 -10.83
N LYS B 1375 -21.92 -2.57 -12.01
CA LYS B 1375 -22.92 -1.54 -12.22
C LYS B 1375 -23.83 -1.96 -13.36
N VAL B 1376 -25.13 -1.74 -13.20
CA VAL B 1376 -26.12 -2.09 -14.21
C VAL B 1376 -26.75 -0.80 -14.72
N GLU B 1377 -26.85 -0.67 -16.04
CA GLU B 1377 -27.29 0.56 -16.67
C GLU B 1377 -28.32 0.23 -17.73
N PHE B 1378 -29.55 0.73 -17.54
CA PHE B 1378 -30.65 0.58 -18.51
C PHE B 1378 -30.57 1.72 -19.51
N GLY B 1379 -30.60 1.39 -20.79
CA GLY B 1379 -30.57 2.38 -21.84
C GLY B 1379 -31.87 2.48 -22.60
N THR B 1380 -31.80 3.24 -23.69
CA THR B 1380 -32.95 3.44 -24.58
C THR B 1380 -33.42 2.12 -25.16
N ASP B 1381 -32.50 1.38 -25.78
CA ASP B 1381 -32.85 0.05 -26.28
C ASP B 1381 -31.72 -0.93 -26.03
N THR B 1382 -30.79 -0.58 -25.14
CA THR B 1382 -29.64 -1.42 -24.85
C THR B 1382 -29.44 -1.49 -23.34
N LEU B 1383 -29.23 -2.70 -22.83
CA LEU B 1383 -28.94 -2.91 -21.41
C LEU B 1383 -27.46 -3.21 -21.30
N ASN B 1384 -26.75 -2.38 -20.56
CA ASN B 1384 -25.32 -2.54 -20.39
C ASN B 1384 -25.01 -3.08 -19.00
N ILE B 1385 -24.19 -4.13 -18.95
CA ILE B 1385 -23.73 -4.74 -17.70
C ILE B 1385 -22.22 -4.58 -17.63
N TYR B 1386 -21.73 -4.10 -16.49
CA TYR B 1386 -20.30 -3.98 -16.24
C TYR B 1386 -19.83 -5.18 -15.45
N LEU B 1387 -18.84 -5.90 -15.97
CA LEU B 1387 -18.19 -6.99 -15.25
C LEU B 1387 -16.75 -6.60 -14.93
N ASP B 1388 -16.30 -7.01 -13.74
CA ASP B 1388 -15.00 -6.59 -13.25
C ASP B 1388 -13.87 -7.08 -14.15
N GLU B 1389 -13.82 -8.38 -14.36
CA GLU B 1389 -13.06 -9.00 -15.44
C GLU B 1389 -13.66 -10.36 -15.71
N LEU B 1390 -13.27 -10.95 -16.82
CA LEU B 1390 -13.71 -12.29 -17.19
C LEU B 1390 -12.50 -13.22 -17.29
N ILE B 1391 -12.54 -14.34 -16.58
CA ILE B 1391 -11.49 -15.35 -16.69
C ILE B 1391 -11.91 -16.36 -17.74
N LYS B 1392 -11.20 -17.48 -17.81
CA LYS B 1392 -11.58 -18.50 -18.77
C LYS B 1392 -12.73 -19.37 -18.27
N ASN B 1393 -13.17 -19.18 -17.03
CA ASN B 1393 -14.34 -19.89 -16.52
C ASN B 1393 -15.63 -19.24 -17.02
N THR B 1394 -16.59 -20.09 -17.39
CA THR B 1394 -17.87 -19.62 -17.91
C THR B 1394 -18.75 -19.05 -16.79
N GLN B 1395 -19.11 -17.79 -16.94
CA GLN B 1395 -20.03 -17.11 -16.03
C GLN B 1395 -21.43 -17.16 -16.59
N THR B 1396 -22.41 -16.97 -15.70
CA THR B 1396 -23.82 -17.09 -16.03
C THR B 1396 -24.59 -15.90 -15.46
N TYR B 1397 -25.34 -15.21 -16.31
CA TYR B 1397 -26.12 -14.04 -15.93
C TYR B 1397 -27.56 -14.16 -16.44
N THR B 1398 -28.52 -13.96 -15.54
CA THR B 1398 -29.93 -14.23 -15.78
C THR B 1398 -30.78 -13.06 -15.32
N PHE B 1399 -31.66 -12.59 -16.22
CA PHE B 1399 -32.63 -11.56 -15.89
C PHE B 1399 -33.91 -11.80 -16.70
N THR B 1400 -34.93 -10.99 -16.42
CA THR B 1400 -36.21 -11.13 -17.12
C THR B 1400 -36.61 -9.80 -17.73
N ILE B 1401 -37.08 -9.87 -18.98
CA ILE B 1401 -37.60 -8.70 -19.69
C ILE B 1401 -39.07 -8.94 -19.98
N SER B 1402 -39.82 -7.84 -20.00
CA SER B 1402 -41.23 -7.87 -20.31
C SER B 1402 -41.53 -6.98 -21.51
N GLN B 1403 -42.63 -7.28 -22.18
CA GLN B 1403 -43.06 -6.52 -23.35
C GLN B 1403 -44.02 -5.42 -22.90
N SER B 1404 -43.70 -4.18 -23.25
CA SER B 1404 -44.55 -3.04 -22.92
C SER B 1404 -45.37 -2.56 -24.12
N VAL B 1405 -44.90 -2.79 -25.34
CA VAL B 1405 -45.65 -2.48 -26.55
C VAL B 1405 -45.61 -3.68 -27.47
N LEU B 1406 -46.79 -4.10 -27.93
CA LEU B 1406 -46.92 -5.25 -28.81
C LEU B 1406 -46.29 -4.95 -30.17
N VAL B 1407 -45.24 -5.70 -30.52
CA VAL B 1407 -44.62 -5.64 -31.84
C VAL B 1407 -44.43 -7.06 -32.36
N THR B 1408 -44.93 -7.34 -33.56
CA THR B 1408 -44.84 -8.66 -34.18
C THR B 1408 -43.80 -8.64 -35.30
N ASN B 1409 -43.54 -9.84 -35.85
CA ASN B 1409 -42.50 -10.09 -36.86
C ASN B 1409 -41.13 -9.65 -36.35
N LEU B 1410 -40.81 -10.06 -35.12
CA LEU B 1410 -39.69 -9.50 -34.37
C LEU B 1410 -38.35 -9.91 -34.97
N LYS B 1411 -37.57 -8.92 -35.40
CA LYS B 1411 -36.23 -9.12 -35.90
C LYS B 1411 -35.28 -9.35 -34.73
N PRO B 1412 -34.18 -10.08 -34.96
CA PRO B 1412 -33.29 -10.43 -33.85
C PRO B 1412 -32.49 -9.24 -33.34
N ALA B 1413 -32.34 -9.18 -32.03
CA ALA B 1413 -31.48 -8.20 -31.40
C ALA B 1413 -30.09 -8.79 -31.15
N THR B 1414 -29.16 -7.92 -30.77
CA THR B 1414 -27.75 -8.25 -30.71
C THR B 1414 -27.26 -8.16 -29.29
N ILE B 1415 -26.70 -9.25 -28.78
CA ILE B 1415 -25.93 -9.27 -27.53
C ILE B 1415 -24.46 -9.24 -27.90
N LYS B 1416 -23.73 -8.31 -27.31
CA LYS B 1416 -22.34 -8.07 -27.66
C LYS B 1416 -21.53 -8.04 -26.37
N VAL B 1417 -20.44 -8.80 -26.33
CA VAL B 1417 -19.52 -8.78 -25.20
C VAL B 1417 -18.15 -8.40 -25.72
N TYR B 1418 -17.49 -7.45 -25.05
CA TYR B 1418 -16.20 -6.95 -25.50
C TYR B 1418 -15.38 -6.43 -24.34
N ASP B 1419 -14.06 -6.67 -24.41
CA ASP B 1419 -13.09 -5.97 -23.58
C ASP B 1419 -13.22 -4.46 -23.83
N TYR B 1420 -13.32 -3.68 -22.75
CA TYR B 1420 -13.57 -2.25 -22.95
C TYR B 1420 -12.32 -1.55 -23.49
N TYR B 1421 -11.16 -1.88 -22.96
CA TYR B 1421 -9.94 -1.23 -23.39
C TYR B 1421 -9.28 -1.94 -24.56
N LEU B 1422 -9.93 -2.97 -25.10
CA LEU B 1422 -9.52 -3.66 -26.32
C LEU B 1422 -10.76 -3.98 -27.12
N PRO B 1423 -11.20 -3.07 -27.99
CA PRO B 1423 -12.38 -3.36 -28.81
C PRO B 1423 -12.13 -4.45 -29.81
N ASP B 1424 -10.86 -4.71 -30.15
CA ASP B 1424 -10.55 -5.78 -31.09
C ASP B 1424 -10.87 -7.14 -30.51
N GLU B 1425 -10.79 -7.30 -29.20
CA GLU B 1425 -11.20 -8.55 -28.56
C GLU B 1425 -12.66 -8.41 -28.20
N GLN B 1426 -13.53 -8.83 -29.11
CA GLN B 1426 -14.96 -8.67 -28.94
C GLN B 1426 -15.67 -9.92 -29.45
N ALA B 1427 -16.98 -9.99 -29.19
CA ALA B 1427 -17.78 -11.10 -29.66
C ALA B 1427 -19.23 -10.65 -29.77
N THR B 1428 -19.97 -11.27 -30.68
CA THR B 1428 -21.34 -10.87 -30.96
C THR B 1428 -22.18 -12.08 -31.30
N ILE B 1429 -23.35 -12.20 -30.68
CA ILE B 1429 -24.32 -13.25 -31.00
C ILE B 1429 -25.68 -12.59 -31.21
N GLN B 1430 -26.64 -13.36 -31.73
CA GLN B 1430 -28.02 -12.92 -31.89
C GLN B 1430 -28.99 -13.81 -31.10
N TYR B 1431 -30.20 -13.29 -30.92
CA TYR B 1431 -31.31 -14.03 -30.33
C TYR B 1431 -32.62 -13.48 -30.89
N SER B 1432 -33.65 -14.32 -30.91
CA SER B 1432 -34.91 -13.96 -31.55
C SER B 1432 -36.08 -14.40 -30.68
N ASP B 1433 -37.27 -14.02 -31.13
CA ASP B 1433 -38.49 -14.39 -30.43
C ASP B 1433 -38.72 -15.91 -30.56
N PRO B 1434 -38.95 -16.63 -29.45
CA PRO B 1434 -39.25 -18.06 -29.57
C PRO B 1434 -40.68 -18.40 -29.97
N CYS B 1435 -41.63 -17.46 -29.89
CA CYS B 1435 -43.00 -17.68 -30.33
C CYS B 1435 -43.23 -17.32 -31.79
N GLU B 1436 -42.20 -16.84 -32.48
CA GLU B 1436 -42.24 -16.53 -33.90
C GLU B 1436 -41.59 -17.63 -34.73
C1 NAG C . 25.25 5.47 0.22
C2 NAG C . 26.53 6.32 0.18
C3 NAG C . 26.41 7.44 -0.85
C4 NAG C . 25.93 6.92 -2.21
C5 NAG C . 24.68 6.06 -2.00
C6 NAG C . 24.16 5.41 -3.27
C7 NAG C . 27.79 6.43 2.29
C8 NAG C . 27.92 7.12 3.60
N2 NAG C . 26.80 6.87 1.50
O3 NAG C . 27.67 8.07 -0.96
O4 NAG C . 25.60 8.03 -3.04
O5 NAG C . 24.96 5.01 -1.08
O6 NAG C . 25.24 4.85 -4.01
O7 NAG C . 28.52 5.52 1.94
C1 NAG C . 26.24 8.11 -4.34
C2 NAG C . 25.43 9.11 -5.21
C3 NAG C . 26.05 9.22 -6.61
C4 NAG C . 27.54 9.55 -6.54
C5 NAG C . 28.28 8.57 -5.61
C6 NAG C . 29.74 8.91 -5.37
C7 NAG C . 22.99 9.44 -4.82
C8 NAG C . 21.63 8.84 -4.99
N2 NAG C . 24.02 8.71 -5.29
O3 NAG C . 25.34 10.20 -7.37
O4 NAG C . 28.11 9.54 -7.84
O5 NAG C . 27.64 8.52 -4.31
O6 NAG C . 29.92 10.09 -4.60
O7 NAG C . 23.16 10.53 -4.27
C1 BMA C . 28.64 10.86 -8.21
C2 BMA C . 29.98 10.69 -9.05
C3 BMA C . 30.52 12.06 -9.53
C4 BMA C . 29.41 13.04 -10.08
C5 BMA C . 28.19 13.08 -9.09
C6 BMA C . 27.03 14.01 -9.51
O2 BMA C . 29.81 9.84 -10.19
O3 BMA C . 31.56 11.88 -10.49
O4 BMA C . 29.94 14.35 -10.29
O5 BMA C . 27.69 11.72 -8.92
O6 BMA C . 26.17 14.24 -8.38
C1 NAG D . 39.41 -35.07 25.24
C2 NAG D . 40.48 -34.29 26.01
C3 NAG D . 41.46 -33.64 25.02
C4 NAG D . 42.06 -34.69 24.09
C5 NAG D . 40.94 -35.45 23.38
C6 NAG D . 41.42 -36.59 22.51
C7 NAG D . 39.56 -33.49 28.15
C8 NAG D . 38.96 -32.33 28.88
N2 NAG D . 39.89 -33.28 26.87
O3 NAG D . 42.49 -32.98 25.75
O4 NAG D . 42.88 -34.04 23.11
O5 NAG D . 40.04 -36.02 24.35
O6 NAG D . 41.97 -37.66 23.27
O7 NAG D . 39.75 -34.58 28.70
C1 NAG D . 44.29 -34.42 23.11
C2 NAG D . 44.88 -34.01 21.74
C3 NAG D . 46.37 -34.41 21.66
C4 NAG D . 47.16 -33.87 22.86
C5 NAG D . 46.47 -34.27 24.18
C6 NAG D . 47.11 -33.68 25.42
C7 NAG D . 43.22 -33.94 19.93
C8 NAG D . 42.54 -34.73 18.84
N2 NAG D . 44.13 -34.60 20.64
O3 NAG D . 46.90 -33.91 20.44
O4 NAG D . 48.47 -34.43 22.83
O5 NAG D . 45.09 -33.85 24.18
O6 NAG D . 47.26 -32.27 25.36
O7 NAG D . 42.95 -32.77 20.14
C1 BMA D . 49.57 -33.48 22.77
C2 BMA D . 50.89 -34.21 23.31
C3 BMA D . 52.14 -33.30 23.18
C4 BMA D . 52.25 -32.63 21.79
C5 BMA D . 50.90 -31.92 21.40
C6 BMA D . 50.91 -31.28 20.00
O2 BMA D . 51.16 -35.46 22.64
O3 BMA D . 53.34 -34.02 23.47
O4 BMA D . 53.32 -31.69 21.78
O5 BMA D . 49.79 -32.88 21.47
O6 BMA D . 49.57 -30.92 19.63
C1 NAG E . 11.42 -11.38 14.00
C2 NAG E . 10.43 -10.91 15.10
C3 NAG E . 9.74 -12.10 15.77
C4 NAG E . 9.17 -13.10 14.75
C5 NAG E . 10.28 -13.48 13.78
C6 NAG E . 9.87 -14.46 12.70
C7 NAG E . 10.98 -8.80 16.19
C8 NAG E . 11.74 -8.14 17.29
N2 NAG E . 11.12 -10.12 16.10
O3 NAG E . 8.74 -11.53 16.62
O4 NAG E . 8.72 -14.28 15.39
O5 NAG E . 10.76 -12.30 13.13
O6 NAG E . 10.99 -15.16 12.19
O7 NAG E . 10.27 -8.18 15.41
C1 NAG E . 7.33 -14.15 15.83
C2 NAG E . 6.41 -15.20 15.22
C3 NAG E . 4.97 -14.99 15.70
C4 NAG E . 4.87 -14.73 17.21
C5 NAG E . 6.06 -13.97 17.83
C6 NAG E . 6.21 -14.23 19.32
C7 NAG E . 6.19 -14.26 12.90
C8 NAG E . 6.36 -14.59 11.44
N2 NAG E . 6.49 -15.26 13.76
O3 NAG E . 4.19 -16.14 15.35
O4 NAG E . 3.73 -13.91 17.42
O5 NAG E . 7.32 -14.31 17.24
O6 NAG E . 6.42 -15.62 19.59
O7 NAG E . 5.80 -13.15 13.28
C1 BMA E . 2.48 -14.56 17.72
C2 BMA E . 1.86 -13.79 18.89
C3 BMA E . 0.43 -14.28 19.20
C4 BMA E . -0.45 -14.36 17.93
C5 BMA E . 0.26 -15.17 16.81
C6 BMA E . -0.53 -15.15 15.49
O2 BMA E . 1.75 -12.40 18.56
O3 BMA E . -0.20 -13.47 20.20
O4 BMA E . -1.73 -14.93 18.20
O5 BMA E . 1.60 -14.61 16.59
O6 BMA E . 0.03 -16.08 14.57
C1 NAG F . 27.55 -49.63 -7.97
C2 NAG F . 27.77 -49.69 -9.49
C3 NAG F . 27.72 -48.28 -10.09
C4 NAG F . 26.44 -47.55 -9.69
C5 NAG F . 26.30 -47.56 -8.17
C6 NAG F . 25.01 -46.94 -7.65
C7 NAG F . 29.18 -51.68 -9.84
C8 NAG F . 30.55 -52.17 -10.18
N2 NAG F . 29.02 -50.35 -9.81
O3 NAG F . 27.80 -48.36 -11.51
O4 NAG F . 26.50 -46.23 -10.22
O5 NAG F . 26.33 -48.91 -7.68
O6 NAG F . 25.12 -46.49 -6.30
O7 NAG F . 28.26 -52.46 -9.61
C1 NAG F . 25.34 -45.94 -11.07
C2 NAG F . 24.95 -44.47 -10.89
C3 NAG F . 23.68 -44.19 -11.70
C4 NAG F . 23.92 -44.53 -13.18
C5 NAG F . 24.41 -45.98 -13.31
C6 NAG F . 24.81 -46.35 -14.72
C7 NAG F . 25.66 -43.46 -8.77
C8 NAG F . 25.28 -43.18 -7.34
N2 NAG F . 24.75 -44.13 -9.50
O3 NAG F . 23.29 -42.82 -11.54
O4 NAG F . 22.73 -44.32 -13.92
O5 NAG F . 25.57 -46.21 -12.49
O6 NAG F . 23.69 -46.80 -15.47
O7 NAG F . 26.74 -43.10 -9.24
C1 BMA F . 22.88 -43.19 -14.85
C2 BMA F . 21.55 -42.33 -14.91
C3 BMA F . 21.73 -41.15 -15.90
C4 BMA F . 23.10 -40.36 -15.70
C5 BMA F . 24.32 -41.31 -15.56
C6 BMA F . 25.66 -40.59 -15.24
O2 BMA F . 21.18 -41.76 -13.65
O3 BMA F . 20.60 -40.25 -15.87
O4 BMA F . 23.36 -39.45 -16.78
O5 BMA F . 24.03 -42.33 -14.55
O6 BMA F . 25.45 -39.54 -14.28
C1 NAG G . -25.99 43.44 9.12
C2 NAG G . -24.70 43.04 9.83
C3 NAG G . -23.78 44.26 10.01
C4 NAG G . -23.59 45.03 8.70
C5 NAG G . -24.96 45.33 8.08
C6 NAG G . -24.89 46.02 6.74
C7 NAG G . -25.13 41.09 11.27
C8 NAG G . -25.40 40.62 12.66
N2 NAG G . -24.97 42.41 11.12
O3 NAG G . -22.53 43.82 10.52
O4 NAG G . -22.93 46.27 8.96
O5 NAG G . -25.68 44.11 7.90
O6 NAG G . -23.76 45.59 6.00
O7 NAG G . -25.09 40.31 10.32
C1 NAG G . -21.64 46.50 8.34
C2 NAG G . -21.43 48.01 8.20
C3 NAG G . -20.08 48.31 7.54
C4 NAG G . -18.94 47.62 8.30
C5 NAG G . -19.22 46.12 8.48
C6 NAG G . -18.21 45.44 9.38
C7 NAG G . -23.32 49.57 7.98
C8 NAG G . -24.40 50.10 7.07
N2 NAG G . -22.51 48.63 7.46
O3 NAG G . -19.84 49.71 7.50
O4 NAG G . -17.72 47.79 7.60
O5 NAG G . -20.52 45.92 9.08
O6 NAG G . -17.85 46.22 10.51
O7 NAG G . -23.21 49.97 9.14
C1 NAG H . -50.07 35.88 5.14
C2 NAG H . -51.21 36.04 6.15
C3 NAG H . -52.36 35.11 5.79
C4 NAG H . -52.83 35.33 4.35
C5 NAG H . -51.62 35.16 3.42
C6 NAG H . -51.90 35.41 1.95
C7 NAG H . -51.07 36.59 8.53
C8 NAG H . -50.53 36.19 9.87
N2 NAG H . -50.76 35.79 7.50
O3 NAG H . -53.41 35.28 6.73
O4 NAG H . -53.85 34.39 4.06
O5 NAG H . -50.57 36.06 3.80
O6 NAG H . -51.01 34.70 1.10
O7 NAG H . -51.75 37.59 8.38
C1 NAG H . -55.17 34.79 3.51
C2 NAG H . -55.79 36.04 4.17
C3 NAG H . -57.12 36.39 3.50
C4 NAG H . -56.97 36.51 1.98
C5 NAG H . -56.31 35.24 1.40
C6 NAG H . -56.02 35.36 -0.09
C7 NAG H . -55.97 36.85 6.47
C8 NAG H . -56.22 36.49 7.90
N2 NAG H . -55.98 35.84 5.60
O3 NAG H . -57.63 37.61 4.02
O4 NAG H . -58.25 36.70 1.41
O5 NAG H . -55.06 35.00 2.06
O6 NAG H . -56.83 34.48 -0.87
O7 NAG H . -55.75 38.00 6.12
C1 NAG I . -50.93 -6.52 -37.74
C2 NAG I . -51.38 -7.56 -36.72
C3 NAG I . -50.30 -8.62 -36.54
C4 NAG I . -49.87 -9.23 -37.88
C5 NAG I . -49.53 -8.11 -38.88
C6 NAG I . -49.22 -8.59 -40.28
C7 NAG I . -52.92 -6.54 -35.08
C8 NAG I . -53.04 -5.91 -33.72
N2 NAG I . -51.69 -6.93 -35.44
O3 NAG I . -50.74 -9.64 -35.65
O4 NAG I . -48.73 -10.05 -37.65
O5 NAG I . -50.62 -7.18 -38.99
O6 NAG I . -50.37 -8.52 -41.13
O7 NAG I . -53.89 -6.70 -35.81
C1 NAG I . -48.67 -11.45 -38.10
C2 NAG I . -50.04 -12.20 -38.16
C3 NAG I . -49.87 -13.60 -38.78
C4 NAG I . -49.07 -13.55 -40.09
C5 NAG I . -47.76 -12.79 -39.90
C6 NAG I . -46.99 -12.60 -41.19
C7 NAG I . -51.97 -12.33 -36.64
C8 NAG I . -52.41 -12.47 -35.20
N2 NAG I . -50.65 -12.31 -36.84
O3 NAG I . -51.15 -14.18 -39.00
O4 NAG I . -48.84 -14.85 -40.64
O5 NAG I . -48.04 -11.48 -39.40
O6 NAG I . -46.71 -13.82 -41.84
O7 NAG I . -52.77 -12.23 -37.56
C1 BMA I . -48.56 -15.95 -39.71
C2 BMA I . -49.58 -17.13 -39.96
C3 BMA I . -49.35 -18.21 -38.89
C4 BMA I . -47.88 -18.68 -38.83
C5 BMA I . -46.89 -17.46 -38.74
C6 BMA I . -45.41 -17.86 -38.83
O2 BMA I . -49.36 -17.74 -41.22
O3 BMA I . -50.23 -19.31 -39.09
O4 BMA I . -47.68 -19.52 -37.70
O5 BMA I . -47.21 -16.47 -39.78
O6 BMA I . -45.10 -18.23 -40.17
C1 NAG J . 35.76 -66.13 7.99
C2 NAG J . 36.18 -65.97 9.46
C3 NAG J . 37.68 -66.20 9.61
C4 NAG J . 38.08 -67.55 8.99
C5 NAG J . 37.62 -67.59 7.53
C6 NAG J . 37.93 -68.90 6.86
C7 NAG J . 34.65 -64.41 10.58
C8 NAG J . 34.44 -63.01 11.06
N2 NAG J . 35.82 -64.67 9.98
O3 NAG J . 38.04 -66.16 10.99
O4 NAG J . 39.49 -67.73 9.05
O5 NAG J . 36.20 -67.41 7.47
O6 NAG J . 39.34 -69.13 6.82
O7 NAG J . 33.80 -65.29 10.72
C1 NAG K . 62.74 -13.82 6.97
C2 NAG K . 63.30 -14.69 8.10
C3 NAG K . 64.20 -13.87 9.02
C4 NAG K . 65.28 -13.16 8.21
C5 NAG K . 64.63 -12.34 7.11
C6 NAG K . 65.62 -11.66 6.20
C7 NAG K . 61.66 -16.48 8.56
C8 NAG K . 60.56 -16.94 9.45
N2 NAG K . 62.21 -15.30 8.86
O3 NAG K . 64.79 -14.72 10.00
O4 NAG K . 66.04 -12.31 9.05
O5 NAG K . 63.83 -13.19 6.28
O6 NAG K . 64.98 -10.68 5.40
O7 NAG K . 62.05 -17.14 7.60
C1 NAG L . -44.73 -1.20 -2.85
C2 NAG L . -44.04 -1.92 -1.70
C3 NAG L . -42.51 -1.80 -1.84
C4 NAG L . -42.05 -2.26 -3.22
C5 NAG L . -42.83 -1.52 -4.31
C6 NAG L . -42.51 -2.02 -5.71
C7 NAG L . -45.48 -1.90 0.31
C8 NAG L . -45.78 -1.20 1.60
N2 NAG L . -44.46 -1.39 -0.41
O3 NAG L . -41.86 -2.59 -0.84
O4 NAG L . -40.65 -2.01 -3.39
O5 NAG L . -44.24 -1.70 -4.11
O6 NAG L . -42.55 -3.44 -5.80
O7 NAG L . -46.12 -2.87 -0.08
C1 NAG M . -41.67 15.72 -36.53
C2 NAG M . -40.37 15.90 -37.35
C3 NAG M . -39.45 17.02 -36.81
C4 NAG M . -40.26 18.28 -36.49
C5 NAG M . -41.43 17.93 -35.60
C6 NAG M . -42.27 19.13 -35.25
C7 NAG M . -39.01 13.73 -36.86
C8 NAG M . -38.96 13.94 -35.36
N2 NAG M . -39.64 14.65 -37.65
O3 NAG M . -38.47 17.33 -37.80
O4 NAG M . -39.44 19.25 -35.83
O5 NAG M . -42.28 17.00 -36.29
O6 NAG M . -41.85 20.28 -35.97
O7 NAG M . -38.49 12.74 -37.37
#